data_2D93
#
_entry.id   2D93
#
_entity_poly.entity_id   1
_entity_poly.type   'polypeptide(L)'
_entity_poly.pdbx_seq_one_letter_code
;GSSGSSGDDDIEQLLEFMHQLPAFANMTMSVRRELCSVMIFEVVEQAGAIILEDGQELDSWYVILNGTVEISHPDGKVEN
LFMGNSFGITPTLDKQYMHGIVRTKVDDCQFVCIAQQDYWRILNHVEKSGPSSG
;
_entity_poly.pdbx_strand_id   A
#
# COMPACT_ATOMS: atom_id res chain seq x y z
N GLY A 1 -7.50 15.75 12.23
CA GLY A 1 -7.06 16.29 10.96
C GLY A 1 -8.05 17.27 10.38
N SER A 2 -7.63 18.54 10.29
CA SER A 2 -8.50 19.59 9.76
C SER A 2 -8.20 19.83 8.29
N SER A 3 -8.99 19.22 7.42
CA SER A 3 -8.81 19.37 5.98
C SER A 3 -10.14 19.32 5.25
N GLY A 4 -10.31 20.19 4.26
CA GLY A 4 -11.54 20.23 3.50
C GLY A 4 -11.95 18.87 2.98
N SER A 5 -12.87 18.22 3.67
CA SER A 5 -13.35 16.90 3.28
C SER A 5 -14.58 16.49 4.09
N SER A 6 -15.40 15.62 3.50
CA SER A 6 -16.60 15.15 4.17
C SER A 6 -16.26 14.37 5.44
N GLY A 7 -17.24 14.24 6.33
CA GLY A 7 -17.03 13.52 7.57
C GLY A 7 -17.80 12.22 7.63
N ASP A 8 -19.12 12.32 7.65
CA ASP A 8 -19.98 11.14 7.71
C ASP A 8 -19.45 10.04 6.80
N ASP A 9 -19.06 10.41 5.59
CA ASP A 9 -18.54 9.45 4.62
C ASP A 9 -17.12 9.84 4.19
N ASP A 10 -16.14 9.47 5.01
CA ASP A 10 -14.75 9.77 4.71
C ASP A 10 -14.16 8.77 3.73
N ILE A 11 -14.31 7.49 4.06
CA ILE A 11 -13.79 6.42 3.20
C ILE A 11 -14.20 6.63 1.76
N GLU A 12 -15.45 7.00 1.54
CA GLU A 12 -15.96 7.25 0.20
C GLU A 12 -15.04 8.18 -0.58
N GLN A 13 -14.79 9.36 -0.03
CA GLN A 13 -13.92 10.34 -0.66
C GLN A 13 -12.60 9.71 -1.07
N LEU A 14 -12.09 8.82 -0.21
CA LEU A 14 -10.82 8.14 -0.48
C LEU A 14 -10.98 7.08 -1.55
N LEU A 15 -12.13 6.40 -1.54
CA LEU A 15 -12.42 5.36 -2.51
C LEU A 15 -12.29 5.89 -3.94
N GLU A 16 -12.95 7.01 -4.21
CA GLU A 16 -12.90 7.63 -5.53
C GLU A 16 -11.47 7.67 -6.06
N PHE A 17 -10.53 7.97 -5.18
CA PHE A 17 -9.12 8.05 -5.56
C PHE A 17 -8.55 6.66 -5.83
N MET A 18 -8.97 5.68 -5.01
CA MET A 18 -8.51 4.31 -5.16
C MET A 18 -8.75 3.80 -6.58
N HIS A 19 -9.93 4.11 -7.12
CA HIS A 19 -10.29 3.68 -8.46
C HIS A 19 -9.33 4.28 -9.50
N GLN A 20 -8.94 5.53 -9.28
CA GLN A 20 -8.03 6.22 -10.19
C GLN A 20 -6.79 5.37 -10.45
N LEU A 21 -6.26 4.78 -9.39
CA LEU A 21 -5.06 3.94 -9.50
C LEU A 21 -5.41 2.55 -10.02
N PRO A 22 -4.53 2.00 -10.87
CA PRO A 22 -4.71 0.67 -11.45
C PRO A 22 -4.59 -0.44 -10.42
N ALA A 23 -3.55 -0.36 -9.59
CA ALA A 23 -3.31 -1.36 -8.56
C ALA A 23 -4.54 -1.53 -7.67
N PHE A 24 -5.22 -0.43 -7.40
CA PHE A 24 -6.42 -0.44 -6.55
C PHE A 24 -7.66 -0.76 -7.38
N ALA A 25 -7.51 -0.77 -8.70
CA ALA A 25 -8.61 -1.06 -9.60
C ALA A 25 -8.66 -2.55 -9.94
N ASN A 26 -7.50 -3.18 -9.95
CA ASN A 26 -7.42 -4.61 -10.26
C ASN A 26 -8.50 -5.40 -9.52
N MET A 27 -8.91 -4.89 -8.37
CA MET A 27 -9.94 -5.54 -7.56
C MET A 27 -11.21 -4.71 -7.54
N THR A 28 -12.35 -5.38 -7.42
CA THR A 28 -13.64 -4.69 -7.38
C THR A 28 -13.64 -3.58 -6.34
N MET A 29 -14.68 -2.75 -6.37
CA MET A 29 -14.80 -1.65 -5.42
C MET A 29 -14.89 -2.17 -3.99
N SER A 30 -15.86 -3.03 -3.73
CA SER A 30 -16.06 -3.60 -2.40
C SER A 30 -14.72 -3.87 -1.73
N VAL A 31 -13.82 -4.55 -2.45
CA VAL A 31 -12.50 -4.86 -1.93
C VAL A 31 -11.75 -3.61 -1.50
N ARG A 32 -11.89 -2.55 -2.30
CA ARG A 32 -11.23 -1.29 -2.00
C ARG A 32 -11.69 -0.72 -0.66
N ARG A 33 -13.01 -0.57 -0.52
CA ARG A 33 -13.57 -0.04 0.71
C ARG A 33 -13.14 -0.86 1.92
N GLU A 34 -13.12 -2.18 1.75
CA GLU A 34 -12.72 -3.08 2.83
C GLU A 34 -11.27 -2.83 3.24
N LEU A 35 -10.41 -2.67 2.24
CA LEU A 35 -8.99 -2.43 2.49
C LEU A 35 -8.79 -1.14 3.27
N CYS A 36 -9.55 -0.11 2.92
CA CYS A 36 -9.45 1.18 3.58
C CYS A 36 -9.73 1.04 5.08
N SER A 37 -10.36 -0.08 5.45
CA SER A 37 -10.69 -0.33 6.85
C SER A 37 -9.63 -1.19 7.52
N VAL A 38 -8.72 -1.73 6.70
CA VAL A 38 -7.64 -2.57 7.22
C VAL A 38 -6.28 -2.06 6.73
N MET A 39 -6.24 -0.83 6.27
CA MET A 39 -5.00 -0.23 5.78
C MET A 39 -4.55 0.91 6.69
N ILE A 40 -3.25 0.96 6.97
CA ILE A 40 -2.70 2.00 7.83
C ILE A 40 -2.41 3.27 7.03
N PHE A 41 -2.33 4.39 7.74
CA PHE A 41 -2.06 5.68 7.10
C PHE A 41 -0.66 6.17 7.45
N GLU A 42 0.20 6.29 6.43
CA GLU A 42 1.57 6.74 6.63
C GLU A 42 2.01 7.65 5.48
N VAL A 43 2.78 8.68 5.81
CA VAL A 43 3.28 9.61 4.81
C VAL A 43 4.65 10.14 5.19
N VAL A 44 5.64 9.86 4.35
CA VAL A 44 7.01 10.31 4.59
C VAL A 44 7.16 11.79 4.25
N GLU A 45 7.71 12.55 5.20
CA GLU A 45 7.91 13.97 5.01
C GLU A 45 9.32 14.26 4.50
N GLN A 46 10.31 13.56 5.06
CA GLN A 46 11.69 13.74 4.66
C GLN A 46 12.04 12.83 3.48
N ALA A 47 12.12 13.42 2.29
CA ALA A 47 12.44 12.66 1.08
C ALA A 47 13.68 11.81 1.30
N GLY A 48 14.09 11.09 0.24
CA GLY A 48 15.26 10.25 0.33
C GLY A 48 15.22 9.33 1.53
N ALA A 49 14.01 8.94 1.93
CA ALA A 49 13.83 8.05 3.08
C ALA A 49 13.71 6.60 2.62
N ILE A 50 14.26 5.68 3.42
CA ILE A 50 14.21 4.26 3.09
C ILE A 50 12.85 3.66 3.46
N ILE A 51 12.21 3.03 2.48
CA ILE A 51 10.91 2.40 2.69
C ILE A 51 11.06 0.93 3.06
N LEU A 52 11.99 0.25 2.40
CA LEU A 52 12.24 -1.16 2.66
C LEU A 52 13.70 -1.51 2.43
N GLU A 53 14.23 -2.41 3.26
CA GLU A 53 15.61 -2.83 3.15
C GLU A 53 15.72 -4.20 2.50
N ASP A 54 16.90 -4.53 1.98
CA ASP A 54 17.13 -5.80 1.33
C ASP A 54 17.25 -6.92 2.36
N GLY A 55 16.47 -7.99 2.17
CA GLY A 55 16.52 -9.11 3.09
C GLY A 55 15.54 -8.94 4.24
N GLN A 56 14.43 -8.26 3.98
CA GLN A 56 13.41 -8.03 5.00
C GLN A 56 12.16 -8.84 4.71
N GLU A 57 11.71 -9.61 5.70
CA GLU A 57 10.51 -10.43 5.54
C GLU A 57 9.28 -9.55 5.32
N LEU A 58 8.92 -9.35 4.06
CA LEU A 58 7.77 -8.54 3.71
C LEU A 58 6.47 -9.21 4.16
N ASP A 59 5.78 -8.57 5.10
CA ASP A 59 4.53 -9.10 5.62
C ASP A 59 3.39 -8.10 5.42
N SER A 60 3.73 -6.92 4.93
CA SER A 60 2.73 -5.88 4.69
C SER A 60 2.79 -5.38 3.24
N TRP A 61 1.65 -4.98 2.71
CA TRP A 61 1.57 -4.49 1.34
C TRP A 61 1.70 -2.97 1.30
N TYR A 62 2.54 -2.47 0.42
CA TYR A 62 2.75 -1.03 0.29
C TYR A 62 2.23 -0.53 -1.06
N VAL A 63 1.65 0.67 -1.04
CA VAL A 63 1.10 1.27 -2.26
C VAL A 63 1.44 2.75 -2.33
N ILE A 64 2.07 3.15 -3.44
CA ILE A 64 2.45 4.55 -3.63
C ILE A 64 1.22 5.42 -3.86
N LEU A 65 0.87 6.21 -2.84
CA LEU A 65 -0.28 7.10 -2.92
C LEU A 65 0.10 8.42 -3.57
N ASN A 66 1.29 8.91 -3.26
CA ASN A 66 1.77 10.17 -3.82
C ASN A 66 3.30 10.21 -3.86
N GLY A 67 3.84 10.91 -4.84
CA GLY A 67 5.29 11.01 -4.96
C GLY A 67 5.88 9.84 -5.73
N THR A 68 7.19 9.90 -5.97
CA THR A 68 7.88 8.84 -6.69
C THR A 68 8.86 8.10 -5.79
N VAL A 69 9.00 6.80 -6.01
CA VAL A 69 9.89 5.97 -5.22
C VAL A 69 10.86 5.20 -6.11
N GLU A 70 12.14 5.23 -5.75
CA GLU A 70 13.16 4.52 -6.52
C GLU A 70 13.62 3.27 -5.78
N ILE A 71 13.77 2.18 -6.53
CA ILE A 71 14.20 0.91 -5.95
C ILE A 71 15.58 0.52 -6.48
N SER A 72 16.41 -0.01 -5.58
CA SER A 72 17.76 -0.43 -5.94
C SER A 72 17.96 -1.92 -5.67
N HIS A 73 18.66 -2.59 -6.56
CA HIS A 73 18.93 -4.01 -6.42
C HIS A 73 20.42 -4.27 -6.20
N PRO A 74 20.74 -5.37 -5.49
CA PRO A 74 22.12 -5.75 -5.19
C PRO A 74 22.88 -6.21 -6.44
N ASP A 75 22.13 -6.68 -7.43
CA ASP A 75 22.74 -7.15 -8.67
C ASP A 75 23.22 -5.98 -9.52
N GLY A 76 22.47 -4.88 -9.50
CA GLY A 76 22.84 -3.72 -10.27
C GLY A 76 21.69 -3.16 -11.07
N LYS A 77 20.47 -3.37 -10.60
CA LYS A 77 19.28 -2.89 -11.28
C LYS A 77 18.52 -1.90 -10.41
N VAL A 78 17.93 -0.89 -11.04
CA VAL A 78 17.16 0.13 -10.32
C VAL A 78 15.81 0.38 -10.98
N GLU A 79 14.74 -0.03 -10.31
CA GLU A 79 13.39 0.16 -10.84
C GLU A 79 12.89 1.57 -10.56
N ASN A 80 11.90 2.00 -11.34
CA ASN A 80 11.33 3.34 -11.17
C ASN A 80 9.81 3.27 -11.17
N LEU A 81 9.20 3.47 -10.01
CA LEU A 81 7.75 3.45 -9.88
C LEU A 81 7.19 4.85 -9.70
N PHE A 82 5.94 5.04 -10.09
CA PHE A 82 5.29 6.34 -9.96
C PHE A 82 3.90 6.19 -9.35
N MET A 83 3.35 7.31 -8.88
CA MET A 83 2.02 7.31 -8.27
C MET A 83 1.10 6.30 -8.97
N GLY A 84 0.61 5.34 -8.20
CA GLY A 84 -0.27 4.33 -8.76
C GLY A 84 0.30 2.92 -8.63
N ASN A 85 1.61 2.81 -8.79
CA ASN A 85 2.28 1.52 -8.70
C ASN A 85 2.12 0.91 -7.31
N SER A 86 2.41 -0.38 -7.18
CA SER A 86 2.30 -1.06 -5.91
C SER A 86 3.55 -1.90 -5.63
N PHE A 87 3.82 -2.12 -4.35
CA PHE A 87 4.99 -2.90 -3.94
C PHE A 87 4.85 -3.38 -2.50
N GLY A 88 5.57 -4.45 -2.16
CA GLY A 88 5.51 -4.99 -0.82
C GLY A 88 5.32 -6.49 -0.81
N ILE A 89 4.07 -6.93 -0.69
CA ILE A 89 3.74 -8.35 -0.67
C ILE A 89 2.56 -8.66 -1.57
N THR A 90 2.34 -9.95 -1.82
CA THR A 90 1.24 -10.38 -2.67
C THR A 90 0.00 -10.71 -1.84
N PRO A 91 -1.17 -10.71 -2.49
CA PRO A 91 -2.44 -11.01 -1.84
C PRO A 91 -2.57 -12.48 -1.45
N THR A 92 -1.50 -13.23 -1.69
CA THR A 92 -1.48 -14.66 -1.36
C THR A 92 -0.74 -14.91 -0.06
N LEU A 93 -1.31 -15.76 0.78
CA LEU A 93 -0.70 -16.09 2.07
C LEU A 93 0.82 -16.24 1.93
N ASP A 94 1.25 -16.73 0.77
CA ASP A 94 2.67 -16.92 0.50
C ASP A 94 3.46 -15.65 0.83
N LYS A 95 4.47 -15.80 1.68
CA LYS A 95 5.31 -14.67 2.08
C LYS A 95 6.41 -14.42 1.04
N GLN A 96 7.14 -13.34 1.22
CA GLN A 96 8.22 -12.99 0.31
C GLN A 96 9.30 -12.16 1.02
N TYR A 97 10.48 -12.09 0.43
CA TYR A 97 11.58 -11.34 1.01
C TYR A 97 12.06 -10.25 0.05
N MET A 98 12.26 -9.05 0.58
CA MET A 98 12.73 -7.93 -0.22
C MET A 98 14.08 -8.23 -0.85
N HIS A 99 14.18 -8.02 -2.17
CA HIS A 99 15.42 -8.27 -2.90
C HIS A 99 16.05 -6.96 -3.36
N GLY A 100 15.98 -5.94 -2.51
CA GLY A 100 16.55 -4.65 -2.85
C GLY A 100 16.24 -3.58 -1.81
N ILE A 101 16.68 -2.36 -2.07
CA ILE A 101 16.44 -1.26 -1.15
C ILE A 101 15.59 -0.17 -1.81
N VAL A 102 14.49 0.19 -1.16
CA VAL A 102 13.59 1.21 -1.68
C VAL A 102 13.86 2.56 -1.03
N ARG A 103 13.77 3.62 -1.82
CA ARG A 103 14.01 4.97 -1.32
C ARG A 103 13.21 5.99 -2.13
N THR A 104 12.51 6.87 -1.41
CA THR A 104 11.69 7.89 -2.05
C THR A 104 12.55 8.81 -2.92
N LYS A 105 11.93 9.44 -3.92
CA LYS A 105 12.63 10.33 -4.82
C LYS A 105 12.31 11.79 -4.49
N VAL A 106 11.13 12.02 -3.91
CA VAL A 106 10.70 13.36 -3.54
C VAL A 106 10.13 13.39 -2.13
N ASP A 107 9.88 14.59 -1.63
CA ASP A 107 9.33 14.77 -0.29
C ASP A 107 7.81 14.66 -0.31
N ASP A 108 7.20 14.70 0.87
CA ASP A 108 5.75 14.62 1.00
C ASP A 108 5.23 13.37 0.29
N CYS A 109 5.92 12.25 0.48
CA CYS A 109 5.51 11.00 -0.14
C CYS A 109 4.52 10.25 0.74
N GLN A 110 3.36 9.92 0.19
CA GLN A 110 2.33 9.20 0.93
C GLN A 110 2.37 7.71 0.61
N PHE A 111 1.97 6.90 1.58
CA PHE A 111 1.97 5.45 1.39
C PHE A 111 0.93 4.79 2.31
N VAL A 112 0.74 3.48 2.14
CA VAL A 112 -0.22 2.74 2.94
C VAL A 112 0.28 1.33 3.22
N CYS A 113 0.10 0.87 4.46
CA CYS A 113 0.52 -0.47 4.85
C CYS A 113 -0.68 -1.35 5.20
N ILE A 114 -0.76 -2.50 4.54
CA ILE A 114 -1.87 -3.42 4.79
C ILE A 114 -1.35 -4.81 5.16
N ALA A 115 -1.85 -5.35 6.26
CA ALA A 115 -1.45 -6.67 6.72
C ALA A 115 -1.73 -7.74 5.67
N GLN A 116 -0.88 -8.75 5.60
CA GLN A 116 -1.04 -9.83 4.64
C GLN A 116 -2.37 -10.54 4.84
N GLN A 117 -2.58 -11.08 6.04
CA GLN A 117 -3.81 -11.79 6.36
C GLN A 117 -5.02 -11.06 5.79
N ASP A 118 -5.23 -9.82 6.24
CA ASP A 118 -6.35 -9.02 5.79
C ASP A 118 -6.27 -8.78 4.28
N TYR A 119 -5.06 -8.85 3.74
CA TYR A 119 -4.85 -8.64 2.31
C TYR A 119 -5.24 -9.88 1.52
N TRP A 120 -5.32 -11.01 2.21
CA TRP A 120 -5.68 -12.27 1.56
C TRP A 120 -7.07 -12.72 2.00
N ARG A 121 -7.72 -11.91 2.83
CA ARG A 121 -9.05 -12.22 3.33
C ARG A 121 -10.11 -11.38 2.61
N ILE A 122 -9.66 -10.38 1.87
CA ILE A 122 -10.55 -9.50 1.15
C ILE A 122 -10.57 -9.84 -0.34
N LEU A 123 -9.42 -9.66 -0.99
CA LEU A 123 -9.29 -9.94 -2.42
C LEU A 123 -9.72 -11.38 -2.72
N ASN A 124 -9.26 -12.32 -1.90
CA ASN A 124 -9.60 -13.72 -2.08
C ASN A 124 -10.97 -14.03 -1.50
N HIS A 125 -11.36 -15.30 -1.54
CA HIS A 125 -12.65 -15.74 -1.02
C HIS A 125 -12.48 -16.59 0.24
N VAL A 126 -11.98 -15.96 1.29
CA VAL A 126 -11.77 -16.66 2.57
C VAL A 126 -13.06 -16.73 3.38
N GLU A 127 -13.13 -17.69 4.28
CA GLU A 127 -14.30 -17.87 5.12
C GLU A 127 -14.91 -16.52 5.50
N LYS A 128 -14.11 -15.67 6.15
CA LYS A 128 -14.55 -14.36 6.56
C LYS A 128 -14.51 -13.37 5.40
N SER A 129 -15.68 -12.94 4.94
CA SER A 129 -15.78 -12.01 3.83
C SER A 129 -15.05 -10.70 4.16
N GLY A 130 -15.45 -10.07 5.26
CA GLY A 130 -14.83 -8.83 5.66
C GLY A 130 -14.13 -8.94 7.00
N PRO A 131 -13.32 -7.91 7.34
CA PRO A 131 -12.58 -7.88 8.60
C PRO A 131 -13.49 -7.68 9.81
N SER A 132 -13.15 -8.33 10.92
CA SER A 132 -13.93 -8.24 12.13
C SER A 132 -13.50 -7.04 12.97
N SER A 133 -14.30 -5.97 12.94
CA SER A 133 -13.99 -4.77 13.70
C SER A 133 -15.15 -4.39 14.61
N GLY A 134 -15.12 -4.90 15.83
CA GLY A 134 -16.17 -4.60 16.79
C GLY A 134 -15.72 -4.77 18.23
N GLY A 1 -12.22 19.43 23.16
CA GLY A 1 -13.06 18.96 22.07
C GLY A 1 -13.21 20.01 20.98
N SER A 2 -13.84 19.62 19.88
CA SER A 2 -14.04 20.52 18.75
C SER A 2 -15.39 20.25 18.08
N SER A 3 -15.71 21.06 17.07
CA SER A 3 -16.97 20.92 16.35
C SER A 3 -17.30 19.45 16.12
N GLY A 4 -16.43 18.75 15.39
CA GLY A 4 -16.65 17.34 15.12
C GLY A 4 -15.48 16.71 14.39
N SER A 5 -15.74 15.60 13.72
CA SER A 5 -14.68 14.88 12.98
C SER A 5 -14.37 15.59 11.67
N SER A 6 -13.30 15.15 11.01
CA SER A 6 -12.90 15.74 9.75
C SER A 6 -13.08 14.75 8.60
N GLY A 7 -14.11 14.97 7.79
CA GLY A 7 -14.38 14.09 6.67
C GLY A 7 -15.03 12.79 7.09
N ASP A 8 -16.32 12.87 7.43
CA ASP A 8 -17.07 11.69 7.86
C ASP A 8 -16.96 10.57 6.83
N ASP A 9 -17.31 10.90 5.58
CA ASP A 9 -17.26 9.93 4.50
C ASP A 9 -15.85 9.82 3.92
N ASP A 10 -14.88 9.62 4.80
CA ASP A 10 -13.48 9.50 4.39
C ASP A 10 -13.33 8.42 3.31
N ILE A 11 -13.88 7.24 3.56
CA ILE A 11 -13.81 6.14 2.62
C ILE A 11 -14.29 6.57 1.24
N GLU A 12 -15.47 7.17 1.19
CA GLU A 12 -16.03 7.63 -0.08
C GLU A 12 -15.05 8.52 -0.83
N GLN A 13 -14.22 9.23 -0.08
CA GLN A 13 -13.22 10.12 -0.67
C GLN A 13 -12.04 9.32 -1.20
N LEU A 14 -11.82 8.14 -0.65
CA LEU A 14 -10.72 7.28 -1.08
C LEU A 14 -11.11 6.46 -2.29
N LEU A 15 -12.12 5.61 -2.13
CA LEU A 15 -12.60 4.76 -3.21
C LEU A 15 -12.47 5.47 -4.56
N GLU A 16 -13.13 6.63 -4.67
CA GLU A 16 -13.09 7.40 -5.91
C GLU A 16 -11.65 7.50 -6.44
N PHE A 17 -10.70 7.72 -5.54
CA PHE A 17 -9.30 7.83 -5.92
C PHE A 17 -8.72 6.47 -6.27
N MET A 18 -9.12 5.45 -5.52
CA MET A 18 -8.64 4.09 -5.74
C MET A 18 -9.25 3.50 -7.01
N HIS A 19 -10.25 4.18 -7.55
CA HIS A 19 -10.91 3.73 -8.78
C HIS A 19 -10.15 4.22 -10.02
N GLN A 20 -9.26 5.19 -9.82
CA GLN A 20 -8.48 5.74 -10.91
C GLN A 20 -7.08 5.14 -10.93
N LEU A 21 -6.79 4.28 -9.95
CA LEU A 21 -5.48 3.64 -9.85
C LEU A 21 -5.54 2.20 -10.34
N PRO A 22 -4.47 1.75 -11.02
CA PRO A 22 -4.38 0.39 -11.55
C PRO A 22 -4.24 -0.65 -10.45
N ALA A 23 -3.40 -0.36 -9.46
CA ALA A 23 -3.18 -1.27 -8.36
C ALA A 23 -4.46 -1.47 -7.54
N PHE A 24 -5.38 -0.52 -7.66
CA PHE A 24 -6.65 -0.58 -6.93
C PHE A 24 -7.77 -1.05 -7.85
N ALA A 25 -7.58 -0.87 -9.15
CA ALA A 25 -8.58 -1.26 -10.15
C ALA A 25 -8.57 -2.78 -10.35
N ASN A 26 -7.40 -3.39 -10.21
CA ASN A 26 -7.26 -4.83 -10.37
C ASN A 26 -8.37 -5.57 -9.63
N MET A 27 -8.53 -5.24 -8.35
CA MET A 27 -9.55 -5.87 -7.53
C MET A 27 -10.90 -5.16 -7.67
N THR A 28 -11.96 -5.80 -7.21
CA THR A 28 -13.29 -5.22 -7.28
C THR A 28 -13.47 -4.10 -6.26
N MET A 29 -14.43 -3.21 -6.53
CA MET A 29 -14.70 -2.10 -5.63
C MET A 29 -14.92 -2.59 -4.20
N SER A 30 -15.73 -3.63 -4.06
CA SER A 30 -16.03 -4.19 -2.74
C SER A 30 -14.76 -4.35 -1.92
N VAL A 31 -13.66 -4.66 -2.59
CA VAL A 31 -12.38 -4.84 -1.93
C VAL A 31 -11.83 -3.51 -1.42
N ARG A 32 -12.03 -2.46 -2.20
CA ARG A 32 -11.56 -1.13 -1.83
C ARG A 32 -12.12 -0.71 -0.47
N ARG A 33 -13.42 -0.50 -0.43
CA ARG A 33 -14.09 -0.09 0.81
C ARG A 33 -13.62 -0.95 1.99
N GLU A 34 -13.47 -2.24 1.74
CA GLU A 34 -13.03 -3.17 2.77
C GLU A 34 -11.60 -2.87 3.21
N LEU A 35 -10.73 -2.63 2.23
CA LEU A 35 -9.34 -2.33 2.53
C LEU A 35 -9.22 -1.17 3.52
N CYS A 36 -9.90 -0.07 3.21
CA CYS A 36 -9.88 1.11 4.09
C CYS A 36 -10.06 0.70 5.54
N SER A 37 -10.63 -0.48 5.77
CA SER A 37 -10.87 -0.97 7.11
C SER A 37 -9.55 -1.34 7.79
N VAL A 38 -8.64 -1.94 7.04
CA VAL A 38 -7.34 -2.34 7.56
C VAL A 38 -6.21 -1.60 6.85
N MET A 39 -6.53 -0.42 6.30
CA MET A 39 -5.54 0.39 5.60
C MET A 39 -4.81 1.32 6.57
N ILE A 40 -3.49 1.27 6.54
CA ILE A 40 -2.68 2.10 7.41
C ILE A 40 -2.42 3.48 6.79
N PHE A 41 -2.05 4.44 7.62
CA PHE A 41 -1.79 5.80 7.15
C PHE A 41 -0.38 6.24 7.55
N GLU A 42 0.49 6.37 6.56
CA GLU A 42 1.87 6.79 6.81
C GLU A 42 2.33 7.81 5.76
N VAL A 43 3.10 8.79 6.20
CA VAL A 43 3.61 9.82 5.30
C VAL A 43 5.05 10.19 5.64
N VAL A 44 5.92 10.11 4.64
CA VAL A 44 7.33 10.43 4.82
C VAL A 44 7.63 11.88 4.43
N GLU A 45 8.18 12.65 5.37
CA GLU A 45 8.51 14.04 5.11
C GLU A 45 9.94 14.18 4.61
N GLN A 46 10.84 13.38 5.18
CA GLN A 46 12.24 13.42 4.79
C GLN A 46 12.49 12.61 3.52
N ALA A 47 12.90 13.30 2.47
CA ALA A 47 13.17 12.65 1.19
C ALA A 47 14.31 11.65 1.31
N GLY A 48 14.53 10.89 0.25
CA GLY A 48 15.60 9.89 0.26
C GLY A 48 15.48 8.93 1.43
N ALA A 49 14.27 8.80 1.96
CA ALA A 49 14.03 7.91 3.09
C ALA A 49 13.89 6.46 2.62
N ILE A 50 14.47 5.54 3.38
CA ILE A 50 14.42 4.13 3.05
C ILE A 50 13.08 3.51 3.47
N ILE A 51 12.29 3.11 2.49
CA ILE A 51 11.00 2.50 2.76
C ILE A 51 11.15 1.05 3.19
N LEU A 52 12.04 0.33 2.52
CA LEU A 52 12.28 -1.07 2.85
C LEU A 52 13.73 -1.46 2.57
N GLU A 53 14.19 -2.53 3.21
CA GLU A 53 15.55 -3.00 3.02
C GLU A 53 15.58 -4.34 2.29
N ASP A 54 16.77 -4.76 1.88
CA ASP A 54 16.93 -6.02 1.16
C ASP A 54 17.00 -7.19 2.13
N GLY A 55 16.34 -8.28 1.78
CA GLY A 55 16.34 -9.46 2.64
C GLY A 55 15.56 -9.24 3.91
N GLN A 56 14.38 -8.63 3.80
CA GLN A 56 13.53 -8.37 4.96
C GLN A 56 12.14 -8.94 4.76
N GLU A 57 11.72 -9.82 5.68
CA GLU A 57 10.40 -10.43 5.59
C GLU A 57 9.31 -9.37 5.55
N LEU A 58 8.74 -9.17 4.38
CA LEU A 58 7.67 -8.18 4.20
C LEU A 58 6.33 -8.74 4.68
N ASP A 59 5.73 -8.05 5.64
CA ASP A 59 4.44 -8.47 6.18
C ASP A 59 3.41 -7.36 6.05
N SER A 60 3.63 -6.46 5.11
CA SER A 60 2.72 -5.34 4.89
C SER A 60 2.87 -4.80 3.47
N TRP A 61 1.79 -4.87 2.69
CA TRP A 61 1.80 -4.38 1.32
C TRP A 61 1.84 -2.85 1.28
N TYR A 62 2.72 -2.31 0.45
CA TYR A 62 2.86 -0.87 0.33
C TYR A 62 2.37 -0.39 -1.04
N VAL A 63 1.74 0.78 -1.05
CA VAL A 63 1.21 1.35 -2.28
C VAL A 63 1.55 2.84 -2.38
N ILE A 64 2.15 3.23 -3.51
CA ILE A 64 2.53 4.62 -3.73
C ILE A 64 1.29 5.51 -3.84
N LEU A 65 1.04 6.30 -2.81
CA LEU A 65 -0.11 7.20 -2.81
C LEU A 65 0.27 8.59 -3.31
N ASN A 66 1.51 8.99 -3.04
CA ASN A 66 2.00 10.29 -3.48
C ASN A 66 3.53 10.31 -3.53
N GLY A 67 4.08 11.08 -4.45
CA GLY A 67 5.52 11.16 -4.60
C GLY A 67 6.09 10.05 -5.45
N THR A 68 7.42 10.04 -5.60
CA THR A 68 8.08 9.03 -6.40
C THR A 68 9.07 8.23 -5.57
N VAL A 69 9.06 6.90 -5.74
CA VAL A 69 9.96 6.02 -5.01
C VAL A 69 10.90 5.28 -5.94
N GLU A 70 12.18 5.26 -5.59
CA GLU A 70 13.18 4.58 -6.41
C GLU A 70 13.70 3.33 -5.69
N ILE A 71 13.72 2.22 -6.42
CA ILE A 71 14.20 0.96 -5.86
C ILE A 71 15.56 0.57 -6.44
N SER A 72 16.45 0.09 -5.58
CA SER A 72 17.79 -0.31 -6.00
C SER A 72 18.02 -1.79 -5.72
N HIS A 73 18.56 -2.50 -6.72
CA HIS A 73 18.84 -3.92 -6.57
C HIS A 73 20.34 -4.17 -6.42
N PRO A 74 20.69 -5.19 -5.64
CA PRO A 74 22.09 -5.56 -5.39
C PRO A 74 22.76 -6.15 -6.62
N ASP A 75 21.96 -6.55 -7.60
CA ASP A 75 22.47 -7.13 -8.84
C ASP A 75 22.99 -6.04 -9.77
N GLY A 76 22.24 -4.95 -9.89
CA GLY A 76 22.64 -3.86 -10.75
C GLY A 76 21.48 -3.26 -11.52
N LYS A 77 20.32 -3.20 -10.88
CA LYS A 77 19.12 -2.65 -11.51
C LYS A 77 18.42 -1.66 -10.59
N VAL A 78 17.75 -0.69 -11.18
CA VAL A 78 17.03 0.33 -10.41
C VAL A 78 15.65 0.58 -10.99
N GLU A 79 14.62 0.14 -10.26
CA GLU A 79 13.24 0.32 -10.70
C GLU A 79 12.69 1.66 -10.21
N ASN A 80 11.93 2.33 -11.09
CA ASN A 80 11.34 3.62 -10.75
C ASN A 80 9.82 3.55 -10.81
N LEU A 81 9.18 3.74 -9.66
CA LEU A 81 7.72 3.71 -9.58
C LEU A 81 7.16 5.11 -9.40
N PHE A 82 5.87 5.27 -9.74
CA PHE A 82 5.21 6.57 -9.62
C PHE A 82 3.79 6.40 -9.09
N MET A 83 3.15 7.51 -8.75
CA MET A 83 1.79 7.49 -8.24
C MET A 83 0.95 6.44 -8.96
N GLY A 84 0.43 5.47 -8.20
CA GLY A 84 -0.38 4.43 -8.79
C GLY A 84 0.22 3.04 -8.61
N ASN A 85 1.53 2.94 -8.82
CA ASN A 85 2.23 1.67 -8.68
C ASN A 85 2.19 1.19 -7.23
N SER A 86 2.51 -0.09 -7.02
CA SER A 86 2.50 -0.67 -5.70
C SER A 86 3.71 -1.58 -5.49
N PHE A 87 4.07 -1.81 -4.23
CA PHE A 87 5.20 -2.66 -3.91
C PHE A 87 5.09 -3.21 -2.49
N GLY A 88 5.79 -4.31 -2.22
CA GLY A 88 5.75 -4.91 -0.91
C GLY A 88 5.55 -6.41 -0.96
N ILE A 89 4.33 -6.86 -0.62
CA ILE A 89 4.02 -8.28 -0.65
C ILE A 89 2.86 -8.57 -1.59
N THR A 90 2.48 -9.84 -1.68
CA THR A 90 1.38 -10.25 -2.54
C THR A 90 0.14 -10.63 -1.72
N PRO A 91 -1.03 -10.61 -2.38
CA PRO A 91 -2.30 -10.94 -1.74
C PRO A 91 -2.40 -12.42 -1.40
N THR A 92 -1.34 -13.16 -1.66
CA THR A 92 -1.31 -14.60 -1.38
C THR A 92 -0.74 -14.87 0.00
N LEU A 93 -1.42 -15.74 0.75
CA LEU A 93 -0.99 -16.09 2.10
C LEU A 93 0.52 -16.31 2.14
N ASP A 94 1.10 -16.66 0.98
CA ASP A 94 2.52 -16.90 0.90
C ASP A 94 3.32 -15.74 1.46
N LYS A 95 4.63 -15.93 1.59
CA LYS A 95 5.50 -14.88 2.12
C LYS A 95 6.67 -14.61 1.17
N GLN A 96 7.03 -13.33 1.04
CA GLN A 96 8.12 -12.94 0.16
C GLN A 96 9.13 -12.09 0.91
N TYR A 97 10.36 -12.06 0.40
CA TYR A 97 11.43 -11.28 1.02
C TYR A 97 12.01 -10.27 0.04
N MET A 98 12.01 -9.00 0.46
CA MET A 98 12.54 -7.93 -0.39
C MET A 98 13.86 -8.33 -1.03
N HIS A 99 13.99 -8.06 -2.32
CA HIS A 99 15.21 -8.41 -3.06
C HIS A 99 15.97 -7.14 -3.45
N GLY A 100 15.77 -6.07 -2.69
CA GLY A 100 16.46 -4.82 -2.97
C GLY A 100 16.25 -3.79 -1.89
N ILE A 101 16.44 -2.52 -2.23
CA ILE A 101 16.27 -1.43 -1.27
C ILE A 101 15.43 -0.31 -1.85
N VAL A 102 14.35 0.04 -1.15
CA VAL A 102 13.46 1.10 -1.61
C VAL A 102 13.82 2.43 -0.93
N ARG A 103 13.84 3.49 -1.73
CA ARG A 103 14.16 4.81 -1.22
C ARG A 103 13.38 5.90 -1.97
N THR A 104 12.75 6.79 -1.22
CA THR A 104 11.97 7.87 -1.81
C THR A 104 12.85 8.83 -2.60
N LYS A 105 12.28 9.48 -3.60
CA LYS A 105 13.01 10.42 -4.43
C LYS A 105 12.72 11.86 -4.02
N VAL A 106 11.56 12.07 -3.41
CA VAL A 106 11.17 13.39 -2.95
C VAL A 106 10.60 13.34 -1.53
N ASP A 107 10.23 14.51 -1.01
CA ASP A 107 9.67 14.60 0.34
C ASP A 107 8.15 14.67 0.29
N ASP A 108 7.52 14.51 1.44
CA ASP A 108 6.07 14.56 1.54
C ASP A 108 5.43 13.38 0.81
N CYS A 109 6.12 12.25 0.84
CA CYS A 109 5.62 11.04 0.18
C CYS A 109 4.57 10.35 1.04
N GLN A 110 3.52 9.86 0.38
CA GLN A 110 2.43 9.18 1.09
C GLN A 110 2.40 7.70 0.72
N PHE A 111 2.31 6.85 1.75
CA PHE A 111 2.27 5.41 1.54
C PHE A 111 1.25 4.75 2.46
N VAL A 112 0.75 3.59 2.05
CA VAL A 112 -0.24 2.86 2.84
C VAL A 112 0.20 1.42 3.08
N CYS A 113 -0.05 0.92 4.28
CA CYS A 113 0.32 -0.44 4.64
C CYS A 113 -0.92 -1.29 4.92
N ILE A 114 -0.81 -2.59 4.66
CA ILE A 114 -1.92 -3.50 4.88
C ILE A 114 -1.42 -4.87 5.32
N ALA A 115 -1.92 -5.35 6.46
CA ALA A 115 -1.53 -6.65 6.98
C ALA A 115 -1.81 -7.76 5.98
N GLN A 116 -0.88 -8.69 5.85
CA GLN A 116 -1.03 -9.80 4.91
C GLN A 116 -2.38 -10.48 5.10
N GLN A 117 -2.58 -11.09 6.26
CA GLN A 117 -3.82 -11.78 6.57
C GLN A 117 -5.02 -10.99 6.05
N ASP A 118 -5.15 -9.75 6.50
CA ASP A 118 -6.26 -8.89 6.08
C ASP A 118 -6.21 -8.65 4.57
N TYR A 119 -5.01 -8.73 4.01
CA TYR A 119 -4.83 -8.52 2.58
C TYR A 119 -5.31 -9.72 1.78
N TRP A 120 -5.27 -10.89 2.41
CA TRP A 120 -5.70 -12.12 1.76
C TRP A 120 -7.10 -12.52 2.22
N ARG A 121 -7.74 -11.65 3.00
CA ARG A 121 -9.08 -11.91 3.50
C ARG A 121 -10.13 -11.16 2.68
N ILE A 122 -9.70 -10.10 2.00
CA ILE A 122 -10.60 -9.31 1.18
C ILE A 122 -10.53 -9.74 -0.28
N LEU A 123 -9.42 -9.42 -0.94
CA LEU A 123 -9.22 -9.78 -2.34
C LEU A 123 -9.66 -11.21 -2.60
N ASN A 124 -9.28 -12.11 -1.70
CA ASN A 124 -9.63 -13.52 -1.82
C ASN A 124 -11.10 -13.75 -1.49
N HIS A 125 -11.51 -15.01 -1.47
CA HIS A 125 -12.89 -15.37 -1.16
C HIS A 125 -12.95 -16.28 0.06
N VAL A 126 -12.28 -15.89 1.13
CA VAL A 126 -12.25 -16.67 2.36
C VAL A 126 -13.38 -16.26 3.30
N GLU A 127 -13.99 -15.12 3.01
CA GLU A 127 -15.09 -14.61 3.82
C GLU A 127 -16.28 -14.23 2.95
N LYS A 128 -17.47 -14.19 3.56
CA LYS A 128 -18.69 -13.84 2.85
C LYS A 128 -19.38 -12.66 3.51
N SER A 129 -18.60 -11.68 3.94
CA SER A 129 -19.14 -10.49 4.60
C SER A 129 -18.08 -9.40 4.71
N GLY A 130 -18.51 -8.20 5.08
CA GLY A 130 -17.59 -7.09 5.21
C GLY A 130 -17.34 -6.71 6.66
N PRO A 131 -16.10 -6.29 6.96
CA PRO A 131 -15.71 -5.90 8.32
C PRO A 131 -16.37 -4.59 8.75
N SER A 132 -17.55 -4.70 9.34
CA SER A 132 -18.29 -3.52 9.80
C SER A 132 -17.46 -2.72 10.80
N SER A 133 -17.53 -1.40 10.68
CA SER A 133 -16.79 -0.51 11.57
C SER A 133 -17.66 0.65 12.04
N GLY A 134 -17.47 1.04 13.30
CA GLY A 134 -18.25 2.13 13.85
C GLY A 134 -19.12 1.70 15.02
N GLY A 1 0.14 16.15 14.99
CA GLY A 1 -1.05 16.95 15.25
C GLY A 1 -2.29 16.10 15.47
N SER A 2 -2.90 15.64 14.38
CA SER A 2 -4.10 14.83 14.47
C SER A 2 -3.97 13.57 13.60
N SER A 3 -4.67 12.52 13.98
CA SER A 3 -4.64 11.27 13.24
C SER A 3 -5.94 11.04 12.48
N GLY A 4 -5.83 10.46 11.29
CA GLY A 4 -7.01 10.19 10.48
C GLY A 4 -7.60 11.46 9.89
N SER A 5 -8.92 11.49 9.77
CA SER A 5 -9.62 12.64 9.22
C SER A 5 -11.00 12.81 9.85
N SER A 6 -11.29 14.01 10.32
CA SER A 6 -12.57 14.30 10.94
C SER A 6 -13.66 14.48 9.89
N GLY A 7 -14.29 13.36 9.52
CA GLY A 7 -15.35 13.40 8.53
C GLY A 7 -16.40 12.34 8.75
N ASP A 8 -17.12 11.99 7.69
CA ASP A 8 -18.15 10.97 7.76
C ASP A 8 -17.99 9.93 6.65
N ASP A 9 -17.96 10.42 5.41
CA ASP A 9 -17.81 9.54 4.26
C ASP A 9 -16.36 9.52 3.77
N ASP A 10 -15.43 9.43 4.72
CA ASP A 10 -14.01 9.40 4.38
C ASP A 10 -13.74 8.38 3.29
N ILE A 11 -14.34 7.19 3.41
CA ILE A 11 -14.16 6.13 2.43
C ILE A 11 -14.57 6.60 1.04
N GLU A 12 -15.64 7.38 0.97
CA GLU A 12 -16.13 7.89 -0.30
C GLU A 12 -15.11 8.82 -0.95
N GLN A 13 -14.32 9.49 -0.12
CA GLN A 13 -13.30 10.41 -0.61
C GLN A 13 -12.04 9.66 -1.01
N LEU A 14 -11.86 8.48 -0.43
CA LEU A 14 -10.68 7.66 -0.72
C LEU A 14 -10.92 6.79 -1.96
N LEU A 15 -12.02 6.06 -1.95
CA LEU A 15 -12.36 5.19 -3.08
C LEU A 15 -12.12 5.89 -4.41
N GLU A 16 -12.78 7.03 -4.59
CA GLU A 16 -12.64 7.80 -5.82
C GLU A 16 -11.19 7.83 -6.28
N PHE A 17 -10.27 7.86 -5.32
CA PHE A 17 -8.84 7.90 -5.62
C PHE A 17 -8.33 6.50 -5.95
N MET A 18 -8.78 5.52 -5.18
CA MET A 18 -8.35 4.13 -5.39
C MET A 18 -8.86 3.61 -6.72
N HIS A 19 -9.78 4.34 -7.33
CA HIS A 19 -10.35 3.95 -8.62
C HIS A 19 -9.44 4.37 -9.76
N GLN A 20 -8.90 5.58 -9.68
CA GLN A 20 -8.01 6.09 -10.71
C GLN A 20 -6.70 5.31 -10.75
N LEU A 21 -6.35 4.70 -9.62
CA LEU A 21 -5.12 3.92 -9.52
C LEU A 21 -5.33 2.53 -10.12
N PRO A 22 -4.29 2.03 -10.83
CA PRO A 22 -4.33 0.71 -11.46
C PRO A 22 -4.31 -0.42 -10.44
N ALA A 23 -3.35 -0.37 -9.51
CA ALA A 23 -3.21 -1.38 -8.49
C ALA A 23 -4.52 -1.54 -7.71
N PHE A 24 -5.19 -0.43 -7.45
CA PHE A 24 -6.45 -0.45 -6.71
C PHE A 24 -7.62 -0.79 -7.64
N ALA A 25 -7.48 -0.45 -8.92
CA ALA A 25 -8.52 -0.72 -9.90
C ALA A 25 -8.54 -2.20 -10.28
N ASN A 26 -7.37 -2.84 -10.23
CA ASN A 26 -7.26 -4.25 -10.56
C ASN A 26 -8.44 -5.05 -10.00
N MET A 27 -8.86 -4.68 -8.78
CA MET A 27 -9.97 -5.36 -8.14
C MET A 27 -11.24 -4.53 -8.24
N THR A 28 -12.32 -5.01 -7.62
CA THR A 28 -13.60 -4.32 -7.65
C THR A 28 -13.72 -3.34 -6.48
N MET A 29 -14.85 -2.67 -6.38
CA MET A 29 -15.09 -1.71 -5.32
C MET A 29 -15.36 -2.43 -4.00
N SER A 30 -15.64 -3.73 -4.07
CA SER A 30 -15.92 -4.52 -2.88
C SER A 30 -14.64 -4.81 -2.12
N VAL A 31 -13.52 -4.87 -2.84
CA VAL A 31 -12.23 -5.14 -2.23
C VAL A 31 -11.62 -3.87 -1.63
N ARG A 32 -11.77 -2.76 -2.34
CA ARG A 32 -11.25 -1.48 -1.88
C ARG A 32 -11.80 -1.13 -0.50
N ARG A 33 -13.11 -0.93 -0.42
CA ARG A 33 -13.75 -0.59 0.84
C ARG A 33 -13.24 -1.48 1.97
N GLU A 34 -13.18 -2.77 1.71
CA GLU A 34 -12.71 -3.73 2.71
C GLU A 34 -11.29 -3.38 3.18
N LEU A 35 -10.43 -3.03 2.22
CA LEU A 35 -9.06 -2.67 2.53
C LEU A 35 -9.00 -1.44 3.42
N CYS A 36 -9.72 -0.39 3.03
CA CYS A 36 -9.75 0.85 3.80
C CYS A 36 -10.00 0.56 5.28
N SER A 37 -10.54 -0.62 5.56
CA SER A 37 -10.83 -1.00 6.94
C SER A 37 -9.54 -1.33 7.69
N VAL A 38 -8.58 -1.93 7.00
CA VAL A 38 -7.30 -2.29 7.59
C VAL A 38 -6.16 -1.54 6.93
N MET A 39 -6.47 -0.37 6.36
CA MET A 39 -5.46 0.44 5.70
C MET A 39 -4.80 1.40 6.69
N ILE A 40 -3.48 1.49 6.63
CA ILE A 40 -2.73 2.37 7.52
C ILE A 40 -2.28 3.63 6.80
N PHE A 41 -2.48 4.77 7.45
CA PHE A 41 -2.10 6.06 6.86
C PHE A 41 -0.72 6.49 7.36
N GLU A 42 0.21 6.68 6.43
CA GLU A 42 1.56 7.10 6.79
C GLU A 42 2.11 8.09 5.77
N VAL A 43 2.87 9.07 6.25
CA VAL A 43 3.45 10.08 5.38
C VAL A 43 4.93 10.30 5.69
N VAL A 44 5.74 10.36 4.65
CA VAL A 44 7.18 10.56 4.82
C VAL A 44 7.57 12.00 4.53
N GLU A 45 8.21 12.65 5.50
CA GLU A 45 8.64 14.03 5.35
C GLU A 45 10.09 14.10 4.86
N GLN A 46 10.95 13.28 5.46
CA GLN A 46 12.37 13.27 5.10
C GLN A 46 12.56 12.56 3.76
N ALA A 47 12.73 13.35 2.70
CA ALA A 47 12.93 12.80 1.37
C ALA A 47 14.09 11.79 1.36
N GLY A 48 14.16 10.99 0.30
CA GLY A 48 15.22 10.00 0.19
C GLY A 48 15.19 9.01 1.33
N ALA A 49 14.05 8.88 2.00
CA ALA A 49 13.90 7.96 3.10
C ALA A 49 13.79 6.52 2.61
N ILE A 50 14.28 5.59 3.43
CA ILE A 50 14.24 4.17 3.07
C ILE A 50 12.91 3.55 3.46
N ILE A 51 12.19 3.02 2.46
CA ILE A 51 10.90 2.39 2.69
C ILE A 51 11.07 0.93 3.10
N LEU A 52 11.99 0.24 2.43
CA LEU A 52 12.24 -1.17 2.72
C LEU A 52 13.71 -1.50 2.52
N GLU A 53 14.16 -2.58 3.15
CA GLU A 53 15.55 -3.01 3.03
C GLU A 53 15.65 -4.39 2.38
N ASP A 54 16.74 -4.63 1.67
CA ASP A 54 16.95 -5.91 1.00
C ASP A 54 17.10 -7.04 2.01
N GLY A 55 16.23 -8.04 1.91
CA GLY A 55 16.28 -9.16 2.82
C GLY A 55 15.34 -8.99 4.00
N GLN A 56 14.40 -8.06 3.88
CA GLN A 56 13.44 -7.79 4.95
C GLN A 56 12.15 -8.59 4.72
N GLU A 57 11.87 -9.52 5.63
CA GLU A 57 10.67 -10.34 5.53
C GLU A 57 9.42 -9.48 5.42
N LEU A 58 9.01 -9.19 4.19
CA LEU A 58 7.83 -8.36 3.95
C LEU A 58 6.58 -9.03 4.52
N ASP A 59 5.82 -8.28 5.30
CA ASP A 59 4.59 -8.80 5.90
C ASP A 59 3.46 -7.80 5.74
N SER A 60 3.67 -6.79 4.90
CA SER A 60 2.66 -5.77 4.67
C SER A 60 2.76 -5.23 3.25
N TRP A 61 1.60 -5.00 2.62
CA TRP A 61 1.56 -4.48 1.26
C TRP A 61 1.64 -2.96 1.25
N TYR A 62 2.47 -2.43 0.37
CA TYR A 62 2.65 -0.98 0.27
C TYR A 62 2.23 -0.48 -1.11
N VAL A 63 1.52 0.65 -1.14
CA VAL A 63 1.06 1.24 -2.39
C VAL A 63 1.33 2.73 -2.43
N ILE A 64 2.02 3.17 -3.48
CA ILE A 64 2.35 4.58 -3.64
C ILE A 64 1.09 5.42 -3.86
N LEU A 65 0.83 6.33 -2.94
CA LEU A 65 -0.33 7.20 -3.04
C LEU A 65 0.04 8.56 -3.62
N ASN A 66 1.23 9.04 -3.27
CA ASN A 66 1.71 10.32 -3.76
C ASN A 66 3.24 10.39 -3.72
N GLY A 67 3.82 11.04 -4.71
CA GLY A 67 5.27 11.17 -4.77
C GLY A 67 5.90 10.11 -5.65
N THR A 68 7.23 10.06 -5.65
CA THR A 68 7.95 9.10 -6.46
C THR A 68 8.97 8.33 -5.62
N VAL A 69 9.02 7.01 -5.79
CA VAL A 69 9.95 6.18 -5.05
C VAL A 69 10.87 5.41 -5.99
N GLU A 70 12.14 5.30 -5.61
CA GLU A 70 13.13 4.60 -6.42
C GLU A 70 13.57 3.31 -5.73
N ILE A 71 13.89 2.30 -6.54
CA ILE A 71 14.34 1.01 -6.01
C ILE A 71 15.67 0.60 -6.63
N SER A 72 16.52 -0.03 -5.81
CA SER A 72 17.82 -0.47 -6.27
C SER A 72 18.05 -1.94 -5.94
N HIS A 73 18.55 -2.70 -6.91
CA HIS A 73 18.81 -4.12 -6.72
C HIS A 73 20.29 -4.38 -6.46
N PRO A 74 20.60 -5.41 -5.66
CA PRO A 74 21.98 -5.77 -5.32
C PRO A 74 22.73 -6.35 -6.51
N ASP A 75 21.99 -6.69 -7.56
CA ASP A 75 22.61 -7.24 -8.77
C ASP A 75 23.14 -6.14 -9.67
N GLY A 76 22.34 -5.08 -9.86
CA GLY A 76 22.76 -3.98 -10.70
C GLY A 76 21.61 -3.41 -11.51
N LYS A 77 20.45 -3.27 -10.88
CA LYS A 77 19.27 -2.74 -11.55
C LYS A 77 18.59 -1.69 -10.67
N VAL A 78 17.77 -0.83 -11.30
CA VAL A 78 17.06 0.21 -10.59
C VAL A 78 15.68 0.44 -11.19
N GLU A 79 14.64 0.19 -10.40
CA GLU A 79 13.27 0.36 -10.85
C GLU A 79 12.76 1.76 -10.53
N ASN A 80 11.79 2.23 -11.31
CA ASN A 80 11.22 3.55 -11.10
C ASN A 80 9.69 3.49 -11.05
N LEU A 81 9.14 3.70 -9.86
CA LEU A 81 7.69 3.68 -9.67
C LEU A 81 7.13 5.09 -9.55
N PHE A 82 5.84 5.23 -9.83
CA PHE A 82 5.18 6.53 -9.74
C PHE A 82 3.79 6.39 -9.15
N MET A 83 3.21 7.51 -8.74
CA MET A 83 1.87 7.52 -8.14
C MET A 83 0.97 6.51 -8.84
N GLY A 84 0.48 5.53 -8.08
CA GLY A 84 -0.40 4.52 -8.65
C GLY A 84 0.21 3.13 -8.59
N ASN A 85 1.53 3.05 -8.70
CA ASN A 85 2.22 1.77 -8.65
C ASN A 85 2.00 1.08 -7.31
N SER A 86 2.61 -0.09 -7.16
CA SER A 86 2.47 -0.86 -5.92
C SER A 86 3.70 -1.74 -5.69
N PHE A 87 4.03 -1.95 -4.42
CA PHE A 87 5.18 -2.77 -4.06
C PHE A 87 5.06 -3.29 -2.63
N GLY A 88 5.61 -4.48 -2.39
CA GLY A 88 5.55 -5.07 -1.07
C GLY A 88 5.37 -6.57 -1.11
N ILE A 89 4.24 -7.05 -0.61
CA ILE A 89 3.94 -8.47 -0.59
C ILE A 89 2.83 -8.82 -1.58
N THR A 90 2.43 -10.09 -1.59
CA THR A 90 1.37 -10.55 -2.48
C THR A 90 0.10 -10.87 -1.71
N PRO A 91 -1.05 -10.87 -2.42
CA PRO A 91 -2.34 -11.16 -1.81
C PRO A 91 -2.49 -12.62 -1.40
N THR A 92 -1.41 -13.38 -1.59
CA THR A 92 -1.41 -14.80 -1.24
C THR A 92 -0.88 -15.01 0.18
N LEU A 93 -1.43 -16.02 0.86
CA LEU A 93 -1.01 -16.33 2.23
C LEU A 93 0.51 -16.48 2.31
N ASP A 94 1.13 -16.81 1.19
CA ASP A 94 2.57 -16.99 1.13
C ASP A 94 3.29 -15.67 1.41
N LYS A 95 4.33 -15.73 2.23
CA LYS A 95 5.10 -14.53 2.57
C LYS A 95 6.07 -14.17 1.46
N GLN A 96 6.63 -12.97 1.53
CA GLN A 96 7.58 -12.50 0.52
C GLN A 96 8.74 -11.77 1.17
N TYR A 97 9.93 -11.94 0.60
CA TYR A 97 11.13 -11.29 1.12
C TYR A 97 11.67 -10.25 0.14
N MET A 98 12.15 -9.14 0.67
CA MET A 98 12.69 -8.07 -0.16
C MET A 98 13.96 -8.52 -0.88
N HIS A 99 14.18 -8.00 -2.08
CA HIS A 99 15.36 -8.35 -2.87
C HIS A 99 16.13 -7.11 -3.27
N GLY A 100 15.83 -5.99 -2.62
CA GLY A 100 16.51 -4.74 -2.94
C GLY A 100 16.29 -3.68 -1.87
N ILE A 101 16.47 -2.43 -2.25
CA ILE A 101 16.29 -1.31 -1.32
C ILE A 101 15.42 -0.22 -1.95
N VAL A 102 14.38 0.18 -1.22
CA VAL A 102 13.47 1.23 -1.70
C VAL A 102 13.75 2.55 -1.00
N ARG A 103 13.79 3.62 -1.78
CA ARG A 103 14.05 4.95 -1.22
C ARG A 103 13.29 6.02 -2.01
N THR A 104 12.58 6.88 -1.29
CA THR A 104 11.81 7.96 -1.93
C THR A 104 12.71 8.89 -2.72
N LYS A 105 12.11 9.67 -3.60
CA LYS A 105 12.86 10.61 -4.43
C LYS A 105 12.54 12.06 -4.03
N VAL A 106 11.36 12.26 -3.45
CA VAL A 106 10.95 13.59 -3.02
C VAL A 106 10.35 13.55 -1.62
N ASP A 107 9.85 14.70 -1.16
CA ASP A 107 9.26 14.80 0.17
C ASP A 107 7.73 14.71 0.08
N ASP A 108 7.07 14.82 1.23
CA ASP A 108 5.62 14.75 1.28
C ASP A 108 5.11 13.49 0.58
N CYS A 109 5.91 12.44 0.62
CA CYS A 109 5.53 11.17 -0.01
C CYS A 109 4.57 10.39 0.87
N GLN A 110 3.36 10.17 0.36
CA GLN A 110 2.34 9.43 1.10
C GLN A 110 2.35 7.96 0.72
N PHE A 111 2.13 7.09 1.71
CA PHE A 111 2.12 5.66 1.48
C PHE A 111 1.06 4.98 2.35
N VAL A 112 0.67 3.77 1.95
CA VAL A 112 -0.33 3.01 2.70
C VAL A 112 0.18 1.61 3.04
N CYS A 113 -0.22 1.12 4.21
CA CYS A 113 0.20 -0.20 4.66
C CYS A 113 -1.00 -1.12 4.86
N ILE A 114 -0.83 -2.40 4.53
CA ILE A 114 -1.91 -3.37 4.66
C ILE A 114 -1.36 -4.74 5.06
N ALA A 115 -1.81 -5.25 6.19
CA ALA A 115 -1.37 -6.56 6.68
C ALA A 115 -1.61 -7.64 5.63
N GLN A 116 -0.81 -8.71 5.69
CA GLN A 116 -0.93 -9.81 4.75
C GLN A 116 -2.30 -10.46 4.86
N GLN A 117 -2.58 -11.05 6.02
CA GLN A 117 -3.85 -11.73 6.26
C GLN A 117 -5.01 -10.92 5.68
N ASP A 118 -5.17 -9.68 6.16
CA ASP A 118 -6.23 -8.81 5.68
C ASP A 118 -6.16 -8.66 4.16
N TYR A 119 -4.95 -8.70 3.62
CA TYR A 119 -4.75 -8.56 2.18
C TYR A 119 -5.14 -9.84 1.45
N TRP A 120 -5.27 -10.92 2.19
CA TRP A 120 -5.64 -12.22 1.62
C TRP A 120 -7.05 -12.62 2.04
N ARG A 121 -7.70 -11.75 2.80
CA ARG A 121 -9.05 -12.02 3.28
C ARG A 121 -10.07 -11.19 2.51
N ILE A 122 -9.60 -10.45 1.51
CA ILE A 122 -10.48 -9.62 0.70
C ILE A 122 -10.38 -10.00 -0.78
N LEU A 123 -9.16 -9.99 -1.31
CA LEU A 123 -8.94 -10.34 -2.71
C LEU A 123 -9.25 -11.81 -2.97
N ASN A 124 -9.02 -12.64 -1.95
CA ASN A 124 -9.28 -14.08 -2.06
C ASN A 124 -10.78 -14.37 -1.98
N HIS A 125 -11.13 -15.64 -2.15
CA HIS A 125 -12.53 -16.04 -2.10
C HIS A 125 -12.86 -16.68 -0.76
N VAL A 126 -12.19 -16.20 0.29
CA VAL A 126 -12.41 -16.72 1.64
C VAL A 126 -13.70 -16.16 2.24
N GLU A 127 -14.27 -16.90 3.18
CA GLU A 127 -15.50 -16.48 3.84
C GLU A 127 -15.55 -14.96 3.98
N LYS A 128 -16.74 -14.39 3.78
CA LYS A 128 -16.92 -12.94 3.89
C LYS A 128 -16.14 -12.39 5.08
N SER A 129 -16.03 -13.19 6.13
CA SER A 129 -15.31 -12.77 7.33
C SER A 129 -14.06 -11.97 6.96
N GLY A 130 -14.17 -10.65 7.04
CA GLY A 130 -13.05 -9.79 6.72
C GLY A 130 -12.55 -9.01 7.93
N PRO A 131 -12.95 -7.74 8.01
CA PRO A 131 -12.55 -6.85 9.11
C PRO A 131 -13.21 -7.24 10.43
N SER A 132 -14.38 -7.88 10.34
CA SER A 132 -15.10 -8.30 11.53
C SER A 132 -14.64 -9.69 11.98
N SER A 133 -15.11 -10.10 13.15
CA SER A 133 -14.75 -11.40 13.71
C SER A 133 -15.88 -12.41 13.53
N GLY A 134 -15.54 -13.60 13.04
CA GLY A 134 -16.54 -14.62 12.83
C GLY A 134 -16.59 -15.11 11.39
N GLY A 1 -0.56 14.45 12.73
CA GLY A 1 -1.50 13.72 11.91
C GLY A 1 -2.90 13.69 12.50
N SER A 2 -3.38 14.86 12.92
CA SER A 2 -4.71 14.97 13.53
C SER A 2 -5.64 15.77 12.64
N SER A 3 -6.85 15.28 12.45
CA SER A 3 -7.84 15.96 11.62
C SER A 3 -9.06 16.37 12.45
N GLY A 4 -9.50 17.61 12.25
CA GLY A 4 -10.66 18.11 12.99
C GLY A 4 -11.82 18.42 12.08
N SER A 5 -12.27 17.43 11.32
CA SER A 5 -13.39 17.61 10.41
C SER A 5 -14.23 16.33 10.31
N SER A 6 -15.54 16.48 10.48
CA SER A 6 -16.46 15.34 10.41
C SER A 6 -16.20 14.52 9.16
N GLY A 7 -16.18 13.20 9.33
CA GLY A 7 -15.95 12.30 8.21
C GLY A 7 -16.95 11.18 8.14
N ASP A 8 -18.14 11.48 7.63
CA ASP A 8 -19.21 10.48 7.52
C ASP A 8 -18.94 9.56 6.34
N ASP A 9 -18.56 10.14 5.20
CA ASP A 9 -18.29 9.36 4.00
C ASP A 9 -16.80 9.40 3.67
N ASP A 10 -15.97 9.38 4.70
CA ASP A 10 -14.52 9.40 4.52
C ASP A 10 -14.08 8.31 3.55
N ILE A 11 -14.57 7.10 3.77
CA ILE A 11 -14.22 5.96 2.92
C ILE A 11 -14.66 6.20 1.48
N GLU A 12 -15.98 6.33 1.29
CA GLU A 12 -16.53 6.57 -0.04
C GLU A 12 -15.64 7.50 -0.84
N GLN A 13 -15.39 8.69 -0.29
CA GLN A 13 -14.55 9.68 -0.97
C GLN A 13 -13.21 9.07 -1.37
N LEU A 14 -12.65 8.24 -0.50
CA LEU A 14 -11.37 7.59 -0.77
C LEU A 14 -11.51 6.55 -1.88
N LEU A 15 -12.57 5.76 -1.82
CA LEU A 15 -12.82 4.74 -2.82
C LEU A 15 -12.73 5.31 -4.23
N GLU A 16 -13.35 6.47 -4.42
CA GLU A 16 -13.34 7.14 -5.73
C GLU A 16 -11.91 7.26 -6.26
N PHE A 17 -11.00 7.74 -5.41
CA PHE A 17 -9.61 7.91 -5.79
C PHE A 17 -8.99 6.58 -6.19
N MET A 18 -9.02 5.60 -5.29
CA MET A 18 -8.46 4.29 -5.56
C MET A 18 -8.87 3.80 -6.94
N HIS A 19 -10.12 4.06 -7.32
CA HIS A 19 -10.64 3.65 -8.62
C HIS A 19 -9.72 4.13 -9.74
N GLN A 20 -9.20 5.35 -9.59
CA GLN A 20 -8.32 5.94 -10.59
C GLN A 20 -7.07 5.08 -10.77
N LEU A 21 -6.45 4.71 -9.67
CA LEU A 21 -5.23 3.90 -9.70
C LEU A 21 -5.53 2.50 -10.26
N PRO A 22 -4.62 2.00 -11.10
CA PRO A 22 -4.77 0.67 -11.72
C PRO A 22 -4.60 -0.46 -10.72
N ALA A 23 -3.63 -0.30 -9.82
CA ALA A 23 -3.37 -1.31 -8.79
C ALA A 23 -4.56 -1.46 -7.85
N PHE A 24 -5.42 -0.44 -7.82
CA PHE A 24 -6.59 -0.46 -6.96
C PHE A 24 -7.84 -0.83 -7.75
N ALA A 25 -7.91 -0.37 -9.00
CA ALA A 25 -9.04 -0.67 -9.86
C ALA A 25 -9.11 -2.15 -10.20
N ASN A 26 -7.94 -2.79 -10.26
CA ASN A 26 -7.86 -4.21 -10.58
C ASN A 26 -8.97 -4.99 -9.87
N MET A 27 -9.28 -4.56 -8.64
CA MET A 27 -10.32 -5.23 -7.86
C MET A 27 -11.61 -4.40 -7.86
N THR A 28 -12.70 -5.03 -7.46
CA THR A 28 -13.99 -4.35 -7.41
C THR A 28 -14.13 -3.50 -6.16
N MET A 29 -14.99 -2.49 -6.23
CA MET A 29 -15.20 -1.60 -5.08
C MET A 29 -15.16 -2.38 -3.77
N SER A 30 -16.00 -3.40 -3.68
CA SER A 30 -16.05 -4.22 -2.46
C SER A 30 -14.67 -4.37 -1.84
N VAL A 31 -13.76 -5.01 -2.57
CA VAL A 31 -12.41 -5.22 -2.08
C VAL A 31 -11.83 -3.93 -1.51
N ARG A 32 -11.85 -2.87 -2.30
CA ARG A 32 -11.33 -1.58 -1.88
C ARG A 32 -11.86 -1.21 -0.49
N ARG A 33 -13.14 -0.87 -0.42
CA ARG A 33 -13.77 -0.49 0.84
C ARG A 33 -13.26 -1.36 1.98
N GLU A 34 -13.23 -2.67 1.75
CA GLU A 34 -12.76 -3.61 2.77
C GLU A 34 -11.33 -3.28 3.19
N LEU A 35 -10.49 -2.98 2.22
CA LEU A 35 -9.09 -2.65 2.50
C LEU A 35 -9.00 -1.40 3.37
N CYS A 36 -9.79 -0.40 3.05
CA CYS A 36 -9.80 0.85 3.80
C CYS A 36 -10.03 0.59 5.29
N SER A 37 -10.57 -0.59 5.60
CA SER A 37 -10.85 -0.96 6.97
C SER A 37 -9.56 -1.23 7.74
N VAL A 38 -8.57 -1.77 7.03
CA VAL A 38 -7.27 -2.09 7.64
C VAL A 38 -6.14 -1.33 6.95
N MET A 39 -6.49 -0.21 6.32
CA MET A 39 -5.49 0.60 5.62
C MET A 39 -4.76 1.52 6.59
N ILE A 40 -3.44 1.48 6.55
CA ILE A 40 -2.63 2.31 7.44
C ILE A 40 -2.24 3.62 6.75
N PHE A 41 -2.14 4.69 7.54
CA PHE A 41 -1.77 6.00 7.01
C PHE A 41 -0.34 6.35 7.37
N GLU A 42 0.48 6.61 6.35
CA GLU A 42 1.87 6.95 6.56
C GLU A 42 2.31 8.07 5.61
N VAL A 43 3.26 8.88 6.06
CA VAL A 43 3.76 9.98 5.24
C VAL A 43 5.23 10.27 5.55
N VAL A 44 6.05 10.29 4.51
CA VAL A 44 7.48 10.55 4.67
C VAL A 44 7.80 12.02 4.42
N GLU A 45 8.43 12.66 5.40
CA GLU A 45 8.80 14.06 5.29
C GLU A 45 10.19 14.22 4.69
N GLN A 46 11.12 13.40 5.15
CA GLN A 46 12.50 13.45 4.66
C GLN A 46 12.67 12.57 3.43
N ALA A 47 13.07 13.17 2.33
CA ALA A 47 13.27 12.45 1.08
C ALA A 47 14.44 11.47 1.20
N GLY A 48 14.63 10.65 0.17
CA GLY A 48 15.71 9.69 0.17
C GLY A 48 15.60 8.70 1.32
N ALA A 49 14.45 8.70 1.99
CA ALA A 49 14.22 7.80 3.11
C ALA A 49 13.99 6.38 2.63
N ILE A 50 14.55 5.41 3.36
CA ILE A 50 14.40 4.01 3.01
C ILE A 50 13.03 3.47 3.41
N ILE A 51 12.35 2.83 2.46
CA ILE A 51 11.02 2.28 2.72
C ILE A 51 11.11 0.80 3.08
N LEU A 52 12.01 0.08 2.41
CA LEU A 52 12.20 -1.34 2.65
C LEU A 52 13.63 -1.77 2.36
N GLU A 53 14.25 -2.44 3.32
CA GLU A 53 15.62 -2.90 3.17
C GLU A 53 15.66 -4.31 2.58
N ASP A 54 16.76 -4.63 1.89
CA ASP A 54 16.91 -5.95 1.28
C ASP A 54 17.01 -7.03 2.35
N GLY A 55 16.28 -8.13 2.12
CA GLY A 55 16.29 -9.23 3.07
C GLY A 55 15.39 -8.98 4.26
N GLN A 56 14.30 -8.24 4.04
CA GLN A 56 13.36 -7.93 5.11
C GLN A 56 12.02 -8.62 4.88
N GLU A 57 11.69 -9.57 5.75
CA GLU A 57 10.44 -10.31 5.64
C GLU A 57 9.25 -9.36 5.56
N LEU A 58 8.74 -9.16 4.34
CA LEU A 58 7.61 -8.27 4.11
C LEU A 58 6.31 -8.93 4.58
N ASP A 59 5.53 -8.20 5.36
CA ASP A 59 4.26 -8.71 5.87
C ASP A 59 3.15 -7.69 5.67
N SER A 60 3.41 -6.69 4.84
CA SER A 60 2.44 -5.64 4.57
C SER A 60 2.58 -5.13 3.13
N TRP A 61 1.45 -4.88 2.49
CA TRP A 61 1.45 -4.39 1.12
C TRP A 61 1.56 -2.86 1.09
N TYR A 62 2.39 -2.35 0.18
CA TYR A 62 2.59 -0.91 0.05
C TYR A 62 2.05 -0.40 -1.28
N VAL A 63 1.60 0.84 -1.30
CA VAL A 63 1.06 1.45 -2.51
C VAL A 63 1.34 2.95 -2.54
N ILE A 64 2.13 3.38 -3.52
CA ILE A 64 2.47 4.79 -3.67
C ILE A 64 1.22 5.65 -3.79
N LEU A 65 1.01 6.53 -2.82
CA LEU A 65 -0.15 7.41 -2.82
C LEU A 65 0.21 8.78 -3.37
N ASN A 66 1.48 9.17 -3.21
CA ASN A 66 1.95 10.46 -3.70
C ASN A 66 3.48 10.51 -3.70
N GLY A 67 4.03 11.20 -4.69
CA GLY A 67 5.48 11.31 -4.78
C GLY A 67 6.10 10.26 -5.66
N THR A 68 7.38 9.99 -5.47
CA THR A 68 8.09 9.00 -6.27
C THR A 68 9.07 8.21 -5.42
N VAL A 69 9.15 6.90 -5.67
CA VAL A 69 10.06 6.03 -4.92
C VAL A 69 11.02 5.30 -5.85
N GLU A 70 12.30 5.34 -5.51
CA GLU A 70 13.32 4.68 -6.32
C GLU A 70 13.79 3.38 -5.67
N ILE A 71 13.82 2.31 -6.45
CA ILE A 71 14.26 1.01 -5.94
C ILE A 71 15.62 0.63 -6.49
N SER A 72 16.43 -0.02 -5.65
CA SER A 72 17.77 -0.43 -6.05
C SER A 72 17.99 -1.91 -5.74
N HIS A 73 18.67 -2.61 -6.64
CA HIS A 73 18.96 -4.02 -6.46
C HIS A 73 20.45 -4.26 -6.27
N PRO A 74 20.80 -5.30 -5.50
CA PRO A 74 22.20 -5.66 -5.23
C PRO A 74 22.91 -6.20 -6.47
N ASP A 75 22.14 -6.53 -7.50
CA ASP A 75 22.69 -7.05 -8.74
C ASP A 75 23.20 -5.92 -9.63
N GLY A 76 22.43 -4.84 -9.70
CA GLY A 76 22.82 -3.71 -10.52
C GLY A 76 21.65 -3.13 -11.29
N LYS A 77 20.46 -3.21 -10.72
CA LYS A 77 19.25 -2.69 -11.36
C LYS A 77 18.53 -1.70 -10.45
N VAL A 78 17.86 -0.73 -11.06
CA VAL A 78 17.13 0.28 -10.30
C VAL A 78 15.77 0.56 -10.94
N GLU A 79 14.72 0.08 -10.29
CA GLU A 79 13.36 0.27 -10.79
C GLU A 79 12.87 1.70 -10.50
N ASN A 80 11.79 2.09 -11.16
CA ASN A 80 11.23 3.42 -10.97
C ASN A 80 9.70 3.36 -10.93
N LEU A 81 9.14 3.71 -9.77
CA LEU A 81 7.69 3.70 -9.60
C LEU A 81 7.16 5.11 -9.41
N PHE A 82 5.89 5.31 -9.76
CA PHE A 82 5.25 6.62 -9.62
C PHE A 82 3.84 6.48 -9.07
N MET A 83 3.23 7.61 -8.73
CA MET A 83 1.88 7.62 -8.19
C MET A 83 0.98 6.66 -8.95
N GLY A 84 0.52 5.61 -8.26
CA GLY A 84 -0.34 4.63 -8.89
C GLY A 84 0.22 3.23 -8.80
N ASN A 85 1.54 3.12 -8.87
CA ASN A 85 2.20 1.81 -8.80
C ASN A 85 1.92 1.13 -7.46
N SER A 86 2.38 -0.10 -7.32
CA SER A 86 2.18 -0.86 -6.09
C SER A 86 3.39 -1.74 -5.79
N PHE A 87 3.78 -1.79 -4.52
CA PHE A 87 4.92 -2.60 -4.10
C PHE A 87 4.70 -3.16 -2.70
N GLY A 88 5.48 -4.17 -2.35
CA GLY A 88 5.36 -4.78 -1.04
C GLY A 88 5.27 -6.29 -1.11
N ILE A 89 4.15 -6.84 -0.63
CA ILE A 89 3.94 -8.27 -0.64
C ILE A 89 2.82 -8.66 -1.60
N THR A 90 2.64 -9.96 -1.79
CA THR A 90 1.60 -10.47 -2.69
C THR A 90 0.32 -10.78 -1.91
N PRO A 91 -0.82 -10.77 -2.62
CA PRO A 91 -2.13 -11.04 -2.03
C PRO A 91 -2.28 -12.51 -1.61
N THR A 92 -1.22 -13.28 -1.78
CA THR A 92 -1.22 -14.70 -1.43
C THR A 92 -0.60 -14.91 -0.05
N LEU A 93 -1.24 -15.73 0.76
CA LEU A 93 -0.75 -16.03 2.11
C LEU A 93 0.78 -16.20 2.09
N ASP A 94 1.30 -16.75 1.00
CA ASP A 94 2.73 -16.96 0.86
C ASP A 94 3.51 -15.72 1.28
N LYS A 95 4.69 -15.94 1.85
CA LYS A 95 5.53 -14.84 2.31
C LYS A 95 6.69 -14.60 1.34
N GLN A 96 7.22 -13.38 1.34
CA GLN A 96 8.32 -13.02 0.46
C GLN A 96 9.36 -12.18 1.20
N TYR A 97 10.48 -11.92 0.53
CA TYR A 97 11.54 -11.12 1.13
C TYR A 97 11.99 -10.02 0.17
N MET A 98 12.10 -8.80 0.71
CA MET A 98 12.51 -7.66 -0.09
C MET A 98 13.79 -7.97 -0.87
N HIS A 99 13.64 -8.21 -2.18
CA HIS A 99 14.77 -8.52 -3.03
C HIS A 99 15.49 -7.25 -3.47
N GLY A 100 15.64 -6.31 -2.54
CA GLY A 100 16.31 -5.06 -2.85
C GLY A 100 16.06 -3.99 -1.81
N ILE A 101 16.41 -2.76 -2.13
CA ILE A 101 16.22 -1.64 -1.21
C ILE A 101 15.40 -0.53 -1.85
N VAL A 102 14.41 -0.03 -1.13
CA VAL A 102 13.56 1.04 -1.62
C VAL A 102 13.85 2.36 -0.92
N ARG A 103 13.93 3.44 -1.70
CA ARG A 103 14.20 4.75 -1.14
C ARG A 103 13.39 5.83 -1.87
N THR A 104 12.74 6.69 -1.09
CA THR A 104 11.93 7.76 -1.65
C THR A 104 12.75 8.67 -2.56
N LYS A 105 12.08 9.42 -3.41
CA LYS A 105 12.75 10.33 -4.32
C LYS A 105 12.46 11.79 -3.96
N VAL A 106 11.32 12.01 -3.32
CA VAL A 106 10.92 13.35 -2.92
C VAL A 106 10.34 13.35 -1.51
N ASP A 107 10.00 14.54 -1.01
CA ASP A 107 9.43 14.67 0.33
C ASP A 107 7.91 14.70 0.26
N ASP A 108 7.28 14.69 1.43
CA ASP A 108 5.82 14.70 1.52
C ASP A 108 5.23 13.51 0.77
N CYS A 109 5.98 12.41 0.71
CA CYS A 109 5.53 11.22 0.03
C CYS A 109 4.51 10.45 0.89
N GLN A 110 3.39 10.08 0.28
CA GLN A 110 2.35 9.35 0.99
C GLN A 110 2.38 7.87 0.62
N PHE A 111 2.15 7.02 1.61
CA PHE A 111 2.15 5.57 1.39
C PHE A 111 1.13 4.89 2.31
N VAL A 112 0.68 3.71 1.90
CA VAL A 112 -0.29 2.95 2.68
C VAL A 112 0.21 1.54 2.95
N CYS A 113 -0.20 0.98 4.08
CA CYS A 113 0.20 -0.37 4.46
C CYS A 113 -1.01 -1.23 4.81
N ILE A 114 -1.00 -2.47 4.35
CA ILE A 114 -2.11 -3.39 4.62
C ILE A 114 -1.58 -4.76 5.02
N ALA A 115 -1.95 -5.20 6.23
CA ALA A 115 -1.53 -6.50 6.73
C ALA A 115 -1.70 -7.58 5.67
N GLN A 116 -0.81 -8.58 5.70
CA GLN A 116 -0.86 -9.67 4.74
C GLN A 116 -2.19 -10.40 4.82
N GLN A 117 -2.52 -10.91 6.01
CA GLN A 117 -3.77 -11.64 6.21
C GLN A 117 -4.93 -10.88 5.59
N ASP A 118 -5.18 -9.67 6.07
CA ASP A 118 -6.27 -8.85 5.55
C ASP A 118 -6.16 -8.69 4.04
N TYR A 119 -4.94 -8.60 3.54
CA TYR A 119 -4.71 -8.44 2.11
C TYR A 119 -5.08 -9.70 1.35
N TRP A 120 -5.15 -10.82 2.07
CA TRP A 120 -5.51 -12.09 1.47
C TRP A 120 -6.89 -12.56 1.93
N ARG A 121 -7.52 -11.75 2.77
CA ARG A 121 -8.84 -12.08 3.28
C ARG A 121 -9.92 -11.26 2.57
N ILE A 122 -9.50 -10.44 1.61
CA ILE A 122 -10.43 -9.62 0.85
C ILE A 122 -10.45 -10.02 -0.62
N LEU A 123 -9.27 -9.99 -1.25
CA LEU A 123 -9.15 -10.34 -2.66
C LEU A 123 -9.51 -11.81 -2.87
N ASN A 124 -8.92 -12.69 -2.06
CA ASN A 124 -9.19 -14.12 -2.16
C ASN A 124 -10.65 -14.43 -1.87
N HIS A 125 -11.02 -15.71 -1.99
CA HIS A 125 -12.39 -16.14 -1.72
C HIS A 125 -12.46 -16.98 -0.45
N VAL A 126 -11.98 -16.42 0.65
CA VAL A 126 -11.99 -17.11 1.93
C VAL A 126 -13.26 -16.82 2.71
N GLU A 127 -13.85 -17.85 3.31
CA GLU A 127 -15.07 -17.70 4.09
C GLU A 127 -14.75 -17.27 5.51
N LYS A 128 -15.70 -16.57 6.14
CA LYS A 128 -15.53 -16.11 7.51
C LYS A 128 -14.34 -15.15 7.61
N SER A 129 -14.30 -14.17 6.72
CA SER A 129 -13.21 -13.19 6.70
C SER A 129 -13.66 -11.90 6.03
N GLY A 130 -13.04 -10.79 6.43
CA GLY A 130 -13.38 -9.50 5.85
C GLY A 130 -14.80 -9.08 6.18
N PRO A 131 -15.02 -7.77 6.35
CA PRO A 131 -16.33 -7.22 6.66
C PRO A 131 -17.30 -7.31 5.48
N SER A 132 -18.56 -7.62 5.78
CA SER A 132 -19.58 -7.75 4.75
C SER A 132 -20.58 -6.60 4.82
N SER A 133 -21.18 -6.27 3.69
CA SER A 133 -22.15 -5.18 3.62
C SER A 133 -23.54 -5.72 3.30
N GLY A 134 -24.39 -5.80 4.32
CA GLY A 134 -25.75 -6.30 4.13
C GLY A 134 -26.79 -5.21 4.31
N GLY A 1 2.29 16.74 15.92
CA GLY A 1 1.05 16.50 16.64
C GLY A 1 0.55 15.08 16.49
N SER A 2 -0.35 14.67 17.37
CA SER A 2 -0.90 13.31 17.34
C SER A 2 -1.86 13.15 16.16
N SER A 3 -1.32 12.70 15.03
CA SER A 3 -2.12 12.51 13.82
C SER A 3 -3.18 11.43 14.05
N GLY A 4 -4.23 11.47 13.24
CA GLY A 4 -5.30 10.49 13.36
C GLY A 4 -6.38 10.69 12.32
N SER A 5 -7.62 10.40 12.70
CA SER A 5 -8.76 10.54 11.79
C SER A 5 -8.92 11.99 11.34
N SER A 6 -9.26 12.17 10.07
CA SER A 6 -9.45 13.51 9.51
C SER A 6 -10.66 13.56 8.61
N GLY A 7 -11.60 14.45 8.92
CA GLY A 7 -12.79 14.58 8.11
C GLY A 7 -13.96 13.80 8.68
N ASP A 8 -14.89 13.40 7.82
CA ASP A 8 -16.06 12.64 8.24
C ASP A 8 -16.22 11.37 7.41
N ASP A 9 -16.18 11.54 6.08
CA ASP A 9 -16.32 10.40 5.18
C ASP A 9 -15.02 10.17 4.39
N ASP A 10 -14.02 9.63 5.08
CA ASP A 10 -12.74 9.35 4.45
C ASP A 10 -12.88 8.31 3.34
N ILE A 11 -13.52 7.19 3.67
CA ILE A 11 -13.73 6.12 2.70
C ILE A 11 -14.27 6.66 1.39
N GLU A 12 -15.38 7.40 1.46
CA GLU A 12 -16.00 7.98 0.28
C GLU A 12 -14.96 8.67 -0.60
N GLN A 13 -14.02 9.37 0.04
CA GLN A 13 -12.97 10.08 -0.67
C GLN A 13 -11.94 9.10 -1.23
N LEU A 14 -11.64 8.07 -0.46
CA LEU A 14 -10.67 7.06 -0.87
C LEU A 14 -11.19 6.25 -2.06
N LEU A 15 -12.30 5.54 -1.85
CA LEU A 15 -12.90 4.74 -2.90
C LEU A 15 -12.73 5.40 -4.27
N GLU A 16 -13.28 6.59 -4.41
CA GLU A 16 -13.19 7.33 -5.67
C GLU A 16 -11.74 7.40 -6.15
N PHE A 17 -10.82 7.69 -5.24
CA PHE A 17 -9.41 7.78 -5.57
C PHE A 17 -8.86 6.43 -6.01
N MET A 18 -8.93 5.45 -5.10
CA MET A 18 -8.44 4.10 -5.38
C MET A 18 -8.83 3.68 -6.80
N HIS A 19 -9.97 4.18 -7.26
CA HIS A 19 -10.47 3.85 -8.60
C HIS A 19 -9.50 4.34 -9.67
N GLN A 20 -9.02 5.57 -9.51
CA GLN A 20 -8.10 6.16 -10.46
C GLN A 20 -6.84 5.31 -10.62
N LEU A 21 -6.33 4.81 -9.50
CA LEU A 21 -5.14 3.97 -9.50
C LEU A 21 -5.45 2.59 -10.07
N PRO A 22 -4.53 2.06 -10.88
CA PRO A 22 -4.67 0.75 -11.51
C PRO A 22 -4.55 -0.39 -10.49
N ALA A 23 -3.54 -0.31 -9.64
CA ALA A 23 -3.31 -1.32 -8.62
C ALA A 23 -4.56 -1.55 -7.78
N PHE A 24 -5.30 -0.47 -7.54
CA PHE A 24 -6.53 -0.54 -6.74
C PHE A 24 -7.71 -0.97 -7.61
N ALA A 25 -7.57 -0.78 -8.92
CA ALA A 25 -8.63 -1.14 -9.85
C ALA A 25 -8.62 -2.64 -10.15
N ASN A 26 -7.45 -3.26 -10.04
CA ASN A 26 -7.32 -4.69 -10.28
C ASN A 26 -8.40 -5.48 -9.55
N MET A 27 -8.68 -5.06 -8.32
CA MET A 27 -9.71 -5.74 -7.51
C MET A 27 -11.09 -5.13 -7.78
N THR A 28 -12.09 -5.61 -7.06
CA THR A 28 -13.45 -5.13 -7.21
C THR A 28 -13.76 -4.04 -6.19
N MET A 29 -14.58 -3.07 -6.60
CA MET A 29 -14.95 -1.96 -5.72
C MET A 29 -15.13 -2.46 -4.28
N SER A 30 -15.80 -3.60 -4.14
CA SER A 30 -16.03 -4.17 -2.81
C SER A 30 -14.74 -4.32 -2.04
N VAL A 31 -13.78 -5.05 -2.61
CA VAL A 31 -12.50 -5.27 -1.96
C VAL A 31 -11.90 -3.95 -1.47
N ARG A 32 -12.03 -2.91 -2.29
CA ARG A 32 -11.50 -1.59 -1.93
C ARG A 32 -11.93 -1.19 -0.53
N ARG A 33 -13.21 -0.86 -0.38
CA ARG A 33 -13.74 -0.46 0.92
C ARG A 33 -13.16 -1.33 2.04
N GLU A 34 -13.28 -2.64 1.89
CA GLU A 34 -12.77 -3.58 2.88
C GLU A 34 -11.35 -3.21 3.29
N LEU A 35 -10.54 -2.81 2.32
CA LEU A 35 -9.16 -2.42 2.58
C LEU A 35 -9.09 -1.14 3.40
N CYS A 36 -9.87 -0.13 2.98
CA CYS A 36 -9.90 1.15 3.68
C CYS A 36 -10.08 0.94 5.18
N SER A 37 -10.71 -0.17 5.55
CA SER A 37 -10.96 -0.49 6.95
C SER A 37 -9.68 -0.93 7.64
N VAL A 38 -8.81 -1.60 6.90
CA VAL A 38 -7.55 -2.09 7.43
C VAL A 38 -6.36 -1.36 6.81
N MET A 39 -6.65 -0.22 6.19
CA MET A 39 -5.60 0.57 5.55
C MET A 39 -4.86 1.43 6.57
N ILE A 40 -3.54 1.36 6.56
CA ILE A 40 -2.72 2.13 7.48
C ILE A 40 -2.27 3.44 6.86
N PHE A 41 -2.21 4.49 7.68
CA PHE A 41 -1.79 5.81 7.21
C PHE A 41 -0.32 6.06 7.54
N GLU A 42 0.48 6.29 6.51
CA GLU A 42 1.90 6.56 6.69
C GLU A 42 2.40 7.62 5.71
N VAL A 43 3.22 8.53 6.20
CA VAL A 43 3.76 9.60 5.37
C VAL A 43 5.23 9.85 5.70
N VAL A 44 6.03 10.03 4.66
CA VAL A 44 7.47 10.29 4.83
C VAL A 44 7.78 11.76 4.62
N GLU A 45 8.40 12.38 5.63
CA GLU A 45 8.77 13.78 5.56
C GLU A 45 10.17 13.96 4.97
N GLN A 46 11.09 13.10 5.39
CA GLN A 46 12.47 13.15 4.91
C GLN A 46 12.62 12.37 3.62
N ALA A 47 13.13 13.02 2.58
CA ALA A 47 13.33 12.38 1.28
C ALA A 47 14.44 11.32 1.36
N GLY A 48 14.57 10.54 0.30
CA GLY A 48 15.58 9.50 0.28
C GLY A 48 15.40 8.47 1.38
N ALA A 49 14.24 8.51 2.03
CA ALA A 49 13.95 7.59 3.11
C ALA A 49 13.82 6.15 2.60
N ILE A 50 14.38 5.21 3.34
CA ILE A 50 14.32 3.80 2.96
C ILE A 50 12.97 3.20 3.28
N ILE A 51 12.28 2.72 2.25
CA ILE A 51 10.96 2.10 2.43
C ILE A 51 11.09 0.63 2.78
N LEU A 52 12.00 -0.06 2.11
CA LEU A 52 12.22 -1.48 2.37
C LEU A 52 13.68 -1.85 2.14
N GLU A 53 14.28 -2.50 3.13
CA GLU A 53 15.68 -2.92 3.02
C GLU A 53 15.79 -4.32 2.43
N ASP A 54 16.86 -4.55 1.68
CA ASP A 54 17.09 -5.84 1.05
C ASP A 54 17.16 -6.96 2.09
N GLY A 55 16.11 -7.77 2.17
CA GLY A 55 16.08 -8.85 3.14
C GLY A 55 15.12 -8.58 4.28
N GLN A 56 14.14 -7.72 4.04
CA GLN A 56 13.16 -7.38 5.06
C GLN A 56 11.87 -8.16 4.86
N GLU A 57 11.64 -9.15 5.71
CA GLU A 57 10.45 -9.97 5.62
C GLU A 57 9.21 -9.12 5.40
N LEU A 58 8.82 -8.97 4.13
CA LEU A 58 7.64 -8.18 3.78
C LEU A 58 6.36 -8.85 4.26
N ASP A 59 5.63 -8.16 5.12
CA ASP A 59 4.38 -8.68 5.66
C ASP A 59 3.24 -7.69 5.44
N SER A 60 3.57 -6.51 4.92
CA SER A 60 2.57 -5.48 4.67
C SER A 60 2.67 -4.98 3.22
N TRP A 61 1.51 -4.69 2.64
CA TRP A 61 1.46 -4.20 1.26
C TRP A 61 1.62 -2.68 1.22
N TYR A 62 2.59 -2.21 0.44
CA TYR A 62 2.84 -0.78 0.31
C TYR A 62 2.39 -0.27 -1.05
N VAL A 63 1.70 0.87 -1.06
CA VAL A 63 1.22 1.47 -2.30
C VAL A 63 1.51 2.96 -2.33
N ILE A 64 2.14 3.41 -3.40
CA ILE A 64 2.47 4.83 -3.56
C ILE A 64 1.21 5.69 -3.62
N LEU A 65 1.00 6.50 -2.60
CA LEU A 65 -0.17 7.37 -2.54
C LEU A 65 0.13 8.72 -3.19
N ASN A 66 1.30 9.27 -2.90
CA ASN A 66 1.70 10.55 -3.46
C ASN A 66 3.22 10.67 -3.51
N GLY A 67 3.74 11.06 -4.68
CA GLY A 67 5.17 11.21 -4.84
C GLY A 67 5.77 10.12 -5.70
N THR A 68 7.10 10.01 -5.69
CA THR A 68 7.79 9.01 -6.48
C THR A 68 8.77 8.20 -5.62
N VAL A 69 8.96 6.94 -5.97
CA VAL A 69 9.87 6.07 -5.23
C VAL A 69 10.80 5.32 -6.18
N GLU A 70 12.07 5.22 -5.80
CA GLU A 70 13.06 4.53 -6.61
C GLU A 70 13.53 3.25 -5.93
N ILE A 71 13.73 2.21 -6.72
CA ILE A 71 14.17 0.92 -6.19
C ILE A 71 15.56 0.55 -6.73
N SER A 72 16.43 0.10 -5.84
CA SER A 72 17.78 -0.29 -6.22
C SER A 72 18.05 -1.74 -5.88
N HIS A 73 18.75 -2.44 -6.77
CA HIS A 73 19.08 -3.84 -6.56
C HIS A 73 20.58 -4.02 -6.31
N PRO A 74 20.92 -5.07 -5.56
CA PRO A 74 22.32 -5.37 -5.23
C PRO A 74 23.11 -5.87 -6.43
N ASP A 75 22.40 -6.27 -7.48
CA ASP A 75 23.03 -6.75 -8.70
C ASP A 75 23.60 -5.60 -9.52
N GLY A 76 22.80 -4.55 -9.68
CA GLY A 76 23.23 -3.39 -10.44
C GLY A 76 22.13 -2.80 -11.28
N LYS A 77 20.89 -2.89 -10.79
CA LYS A 77 19.74 -2.35 -11.51
C LYS A 77 18.92 -1.43 -10.61
N VAL A 78 18.24 -0.46 -11.22
CA VAL A 78 17.43 0.49 -10.48
C VAL A 78 16.10 0.74 -11.18
N GLU A 79 15.00 0.38 -10.52
CA GLU A 79 13.67 0.57 -11.08
C GLU A 79 13.13 1.96 -10.76
N ASN A 80 12.01 2.31 -11.39
CA ASN A 80 11.39 3.62 -11.16
C ASN A 80 9.87 3.50 -11.18
N LEU A 81 9.26 3.71 -10.02
CA LEU A 81 7.81 3.64 -9.89
C LEU A 81 7.21 5.01 -9.62
N PHE A 82 5.96 5.19 -10.02
CA PHE A 82 5.27 6.47 -9.82
C PHE A 82 3.87 6.24 -9.24
N MET A 83 3.23 7.33 -8.85
CA MET A 83 1.88 7.25 -8.29
C MET A 83 1.02 6.26 -9.06
N GLY A 84 0.66 5.17 -8.40
CA GLY A 84 -0.16 4.15 -9.04
C GLY A 84 0.42 2.75 -8.90
N ASN A 85 1.75 2.67 -8.89
CA ASN A 85 2.43 1.39 -8.77
C ASN A 85 2.14 0.76 -7.41
N SER A 86 2.63 -0.47 -7.22
CA SER A 86 2.42 -1.19 -5.96
C SER A 86 3.62 -2.08 -5.64
N PHE A 87 3.92 -2.21 -4.36
CA PHE A 87 5.04 -3.03 -3.93
C PHE A 87 4.92 -3.37 -2.44
N GLY A 88 5.45 -4.53 -2.05
CA GLY A 88 5.39 -4.95 -0.67
C GLY A 88 5.23 -6.45 -0.52
N ILE A 89 3.99 -6.92 -0.54
CA ILE A 89 3.72 -8.34 -0.40
C ILE A 89 2.58 -8.77 -1.33
N THR A 90 2.44 -10.08 -1.53
CA THR A 90 1.39 -10.62 -2.38
C THR A 90 0.10 -10.83 -1.61
N PRO A 91 -1.04 -10.75 -2.31
CA PRO A 91 -2.36 -10.93 -1.70
C PRO A 91 -2.62 -12.36 -1.29
N THR A 92 -1.60 -13.22 -1.46
CA THR A 92 -1.71 -14.62 -1.11
C THR A 92 -1.06 -14.91 0.25
N LEU A 93 -1.71 -15.72 1.06
CA LEU A 93 -1.19 -16.07 2.37
C LEU A 93 0.34 -16.21 2.34
N ASP A 94 0.85 -16.66 1.20
CA ASP A 94 2.29 -16.84 1.03
C ASP A 94 3.04 -15.56 1.38
N LYS A 95 4.21 -15.71 1.98
CA LYS A 95 5.03 -14.57 2.37
C LYS A 95 6.06 -14.25 1.29
N GLN A 96 6.93 -13.28 1.58
CA GLN A 96 7.96 -12.88 0.63
C GLN A 96 8.96 -11.94 1.28
N TYR A 97 10.14 -11.81 0.68
CA TYR A 97 11.19 -10.95 1.21
C TYR A 97 11.59 -9.90 0.18
N MET A 98 12.09 -8.77 0.67
CA MET A 98 12.52 -7.68 -0.21
C MET A 98 13.81 -8.05 -0.93
N HIS A 99 13.74 -8.11 -2.26
CA HIS A 99 14.90 -8.44 -3.07
C HIS A 99 15.60 -7.18 -3.58
N GLY A 100 15.80 -6.22 -2.67
CA GLY A 100 16.46 -4.99 -3.04
C GLY A 100 16.31 -3.91 -1.98
N ILE A 101 16.49 -2.66 -2.38
CA ILE A 101 16.37 -1.54 -1.45
C ILE A 101 15.56 -0.40 -2.05
N VAL A 102 14.43 -0.09 -1.42
CA VAL A 102 13.56 0.98 -1.88
C VAL A 102 13.90 2.30 -1.20
N ARG A 103 13.84 3.39 -1.96
CA ARG A 103 14.13 4.71 -1.43
C ARG A 103 13.33 5.78 -2.17
N THR A 104 12.75 6.71 -1.41
CA THR A 104 11.96 7.78 -1.99
C THR A 104 12.83 8.70 -2.86
N LYS A 105 12.18 9.47 -3.72
CA LYS A 105 12.88 10.39 -4.60
C LYS A 105 12.58 11.84 -4.24
N VAL A 106 11.55 12.03 -3.42
CA VAL A 106 11.15 13.37 -2.99
C VAL A 106 10.66 13.36 -1.54
N ASP A 107 10.27 14.53 -1.05
CA ASP A 107 9.78 14.65 0.31
C ASP A 107 8.26 14.76 0.34
N ASP A 108 7.67 14.51 1.50
CA ASP A 108 6.21 14.57 1.65
C ASP A 108 5.53 13.49 0.83
N CYS A 109 6.04 12.26 0.94
CA CYS A 109 5.48 11.14 0.20
C CYS A 109 4.47 10.37 1.05
N GLN A 110 3.31 10.07 0.46
CA GLN A 110 2.27 9.35 1.17
C GLN A 110 2.31 7.86 0.82
N PHE A 111 2.08 7.01 1.83
CA PHE A 111 2.09 5.57 1.63
C PHE A 111 1.04 4.89 2.50
N VAL A 112 0.70 3.66 2.15
CA VAL A 112 -0.29 2.90 2.90
C VAL A 112 0.19 1.47 3.16
N CYS A 113 -0.14 0.95 4.34
CA CYS A 113 0.26 -0.40 4.71
C CYS A 113 -0.95 -1.24 5.09
N ILE A 114 -1.06 -2.42 4.50
CA ILE A 114 -2.17 -3.32 4.78
C ILE A 114 -1.68 -4.70 5.19
N ALA A 115 -2.06 -5.12 6.40
CA ALA A 115 -1.65 -6.42 6.92
C ALA A 115 -1.95 -7.53 5.91
N GLN A 116 -1.09 -8.54 5.87
CA GLN A 116 -1.26 -9.66 4.95
C GLN A 116 -2.63 -10.30 5.12
N GLN A 117 -2.87 -10.89 6.28
CA GLN A 117 -4.14 -11.54 6.57
C GLN A 117 -5.30 -10.74 5.98
N ASP A 118 -5.55 -9.57 6.52
CA ASP A 118 -6.63 -8.71 6.05
C ASP A 118 -6.56 -8.54 4.53
N TYR A 119 -5.34 -8.55 4.00
CA TYR A 119 -5.14 -8.39 2.56
C TYR A 119 -5.58 -9.64 1.81
N TRP A 120 -5.39 -10.79 2.43
CA TRP A 120 -5.77 -12.06 1.82
C TRP A 120 -7.15 -12.50 2.30
N ARG A 121 -7.76 -11.69 3.16
CA ARG A 121 -9.09 -12.00 3.70
C ARG A 121 -10.17 -11.22 2.95
N ILE A 122 -9.73 -10.37 2.02
CA ILE A 122 -10.66 -9.55 1.25
C ILE A 122 -10.69 -10.00 -0.21
N LEU A 123 -9.50 -10.12 -0.81
CA LEU A 123 -9.39 -10.52 -2.21
C LEU A 123 -9.76 -12.00 -2.37
N ASN A 124 -9.63 -12.76 -1.29
CA ASN A 124 -9.95 -14.19 -1.31
C ASN A 124 -11.40 -14.41 -0.88
N HIS A 125 -11.79 -15.69 -0.77
CA HIS A 125 -13.15 -16.04 -0.38
C HIS A 125 -13.14 -16.87 0.90
N VAL A 126 -12.79 -16.23 2.01
CA VAL A 126 -12.74 -16.91 3.31
C VAL A 126 -14.10 -16.91 3.98
N GLU A 127 -15.04 -16.17 3.40
CA GLU A 127 -16.39 -16.10 3.94
C GLU A 127 -16.36 -15.90 5.46
N LYS A 128 -15.61 -14.91 5.91
CA LYS A 128 -15.49 -14.62 7.33
C LYS A 128 -15.94 -13.20 7.63
N SER A 129 -16.93 -12.71 6.89
CA SER A 129 -17.44 -11.37 7.08
C SER A 129 -16.34 -10.32 6.89
N GLY A 130 -15.67 -10.39 5.74
CA GLY A 130 -14.60 -9.46 5.46
C GLY A 130 -13.51 -9.48 6.51
N PRO A 131 -12.75 -8.38 6.60
CA PRO A 131 -11.65 -8.25 7.56
C PRO A 131 -12.17 -8.13 8.99
N SER A 132 -12.11 -9.24 9.74
CA SER A 132 -12.56 -9.25 11.13
C SER A 132 -11.48 -9.78 12.05
N SER A 133 -10.96 -8.90 12.91
CA SER A 133 -9.91 -9.27 13.85
C SER A 133 -10.30 -8.90 15.27
N GLY A 134 -11.04 -9.79 15.92
CA GLY A 134 -11.47 -9.53 17.29
C GLY A 134 -11.23 -10.72 18.20
N GLY A 1 -1.48 10.26 13.03
CA GLY A 1 -2.26 10.24 11.80
C GLY A 1 -3.64 10.82 11.98
N SER A 2 -3.71 12.04 12.52
CA SER A 2 -4.99 12.70 12.76
C SER A 2 -5.44 13.47 11.52
N SER A 3 -6.63 13.13 11.02
CA SER A 3 -7.17 13.79 9.83
C SER A 3 -7.50 15.25 10.13
N GLY A 4 -8.15 15.48 11.26
CA GLY A 4 -8.51 16.84 11.63
C GLY A 4 -9.88 17.23 11.11
N SER A 5 -9.95 17.63 9.85
CA SER A 5 -11.20 18.04 9.23
C SER A 5 -11.88 16.85 8.54
N SER A 6 -12.73 16.16 9.28
CA SER A 6 -13.45 15.00 8.75
C SER A 6 -14.61 15.45 7.88
N GLY A 7 -14.58 15.05 6.61
CA GLY A 7 -15.65 15.42 5.70
C GLY A 7 -16.96 14.72 6.01
N ASP A 8 -17.81 14.57 5.00
CA ASP A 8 -19.10 13.92 5.18
C ASP A 8 -18.99 12.42 4.94
N ASP A 9 -18.37 12.06 3.82
CA ASP A 9 -18.20 10.65 3.47
C ASP A 9 -16.74 10.35 3.15
N ASP A 10 -15.97 10.04 4.18
CA ASP A 10 -14.55 9.72 4.01
C ASP A 10 -14.37 8.53 3.08
N ILE A 11 -14.96 7.40 3.44
CA ILE A 11 -14.87 6.18 2.65
C ILE A 11 -15.12 6.47 1.18
N GLU A 12 -16.17 7.25 0.90
CA GLU A 12 -16.51 7.60 -0.47
C GLU A 12 -15.45 8.51 -1.09
N GLN A 13 -14.95 9.45 -0.30
CA GLN A 13 -13.93 10.38 -0.77
C GLN A 13 -12.59 9.67 -0.95
N LEU A 14 -12.46 8.51 -0.32
CA LEU A 14 -11.23 7.73 -0.41
C LEU A 14 -11.31 6.70 -1.54
N LEU A 15 -12.48 6.07 -1.67
CA LEU A 15 -12.68 5.06 -2.70
C LEU A 15 -12.49 5.67 -4.09
N GLU A 16 -13.24 6.74 -4.38
CA GLU A 16 -13.14 7.41 -5.67
C GLU A 16 -11.70 7.53 -6.12
N PHE A 17 -10.80 7.76 -5.16
CA PHE A 17 -9.38 7.90 -5.45
C PHE A 17 -8.78 6.56 -5.88
N MET A 18 -9.00 5.54 -5.07
CA MET A 18 -8.48 4.21 -5.36
C MET A 18 -8.86 3.77 -6.77
N HIS A 19 -9.99 4.29 -7.26
CA HIS A 19 -10.47 3.95 -8.59
C HIS A 19 -9.53 4.51 -9.66
N GLN A 20 -8.89 5.62 -9.34
CA GLN A 20 -7.97 6.26 -10.28
C GLN A 20 -6.71 5.41 -10.48
N LEU A 21 -6.15 4.92 -9.37
CA LEU A 21 -4.96 4.09 -9.42
C LEU A 21 -5.27 2.72 -10.01
N PRO A 22 -4.34 2.21 -10.84
CA PRO A 22 -4.49 0.90 -11.49
C PRO A 22 -4.38 -0.24 -10.49
N ALA A 23 -3.46 -0.12 -9.55
CA ALA A 23 -3.24 -1.14 -8.53
C ALA A 23 -4.50 -1.36 -7.71
N PHE A 24 -5.38 -0.36 -7.70
CA PHE A 24 -6.62 -0.44 -6.94
C PHE A 24 -7.80 -0.75 -7.85
N ALA A 25 -7.81 -0.13 -9.03
CA ALA A 25 -8.87 -0.34 -9.99
C ALA A 25 -8.95 -1.80 -10.42
N ASN A 26 -7.82 -2.50 -10.35
CA ASN A 26 -7.76 -3.90 -10.73
C ASN A 26 -8.88 -4.69 -10.07
N MET A 27 -9.27 -4.29 -8.87
CA MET A 27 -10.34 -4.96 -8.14
C MET A 27 -11.58 -4.10 -8.11
N THR A 28 -12.71 -4.71 -7.71
CA THR A 28 -13.98 -3.99 -7.63
C THR A 28 -14.02 -3.06 -6.43
N MET A 29 -15.12 -2.34 -6.28
CA MET A 29 -15.29 -1.41 -5.17
C MET A 29 -15.30 -2.16 -3.83
N SER A 30 -16.18 -3.14 -3.72
CA SER A 30 -16.29 -3.93 -2.50
C SER A 30 -14.91 -4.19 -1.89
N VAL A 31 -14.06 -4.86 -2.66
CA VAL A 31 -12.70 -5.17 -2.21
C VAL A 31 -12.01 -3.94 -1.65
N ARG A 32 -12.13 -2.83 -2.38
CA ARG A 32 -11.51 -1.57 -1.96
C ARG A 32 -12.00 -1.16 -0.58
N ARG A 33 -13.29 -0.88 -0.47
CA ARG A 33 -13.88 -0.48 0.80
C ARG A 33 -13.30 -1.27 1.95
N GLU A 34 -13.32 -2.60 1.82
CA GLU A 34 -12.78 -3.48 2.86
C GLU A 34 -11.35 -3.10 3.21
N LEU A 35 -10.51 -2.95 2.19
CA LEU A 35 -9.11 -2.59 2.39
C LEU A 35 -8.99 -1.37 3.28
N CYS A 36 -9.74 -0.32 2.95
CA CYS A 36 -9.72 0.91 3.72
C CYS A 36 -9.82 0.63 5.22
N SER A 37 -10.40 -0.52 5.55
CA SER A 37 -10.57 -0.91 6.95
C SER A 37 -9.22 -1.21 7.59
N VAL A 38 -8.34 -1.86 6.83
CA VAL A 38 -7.01 -2.19 7.33
C VAL A 38 -5.93 -1.38 6.64
N MET A 39 -6.33 -0.22 6.11
CA MET A 39 -5.38 0.66 5.42
C MET A 39 -4.71 1.60 6.40
N ILE A 40 -3.38 1.54 6.45
CA ILE A 40 -2.61 2.39 7.35
C ILE A 40 -2.23 3.71 6.67
N PHE A 41 -2.15 4.77 7.46
CA PHE A 41 -1.79 6.09 6.94
C PHE A 41 -0.40 6.49 7.38
N GLU A 42 0.53 6.52 6.43
CA GLU A 42 1.91 6.89 6.72
C GLU A 42 2.49 7.74 5.60
N VAL A 43 3.23 8.79 5.98
CA VAL A 43 3.85 9.68 5.00
C VAL A 43 5.26 10.06 5.42
N VAL A 44 6.16 10.12 4.45
CA VAL A 44 7.55 10.47 4.71
C VAL A 44 7.80 11.96 4.44
N GLU A 45 8.27 12.67 5.45
CA GLU A 45 8.55 14.09 5.33
C GLU A 45 9.95 14.32 4.74
N GLN A 46 10.90 13.50 5.16
CA GLN A 46 12.28 13.61 4.68
C GLN A 46 12.48 12.75 3.44
N ALA A 47 12.84 13.40 2.32
CA ALA A 47 13.07 12.69 1.07
C ALA A 47 14.23 11.70 1.20
N GLY A 48 14.40 10.86 0.19
CA GLY A 48 15.48 9.88 0.22
C GLY A 48 15.36 8.93 1.40
N ALA A 49 14.18 8.84 1.98
CA ALA A 49 13.93 7.97 3.11
C ALA A 49 13.83 6.51 2.66
N ILE A 50 14.32 5.60 3.51
CA ILE A 50 14.27 4.18 3.20
C ILE A 50 12.92 3.58 3.56
N ILE A 51 12.26 2.97 2.56
CA ILE A 51 10.96 2.36 2.78
C ILE A 51 11.09 0.89 3.15
N LEU A 52 12.02 0.20 2.48
CA LEU A 52 12.25 -1.21 2.74
C LEU A 52 13.72 -1.56 2.56
N GLU A 53 14.18 -2.59 3.29
CA GLU A 53 15.57 -3.02 3.20
C GLU A 53 15.67 -4.39 2.53
N ASP A 54 16.73 -4.58 1.75
CA ASP A 54 16.95 -5.85 1.06
C ASP A 54 17.17 -6.98 2.05
N GLY A 55 16.20 -7.88 2.14
CA GLY A 55 16.29 -9.00 3.06
C GLY A 55 15.37 -8.87 4.24
N GLN A 56 14.32 -8.06 4.09
CA GLN A 56 13.35 -7.85 5.16
C GLN A 56 12.06 -8.61 4.88
N GLU A 57 11.72 -9.53 5.78
CA GLU A 57 10.50 -10.32 5.63
C GLU A 57 9.28 -9.42 5.44
N LEU A 58 8.85 -9.29 4.19
CA LEU A 58 7.70 -8.47 3.87
C LEU A 58 6.40 -9.12 4.34
N ASP A 59 5.65 -8.42 5.16
CA ASP A 59 4.39 -8.94 5.68
C ASP A 59 3.27 -7.90 5.54
N SER A 60 3.48 -6.93 4.66
CA SER A 60 2.51 -5.87 4.45
C SER A 60 2.62 -5.30 3.03
N TRP A 61 1.47 -5.14 2.38
CA TRP A 61 1.45 -4.61 1.02
C TRP A 61 1.55 -3.08 1.02
N TYR A 62 2.42 -2.55 0.16
CA TYR A 62 2.61 -1.11 0.07
C TYR A 62 2.09 -0.57 -1.26
N VAL A 63 1.53 0.63 -1.23
CA VAL A 63 0.99 1.26 -2.43
C VAL A 63 1.29 2.75 -2.45
N ILE A 64 2.05 3.18 -3.46
CA ILE A 64 2.41 4.59 -3.58
C ILE A 64 1.16 5.47 -3.68
N LEU A 65 0.96 6.30 -2.66
CA LEU A 65 -0.21 7.19 -2.63
C LEU A 65 0.13 8.52 -3.30
N ASN A 66 1.31 9.05 -3.01
CA ASN A 66 1.75 10.32 -3.58
C ASN A 66 3.27 10.41 -3.60
N GLY A 67 3.81 10.84 -4.74
CA GLY A 67 5.25 10.97 -4.88
C GLY A 67 5.85 9.85 -5.71
N THR A 68 7.18 9.88 -5.86
CA THR A 68 7.88 8.86 -6.64
C THR A 68 8.89 8.12 -5.79
N VAL A 69 8.89 6.79 -5.87
CA VAL A 69 9.82 5.97 -5.12
C VAL A 69 10.80 5.25 -6.04
N GLU A 70 12.06 5.20 -5.62
CA GLU A 70 13.11 4.54 -6.40
C GLU A 70 13.62 3.29 -5.69
N ILE A 71 13.79 2.22 -6.46
CA ILE A 71 14.27 0.95 -5.90
C ILE A 71 15.64 0.59 -6.47
N SER A 72 16.49 0.02 -5.64
CA SER A 72 17.83 -0.37 -6.06
C SER A 72 18.11 -1.83 -5.69
N HIS A 73 18.71 -2.56 -6.62
CA HIS A 73 19.03 -3.97 -6.39
C HIS A 73 20.53 -4.16 -6.19
N PRO A 74 20.91 -5.20 -5.43
CA PRO A 74 22.31 -5.51 -5.15
C PRO A 74 23.05 -6.02 -6.39
N ASP A 75 22.28 -6.42 -7.40
CA ASP A 75 22.87 -6.92 -8.64
C ASP A 75 23.38 -5.78 -9.52
N GLY A 76 22.55 -4.75 -9.67
CA GLY A 76 22.93 -3.61 -10.48
C GLY A 76 21.76 -3.05 -11.27
N LYS A 77 20.56 -3.14 -10.71
CA LYS A 77 19.37 -2.64 -11.37
C LYS A 77 18.63 -1.65 -10.47
N VAL A 78 17.92 -0.70 -11.10
CA VAL A 78 17.17 0.30 -10.36
C VAL A 78 15.79 0.50 -10.96
N GLU A 79 14.76 0.08 -10.24
CA GLU A 79 13.39 0.23 -10.71
C GLU A 79 12.81 1.58 -10.31
N ASN A 80 12.01 2.16 -11.19
CA ASN A 80 11.40 3.46 -10.94
C ASN A 80 9.88 3.36 -10.99
N LEU A 81 9.23 3.60 -9.87
CA LEU A 81 7.77 3.54 -9.78
C LEU A 81 7.18 4.94 -9.61
N PHE A 82 5.92 5.09 -10.01
CA PHE A 82 5.24 6.38 -9.88
C PHE A 82 3.85 6.19 -9.29
N MET A 83 3.23 7.30 -8.90
CA MET A 83 1.89 7.26 -8.32
C MET A 83 0.99 6.29 -9.09
N GLY A 84 0.51 5.27 -8.39
CA GLY A 84 -0.35 4.29 -9.02
C GLY A 84 0.23 2.88 -8.95
N ASN A 85 1.55 2.79 -8.99
CA ASN A 85 2.22 1.50 -8.94
C ASN A 85 2.02 0.83 -7.58
N SER A 86 2.36 -0.45 -7.50
CA SER A 86 2.21 -1.21 -6.25
C SER A 86 3.47 -2.01 -5.95
N PHE A 87 3.74 -2.21 -4.67
CA PHE A 87 4.91 -2.97 -4.24
C PHE A 87 4.77 -3.42 -2.80
N GLY A 88 5.47 -4.50 -2.45
CA GLY A 88 5.41 -5.03 -1.09
C GLY A 88 5.32 -6.54 -1.05
N ILE A 89 4.11 -7.05 -0.80
CA ILE A 89 3.90 -8.49 -0.74
C ILE A 89 2.75 -8.91 -1.65
N THR A 90 2.49 -10.21 -1.70
CA THR A 90 1.42 -10.75 -2.53
C THR A 90 0.15 -10.95 -1.71
N PRO A 91 -1.01 -10.87 -2.39
CA PRO A 91 -2.31 -11.05 -1.74
C PRO A 91 -2.56 -12.49 -1.30
N THR A 92 -1.56 -13.34 -1.50
CA THR A 92 -1.67 -14.74 -1.13
C THR A 92 -1.04 -14.99 0.24
N LEU A 93 -1.54 -16.01 0.94
CA LEU A 93 -1.03 -16.35 2.26
C LEU A 93 0.49 -16.50 2.24
N ASP A 94 1.04 -16.75 1.05
CA ASP A 94 2.47 -16.91 0.89
C ASP A 94 3.22 -15.65 1.35
N LYS A 95 4.52 -15.80 1.60
CA LYS A 95 5.34 -14.69 2.05
C LYS A 95 6.42 -14.35 1.02
N GLN A 96 7.28 -13.41 1.35
CA GLN A 96 8.37 -13.00 0.46
C GLN A 96 9.31 -12.03 1.16
N TYR A 97 10.52 -11.92 0.63
CA TYR A 97 11.52 -11.02 1.19
C TYR A 97 11.94 -9.96 0.18
N MET A 98 12.26 -8.77 0.68
CA MET A 98 12.70 -7.67 -0.19
C MET A 98 14.01 -7.99 -0.88
N HIS A 99 14.01 -8.01 -2.20
CA HIS A 99 15.20 -8.30 -2.97
C HIS A 99 15.92 -7.02 -3.40
N GLY A 100 15.98 -6.05 -2.48
CA GLY A 100 16.63 -4.79 -2.77
C GLY A 100 16.34 -3.73 -1.73
N ILE A 101 16.59 -2.48 -2.07
CA ILE A 101 16.35 -1.37 -1.16
C ILE A 101 15.51 -0.27 -1.81
N VAL A 102 14.46 0.14 -1.12
CA VAL A 102 13.57 1.18 -1.65
C VAL A 102 13.85 2.52 -0.98
N ARG A 103 13.77 3.59 -1.76
CA ARG A 103 14.02 4.94 -1.24
C ARG A 103 13.24 5.98 -2.04
N THR A 104 12.54 6.86 -1.33
CA THR A 104 11.74 7.90 -1.97
C THR A 104 12.62 8.80 -2.83
N LYS A 105 12.00 9.45 -3.82
CA LYS A 105 12.73 10.34 -4.71
C LYS A 105 12.45 11.80 -4.36
N VAL A 106 11.31 12.06 -3.72
CA VAL A 106 10.93 13.40 -3.33
C VAL A 106 10.34 13.42 -1.93
N ASP A 107 10.00 14.61 -1.45
CA ASP A 107 9.43 14.76 -0.11
C ASP A 107 7.91 14.67 -0.17
N ASP A 108 7.27 14.76 1.00
CA ASP A 108 5.82 14.68 1.09
C ASP A 108 5.29 13.46 0.35
N CYS A 109 5.94 12.31 0.57
CA CYS A 109 5.53 11.07 -0.07
C CYS A 109 4.60 10.27 0.83
N GLN A 110 3.39 10.02 0.35
CA GLN A 110 2.40 9.27 1.12
C GLN A 110 2.42 7.79 0.73
N PHE A 111 2.22 6.93 1.71
CA PHE A 111 2.22 5.49 1.48
C PHE A 111 1.20 4.79 2.36
N VAL A 112 0.68 3.66 1.90
CA VAL A 112 -0.31 2.90 2.65
C VAL A 112 0.17 1.49 2.92
N CYS A 113 -0.22 0.94 4.07
CA CYS A 113 0.18 -0.40 4.45
C CYS A 113 -1.04 -1.28 4.73
N ILE A 114 -0.90 -2.58 4.47
CA ILE A 114 -2.00 -3.52 4.70
C ILE A 114 -1.47 -4.87 5.15
N ALA A 115 -1.95 -5.35 6.28
CA ALA A 115 -1.54 -6.64 6.81
C ALA A 115 -1.76 -7.75 5.79
N GLN A 116 -0.88 -8.74 5.80
CA GLN A 116 -0.98 -9.87 4.86
C GLN A 116 -2.23 -10.68 5.15
N GLN A 117 -2.28 -11.30 6.32
CA GLN A 117 -3.42 -12.12 6.72
C GLN A 117 -4.73 -11.45 6.31
N ASP A 118 -4.76 -10.12 6.36
CA ASP A 118 -5.95 -9.37 6.01
C ASP A 118 -5.97 -9.07 4.51
N TYR A 119 -4.79 -8.97 3.91
CA TYR A 119 -4.67 -8.69 2.49
C TYR A 119 -5.04 -9.91 1.66
N TRP A 120 -5.21 -11.05 2.33
CA TRP A 120 -5.57 -12.29 1.65
C TRP A 120 -6.99 -12.69 1.98
N ARG A 121 -7.58 -12.03 2.96
CA ARG A 121 -8.95 -12.33 3.38
C ARG A 121 -9.94 -11.43 2.66
N ILE A 122 -9.46 -10.27 2.19
CA ILE A 122 -10.31 -9.33 1.49
C ILE A 122 -10.41 -9.68 0.01
N LEU A 123 -9.27 -9.64 -0.68
CA LEU A 123 -9.23 -9.95 -2.11
C LEU A 123 -9.80 -11.34 -2.37
N ASN A 124 -9.12 -12.36 -1.86
CA ASN A 124 -9.55 -13.75 -2.04
C ASN A 124 -11.00 -13.92 -1.58
N HIS A 125 -11.48 -15.17 -1.62
CA HIS A 125 -12.84 -15.47 -1.20
C HIS A 125 -12.85 -16.46 -0.04
N VAL A 126 -12.02 -16.20 0.97
CA VAL A 126 -11.93 -17.07 2.13
C VAL A 126 -13.00 -16.71 3.17
N GLU A 127 -14.00 -17.57 3.29
CA GLU A 127 -15.08 -17.36 4.25
C GLU A 127 -14.59 -17.51 5.68
N LYS A 128 -13.79 -16.54 6.13
CA LYS A 128 -13.25 -16.58 7.49
C LYS A 128 -13.80 -15.43 8.32
N SER A 129 -13.69 -14.21 7.79
CA SER A 129 -14.17 -13.03 8.48
C SER A 129 -14.07 -11.80 7.59
N GLY A 130 -14.47 -10.65 8.13
CA GLY A 130 -14.42 -9.40 7.36
C GLY A 130 -14.44 -8.18 8.25
N PRO A 131 -14.55 -7.00 7.63
CA PRO A 131 -14.58 -5.72 8.34
C PRO A 131 -15.87 -5.54 9.14
N SER A 132 -15.88 -6.04 10.37
CA SER A 132 -17.06 -5.93 11.22
C SER A 132 -17.30 -4.48 11.65
N SER A 133 -18.24 -3.82 11.00
CA SER A 133 -18.56 -2.44 11.30
C SER A 133 -19.99 -2.09 10.87
N GLY A 134 -20.79 -1.65 11.82
CA GLY A 134 -22.18 -1.30 11.53
C GLY A 134 -23.16 -2.31 12.10
N GLY A 1 -4.60 17.69 -10.37
CA GLY A 1 -5.74 17.02 -9.77
C GLY A 1 -6.55 17.95 -8.90
N SER A 2 -7.87 17.93 -9.08
CA SER A 2 -8.77 18.79 -8.31
C SER A 2 -8.66 18.47 -6.82
N SER A 3 -8.22 19.46 -6.05
CA SER A 3 -8.07 19.30 -4.60
C SER A 3 -9.42 19.14 -3.93
N GLY A 4 -9.86 17.89 -3.76
CA GLY A 4 -11.14 17.63 -3.14
C GLY A 4 -11.13 17.92 -1.65
N SER A 5 -12.26 18.39 -1.13
CA SER A 5 -12.37 18.73 0.29
C SER A 5 -13.01 17.58 1.07
N SER A 6 -12.16 16.76 1.68
CA SER A 6 -12.64 15.61 2.46
C SER A 6 -13.20 16.06 3.81
N GLY A 7 -13.78 15.12 4.54
CA GLY A 7 -14.35 15.45 5.83
C GLY A 7 -15.67 14.74 6.08
N ASP A 8 -16.70 15.15 5.36
CA ASP A 8 -18.02 14.56 5.50
C ASP A 8 -17.98 13.07 5.19
N ASP A 9 -17.58 12.72 3.97
CA ASP A 9 -17.50 11.33 3.56
C ASP A 9 -16.07 10.97 3.14
N ASP A 10 -15.24 10.66 4.12
CA ASP A 10 -13.86 10.29 3.85
C ASP A 10 -13.78 9.01 3.02
N ILE A 11 -14.32 7.93 3.57
CA ILE A 11 -14.30 6.65 2.88
C ILE A 11 -14.64 6.81 1.40
N GLU A 12 -15.67 7.59 1.11
CA GLU A 12 -16.08 7.84 -0.27
C GLU A 12 -15.00 8.61 -1.03
N GLN A 13 -14.38 9.56 -0.36
CA GLN A 13 -13.33 10.38 -0.98
C GLN A 13 -12.10 9.52 -1.30
N LEU A 14 -11.84 8.52 -0.45
CA LEU A 14 -10.70 7.64 -0.64
C LEU A 14 -10.96 6.67 -1.79
N LEU A 15 -12.17 6.12 -1.84
CA LEU A 15 -12.55 5.17 -2.88
C LEU A 15 -12.41 5.82 -4.26
N GLU A 16 -13.23 6.82 -4.53
CA GLU A 16 -13.20 7.52 -5.81
C GLU A 16 -11.77 7.62 -6.35
N PHE A 17 -10.83 7.84 -5.44
CA PHE A 17 -9.42 7.96 -5.82
C PHE A 17 -8.84 6.59 -6.19
N MET A 18 -8.95 5.64 -5.26
CA MET A 18 -8.44 4.30 -5.49
C MET A 18 -8.85 3.79 -6.87
N HIS A 19 -10.10 4.00 -7.23
CA HIS A 19 -10.61 3.56 -8.52
C HIS A 19 -9.76 4.10 -9.65
N GLN A 20 -9.22 5.30 -9.47
CA GLN A 20 -8.38 5.93 -10.48
C GLN A 20 -7.10 5.13 -10.71
N LEU A 21 -6.45 4.76 -9.62
CA LEU A 21 -5.21 3.98 -9.70
C LEU A 21 -5.49 2.57 -10.23
N PRO A 22 -4.56 2.05 -11.03
CA PRO A 22 -4.68 0.71 -11.61
C PRO A 22 -4.53 -0.39 -10.57
N ALA A 23 -3.56 -0.23 -9.68
CA ALA A 23 -3.30 -1.20 -8.62
C ALA A 23 -4.58 -1.50 -7.84
N PHE A 24 -5.39 -0.46 -7.63
CA PHE A 24 -6.63 -0.60 -6.89
C PHE A 24 -7.80 -0.94 -7.83
N ALA A 25 -7.81 -0.29 -8.99
CA ALA A 25 -8.85 -0.52 -9.98
C ALA A 25 -9.06 -2.01 -10.23
N ASN A 26 -7.97 -2.77 -10.16
CA ASN A 26 -8.03 -4.21 -10.38
C ASN A 26 -9.07 -4.86 -9.46
N MET A 27 -9.01 -4.53 -8.18
CA MET A 27 -9.95 -5.08 -7.20
C MET A 27 -11.35 -4.55 -7.45
N THR A 28 -12.34 -5.16 -6.79
CA THR A 28 -13.73 -4.75 -6.92
C THR A 28 -14.11 -3.72 -5.87
N MET A 29 -15.04 -2.85 -6.21
CA MET A 29 -15.50 -1.82 -5.28
C MET A 29 -15.49 -2.33 -3.85
N SER A 30 -16.27 -3.39 -3.60
CA SER A 30 -16.34 -3.97 -2.26
C SER A 30 -14.97 -4.03 -1.62
N VAL A 31 -14.08 -4.81 -2.21
CA VAL A 31 -12.72 -4.97 -1.68
C VAL A 31 -12.17 -3.62 -1.21
N ARG A 32 -12.10 -2.67 -2.13
CA ARG A 32 -11.59 -1.34 -1.80
C ARG A 32 -12.00 -0.92 -0.39
N ARG A 33 -13.30 -0.68 -0.21
CA ARG A 33 -13.82 -0.27 1.08
C ARG A 33 -13.24 -1.13 2.20
N GLU A 34 -13.38 -2.44 2.06
CA GLU A 34 -12.86 -3.37 3.06
C GLU A 34 -11.42 -3.05 3.42
N LEU A 35 -10.58 -2.91 2.39
CA LEU A 35 -9.17 -2.60 2.59
C LEU A 35 -9.00 -1.39 3.51
N CYS A 36 -9.71 -0.31 3.20
CA CYS A 36 -9.65 0.90 4.00
C CYS A 36 -9.85 0.59 5.48
N SER A 37 -10.58 -0.47 5.76
CA SER A 37 -10.85 -0.88 7.13
C SER A 37 -9.57 -1.37 7.82
N VAL A 38 -8.67 -1.94 7.03
CA VAL A 38 -7.40 -2.45 7.56
C VAL A 38 -6.21 -1.76 6.89
N MET A 39 -6.45 -0.54 6.40
CA MET A 39 -5.39 0.23 5.75
C MET A 39 -4.63 1.07 6.75
N ILE A 40 -3.37 1.38 6.44
CA ILE A 40 -2.54 2.19 7.31
C ILE A 40 -2.19 3.53 6.67
N PHE A 41 -2.09 4.57 7.50
CA PHE A 41 -1.75 5.90 7.00
C PHE A 41 -0.32 6.27 7.36
N GLU A 42 0.51 6.45 6.34
CA GLU A 42 1.91 6.80 6.55
C GLU A 42 2.35 7.88 5.55
N VAL A 43 3.13 8.84 6.04
CA VAL A 43 3.63 9.92 5.19
C VAL A 43 5.09 10.22 5.49
N VAL A 44 5.91 10.19 4.45
CA VAL A 44 7.34 10.46 4.59
C VAL A 44 7.64 11.94 4.39
N GLU A 45 8.25 12.56 5.38
CA GLU A 45 8.60 13.98 5.31
C GLU A 45 10.03 14.17 4.82
N GLN A 46 10.95 13.37 5.36
CA GLN A 46 12.35 13.44 4.97
C GLN A 46 12.61 12.64 3.69
N ALA A 47 12.78 13.36 2.58
CA ALA A 47 13.04 12.72 1.31
C ALA A 47 14.21 11.74 1.40
N GLY A 48 14.35 10.90 0.39
CA GLY A 48 15.42 9.92 0.38
C GLY A 48 15.33 8.94 1.52
N ALA A 49 14.14 8.84 2.12
CA ALA A 49 13.92 7.93 3.23
C ALA A 49 13.78 6.50 2.74
N ILE A 50 14.34 5.56 3.50
CA ILE A 50 14.28 4.15 3.15
C ILE A 50 12.91 3.57 3.46
N ILE A 51 12.26 3.02 2.43
CA ILE A 51 10.95 2.42 2.58
C ILE A 51 11.04 0.96 3.02
N LEU A 52 12.04 0.27 2.48
CA LEU A 52 12.25 -1.14 2.82
C LEU A 52 13.71 -1.52 2.64
N GLU A 53 14.18 -2.44 3.48
CA GLU A 53 15.56 -2.90 3.41
C GLU A 53 15.66 -4.24 2.68
N ASP A 54 16.79 -4.46 2.00
CA ASP A 54 17.00 -5.71 1.26
C ASP A 54 17.19 -6.88 2.22
N GLY A 55 16.33 -7.88 2.09
CA GLY A 55 16.42 -9.05 2.95
C GLY A 55 15.62 -8.89 4.23
N GLN A 56 14.42 -8.33 4.11
CA GLN A 56 13.56 -8.12 5.27
C GLN A 56 12.19 -8.74 5.05
N GLU A 57 11.92 -9.83 5.75
CA GLU A 57 10.64 -10.53 5.63
C GLU A 57 9.49 -9.53 5.48
N LEU A 58 8.92 -9.47 4.28
CA LEU A 58 7.81 -8.56 4.00
C LEU A 58 6.50 -9.13 4.51
N ASP A 59 5.85 -8.39 5.40
CA ASP A 59 4.57 -8.82 5.96
C ASP A 59 3.53 -7.71 5.84
N SER A 60 3.64 -6.91 4.79
CA SER A 60 2.70 -5.82 4.56
C SER A 60 2.85 -5.27 3.14
N TRP A 61 1.71 -5.02 2.49
CA TRP A 61 1.71 -4.50 1.13
C TRP A 61 1.82 -2.98 1.13
N TYR A 62 2.57 -2.44 0.18
CA TYR A 62 2.75 -1.00 0.08
C TYR A 62 2.23 -0.48 -1.27
N VAL A 63 1.63 0.70 -1.24
CA VAL A 63 1.09 1.31 -2.45
C VAL A 63 1.39 2.80 -2.50
N ILE A 64 1.95 3.25 -3.62
CA ILE A 64 2.29 4.66 -3.80
C ILE A 64 1.04 5.52 -3.91
N LEU A 65 0.86 6.42 -2.95
CA LEU A 65 -0.30 7.32 -2.94
C LEU A 65 0.07 8.68 -3.51
N ASN A 66 1.30 9.10 -3.27
CA ASN A 66 1.78 10.40 -3.76
C ASN A 66 3.30 10.46 -3.74
N GLY A 67 3.87 10.92 -4.85
CA GLY A 67 5.31 11.02 -4.96
C GLY A 67 5.92 9.92 -5.78
N THR A 68 7.24 9.91 -5.89
CA THR A 68 7.94 8.90 -6.66
C THR A 68 8.95 8.14 -5.80
N VAL A 69 8.95 6.82 -5.90
CA VAL A 69 9.85 5.99 -5.14
C VAL A 69 10.92 5.36 -6.03
N GLU A 70 12.12 5.17 -5.49
CA GLU A 70 13.21 4.58 -6.24
C GLU A 70 13.66 3.27 -5.61
N ILE A 71 13.90 2.26 -6.44
CA ILE A 71 14.33 0.96 -5.97
C ILE A 71 15.70 0.59 -6.55
N SER A 72 16.56 0.03 -5.69
CA SER A 72 17.90 -0.36 -6.12
C SER A 72 18.19 -1.81 -5.72
N HIS A 73 18.79 -2.56 -6.63
CA HIS A 73 19.12 -3.96 -6.38
C HIS A 73 20.62 -4.13 -6.18
N PRO A 74 21.01 -5.16 -5.40
CA PRO A 74 22.40 -5.46 -5.11
C PRO A 74 23.15 -5.97 -6.35
N ASP A 75 22.40 -6.40 -7.35
CA ASP A 75 22.99 -6.92 -8.57
C ASP A 75 23.50 -5.78 -9.46
N GLY A 76 22.68 -4.74 -9.59
CA GLY A 76 23.06 -3.60 -10.41
C GLY A 76 21.91 -3.07 -11.24
N LYS A 77 20.70 -3.15 -10.69
CA LYS A 77 19.51 -2.68 -11.39
C LYS A 77 18.71 -1.72 -10.52
N VAL A 78 18.02 -0.78 -11.15
CA VAL A 78 17.21 0.20 -10.43
C VAL A 78 15.86 0.39 -11.10
N GLU A 79 14.80 0.09 -10.37
CA GLU A 79 13.44 0.24 -10.91
C GLU A 79 12.92 1.65 -10.68
N ASN A 80 11.82 1.99 -11.34
CA ASN A 80 11.22 3.32 -11.22
C ASN A 80 9.70 3.22 -11.19
N LEU A 81 9.10 3.55 -10.06
CA LEU A 81 7.66 3.51 -9.90
C LEU A 81 7.07 4.92 -9.79
N PHE A 82 5.80 5.05 -10.14
CA PHE A 82 5.12 6.34 -10.08
C PHE A 82 3.72 6.20 -9.50
N MET A 83 3.13 7.32 -9.10
CA MET A 83 1.79 7.32 -8.53
C MET A 83 0.92 6.26 -9.19
N GLY A 84 0.42 5.32 -8.40
CA GLY A 84 -0.42 4.28 -8.93
C GLY A 84 0.19 2.89 -8.76
N ASN A 85 1.48 2.79 -9.04
CA ASN A 85 2.19 1.52 -8.92
C ASN A 85 1.96 0.90 -7.54
N SER A 86 2.55 -0.28 -7.33
CA SER A 86 2.40 -0.98 -6.06
C SER A 86 3.62 -1.86 -5.78
N PHE A 87 3.96 -2.01 -4.51
CA PHE A 87 5.10 -2.82 -4.10
C PHE A 87 4.91 -3.38 -2.70
N GLY A 88 5.61 -4.47 -2.39
CA GLY A 88 5.50 -5.08 -1.09
C GLY A 88 5.31 -6.58 -1.16
N ILE A 89 4.12 -7.05 -0.77
CA ILE A 89 3.83 -8.47 -0.80
C ILE A 89 2.68 -8.77 -1.77
N THR A 90 2.27 -10.03 -1.81
CA THR A 90 1.19 -10.45 -2.69
C THR A 90 -0.10 -10.68 -1.91
N PRO A 91 -1.25 -10.62 -2.61
CA PRO A 91 -2.57 -10.82 -2.00
C PRO A 91 -2.79 -12.27 -1.58
N THR A 92 -1.77 -13.10 -1.75
CA THR A 92 -1.86 -14.51 -1.39
C THR A 92 -1.08 -14.79 -0.11
N LEU A 93 -1.68 -15.61 0.76
CA LEU A 93 -1.04 -15.96 2.02
C LEU A 93 0.47 -16.10 1.86
N ASP A 94 0.88 -16.53 0.67
CA ASP A 94 2.30 -16.71 0.37
C ASP A 94 3.12 -15.58 0.97
N LYS A 95 4.35 -15.89 1.38
CA LYS A 95 5.24 -14.91 1.96
C LYS A 95 6.40 -14.59 1.01
N GLN A 96 6.80 -13.32 0.98
CA GLN A 96 7.90 -12.89 0.12
C GLN A 96 8.87 -12.00 0.88
N TYR A 97 10.14 -12.02 0.48
CA TYR A 97 11.17 -11.22 1.13
C TYR A 97 11.77 -10.22 0.15
N MET A 98 12.17 -9.05 0.67
CA MET A 98 12.76 -8.02 -0.16
C MET A 98 14.17 -8.42 -0.61
N HIS A 99 14.49 -8.10 -1.85
CA HIS A 99 15.80 -8.41 -2.40
C HIS A 99 16.52 -7.16 -2.87
N GLY A 100 16.10 -6.01 -2.34
CA GLY A 100 16.73 -4.75 -2.71
C GLY A 100 16.50 -3.66 -1.68
N ILE A 101 16.69 -2.41 -2.09
CA ILE A 101 16.51 -1.28 -1.19
C ILE A 101 15.63 -0.21 -1.82
N VAL A 102 14.63 0.24 -1.08
CA VAL A 102 13.71 1.27 -1.57
C VAL A 102 14.00 2.62 -0.92
N ARG A 103 13.89 3.68 -1.71
CA ARG A 103 14.14 5.03 -1.21
C ARG A 103 13.35 6.06 -2.01
N THR A 104 12.69 6.98 -1.31
CA THR A 104 11.90 8.02 -1.96
C THR A 104 12.78 8.95 -2.77
N LYS A 105 12.21 9.53 -3.82
CA LYS A 105 12.94 10.45 -4.68
C LYS A 105 12.61 11.90 -4.34
N VAL A 106 11.50 12.10 -3.64
CA VAL A 106 11.07 13.44 -3.25
C VAL A 106 10.58 13.46 -1.80
N ASP A 107 10.15 14.63 -1.34
CA ASP A 107 9.67 14.77 0.02
C ASP A 107 8.15 14.86 0.05
N ASP A 108 7.56 14.66 1.24
CA ASP A 108 6.12 14.72 1.39
C ASP A 108 5.44 13.61 0.59
N CYS A 109 5.95 12.39 0.74
CA CYS A 109 5.39 11.24 0.02
C CYS A 109 4.39 10.50 0.89
N GLN A 110 3.34 9.97 0.26
CA GLN A 110 2.31 9.24 0.97
C GLN A 110 2.34 7.76 0.61
N PHE A 111 2.13 6.90 1.60
CA PHE A 111 2.14 5.46 1.39
C PHE A 111 1.18 4.76 2.34
N VAL A 112 0.68 3.60 1.93
CA VAL A 112 -0.26 2.84 2.75
C VAL A 112 0.25 1.42 3.00
N CYS A 113 -0.02 0.90 4.18
CA CYS A 113 0.42 -0.44 4.56
C CYS A 113 -0.77 -1.31 4.95
N ILE A 114 -0.78 -2.55 4.46
CA ILE A 114 -1.85 -3.48 4.77
C ILE A 114 -1.30 -4.84 5.16
N ALA A 115 -1.71 -5.33 6.33
CA ALA A 115 -1.26 -6.63 6.82
C ALA A 115 -1.56 -7.73 5.80
N GLN A 116 -0.64 -8.69 5.68
CA GLN A 116 -0.80 -9.79 4.74
C GLN A 116 -2.15 -10.48 4.95
N GLN A 117 -2.31 -11.13 6.11
CA GLN A 117 -3.54 -11.83 6.42
C GLN A 117 -4.76 -11.05 5.93
N ASP A 118 -4.89 -9.82 6.40
CA ASP A 118 -6.01 -8.96 6.00
C ASP A 118 -6.01 -8.75 4.50
N TYR A 119 -4.83 -8.60 3.91
CA TYR A 119 -4.71 -8.39 2.47
C TYR A 119 -5.22 -9.59 1.70
N TRP A 120 -5.24 -10.74 2.36
CA TRP A 120 -5.71 -11.97 1.73
C TRP A 120 -7.08 -12.38 2.27
N ARG A 121 -7.61 -11.58 3.19
CA ARG A 121 -8.91 -11.85 3.78
C ARG A 121 -10.00 -11.04 3.10
N ILE A 122 -9.61 -10.24 2.12
CA ILE A 122 -10.55 -9.41 1.37
C ILE A 122 -10.60 -9.81 -0.10
N LEU A 123 -9.48 -9.65 -0.79
CA LEU A 123 -9.38 -10.00 -2.20
C LEU A 123 -9.80 -11.44 -2.44
N ASN A 124 -9.41 -12.33 -1.52
CA ASN A 124 -9.75 -13.74 -1.63
C ASN A 124 -11.23 -13.97 -1.32
N HIS A 125 -11.67 -15.22 -1.48
CA HIS A 125 -13.05 -15.57 -1.21
C HIS A 125 -13.18 -16.42 0.04
N VAL A 126 -12.41 -16.06 1.07
CA VAL A 126 -12.43 -16.79 2.33
C VAL A 126 -13.80 -16.70 3.00
N GLU A 127 -14.28 -17.84 3.49
CA GLU A 127 -15.57 -17.90 4.15
C GLU A 127 -15.75 -16.73 5.12
N LYS A 128 -14.77 -16.57 6.01
CA LYS A 128 -14.80 -15.49 6.99
C LYS A 128 -15.09 -14.15 6.32
N SER A 129 -15.17 -13.09 7.14
CA SER A 129 -15.45 -11.76 6.62
C SER A 129 -14.35 -10.79 7.03
N GLY A 130 -14.22 -9.70 6.27
CA GLY A 130 -13.20 -8.71 6.57
C GLY A 130 -13.56 -7.86 7.77
N PRO A 131 -14.33 -6.79 7.54
CA PRO A 131 -14.76 -5.88 8.60
C PRO A 131 -15.76 -6.51 9.55
N SER A 132 -15.89 -5.94 10.74
CA SER A 132 -16.82 -6.45 11.74
C SER A 132 -16.53 -7.92 12.04
N SER A 133 -15.26 -8.30 11.95
CA SER A 133 -14.85 -9.68 12.22
C SER A 133 -15.35 -10.14 13.59
N GLY A 134 -15.97 -11.31 13.61
CA GLY A 134 -16.48 -11.85 14.86
C GLY A 134 -16.24 -13.35 14.98
N GLY A 1 -1.33 17.03 7.71
CA GLY A 1 -1.23 16.55 6.34
C GLY A 1 -1.29 17.66 5.33
N SER A 2 -1.28 17.31 4.05
CA SER A 2 -1.33 18.30 2.98
C SER A 2 -2.72 18.90 2.87
N SER A 3 -3.73 18.05 2.75
CA SER A 3 -5.11 18.50 2.63
C SER A 3 -5.91 18.13 3.87
N GLY A 4 -5.87 16.85 4.24
CA GLY A 4 -6.59 16.39 5.41
C GLY A 4 -7.88 15.67 5.04
N SER A 5 -8.09 14.50 5.64
CA SER A 5 -9.28 13.71 5.36
C SER A 5 -10.11 13.54 6.64
N SER A 6 -11.31 14.12 6.63
CA SER A 6 -12.21 14.03 7.78
C SER A 6 -13.59 14.54 7.42
N GLY A 7 -14.61 13.75 7.74
CA GLY A 7 -15.98 14.15 7.44
C GLY A 7 -16.97 13.01 7.63
N ASP A 8 -18.14 13.15 7.03
CA ASP A 8 -19.17 12.12 7.12
C ASP A 8 -18.97 11.04 6.06
N ASP A 9 -18.25 11.39 5.00
CA ASP A 9 -17.98 10.46 3.92
C ASP A 9 -16.48 10.34 3.65
N ASP A 10 -15.73 10.00 4.69
CA ASP A 10 -14.29 9.85 4.58
C ASP A 10 -13.93 8.69 3.67
N ILE A 11 -14.58 7.55 3.89
CA ILE A 11 -14.34 6.36 3.08
C ILE A 11 -14.72 6.59 1.62
N GLU A 12 -15.96 7.02 1.41
CA GLU A 12 -16.44 7.27 0.06
C GLU A 12 -15.45 8.12 -0.73
N GLN A 13 -15.16 9.31 -0.23
CA GLN A 13 -14.21 10.20 -0.90
C GLN A 13 -12.89 9.48 -1.19
N LEU A 14 -12.47 8.64 -0.26
CA LEU A 14 -11.22 7.89 -0.42
C LEU A 14 -11.33 6.89 -1.57
N LEU A 15 -12.44 6.16 -1.61
CA LEU A 15 -12.67 5.17 -2.66
C LEU A 15 -12.43 5.79 -4.04
N GLU A 16 -13.09 6.90 -4.32
CA GLU A 16 -12.94 7.59 -5.60
C GLU A 16 -11.49 7.55 -6.07
N PHE A 17 -10.57 7.83 -5.16
CA PHE A 17 -9.15 7.83 -5.49
C PHE A 17 -8.67 6.41 -5.81
N MET A 18 -9.08 5.45 -4.99
CA MET A 18 -8.68 4.06 -5.19
C MET A 18 -9.02 3.60 -6.61
N HIS A 19 -9.86 4.37 -7.29
CA HIS A 19 -10.25 4.05 -8.66
C HIS A 19 -9.25 4.58 -9.66
N GLN A 20 -8.74 5.78 -9.41
CA GLN A 20 -7.77 6.41 -10.30
C GLN A 20 -6.47 5.63 -10.32
N LEU A 21 -6.37 4.62 -9.45
CA LEU A 21 -5.18 3.80 -9.37
C LEU A 21 -5.42 2.43 -10.01
N PRO A 22 -4.41 1.95 -10.77
CA PRO A 22 -4.48 0.66 -11.45
C PRO A 22 -4.44 -0.50 -10.48
N ALA A 23 -3.56 -0.41 -9.49
CA ALA A 23 -3.42 -1.48 -8.50
C ALA A 23 -4.70 -1.63 -7.68
N PHE A 24 -5.45 -0.53 -7.54
CA PHE A 24 -6.69 -0.54 -6.78
C PHE A 24 -7.90 -0.76 -7.71
N ALA A 25 -7.78 -0.30 -8.94
CA ALA A 25 -8.85 -0.44 -9.92
C ALA A 25 -8.98 -1.90 -10.36
N ASN A 26 -7.84 -2.57 -10.55
CA ASN A 26 -7.84 -3.96 -10.98
C ASN A 26 -8.96 -4.74 -10.32
N MET A 27 -9.16 -4.52 -9.03
CA MET A 27 -10.21 -5.20 -8.28
C MET A 27 -11.45 -4.32 -8.15
N THR A 28 -12.59 -4.94 -7.93
CA THR A 28 -13.85 -4.22 -7.78
C THR A 28 -13.72 -3.11 -6.74
N MET A 29 -14.78 -2.32 -6.60
CA MET A 29 -14.79 -1.22 -5.63
C MET A 29 -15.05 -1.73 -4.22
N SER A 30 -15.56 -2.96 -4.14
CA SER A 30 -15.85 -3.57 -2.84
C SER A 30 -14.58 -3.87 -2.07
N VAL A 31 -13.59 -4.41 -2.77
CA VAL A 31 -12.31 -4.75 -2.16
C VAL A 31 -11.63 -3.50 -1.59
N ARG A 32 -11.99 -2.34 -2.13
CA ARG A 32 -11.42 -1.09 -1.67
C ARG A 32 -11.87 -0.75 -0.26
N ARG A 33 -13.16 -0.46 -0.12
CA ARG A 33 -13.73 -0.12 1.19
C ARG A 33 -13.11 -0.96 2.29
N GLU A 34 -13.15 -2.28 2.11
CA GLU A 34 -12.59 -3.21 3.09
C GLU A 34 -11.14 -2.84 3.42
N LEU A 35 -10.34 -2.67 2.38
CA LEU A 35 -8.93 -2.32 2.55
C LEU A 35 -8.79 -1.03 3.36
N CYS A 36 -9.54 -0.01 2.97
CA CYS A 36 -9.50 1.27 3.66
C CYS A 36 -9.65 1.09 5.17
N SER A 37 -10.22 -0.04 5.56
CA SER A 37 -10.42 -0.33 6.98
C SER A 37 -9.25 -1.12 7.54
N VAL A 38 -8.55 -1.85 6.67
CA VAL A 38 -7.41 -2.66 7.08
C VAL A 38 -6.10 -2.06 6.56
N MET A 39 -6.19 -0.86 6.01
CA MET A 39 -5.02 -0.17 5.47
C MET A 39 -4.62 1.00 6.37
N ILE A 40 -3.34 1.05 6.72
CA ILE A 40 -2.83 2.12 7.58
C ILE A 40 -2.39 3.32 6.74
N PHE A 41 -2.72 4.52 7.22
CA PHE A 41 -2.35 5.75 6.52
C PHE A 41 -1.01 6.27 7.02
N GLU A 42 -0.06 6.42 6.10
CA GLU A 42 1.26 6.91 6.45
C GLU A 42 1.82 7.81 5.35
N VAL A 43 2.74 8.69 5.71
CA VAL A 43 3.35 9.61 4.75
C VAL A 43 4.73 10.03 5.21
N VAL A 44 5.70 9.95 4.29
CA VAL A 44 7.08 10.33 4.59
C VAL A 44 7.33 11.80 4.26
N GLU A 45 7.81 12.55 5.25
CA GLU A 45 8.09 13.96 5.06
C GLU A 45 9.49 14.17 4.50
N GLN A 46 10.45 13.40 5.00
CA GLN A 46 11.83 13.49 4.54
C GLN A 46 12.05 12.63 3.31
N ALA A 47 12.47 13.26 2.22
CA ALA A 47 12.73 12.55 0.97
C ALA A 47 13.88 11.56 1.13
N GLY A 48 14.17 10.83 0.06
CA GLY A 48 15.26 9.87 0.10
C GLY A 48 15.15 8.93 1.28
N ALA A 49 13.97 8.85 1.87
CA ALA A 49 13.75 7.98 3.03
C ALA A 49 13.65 6.52 2.61
N ILE A 50 14.24 5.64 3.41
CA ILE A 50 14.23 4.21 3.12
C ILE A 50 12.88 3.59 3.49
N ILE A 51 12.26 2.92 2.52
CA ILE A 51 10.97 2.28 2.75
C ILE A 51 11.15 0.81 3.14
N LEU A 52 12.13 0.17 2.51
CA LEU A 52 12.41 -1.25 2.79
C LEU A 52 13.87 -1.56 2.54
N GLU A 53 14.39 -2.58 3.25
CA GLU A 53 15.77 -2.98 3.11
C GLU A 53 15.87 -4.38 2.51
N ASP A 54 17.03 -4.69 1.95
CA ASP A 54 17.26 -6.00 1.33
C ASP A 54 17.37 -7.09 2.40
N GLY A 55 16.54 -8.12 2.27
CA GLY A 55 16.56 -9.21 3.23
C GLY A 55 15.59 -9.01 4.36
N GLN A 56 14.50 -8.29 4.08
CA GLN A 56 13.48 -8.01 5.09
C GLN A 56 12.19 -8.77 4.79
N GLU A 57 11.79 -9.64 5.72
CA GLU A 57 10.57 -10.43 5.55
C GLU A 57 9.36 -9.52 5.43
N LEU A 58 8.98 -9.21 4.19
CA LEU A 58 7.83 -8.36 3.94
C LEU A 58 6.53 -9.03 4.39
N ASP A 59 5.77 -8.33 5.21
CA ASP A 59 4.51 -8.85 5.71
C ASP A 59 3.38 -7.84 5.56
N SER A 60 3.68 -6.75 4.86
CA SER A 60 2.70 -5.69 4.64
C SER A 60 2.81 -5.13 3.23
N TRP A 61 1.70 -5.14 2.51
CA TRP A 61 1.67 -4.64 1.14
C TRP A 61 1.66 -3.12 1.12
N TYR A 62 2.59 -2.53 0.37
CA TYR A 62 2.69 -1.09 0.27
C TYR A 62 2.16 -0.60 -1.08
N VAL A 63 1.55 0.59 -1.07
CA VAL A 63 1.00 1.18 -2.28
C VAL A 63 1.31 2.67 -2.36
N ILE A 64 1.90 3.08 -3.48
CA ILE A 64 2.24 4.49 -3.68
C ILE A 64 0.98 5.35 -3.82
N LEU A 65 0.73 6.20 -2.83
CA LEU A 65 -0.43 7.07 -2.84
C LEU A 65 -0.07 8.44 -3.41
N ASN A 66 1.18 8.86 -3.20
CA ASN A 66 1.65 10.14 -3.69
C ASN A 66 3.17 10.20 -3.70
N GLY A 67 3.73 10.80 -4.74
CA GLY A 67 5.17 10.92 -4.85
C GLY A 67 5.79 9.81 -5.69
N THR A 68 7.11 9.75 -5.73
CA THR A 68 7.81 8.75 -6.50
C THR A 68 8.83 8.00 -5.65
N VAL A 69 8.90 6.68 -5.83
CA VAL A 69 9.84 5.86 -5.07
C VAL A 69 10.77 5.10 -6.00
N GLU A 70 12.06 5.12 -5.68
CA GLU A 70 13.06 4.42 -6.49
C GLU A 70 13.58 3.19 -5.77
N ILE A 71 13.62 2.07 -6.48
CA ILE A 71 14.10 0.81 -5.91
C ILE A 71 15.46 0.42 -6.50
N SER A 72 16.40 0.11 -5.61
CA SER A 72 17.74 -0.27 -6.04
C SER A 72 18.00 -1.75 -5.73
N HIS A 73 18.72 -2.41 -6.63
CA HIS A 73 19.05 -3.83 -6.45
C HIS A 73 20.55 -4.03 -6.30
N PRO A 74 20.95 -5.00 -5.46
CA PRO A 74 22.36 -5.31 -5.21
C PRO A 74 23.03 -5.95 -6.42
N ASP A 75 22.21 -6.48 -7.33
CA ASP A 75 22.73 -7.11 -8.53
C ASP A 75 23.24 -6.08 -9.53
N GLY A 76 22.42 -5.06 -9.78
CA GLY A 76 22.81 -4.01 -10.71
C GLY A 76 21.63 -3.45 -11.47
N LYS A 77 20.47 -3.41 -10.81
CA LYS A 77 19.25 -2.89 -11.43
C LYS A 77 18.55 -1.89 -10.52
N VAL A 78 17.74 -1.02 -11.10
CA VAL A 78 17.02 -0.02 -10.34
C VAL A 78 15.64 0.23 -10.93
N GLU A 79 14.60 -0.17 -10.21
CA GLU A 79 13.22 0.00 -10.67
C GLU A 79 12.70 1.38 -10.28
N ASN A 80 11.88 1.97 -11.15
CA ASN A 80 11.32 3.29 -10.90
C ASN A 80 9.79 3.24 -10.92
N LEU A 81 9.18 3.48 -9.77
CA LEU A 81 7.72 3.47 -9.67
C LEU A 81 7.16 4.88 -9.50
N PHE A 82 5.92 5.07 -9.92
CA PHE A 82 5.27 6.38 -9.81
C PHE A 82 3.90 6.25 -9.16
N MET A 83 3.34 7.38 -8.75
CA MET A 83 2.03 7.41 -8.12
C MET A 83 1.09 6.40 -8.77
N GLY A 84 0.60 5.45 -7.99
CA GLY A 84 -0.31 4.45 -8.50
C GLY A 84 0.25 3.04 -8.39
N ASN A 85 1.55 2.90 -8.68
CA ASN A 85 2.20 1.61 -8.60
C ASN A 85 2.12 1.02 -7.19
N SER A 86 2.32 -0.29 -7.08
CA SER A 86 2.26 -0.96 -5.80
C SER A 86 3.52 -1.79 -5.57
N PHE A 87 3.77 -2.12 -4.31
CA PHE A 87 4.94 -2.91 -3.94
C PHE A 87 4.88 -3.34 -2.48
N GLY A 88 5.63 -4.39 -2.14
CA GLY A 88 5.64 -4.89 -0.78
C GLY A 88 5.54 -6.40 -0.71
N ILE A 89 4.32 -6.91 -0.81
CA ILE A 89 4.09 -8.35 -0.76
C ILE A 89 2.98 -8.76 -1.73
N THR A 90 2.67 -10.06 -1.75
CA THR A 90 1.64 -10.58 -2.63
C THR A 90 0.33 -10.81 -1.87
N PRO A 91 -0.79 -10.74 -2.59
CA PRO A 91 -2.12 -10.94 -1.99
C PRO A 91 -2.37 -12.39 -1.59
N THR A 92 -1.34 -13.22 -1.76
CA THR A 92 -1.44 -14.64 -1.41
C THR A 92 -0.82 -14.91 -0.05
N LEU A 93 -1.49 -15.73 0.75
CA LEU A 93 -1.00 -16.09 2.07
C LEU A 93 0.52 -16.22 2.08
N ASP A 94 1.07 -16.61 0.95
CA ASP A 94 2.52 -16.78 0.81
C ASP A 94 3.25 -15.52 1.26
N LYS A 95 4.55 -15.65 1.51
CA LYS A 95 5.37 -14.53 1.94
C LYS A 95 6.40 -14.16 0.88
N GLN A 96 6.95 -12.95 1.00
CA GLN A 96 7.95 -12.49 0.04
C GLN A 96 9.10 -11.80 0.76
N TYR A 97 10.30 -11.91 0.20
CA TYR A 97 11.49 -11.30 0.79
C TYR A 97 12.02 -10.17 -0.09
N MET A 98 12.32 -9.04 0.53
CA MET A 98 12.84 -7.89 -0.20
C MET A 98 14.22 -8.19 -0.79
N HIS A 99 14.34 -8.02 -2.11
CA HIS A 99 15.59 -8.28 -2.80
C HIS A 99 16.23 -6.97 -3.27
N GLY A 100 16.12 -5.94 -2.45
CA GLY A 100 16.69 -4.65 -2.80
C GLY A 100 16.45 -3.60 -1.74
N ILE A 101 16.59 -2.33 -2.13
CA ILE A 101 16.38 -1.23 -1.19
C ILE A 101 15.44 -0.18 -1.80
N VAL A 102 14.39 0.16 -1.04
CA VAL A 102 13.42 1.16 -1.49
C VAL A 102 13.71 2.53 -0.88
N ARG A 103 13.71 3.55 -1.72
CA ARG A 103 13.97 4.91 -1.26
C ARG A 103 13.16 5.92 -2.08
N THR A 104 12.48 6.82 -1.38
CA THR A 104 11.68 7.84 -2.04
C THR A 104 12.54 8.74 -2.92
N LYS A 105 11.88 9.47 -3.83
CA LYS A 105 12.58 10.36 -4.74
C LYS A 105 12.32 11.82 -4.37
N VAL A 106 11.15 12.07 -3.78
CA VAL A 106 10.79 13.43 -3.37
C VAL A 106 10.15 13.43 -1.99
N ASP A 107 9.80 14.62 -1.51
CA ASP A 107 9.17 14.77 -0.21
C ASP A 107 7.66 14.72 -0.31
N ASP A 108 6.98 14.76 0.83
CA ASP A 108 5.53 14.71 0.86
C ASP A 108 5.01 13.43 0.22
N CYS A 109 5.82 12.38 0.27
CA CYS A 109 5.44 11.09 -0.30
C CYS A 109 4.49 10.35 0.64
N GLN A 110 3.37 9.90 0.09
CA GLN A 110 2.38 9.17 0.88
C GLN A 110 2.44 7.68 0.57
N PHE A 111 2.00 6.87 1.53
CA PHE A 111 2.00 5.42 1.38
C PHE A 111 0.98 4.77 2.30
N VAL A 112 0.70 3.49 2.04
CA VAL A 112 -0.27 2.74 2.86
C VAL A 112 0.23 1.33 3.15
N CYS A 113 -0.05 0.85 4.35
CA CYS A 113 0.36 -0.49 4.76
C CYS A 113 -0.85 -1.38 4.99
N ILE A 114 -0.71 -2.66 4.63
CA ILE A 114 -1.79 -3.62 4.81
C ILE A 114 -1.25 -4.99 5.19
N ALA A 115 -1.74 -5.52 6.32
CA ALA A 115 -1.31 -6.83 6.79
C ALA A 115 -1.53 -7.90 5.73
N GLN A 116 -0.59 -8.84 5.65
CA GLN A 116 -0.69 -9.93 4.68
C GLN A 116 -2.04 -10.62 4.76
N GLN A 117 -2.33 -11.18 5.94
CA GLN A 117 -3.60 -11.88 6.15
C GLN A 117 -4.77 -11.02 5.72
N ASP A 118 -4.87 -9.82 6.30
CA ASP A 118 -5.95 -8.91 5.96
C ASP A 118 -5.97 -8.59 4.47
N TYR A 119 -4.82 -8.77 3.82
CA TYR A 119 -4.71 -8.51 2.39
C TYR A 119 -5.22 -9.70 1.57
N TRP A 120 -5.09 -10.88 2.15
CA TRP A 120 -5.54 -12.11 1.48
C TRP A 120 -6.90 -12.55 2.00
N ARG A 121 -7.45 -11.78 2.93
CA ARG A 121 -8.75 -12.10 3.50
C ARG A 121 -9.86 -11.31 2.81
N ILE A 122 -9.48 -10.43 1.91
CA ILE A 122 -10.44 -9.61 1.17
C ILE A 122 -10.46 -9.99 -0.31
N LEU A 123 -9.30 -9.92 -0.94
CA LEU A 123 -9.18 -10.24 -2.36
C LEU A 123 -9.62 -11.68 -2.63
N ASN A 124 -9.39 -12.55 -1.65
CA ASN A 124 -9.77 -13.95 -1.77
C ASN A 124 -11.20 -14.18 -1.29
N HIS A 125 -11.62 -15.44 -1.26
CA HIS A 125 -12.96 -15.78 -0.82
C HIS A 125 -12.93 -16.45 0.56
N VAL A 126 -12.36 -15.75 1.53
CA VAL A 126 -12.27 -16.27 2.89
C VAL A 126 -13.52 -15.95 3.69
N GLU A 127 -14.13 -16.98 4.28
CA GLU A 127 -15.34 -16.81 5.06
C GLU A 127 -15.03 -16.09 6.38
N LYS A 128 -15.43 -14.83 6.47
CA LYS A 128 -15.19 -14.03 7.66
C LYS A 128 -15.92 -12.69 7.57
N SER A 129 -16.32 -12.16 8.73
CA SER A 129 -17.02 -10.88 8.78
C SER A 129 -16.05 -9.75 9.07
N GLY A 130 -15.85 -8.87 8.09
CA GLY A 130 -14.95 -7.75 8.28
C GLY A 130 -15.69 -6.42 8.35
N PRO A 131 -16.10 -5.90 7.19
CA PRO A 131 -16.82 -4.63 7.09
C PRO A 131 -18.23 -4.72 7.66
N SER A 132 -18.80 -5.93 7.63
CA SER A 132 -20.15 -6.15 8.14
C SER A 132 -20.15 -6.22 9.67
N SER A 133 -21.23 -5.73 10.27
CA SER A 133 -21.36 -5.73 11.72
C SER A 133 -22.31 -6.83 12.19
N GLY A 134 -23.39 -7.01 11.44
CA GLY A 134 -24.37 -8.03 11.79
C GLY A 134 -24.35 -9.21 10.83
N GLY A 1 -2.69 26.51 10.33
CA GLY A 1 -3.22 25.46 11.18
C GLY A 1 -2.65 24.09 10.86
N SER A 2 -3.07 23.09 11.62
CA SER A 2 -2.60 21.72 11.41
C SER A 2 -3.75 20.81 11.02
N SER A 3 -3.43 19.75 10.28
CA SER A 3 -4.44 18.79 9.82
C SER A 3 -4.59 17.65 10.83
N GLY A 4 -5.71 16.95 10.76
CA GLY A 4 -5.97 15.85 11.67
C GLY A 4 -6.84 14.78 11.06
N SER A 5 -7.45 13.96 11.90
CA SER A 5 -8.32 12.89 11.44
C SER A 5 -9.73 13.40 11.19
N SER A 6 -9.82 14.58 10.58
CA SER A 6 -11.11 15.19 10.28
C SER A 6 -11.65 14.70 8.95
N GLY A 7 -12.96 14.81 8.77
CA GLY A 7 -13.59 14.36 7.54
C GLY A 7 -14.82 13.51 7.78
N ASP A 8 -15.94 13.92 7.19
CA ASP A 8 -17.19 13.18 7.34
C ASP A 8 -17.18 11.90 6.53
N ASP A 9 -16.70 12.00 5.29
CA ASP A 9 -16.63 10.84 4.40
C ASP A 9 -15.22 10.67 3.85
N ASP A 10 -14.33 10.14 4.68
CA ASP A 10 -12.94 9.92 4.27
C ASP A 10 -12.85 8.81 3.22
N ILE A 11 -13.39 7.65 3.55
CA ILE A 11 -13.37 6.51 2.64
C ILE A 11 -13.74 6.93 1.22
N GLU A 12 -14.84 7.66 1.10
CA GLU A 12 -15.30 8.14 -0.20
C GLU A 12 -14.15 8.73 -1.00
N GLN A 13 -13.39 9.61 -0.37
CA GLN A 13 -12.26 10.26 -1.02
C GLN A 13 -11.24 9.22 -1.49
N LEU A 14 -10.92 8.27 -0.62
CA LEU A 14 -9.96 7.23 -0.95
C LEU A 14 -10.39 6.47 -2.21
N LEU A 15 -11.59 5.90 -2.17
CA LEU A 15 -12.11 5.15 -3.31
C LEU A 15 -11.82 5.88 -4.62
N GLU A 16 -12.44 7.04 -4.81
CA GLU A 16 -12.25 7.84 -6.01
C GLU A 16 -10.79 7.81 -6.44
N PHE A 17 -9.89 7.66 -5.48
CA PHE A 17 -8.46 7.63 -5.75
C PHE A 17 -7.99 6.20 -6.04
N MET A 18 -8.59 5.23 -5.33
CA MET A 18 -8.24 3.84 -5.50
C MET A 18 -8.54 3.37 -6.93
N HIS A 19 -9.82 3.37 -7.29
CA HIS A 19 -10.24 2.95 -8.61
C HIS A 19 -9.33 3.53 -9.68
N GLN A 20 -8.94 4.79 -9.50
CA GLN A 20 -8.07 5.47 -10.45
C GLN A 20 -6.82 4.64 -10.74
N LEU A 21 -6.21 4.12 -9.68
CA LEU A 21 -5.00 3.31 -9.81
C LEU A 21 -5.35 1.90 -10.28
N PRO A 22 -4.47 1.33 -11.12
CA PRO A 22 -4.67 -0.02 -11.67
C PRO A 22 -4.49 -1.09 -10.60
N ALA A 23 -3.59 -0.85 -9.65
CA ALA A 23 -3.33 -1.80 -8.57
C ALA A 23 -4.56 -1.97 -7.70
N PHE A 24 -5.43 -0.97 -7.68
CA PHE A 24 -6.65 -1.02 -6.88
C PHE A 24 -7.85 -1.38 -7.74
N ALA A 25 -7.92 -0.81 -8.94
CA ALA A 25 -9.02 -1.07 -9.86
C ALA A 25 -9.24 -2.57 -10.01
N ASN A 26 -8.17 -3.34 -9.93
CA ASN A 26 -8.26 -4.79 -10.06
C ASN A 26 -9.37 -5.36 -9.17
N MET A 27 -9.45 -4.85 -7.95
CA MET A 27 -10.47 -5.30 -7.00
C MET A 27 -11.80 -4.60 -7.26
N THR A 28 -12.88 -5.18 -6.76
CA THR A 28 -14.22 -4.62 -6.93
C THR A 28 -14.54 -3.63 -5.83
N MET A 29 -15.52 -2.76 -6.08
CA MET A 29 -15.93 -1.76 -5.09
C MET A 29 -15.80 -2.31 -3.68
N SER A 30 -16.66 -3.28 -3.35
CA SER A 30 -16.65 -3.88 -2.03
C SER A 30 -15.22 -4.01 -1.49
N VAL A 31 -14.43 -4.88 -2.12
CA VAL A 31 -13.05 -5.09 -1.72
C VAL A 31 -12.38 -3.77 -1.35
N ARG A 32 -12.39 -2.82 -2.29
CA ARG A 32 -11.78 -1.51 -2.08
C ARG A 32 -12.10 -0.99 -0.69
N ARG A 33 -13.39 -0.97 -0.36
CA ARG A 33 -13.84 -0.49 0.95
C ARG A 33 -13.27 -1.35 2.07
N GLU A 34 -13.56 -2.64 2.02
CA GLU A 34 -13.07 -3.57 3.03
C GLU A 34 -11.63 -3.25 3.43
N LEU A 35 -10.81 -2.94 2.43
CA LEU A 35 -9.41 -2.62 2.67
C LEU A 35 -9.28 -1.34 3.48
N CYS A 36 -10.04 -0.32 3.10
CA CYS A 36 -10.01 0.96 3.80
C CYS A 36 -10.15 0.77 5.30
N SER A 37 -10.80 -0.32 5.70
CA SER A 37 -11.01 -0.63 7.10
C SER A 37 -9.69 -0.98 7.78
N VAL A 38 -8.81 -1.65 7.04
CA VAL A 38 -7.51 -2.06 7.57
C VAL A 38 -6.39 -1.30 6.87
N MET A 39 -6.71 -0.16 6.28
CA MET A 39 -5.73 0.66 5.58
C MET A 39 -5.05 1.63 6.54
N ILE A 40 -3.78 1.40 6.82
CA ILE A 40 -3.02 2.26 7.71
C ILE A 40 -2.50 3.49 6.99
N PHE A 41 -2.45 4.62 7.69
CA PHE A 41 -1.98 5.87 7.12
C PHE A 41 -0.51 6.11 7.48
N GLU A 42 0.32 6.29 6.46
CA GLU A 42 1.75 6.52 6.67
C GLU A 42 2.29 7.53 5.66
N VAL A 43 3.10 8.46 6.14
CA VAL A 43 3.68 9.48 5.27
C VAL A 43 5.14 9.75 5.64
N VAL A 44 5.95 10.07 4.65
CA VAL A 44 7.37 10.36 4.86
C VAL A 44 7.67 11.83 4.61
N GLU A 45 8.32 12.48 5.58
CA GLU A 45 8.67 13.88 5.45
C GLU A 45 10.10 14.04 4.93
N GLN A 46 11.01 13.22 5.46
CA GLN A 46 12.41 13.26 5.05
C GLN A 46 12.62 12.45 3.78
N ALA A 47 12.88 13.14 2.68
CA ALA A 47 13.11 12.48 1.40
C ALA A 47 14.24 11.47 1.50
N GLY A 48 14.52 10.78 0.40
CA GLY A 48 15.58 9.79 0.39
C GLY A 48 15.46 8.80 1.53
N ALA A 49 14.27 8.73 2.13
CA ALA A 49 14.03 7.83 3.25
C ALA A 49 13.90 6.38 2.77
N ILE A 50 14.42 5.45 3.55
CA ILE A 50 14.37 4.04 3.21
C ILE A 50 13.00 3.44 3.55
N ILE A 51 12.31 2.94 2.53
CA ILE A 51 11.00 2.34 2.73
C ILE A 51 11.11 0.87 3.09
N LEU A 52 12.05 0.18 2.46
CA LEU A 52 12.28 -1.24 2.72
C LEU A 52 13.73 -1.63 2.45
N GLU A 53 14.32 -2.37 3.38
CA GLU A 53 15.70 -2.80 3.25
C GLU A 53 15.78 -4.15 2.53
N ASP A 54 16.92 -4.41 1.90
CA ASP A 54 17.13 -5.66 1.18
C ASP A 54 17.08 -6.86 2.13
N GLY A 55 16.26 -7.84 1.80
CA GLY A 55 16.14 -9.02 2.63
C GLY A 55 15.12 -8.86 3.74
N GLN A 56 14.23 -7.87 3.57
CA GLN A 56 13.20 -7.60 4.57
C GLN A 56 11.95 -8.43 4.28
N GLU A 57 11.62 -9.32 5.21
CA GLU A 57 10.45 -10.18 5.06
C GLU A 57 9.18 -9.34 4.92
N LEU A 58 8.84 -8.97 3.68
CA LEU A 58 7.66 -8.17 3.42
C LEU A 58 6.42 -8.83 3.99
N ASP A 59 5.76 -8.14 4.92
CA ASP A 59 4.54 -8.67 5.54
C ASP A 59 3.35 -7.75 5.27
N SER A 60 3.64 -6.49 4.96
CA SER A 60 2.60 -5.51 4.68
C SER A 60 2.70 -5.01 3.24
N TRP A 61 1.55 -4.67 2.66
CA TRP A 61 1.51 -4.17 1.29
C TRP A 61 1.64 -2.65 1.25
N TYR A 62 2.49 -2.16 0.37
CA TYR A 62 2.71 -0.72 0.24
C TYR A 62 2.30 -0.24 -1.14
N VAL A 63 1.53 0.85 -1.18
CA VAL A 63 1.06 1.42 -2.43
C VAL A 63 1.36 2.92 -2.49
N ILE A 64 2.17 3.32 -3.47
CA ILE A 64 2.53 4.72 -3.63
C ILE A 64 1.29 5.60 -3.74
N LEU A 65 0.98 6.32 -2.67
CA LEU A 65 -0.18 7.20 -2.64
C LEU A 65 0.14 8.54 -3.30
N ASN A 66 1.38 9.01 -3.11
CA ASN A 66 1.80 10.28 -3.68
C ASN A 66 3.33 10.39 -3.67
N GLY A 67 3.88 10.96 -4.72
CA GLY A 67 5.32 11.12 -4.81
C GLY A 67 5.98 10.07 -5.69
N THR A 68 7.30 9.97 -5.60
CA THR A 68 8.05 9.00 -6.39
C THR A 68 9.06 8.26 -5.54
N VAL A 69 9.15 6.95 -5.74
CA VAL A 69 10.09 6.12 -4.99
C VAL A 69 11.07 5.41 -5.92
N GLU A 70 12.34 5.42 -5.56
CA GLU A 70 13.37 4.78 -6.36
C GLU A 70 13.84 3.48 -5.70
N ILE A 71 13.94 2.42 -6.50
CA ILE A 71 14.36 1.12 -6.00
C ILE A 71 15.74 0.75 -6.54
N SER A 72 16.60 0.24 -5.67
CA SER A 72 17.95 -0.15 -6.06
C SER A 72 18.20 -1.63 -5.76
N HIS A 73 18.74 -2.35 -6.75
CA HIS A 73 19.02 -3.77 -6.59
C HIS A 73 20.50 -4.00 -6.34
N PRO A 74 20.82 -5.04 -5.56
CA PRO A 74 22.20 -5.40 -5.22
C PRO A 74 22.97 -5.94 -6.42
N ASP A 75 22.23 -6.39 -7.43
CA ASP A 75 22.84 -6.94 -8.63
C ASP A 75 23.37 -5.81 -9.53
N GLY A 76 22.56 -4.78 -9.71
CA GLY A 76 22.97 -3.66 -10.55
C GLY A 76 21.83 -3.10 -11.37
N LYS A 77 20.62 -3.16 -10.82
CA LYS A 77 19.44 -2.66 -11.50
C LYS A 77 18.64 -1.72 -10.59
N VAL A 78 18.04 -0.70 -11.19
CA VAL A 78 17.25 0.27 -10.45
C VAL A 78 15.85 0.43 -11.04
N GLU A 79 14.83 0.24 -10.22
CA GLU A 79 13.45 0.36 -10.66
C GLU A 79 12.86 1.70 -10.25
N ASN A 80 12.13 2.33 -11.17
CA ASN A 80 11.51 3.62 -10.90
C ASN A 80 9.99 3.52 -10.93
N LEU A 81 9.36 3.77 -9.80
CA LEU A 81 7.91 3.70 -9.68
C LEU A 81 7.30 5.09 -9.59
N PHE A 82 5.99 5.17 -9.80
CA PHE A 82 5.28 6.45 -9.74
C PHE A 82 3.88 6.27 -9.18
N MET A 83 3.23 7.37 -8.84
CA MET A 83 1.88 7.33 -8.30
C MET A 83 1.00 6.38 -9.09
N GLY A 84 0.54 5.31 -8.44
CA GLY A 84 -0.30 4.34 -9.09
C GLY A 84 0.24 2.92 -8.96
N ASN A 85 1.56 2.80 -8.93
CA ASN A 85 2.20 1.49 -8.81
C ASN A 85 1.98 0.91 -7.41
N SER A 86 2.42 -0.32 -7.23
CA SER A 86 2.28 -1.00 -5.94
C SER A 86 3.46 -1.93 -5.67
N PHE A 87 3.92 -1.94 -4.42
CA PHE A 87 5.05 -2.78 -4.04
C PHE A 87 4.89 -3.28 -2.60
N GLY A 88 5.42 -4.46 -2.33
CA GLY A 88 5.32 -5.03 -1.00
C GLY A 88 5.03 -6.52 -1.02
N ILE A 89 3.99 -6.92 -0.29
CA ILE A 89 3.62 -8.33 -0.22
C ILE A 89 2.52 -8.66 -1.25
N THR A 90 2.11 -9.91 -1.28
CA THR A 90 1.08 -10.36 -2.21
C THR A 90 -0.21 -10.70 -1.48
N PRO A 91 -1.32 -10.72 -2.22
CA PRO A 91 -2.65 -11.04 -1.66
C PRO A 91 -2.77 -12.50 -1.26
N THR A 92 -1.68 -13.25 -1.42
CA THR A 92 -1.67 -14.67 -1.07
C THR A 92 -0.97 -14.90 0.26
N LEU A 93 -1.53 -15.78 1.09
CA LEU A 93 -0.97 -16.08 2.39
C LEU A 93 0.54 -16.24 2.30
N ASP A 94 1.02 -16.62 1.13
CA ASP A 94 2.46 -16.81 0.91
C ASP A 94 3.24 -15.58 1.36
N LYS A 95 4.51 -15.77 1.66
CA LYS A 95 5.38 -14.68 2.10
C LYS A 95 6.27 -14.20 0.96
N GLN A 96 7.00 -13.12 1.22
CA GLN A 96 7.90 -12.55 0.22
C GLN A 96 9.11 -11.91 0.87
N TYR A 97 10.14 -11.63 0.07
CA TYR A 97 11.36 -11.01 0.57
C TYR A 97 11.83 -9.89 -0.35
N MET A 98 12.10 -8.73 0.23
CA MET A 98 12.56 -7.58 -0.53
C MET A 98 13.85 -7.89 -1.27
N HIS A 99 13.79 -7.93 -2.60
CA HIS A 99 14.96 -8.22 -3.42
C HIS A 99 15.70 -6.94 -3.78
N GLY A 100 15.73 -5.99 -2.84
CA GLY A 100 16.42 -4.74 -3.08
C GLY A 100 16.11 -3.70 -2.02
N ILE A 101 16.61 -2.49 -2.22
CA ILE A 101 16.38 -1.40 -1.28
C ILE A 101 15.51 -0.31 -1.89
N VAL A 102 14.52 0.16 -1.12
CA VAL A 102 13.63 1.21 -1.59
C VAL A 102 13.92 2.53 -0.89
N ARG A 103 13.91 3.61 -1.66
CA ARG A 103 14.17 4.94 -1.12
C ARG A 103 13.38 6.00 -1.88
N THR A 104 12.69 6.87 -1.13
CA THR A 104 11.89 7.93 -1.74
C THR A 104 12.76 8.86 -2.57
N LYS A 105 12.12 9.65 -3.44
CA LYS A 105 12.83 10.59 -4.29
C LYS A 105 12.54 12.02 -3.88
N VAL A 106 11.40 12.23 -3.23
CA VAL A 106 11.00 13.56 -2.77
C VAL A 106 10.35 13.50 -1.39
N ASP A 107 9.97 14.66 -0.88
CA ASP A 107 9.35 14.75 0.43
C ASP A 107 7.83 14.72 0.30
N ASP A 108 7.14 14.78 1.45
CA ASP A 108 5.68 14.75 1.46
C ASP A 108 5.15 13.52 0.73
N CYS A 109 5.94 12.46 0.73
CA CYS A 109 5.56 11.22 0.07
C CYS A 109 4.58 10.43 0.93
N GLN A 110 3.42 10.13 0.36
CA GLN A 110 2.39 9.38 1.08
C GLN A 110 2.46 7.90 0.74
N PHE A 111 2.12 7.05 1.71
CA PHE A 111 2.14 5.61 1.51
C PHE A 111 1.10 4.92 2.39
N VAL A 112 0.43 3.92 1.83
CA VAL A 112 -0.58 3.18 2.56
C VAL A 112 -0.10 1.77 2.90
N CYS A 113 -0.52 1.28 4.06
CA CYS A 113 -0.12 -0.06 4.50
C CYS A 113 -1.36 -0.91 4.79
N ILE A 114 -1.24 -2.21 4.51
CA ILE A 114 -2.34 -3.14 4.74
C ILE A 114 -1.82 -4.52 5.13
N ALA A 115 -2.24 -4.99 6.31
CA ALA A 115 -1.83 -6.29 6.79
C ALA A 115 -2.09 -7.38 5.76
N GLN A 116 -1.23 -8.41 5.75
CA GLN A 116 -1.38 -9.51 4.81
C GLN A 116 -2.72 -10.22 4.99
N GLN A 117 -2.93 -10.75 6.19
CA GLN A 117 -4.18 -11.46 6.49
C GLN A 117 -5.36 -10.80 5.80
N ASP A 118 -5.63 -9.55 6.16
CA ASP A 118 -6.74 -8.81 5.56
C ASP A 118 -6.60 -8.74 4.05
N TYR A 119 -5.36 -8.62 3.57
CA TYR A 119 -5.09 -8.55 2.15
C TYR A 119 -5.41 -9.87 1.45
N TRP A 120 -5.61 -10.91 2.26
CA TRP A 120 -5.92 -12.23 1.73
C TRP A 120 -7.30 -12.69 2.18
N ARG A 121 -7.99 -11.84 2.94
CA ARG A 121 -9.32 -12.16 3.43
C ARG A 121 -10.38 -11.34 2.71
N ILE A 122 -9.93 -10.41 1.87
CA ILE A 122 -10.84 -9.55 1.11
C ILE A 122 -10.86 -9.96 -0.36
N LEU A 123 -9.69 -9.96 -0.99
CA LEU A 123 -9.58 -10.33 -2.40
C LEU A 123 -9.95 -11.79 -2.61
N ASN A 124 -9.33 -12.67 -1.83
CA ASN A 124 -9.60 -14.10 -1.93
C ASN A 124 -11.07 -14.40 -1.66
N HIS A 125 -11.42 -15.68 -1.66
CA HIS A 125 -12.79 -16.11 -1.42
C HIS A 125 -12.98 -16.52 0.04
N VAL A 126 -12.44 -15.72 0.96
CA VAL A 126 -12.55 -16.01 2.38
C VAL A 126 -13.56 -15.08 3.05
N GLU A 127 -14.34 -15.63 3.97
CA GLU A 127 -15.35 -14.86 4.68
C GLU A 127 -15.99 -13.82 3.77
N LYS A 128 -16.31 -14.24 2.55
CA LYS A 128 -16.93 -13.34 1.57
C LYS A 128 -17.90 -12.40 2.26
N SER A 129 -18.56 -12.87 3.31
CA SER A 129 -19.52 -12.05 4.04
C SER A 129 -18.81 -11.02 4.91
N GLY A 130 -18.17 -10.06 4.26
CA GLY A 130 -17.46 -9.02 4.99
C GLY A 130 -18.38 -7.92 5.48
N PRO A 131 -17.80 -6.74 5.74
CA PRO A 131 -18.55 -5.57 6.22
C PRO A 131 -19.47 -5.00 5.14
N SER A 132 -19.48 -5.64 3.98
CA SER A 132 -20.31 -5.18 2.87
C SER A 132 -21.79 -5.37 3.18
N SER A 133 -22.42 -4.31 3.66
CA SER A 133 -23.84 -4.37 4.00
C SER A 133 -24.71 -4.33 2.75
N GLY A 134 -25.84 -5.03 2.79
CA GLY A 134 -26.73 -5.06 1.66
C GLY A 134 -27.83 -4.02 1.76
N GLY A 1 2.49 22.08 6.99
CA GLY A 1 2.55 21.19 8.13
C GLY A 1 1.19 20.63 8.52
N SER A 2 0.73 19.62 7.81
CA SER A 2 -0.56 19.01 8.07
C SER A 2 -0.40 17.72 8.87
N SER A 3 -0.74 17.77 10.15
CA SER A 3 -0.63 16.61 11.03
C SER A 3 -2.01 16.09 11.43
N GLY A 4 -2.52 15.14 10.65
CA GLY A 4 -3.82 14.58 10.93
C GLY A 4 -4.83 14.85 9.82
N SER A 5 -5.88 14.05 9.78
CA SER A 5 -6.92 14.19 8.76
C SER A 5 -8.30 13.90 9.32
N SER A 6 -9.33 14.24 8.57
CA SER A 6 -10.71 14.02 9.01
C SER A 6 -11.65 14.00 7.81
N GLY A 7 -12.79 13.32 7.98
CA GLY A 7 -13.76 13.22 6.91
C GLY A 7 -14.77 12.11 7.13
N ASP A 8 -16.00 12.50 7.44
CA ASP A 8 -17.06 11.53 7.69
C ASP A 8 -17.09 10.46 6.60
N ASP A 9 -17.07 10.90 5.34
CA ASP A 9 -17.09 9.98 4.21
C ASP A 9 -15.70 9.85 3.60
N ASP A 10 -14.70 9.61 4.45
CA ASP A 10 -13.32 9.47 3.99
C ASP A 10 -13.20 8.31 2.99
N ILE A 11 -14.05 7.30 3.17
CA ILE A 11 -14.03 6.14 2.29
C ILE A 11 -14.45 6.51 0.88
N GLU A 12 -15.70 6.92 0.73
CA GLU A 12 -16.22 7.32 -0.59
C GLU A 12 -15.21 8.16 -1.35
N GLN A 13 -14.53 9.06 -0.64
CA GLN A 13 -13.53 9.92 -1.25
C GLN A 13 -12.34 9.11 -1.75
N LEU A 14 -11.99 8.07 -1.01
CA LEU A 14 -10.87 7.21 -1.38
C LEU A 14 -11.22 6.34 -2.58
N LEU A 15 -12.26 5.53 -2.44
CA LEU A 15 -12.70 4.66 -3.52
C LEU A 15 -12.48 5.32 -4.88
N GLU A 16 -12.97 6.54 -5.02
CA GLU A 16 -12.84 7.28 -6.27
C GLU A 16 -11.38 7.34 -6.70
N PHE A 17 -10.52 7.82 -5.80
CA PHE A 17 -9.09 7.94 -6.08
C PHE A 17 -8.49 6.58 -6.42
N MET A 18 -8.91 5.56 -5.69
CA MET A 18 -8.42 4.20 -5.90
C MET A 18 -8.71 3.73 -7.33
N HIS A 19 -9.82 4.22 -7.88
CA HIS A 19 -10.22 3.86 -9.24
C HIS A 19 -9.26 4.46 -10.27
N GLN A 20 -8.50 5.47 -9.85
CA GLN A 20 -7.56 6.13 -10.73
C GLN A 20 -6.26 5.33 -10.84
N LEU A 21 -5.95 4.58 -9.79
CA LEU A 21 -4.73 3.77 -9.76
C LEU A 21 -5.01 2.38 -10.31
N PRO A 22 -4.04 1.82 -11.07
CA PRO A 22 -4.15 0.49 -11.65
C PRO A 22 -4.10 -0.61 -10.60
N ALA A 23 -3.26 -0.42 -9.59
CA ALA A 23 -3.11 -1.39 -8.52
C ALA A 23 -4.42 -1.60 -7.77
N PHE A 24 -5.22 -0.54 -7.69
CA PHE A 24 -6.51 -0.60 -7.01
C PHE A 24 -7.63 -0.94 -7.98
N ALA A 25 -7.34 -0.79 -9.27
CA ALA A 25 -8.33 -1.08 -10.31
C ALA A 25 -8.45 -2.59 -10.54
N ASN A 26 -7.38 -3.31 -10.27
CA ASN A 26 -7.37 -4.76 -10.45
C ASN A 26 -8.56 -5.40 -9.73
N MET A 27 -8.76 -5.02 -8.48
CA MET A 27 -9.87 -5.56 -7.69
C MET A 27 -11.12 -4.73 -7.88
N THR A 28 -12.25 -5.21 -7.34
CA THR A 28 -13.52 -4.52 -7.45
C THR A 28 -13.69 -3.50 -6.34
N MET A 29 -14.82 -2.81 -6.35
CA MET A 29 -15.11 -1.80 -5.33
C MET A 29 -15.22 -2.45 -3.94
N SER A 30 -15.98 -3.53 -3.85
CA SER A 30 -16.16 -4.23 -2.59
C SER A 30 -14.84 -4.35 -1.84
N VAL A 31 -13.85 -4.93 -2.49
CA VAL A 31 -12.54 -5.11 -1.88
C VAL A 31 -11.94 -3.77 -1.44
N ARG A 32 -11.93 -2.81 -2.36
CA ARG A 32 -11.39 -1.49 -2.07
C ARG A 32 -11.90 -0.97 -0.73
N ARG A 33 -13.21 -0.78 -0.65
CA ARG A 33 -13.83 -0.29 0.58
C ARG A 33 -13.34 -1.08 1.79
N GLU A 34 -13.43 -2.41 1.69
CA GLU A 34 -13.00 -3.28 2.78
C GLU A 34 -11.58 -2.94 3.22
N LEU A 35 -10.67 -2.83 2.25
CA LEU A 35 -9.29 -2.51 2.54
C LEU A 35 -9.18 -1.29 3.45
N CYS A 36 -9.91 -0.24 3.10
CA CYS A 36 -9.90 0.99 3.89
C CYS A 36 -10.10 0.68 5.37
N SER A 37 -10.70 -0.46 5.66
CA SER A 37 -10.95 -0.87 7.04
C SER A 37 -9.64 -1.14 7.77
N VAL A 38 -8.67 -1.73 7.06
CA VAL A 38 -7.38 -2.03 7.64
C VAL A 38 -6.26 -1.25 6.96
N MET A 39 -6.64 -0.12 6.35
CA MET A 39 -5.67 0.72 5.66
C MET A 39 -4.91 1.60 6.65
N ILE A 40 -3.60 1.41 6.74
CA ILE A 40 -2.77 2.19 7.65
C ILE A 40 -2.37 3.52 7.02
N PHE A 41 -2.20 4.54 7.86
CA PHE A 41 -1.81 5.86 7.38
C PHE A 41 -0.34 6.15 7.70
N GLU A 42 0.46 6.33 6.66
CA GLU A 42 1.88 6.60 6.83
C GLU A 42 2.36 7.63 5.81
N VAL A 43 3.25 8.52 6.24
CA VAL A 43 3.79 9.55 5.36
C VAL A 43 5.25 9.85 5.70
N VAL A 44 6.04 10.10 4.67
CA VAL A 44 7.45 10.40 4.85
C VAL A 44 7.75 11.86 4.52
N GLU A 45 8.39 12.56 5.46
CA GLU A 45 8.73 13.96 5.26
C GLU A 45 10.15 14.10 4.71
N GLN A 46 11.06 13.31 5.24
CA GLN A 46 12.46 13.35 4.80
C GLN A 46 12.64 12.55 3.51
N ALA A 47 12.94 13.26 2.43
CA ALA A 47 13.14 12.62 1.13
C ALA A 47 14.33 11.66 1.18
N GLY A 48 14.42 10.78 0.18
CA GLY A 48 15.51 9.83 0.12
C GLY A 48 15.50 8.87 1.29
N ALA A 49 14.35 8.73 1.93
CA ALA A 49 14.22 7.84 3.08
C ALA A 49 14.01 6.40 2.64
N ILE A 50 14.58 5.46 3.38
CA ILE A 50 14.47 4.04 3.06
C ILE A 50 13.10 3.50 3.46
N ILE A 51 12.45 2.78 2.55
CA ILE A 51 11.14 2.21 2.81
C ILE A 51 11.24 0.72 3.12
N LEU A 52 12.16 0.04 2.45
CA LEU A 52 12.36 -1.39 2.66
C LEU A 52 13.81 -1.78 2.37
N GLU A 53 14.39 -2.57 3.26
CA GLU A 53 15.77 -3.01 3.10
C GLU A 53 15.83 -4.38 2.41
N ASP A 54 16.96 -4.69 1.80
CA ASP A 54 17.14 -5.96 1.12
C ASP A 54 17.08 -7.13 2.09
N GLY A 55 16.31 -8.16 1.74
CA GLY A 55 16.19 -9.31 2.61
C GLY A 55 15.27 -9.06 3.78
N GLN A 56 14.19 -8.34 3.55
CA GLN A 56 13.23 -8.02 4.59
C GLN A 56 11.94 -8.81 4.40
N GLU A 57 11.55 -9.56 5.43
CA GLU A 57 10.34 -10.36 5.39
C GLU A 57 9.10 -9.48 5.32
N LEU A 58 8.72 -9.11 4.10
CA LEU A 58 7.54 -8.26 3.89
C LEU A 58 6.28 -8.96 4.38
N ASP A 59 5.52 -8.25 5.21
CA ASP A 59 4.28 -8.80 5.76
C ASP A 59 3.12 -7.84 5.54
N SER A 60 3.40 -6.72 4.87
CA SER A 60 2.38 -5.72 4.59
C SER A 60 2.50 -5.20 3.16
N TRP A 61 1.35 -4.94 2.54
CA TRP A 61 1.32 -4.44 1.17
C TRP A 61 1.42 -2.92 1.14
N TYR A 62 2.46 -2.40 0.51
CA TYR A 62 2.66 -0.96 0.42
C TYR A 62 2.21 -0.43 -0.93
N VAL A 63 1.44 0.65 -0.91
CA VAL A 63 0.94 1.26 -2.14
C VAL A 63 1.22 2.76 -2.17
N ILE A 64 1.96 3.20 -3.18
CA ILE A 64 2.30 4.61 -3.33
C ILE A 64 1.04 5.47 -3.39
N LEU A 65 0.83 6.28 -2.36
CA LEU A 65 -0.34 7.15 -2.30
C LEU A 65 -0.03 8.50 -2.94
N ASN A 66 1.18 9.01 -2.71
CA ASN A 66 1.59 10.29 -3.27
C ASN A 66 3.12 10.41 -3.29
N GLY A 67 3.65 10.94 -4.38
CA GLY A 67 5.09 11.09 -4.51
C GLY A 67 5.71 10.02 -5.39
N THR A 68 7.04 9.98 -5.41
CA THR A 68 7.77 9.01 -6.21
C THR A 68 8.83 8.29 -5.39
N VAL A 69 8.95 6.98 -5.60
CA VAL A 69 9.93 6.18 -4.88
C VAL A 69 10.85 5.43 -5.85
N GLU A 70 12.15 5.45 -5.54
CA GLU A 70 13.13 4.78 -6.40
C GLU A 70 13.59 3.47 -5.76
N ILE A 71 13.77 2.44 -6.59
CA ILE A 71 14.20 1.14 -6.11
C ILE A 71 15.56 0.76 -6.69
N SER A 72 16.44 0.22 -5.85
CA SER A 72 17.77 -0.18 -6.28
C SER A 72 18.00 -1.67 -6.01
N HIS A 73 18.68 -2.32 -6.95
CA HIS A 73 18.98 -3.75 -6.81
C HIS A 73 20.48 -3.98 -6.65
N PRO A 74 20.84 -5.02 -5.89
CA PRO A 74 22.24 -5.37 -5.64
C PRO A 74 22.92 -5.93 -6.88
N ASP A 75 22.13 -6.31 -7.87
CA ASP A 75 22.66 -6.87 -9.11
C ASP A 75 23.16 -5.75 -10.02
N GLY A 76 22.40 -4.66 -10.08
CA GLY A 76 22.79 -3.53 -10.92
C GLY A 76 21.61 -2.96 -11.70
N LYS A 77 20.45 -2.96 -11.07
CA LYS A 77 19.24 -2.44 -11.71
C LYS A 77 18.48 -1.51 -10.77
N VAL A 78 17.83 -0.49 -11.34
CA VAL A 78 17.07 0.46 -10.55
C VAL A 78 15.66 0.63 -11.11
N GLU A 79 14.67 0.24 -10.31
CA GLU A 79 13.27 0.34 -10.71
C GLU A 79 12.65 1.64 -10.19
N ASN A 80 12.19 2.48 -11.11
CA ASN A 80 11.57 3.75 -10.74
C ASN A 80 10.05 3.65 -10.81
N LEU A 81 9.40 3.87 -9.67
CA LEU A 81 7.95 3.81 -9.59
C LEU A 81 7.34 5.22 -9.50
N PHE A 82 6.04 5.31 -9.71
CA PHE A 82 5.35 6.58 -9.65
C PHE A 82 3.96 6.43 -9.02
N MET A 83 3.33 7.54 -8.70
CA MET A 83 2.00 7.53 -8.10
C MET A 83 1.09 6.54 -8.81
N GLY A 84 0.64 5.52 -8.09
CA GLY A 84 -0.23 4.52 -8.67
C GLY A 84 0.33 3.12 -8.56
N ASN A 85 1.66 3.00 -8.67
CA ASN A 85 2.32 1.71 -8.59
C ASN A 85 2.15 1.11 -7.20
N SER A 86 2.47 -0.18 -7.07
CA SER A 86 2.35 -0.88 -5.80
C SER A 86 3.58 -1.75 -5.55
N PHE A 87 3.79 -2.10 -4.28
CA PHE A 87 4.92 -2.93 -3.90
C PHE A 87 4.80 -3.38 -2.45
N GLY A 88 5.40 -4.53 -2.14
CA GLY A 88 5.35 -5.05 -0.78
C GLY A 88 5.19 -6.56 -0.75
N ILE A 89 3.97 -7.03 -0.48
CA ILE A 89 3.71 -8.46 -0.43
C ILE A 89 2.59 -8.85 -1.39
N THR A 90 2.18 -10.12 -1.33
CA THR A 90 1.12 -10.61 -2.19
C THR A 90 -0.16 -10.87 -1.40
N PRO A 91 -1.28 -10.95 -2.12
CA PRO A 91 -2.60 -11.20 -1.49
C PRO A 91 -2.72 -12.62 -0.96
N THR A 92 -1.65 -13.38 -1.06
CA THR A 92 -1.64 -14.76 -0.59
C THR A 92 -0.96 -14.88 0.77
N LEU A 93 -1.39 -15.85 1.56
CA LEU A 93 -0.82 -16.07 2.89
C LEU A 93 0.68 -16.33 2.81
N ASP A 94 1.17 -16.58 1.60
CA ASP A 94 2.58 -16.84 1.38
C ASP A 94 3.42 -15.60 1.70
N LYS A 95 4.58 -15.82 2.31
CA LYS A 95 5.47 -14.72 2.66
C LYS A 95 6.46 -14.43 1.54
N GLN A 96 7.10 -13.27 1.61
CA GLN A 96 8.06 -12.87 0.59
C GLN A 96 9.19 -12.05 1.20
N TYR A 97 10.33 -12.00 0.51
CA TYR A 97 11.48 -11.25 0.99
C TYR A 97 11.92 -10.21 -0.04
N MET A 98 12.12 -8.98 0.42
CA MET A 98 12.56 -7.89 -0.46
C MET A 98 13.85 -8.26 -1.18
N HIS A 99 13.87 -8.03 -2.49
CA HIS A 99 15.05 -8.34 -3.30
C HIS A 99 15.76 -7.06 -3.73
N GLY A 100 15.72 -6.05 -2.86
CA GLY A 100 16.36 -4.78 -3.17
C GLY A 100 16.09 -3.73 -2.11
N ILE A 101 16.49 -2.49 -2.39
CA ILE A 101 16.30 -1.40 -1.47
C ILE A 101 15.39 -0.32 -2.06
N VAL A 102 14.48 0.20 -1.24
CA VAL A 102 13.55 1.23 -1.69
C VAL A 102 13.82 2.55 -0.98
N ARG A 103 13.88 3.63 -1.76
CA ARG A 103 14.14 4.96 -1.21
C ARG A 103 13.33 6.02 -1.94
N THR A 104 12.63 6.87 -1.18
CA THR A 104 11.82 7.92 -1.77
C THR A 104 12.65 8.82 -2.67
N LYS A 105 11.98 9.59 -3.52
CA LYS A 105 12.64 10.49 -4.45
C LYS A 105 12.26 11.94 -4.17
N VAL A 106 11.25 12.13 -3.31
CA VAL A 106 10.80 13.47 -2.95
C VAL A 106 10.25 13.50 -1.53
N ASP A 107 9.93 14.69 -1.06
CA ASP A 107 9.39 14.87 0.29
C ASP A 107 7.86 14.87 0.27
N ASP A 108 7.26 14.67 1.43
CA ASP A 108 5.81 14.66 1.56
C ASP A 108 5.21 13.50 0.77
N CYS A 109 5.83 12.33 0.90
CA CYS A 109 5.36 11.13 0.20
C CYS A 109 4.40 10.35 1.07
N GLN A 110 3.20 10.12 0.55
CA GLN A 110 2.18 9.36 1.29
C GLN A 110 2.20 7.89 0.90
N PHE A 111 2.05 7.02 1.89
CA PHE A 111 2.06 5.57 1.65
C PHE A 111 1.04 4.88 2.54
N VAL A 112 0.55 3.72 2.07
CA VAL A 112 -0.42 2.96 2.83
C VAL A 112 0.06 1.53 3.08
N CYS A 113 -0.30 0.99 4.23
CA CYS A 113 0.11 -0.37 4.59
C CYS A 113 -1.11 -1.23 4.93
N ILE A 114 -1.02 -2.52 4.61
CA ILE A 114 -2.12 -3.44 4.88
C ILE A 114 -1.58 -4.83 5.25
N ALA A 115 -1.94 -5.29 6.45
CA ALA A 115 -1.50 -6.59 6.92
C ALA A 115 -1.79 -7.68 5.88
N GLN A 116 -0.86 -8.61 5.74
CA GLN A 116 -1.01 -9.70 4.78
C GLN A 116 -2.23 -10.55 5.13
N GLN A 117 -2.45 -10.77 6.42
CA GLN A 117 -3.57 -11.57 6.88
C GLN A 117 -4.88 -11.05 6.30
N ASP A 118 -5.13 -9.77 6.45
CA ASP A 118 -6.35 -9.15 5.94
C ASP A 118 -6.29 -9.01 4.42
N TYR A 119 -5.08 -8.79 3.90
CA TYR A 119 -4.89 -8.63 2.46
C TYR A 119 -5.22 -9.92 1.73
N TRP A 120 -5.41 -11.00 2.48
CA TRP A 120 -5.74 -12.29 1.90
C TRP A 120 -7.15 -12.73 2.30
N ARG A 121 -7.80 -11.92 3.12
CA ARG A 121 -9.15 -12.22 3.59
C ARG A 121 -10.19 -11.45 2.78
N ILE A 122 -9.74 -10.37 2.13
CA ILE A 122 -10.64 -9.54 1.33
C ILE A 122 -10.70 -10.04 -0.11
N LEU A 123 -9.58 -9.98 -0.81
CA LEU A 123 -9.50 -10.44 -2.19
C LEU A 123 -9.96 -11.89 -2.31
N ASN A 124 -9.26 -12.79 -1.64
CA ASN A 124 -9.59 -14.21 -1.68
C ASN A 124 -11.02 -14.44 -1.20
N HIS A 125 -11.45 -15.70 -1.19
CA HIS A 125 -12.79 -16.05 -0.77
C HIS A 125 -12.75 -16.93 0.49
N VAL A 126 -11.79 -16.66 1.37
CA VAL A 126 -11.63 -17.43 2.59
C VAL A 126 -12.80 -17.18 3.53
N GLU A 127 -13.53 -16.10 3.31
CA GLU A 127 -14.68 -15.75 4.14
C GLU A 127 -15.59 -14.76 3.43
N LYS A 128 -16.82 -14.63 3.91
CA LYS A 128 -17.79 -13.73 3.33
C LYS A 128 -18.48 -12.89 4.40
N SER A 129 -17.70 -12.45 5.38
CA SER A 129 -18.23 -11.64 6.47
C SER A 129 -18.07 -10.15 6.18
N GLY A 130 -16.82 -9.70 6.11
CA GLY A 130 -16.55 -8.29 5.84
C GLY A 130 -16.32 -7.49 7.10
N PRO A 131 -16.29 -6.15 6.95
CA PRO A 131 -16.08 -5.25 8.09
C PRO A 131 -17.27 -5.21 9.03
N SER A 132 -18.28 -6.01 8.73
CA SER A 132 -19.48 -6.07 9.56
C SER A 132 -19.14 -5.89 11.03
N SER A 133 -19.77 -4.90 11.66
CA SER A 133 -19.53 -4.62 13.07
C SER A 133 -20.61 -5.25 13.95
N GLY A 134 -20.18 -6.14 14.85
CA GLY A 134 -21.11 -6.80 15.73
C GLY A 134 -20.99 -8.31 15.68
N GLY A 1 -5.31 17.25 20.01
CA GLY A 1 -5.24 16.38 18.84
C GLY A 1 -3.84 15.85 18.60
N SER A 2 -3.74 14.54 18.40
CA SER A 2 -2.45 13.91 18.15
C SER A 2 -2.43 13.23 16.79
N SER A 3 -2.07 13.99 15.76
CA SER A 3 -2.01 13.46 14.39
C SER A 3 -3.34 12.80 14.01
N GLY A 4 -4.44 13.45 14.37
CA GLY A 4 -5.76 12.91 14.06
C GLY A 4 -6.54 13.80 13.12
N SER A 5 -7.35 13.19 12.26
CA SER A 5 -8.15 13.95 11.31
C SER A 5 -9.63 13.62 11.47
N SER A 6 -10.49 14.56 11.09
CA SER A 6 -11.93 14.37 11.19
C SER A 6 -12.54 14.08 9.83
N GLY A 7 -13.81 13.71 9.82
CA GLY A 7 -14.49 13.40 8.58
C GLY A 7 -15.52 12.29 8.73
N ASP A 8 -16.54 12.30 7.89
CA ASP A 8 -17.58 11.29 7.93
C ASP A 8 -17.47 10.32 6.76
N ASP A 9 -17.22 10.87 5.57
CA ASP A 9 -17.08 10.06 4.37
C ASP A 9 -15.62 9.67 4.14
N ASP A 10 -14.95 9.29 5.21
CA ASP A 10 -13.54 8.89 5.13
C ASP A 10 -13.34 7.83 4.06
N ILE A 11 -14.16 6.79 4.11
CA ILE A 11 -14.08 5.70 3.14
C ILE A 11 -14.53 6.15 1.76
N GLU A 12 -15.79 6.57 1.67
CA GLU A 12 -16.36 7.02 0.41
C GLU A 12 -15.38 7.95 -0.32
N GLN A 13 -14.68 8.78 0.46
CA GLN A 13 -13.72 9.72 -0.11
C GLN A 13 -12.53 8.98 -0.69
N LEU A 14 -12.04 7.98 0.02
CA LEU A 14 -10.90 7.19 -0.43
C LEU A 14 -11.23 6.44 -1.72
N LEU A 15 -12.23 5.57 -1.65
CA LEU A 15 -12.64 4.79 -2.81
C LEU A 15 -12.47 5.59 -4.10
N GLU A 16 -13.16 6.73 -4.16
CA GLU A 16 -13.09 7.59 -5.33
C GLU A 16 -11.66 7.72 -5.84
N PHE A 17 -10.73 7.91 -4.91
CA PHE A 17 -9.32 8.06 -5.25
C PHE A 17 -8.73 6.72 -5.70
N MET A 18 -9.11 5.65 -4.99
CA MET A 18 -8.62 4.31 -5.32
C MET A 18 -9.07 3.90 -6.71
N HIS A 19 -9.99 4.66 -7.29
CA HIS A 19 -10.50 4.37 -8.62
C HIS A 19 -9.60 4.98 -9.69
N GLN A 20 -9.12 6.19 -9.42
CA GLN A 20 -8.24 6.89 -10.36
C GLN A 20 -6.88 6.22 -10.44
N LEU A 21 -6.66 5.23 -9.57
CA LEU A 21 -5.39 4.51 -9.55
C LEU A 21 -5.54 3.12 -10.15
N PRO A 22 -4.58 2.73 -11.01
CA PRO A 22 -4.58 1.43 -11.68
C PRO A 22 -4.30 0.28 -10.70
N ALA A 23 -3.36 0.49 -9.80
CA ALA A 23 -3.00 -0.52 -8.81
C ALA A 23 -4.24 -0.97 -8.02
N PHE A 24 -5.18 -0.06 -7.85
CA PHE A 24 -6.40 -0.36 -7.11
C PHE A 24 -7.53 -0.74 -8.06
N ALA A 25 -7.74 0.07 -9.09
CA ALA A 25 -8.78 -0.19 -10.07
C ALA A 25 -8.81 -1.67 -10.46
N ASN A 26 -7.66 -2.31 -10.41
CA ASN A 26 -7.55 -3.71 -10.77
C ASN A 26 -8.64 -4.53 -10.08
N MET A 27 -8.84 -4.28 -8.80
CA MET A 27 -9.87 -4.99 -8.03
C MET A 27 -11.17 -4.20 -8.01
N THR A 28 -12.28 -4.91 -7.80
CA THR A 28 -13.59 -4.27 -7.76
C THR A 28 -13.72 -3.35 -6.55
N MET A 29 -14.87 -2.74 -6.38
CA MET A 29 -15.13 -1.83 -5.26
C MET A 29 -15.00 -2.58 -3.94
N SER A 30 -15.81 -3.61 -3.77
CA SER A 30 -15.80 -4.40 -2.53
C SER A 30 -14.38 -4.52 -1.99
N VAL A 31 -13.53 -5.24 -2.71
CA VAL A 31 -12.15 -5.43 -2.28
C VAL A 31 -11.59 -4.17 -1.65
N ARG A 32 -11.89 -3.02 -2.25
CA ARG A 32 -11.42 -1.74 -1.73
C ARG A 32 -12.01 -1.46 -0.35
N ARG A 33 -13.34 -1.45 -0.27
CA ARG A 33 -14.03 -1.18 0.99
C ARG A 33 -13.41 -1.99 2.12
N GLU A 34 -13.15 -3.27 1.86
CA GLU A 34 -12.55 -4.16 2.85
C GLU A 34 -11.17 -3.67 3.26
N LEU A 35 -10.38 -3.24 2.27
CA LEU A 35 -9.03 -2.75 2.51
C LEU A 35 -9.05 -1.55 3.44
N CYS A 36 -9.86 -0.55 3.09
CA CYS A 36 -9.98 0.66 3.90
C CYS A 36 -10.09 0.32 5.39
N SER A 37 -10.51 -0.91 5.67
CA SER A 37 -10.67 -1.35 7.05
C SER A 37 -9.31 -1.55 7.72
N VAL A 38 -8.36 -2.08 6.97
CA VAL A 38 -7.02 -2.32 7.48
C VAL A 38 -5.99 -1.49 6.72
N MET A 39 -6.45 -0.42 6.09
CA MET A 39 -5.55 0.45 5.32
C MET A 39 -4.90 1.49 6.24
N ILE A 40 -3.60 1.31 6.48
CA ILE A 40 -2.86 2.23 7.34
C ILE A 40 -2.38 3.45 6.55
N PHE A 41 -2.34 4.59 7.22
CA PHE A 41 -1.90 5.83 6.58
C PHE A 41 -0.48 6.19 7.01
N GLU A 42 0.36 6.53 6.04
CA GLU A 42 1.75 6.90 6.31
C GLU A 42 2.29 7.83 5.23
N VAL A 43 3.05 8.83 5.65
CA VAL A 43 3.64 9.78 4.71
C VAL A 43 5.04 10.20 5.16
N VAL A 44 5.99 10.08 4.25
CA VAL A 44 7.37 10.45 4.54
C VAL A 44 7.63 11.92 4.25
N GLU A 45 8.13 12.63 5.25
CA GLU A 45 8.41 14.06 5.10
C GLU A 45 9.82 14.28 4.53
N GLN A 46 10.78 13.52 5.05
CA GLN A 46 12.16 13.63 4.59
C GLN A 46 12.40 12.75 3.37
N ALA A 47 12.80 13.37 2.26
CA ALA A 47 13.07 12.65 1.02
C ALA A 47 14.22 11.67 1.20
N GLY A 48 14.50 10.89 0.16
CA GLY A 48 15.57 9.92 0.22
C GLY A 48 15.45 8.99 1.41
N ALA A 49 14.24 8.90 1.96
CA ALA A 49 13.98 8.03 3.09
C ALA A 49 13.83 6.58 2.65
N ILE A 50 14.37 5.66 3.45
CA ILE A 50 14.29 4.24 3.14
C ILE A 50 12.93 3.67 3.52
N ILE A 51 12.20 3.18 2.52
CA ILE A 51 10.88 2.60 2.74
C ILE A 51 10.98 1.16 3.23
N LEU A 52 11.89 0.41 2.63
CA LEU A 52 12.09 -1.00 2.99
C LEU A 52 13.54 -1.42 2.77
N GLU A 53 14.05 -2.25 3.67
CA GLU A 53 15.43 -2.73 3.57
C GLU A 53 15.47 -4.16 3.02
N ASP A 54 16.48 -4.44 2.21
CA ASP A 54 16.63 -5.77 1.62
C ASP A 54 16.83 -6.82 2.70
N GLY A 55 16.21 -7.98 2.51
CA GLY A 55 16.33 -9.06 3.47
C GLY A 55 15.38 -8.90 4.64
N GLN A 56 14.25 -8.25 4.40
CA GLN A 56 13.25 -8.03 5.44
C GLN A 56 11.94 -8.73 5.09
N GLU A 57 11.51 -9.64 5.97
CA GLU A 57 10.28 -10.37 5.77
C GLU A 57 9.09 -9.42 5.57
N LEU A 58 8.83 -9.07 4.32
CA LEU A 58 7.74 -8.16 3.98
C LEU A 58 6.39 -8.75 4.41
N ASP A 59 5.79 -8.16 5.44
CA ASP A 59 4.50 -8.63 5.94
C ASP A 59 3.44 -7.55 5.78
N SER A 60 3.62 -6.67 4.79
CA SER A 60 2.69 -5.60 4.54
C SER A 60 2.89 -5.01 3.14
N TRP A 61 1.82 -4.99 2.36
CA TRP A 61 1.88 -4.45 1.00
C TRP A 61 1.84 -2.93 1.01
N TYR A 62 2.75 -2.31 0.27
CA TYR A 62 2.82 -0.86 0.20
C TYR A 62 2.32 -0.35 -1.15
N VAL A 63 1.81 0.88 -1.17
CA VAL A 63 1.30 1.47 -2.40
C VAL A 63 1.60 2.96 -2.45
N ILE A 64 2.21 3.41 -3.54
CA ILE A 64 2.56 4.82 -3.71
C ILE A 64 1.31 5.68 -3.72
N LEU A 65 1.20 6.58 -2.75
CA LEU A 65 0.06 7.48 -2.64
C LEU A 65 0.37 8.82 -3.29
N ASN A 66 1.60 9.28 -3.15
CA ASN A 66 2.02 10.56 -3.72
C ASN A 66 3.54 10.66 -3.78
N GLY A 67 4.06 11.08 -4.93
CA GLY A 67 5.49 11.20 -5.09
C GLY A 67 6.08 10.07 -5.91
N THR A 68 7.41 10.01 -5.94
CA THR A 68 8.11 8.96 -6.69
C THR A 68 9.09 8.22 -5.80
N VAL A 69 9.17 6.90 -5.98
CA VAL A 69 10.08 6.07 -5.19
C VAL A 69 11.02 5.29 -6.09
N GLU A 70 12.30 5.27 -5.73
CA GLU A 70 13.30 4.56 -6.50
C GLU A 70 13.76 3.29 -5.79
N ILE A 71 13.73 2.16 -6.49
CA ILE A 71 14.13 0.89 -5.92
C ILE A 71 15.49 0.46 -6.45
N SER A 72 16.34 -0.05 -5.56
CA SER A 72 17.67 -0.51 -5.93
C SER A 72 17.86 -1.98 -5.61
N HIS A 73 18.35 -2.74 -6.59
CA HIS A 73 18.57 -4.17 -6.41
C HIS A 73 20.06 -4.48 -6.28
N PRO A 74 20.39 -5.49 -5.47
CA PRO A 74 21.77 -5.91 -5.24
C PRO A 74 22.40 -6.56 -6.48
N ASP A 75 21.54 -7.04 -7.37
CA ASP A 75 22.00 -7.68 -8.59
C ASP A 75 22.51 -6.65 -9.60
N GLY A 76 21.80 -5.53 -9.71
CA GLY A 76 22.19 -4.49 -10.63
C GLY A 76 21.01 -3.91 -11.38
N LYS A 77 19.85 -3.91 -10.74
CA LYS A 77 18.63 -3.38 -11.36
C LYS A 77 18.02 -2.28 -10.50
N VAL A 78 17.35 -1.33 -11.14
CA VAL A 78 16.71 -0.23 -10.44
C VAL A 78 15.32 0.06 -10.99
N GLU A 79 14.30 -0.28 -10.21
CA GLU A 79 12.92 -0.06 -10.64
C GLU A 79 12.43 1.32 -10.22
N ASN A 80 11.80 2.02 -11.15
CA ASN A 80 11.28 3.36 -10.89
C ASN A 80 9.76 3.38 -10.91
N LEU A 81 9.15 3.52 -9.74
CA LEU A 81 7.70 3.56 -9.62
C LEU A 81 7.19 5.00 -9.51
N PHE A 82 5.95 5.21 -9.93
CA PHE A 82 5.34 6.54 -9.87
C PHE A 82 3.95 6.47 -9.26
N MET A 83 3.37 7.64 -9.01
CA MET A 83 2.03 7.72 -8.42
C MET A 83 1.09 6.73 -9.10
N GLY A 84 0.57 5.79 -8.32
CA GLY A 84 -0.35 4.80 -8.85
C GLY A 84 0.21 3.39 -8.79
N ASN A 85 1.53 3.28 -8.94
CA ASN A 85 2.19 1.97 -8.89
C ASN A 85 2.01 1.32 -7.53
N SER A 86 2.55 0.11 -7.38
CA SER A 86 2.44 -0.63 -6.12
C SER A 86 3.70 -1.44 -5.87
N PHE A 87 3.96 -1.75 -4.60
CA PHE A 87 5.13 -2.52 -4.22
C PHE A 87 5.04 -2.97 -2.76
N GLY A 88 5.61 -4.14 -2.47
CA GLY A 88 5.58 -4.65 -1.12
C GLY A 88 5.49 -6.17 -1.07
N ILE A 89 4.28 -6.69 -1.26
CA ILE A 89 4.06 -8.12 -1.25
C ILE A 89 2.85 -8.51 -2.08
N THR A 90 2.70 -9.80 -2.36
CA THR A 90 1.59 -10.29 -3.15
C THR A 90 0.40 -10.65 -2.27
N PRO A 91 -0.79 -10.73 -2.89
CA PRO A 91 -2.03 -11.07 -2.18
C PRO A 91 -2.06 -12.51 -1.71
N THR A 92 -0.96 -13.23 -1.94
CA THR A 92 -0.86 -14.63 -1.54
C THR A 92 -0.30 -14.76 -0.13
N LEU A 93 -0.70 -15.82 0.56
CA LEU A 93 -0.24 -16.07 1.93
C LEU A 93 1.26 -16.36 1.95
N ASP A 94 1.79 -16.78 0.80
CA ASP A 94 3.21 -17.10 0.69
C ASP A 94 4.06 -15.92 1.13
N LYS A 95 5.03 -16.20 2.00
CA LYS A 95 5.93 -15.17 2.51
C LYS A 95 6.86 -14.66 1.41
N GLN A 96 7.30 -13.42 1.54
CA GLN A 96 8.19 -12.81 0.55
C GLN A 96 9.22 -11.91 1.23
N TYR A 97 10.46 -11.99 0.77
CA TYR A 97 11.54 -11.18 1.33
C TYR A 97 11.95 -10.08 0.35
N MET A 98 12.17 -8.88 0.89
CA MET A 98 12.58 -7.74 0.07
C MET A 98 13.90 -8.02 -0.64
N HIS A 99 13.83 -8.28 -1.93
CA HIS A 99 15.02 -8.57 -2.72
C HIS A 99 15.68 -7.28 -3.21
N GLY A 100 15.59 -6.23 -2.40
CA GLY A 100 16.16 -4.96 -2.76
C GLY A 100 15.91 -3.88 -1.72
N ILE A 101 16.33 -2.66 -2.02
CA ILE A 101 16.14 -1.54 -1.11
C ILE A 101 15.30 -0.44 -1.75
N VAL A 102 14.29 0.03 -1.02
CA VAL A 102 13.41 1.08 -1.52
C VAL A 102 13.77 2.43 -0.88
N ARG A 103 13.72 3.48 -1.69
CA ARG A 103 14.03 4.83 -1.21
C ARG A 103 13.29 5.88 -2.02
N THR A 104 12.64 6.80 -1.33
CA THR A 104 11.89 7.87 -1.99
C THR A 104 12.79 8.72 -2.88
N LYS A 105 12.19 9.47 -3.78
CA LYS A 105 12.94 10.34 -4.68
C LYS A 105 12.71 11.80 -4.36
N VAL A 106 11.59 12.09 -3.70
CA VAL A 106 11.26 13.46 -3.32
C VAL A 106 10.67 13.52 -1.92
N ASP A 107 10.31 14.72 -1.48
CA ASP A 107 9.73 14.91 -0.15
C ASP A 107 8.21 14.94 -0.22
N ASP A 108 7.57 14.91 0.94
CA ASP A 108 6.11 14.93 1.02
C ASP A 108 5.51 13.72 0.33
N CYS A 109 6.26 12.62 0.31
CA CYS A 109 5.80 11.39 -0.32
C CYS A 109 4.84 10.63 0.59
N GLN A 110 3.69 10.25 0.05
CA GLN A 110 2.69 9.53 0.81
C GLN A 110 2.71 8.03 0.47
N PHE A 111 2.24 7.21 1.40
CA PHE A 111 2.21 5.77 1.20
C PHE A 111 1.17 5.12 2.10
N VAL A 112 0.90 3.84 1.85
CA VAL A 112 -0.08 3.10 2.64
C VAL A 112 0.42 1.69 2.95
N CYS A 113 0.05 1.18 4.12
CA CYS A 113 0.45 -0.16 4.53
C CYS A 113 -0.76 -1.05 4.74
N ILE A 114 -0.61 -2.34 4.41
CA ILE A 114 -1.69 -3.30 4.57
C ILE A 114 -1.16 -4.66 4.99
N ALA A 115 -1.61 -5.15 6.13
CA ALA A 115 -1.18 -6.45 6.64
C ALA A 115 -1.32 -7.52 5.57
N GLN A 116 -0.43 -8.51 5.61
CA GLN A 116 -0.44 -9.60 4.64
C GLN A 116 -1.70 -10.45 4.80
N GLN A 117 -1.98 -10.85 6.04
CA GLN A 117 -3.15 -11.68 6.32
C GLN A 117 -4.41 -11.06 5.72
N ASP A 118 -4.52 -9.73 5.83
CA ASP A 118 -5.68 -9.02 5.31
C ASP A 118 -5.58 -8.89 3.79
N TYR A 119 -4.36 -8.80 3.27
CA TYR A 119 -4.15 -8.68 1.84
C TYR A 119 -4.52 -9.97 1.12
N TRP A 120 -4.79 -11.01 1.88
CA TRP A 120 -5.16 -12.30 1.32
C TRP A 120 -6.54 -12.74 1.80
N ARG A 121 -7.16 -11.90 2.62
CA ARG A 121 -8.48 -12.20 3.16
C ARG A 121 -9.56 -11.49 2.36
N ILE A 122 -9.18 -10.39 1.71
CA ILE A 122 -10.12 -9.61 0.91
C ILE A 122 -10.17 -10.12 -0.53
N LEU A 123 -9.04 -10.04 -1.22
CA LEU A 123 -8.95 -10.49 -2.60
C LEU A 123 -9.41 -11.94 -2.74
N ASN A 124 -8.65 -12.86 -2.14
CA ASN A 124 -8.98 -14.27 -2.19
C ASN A 124 -10.44 -14.50 -1.80
N HIS A 125 -10.86 -15.76 -1.82
CA HIS A 125 -12.23 -16.12 -1.47
C HIS A 125 -12.32 -16.57 -0.01
N VAL A 126 -11.67 -15.82 0.87
CA VAL A 126 -11.69 -16.15 2.30
C VAL A 126 -13.06 -15.91 2.90
N GLU A 127 -13.51 -16.85 3.73
CA GLU A 127 -14.81 -16.74 4.38
C GLU A 127 -14.68 -16.83 5.89
N LYS A 128 -13.64 -17.54 6.35
CA LYS A 128 -13.40 -17.70 7.77
C LYS A 128 -13.24 -16.35 8.46
N SER A 129 -13.09 -15.30 7.66
CA SER A 129 -12.93 -13.95 8.18
C SER A 129 -13.16 -12.91 7.10
N GLY A 130 -13.64 -11.73 7.50
CA GLY A 130 -13.90 -10.66 6.55
C GLY A 130 -15.14 -9.88 6.90
N PRO A 131 -15.31 -8.72 6.23
CA PRO A 131 -16.47 -7.85 6.46
C PRO A 131 -17.76 -8.46 5.93
N SER A 132 -17.65 -9.27 4.88
CA SER A 132 -18.81 -9.90 4.27
C SER A 132 -19.83 -10.30 5.34
N SER A 133 -20.91 -9.52 5.44
CA SER A 133 -21.95 -9.79 6.42
C SER A 133 -23.31 -9.90 5.74
N GLY A 134 -23.71 -11.13 5.41
CA GLY A 134 -24.98 -11.36 4.77
C GLY A 134 -25.86 -12.31 5.53
N GLY A 1 -3.98 22.15 22.40
CA GLY A 1 -4.09 23.07 21.28
C GLY A 1 -4.83 22.47 20.10
N SER A 2 -4.08 21.98 19.12
CA SER A 2 -4.67 21.39 17.92
C SER A 2 -4.22 19.93 17.77
N SER A 3 -5.19 19.04 17.60
CA SER A 3 -4.91 17.61 17.45
C SER A 3 -4.81 17.24 15.97
N GLY A 4 -5.83 17.63 15.20
CA GLY A 4 -5.85 17.32 13.79
C GLY A 4 -7.25 17.14 13.26
N SER A 5 -7.83 18.21 12.73
CA SER A 5 -9.19 18.17 12.18
C SER A 5 -9.33 17.01 11.20
N SER A 6 -10.40 16.23 11.36
CA SER A 6 -10.66 15.09 10.49
C SER A 6 -11.72 15.43 9.44
N GLY A 7 -11.72 14.68 8.35
CA GLY A 7 -12.69 14.92 7.29
C GLY A 7 -13.98 14.16 7.50
N ASP A 8 -15.08 14.73 7.02
CA ASP A 8 -16.38 14.09 7.17
C ASP A 8 -16.48 12.84 6.31
N ASP A 9 -15.99 12.93 5.07
CA ASP A 9 -16.02 11.80 4.14
C ASP A 9 -14.61 11.47 3.66
N ASP A 10 -13.87 10.74 4.50
CA ASP A 10 -12.51 10.34 4.16
C ASP A 10 -12.50 9.17 3.18
N ILE A 11 -13.20 8.10 3.55
CA ILE A 11 -13.28 6.91 2.72
C ILE A 11 -13.80 7.25 1.33
N GLU A 12 -15.02 7.81 1.27
CA GLU A 12 -15.62 8.19 0.01
C GLU A 12 -14.58 8.72 -0.97
N GLN A 13 -13.81 9.69 -0.52
CA GLN A 13 -12.77 10.29 -1.35
C GLN A 13 -11.72 9.25 -1.74
N LEU A 14 -11.29 8.47 -0.75
CA LEU A 14 -10.28 7.44 -0.99
C LEU A 14 -10.72 6.50 -2.11
N LEU A 15 -11.94 5.99 -2.01
CA LEU A 15 -12.49 5.07 -3.01
C LEU A 15 -12.29 5.64 -4.41
N GLU A 16 -13.01 6.71 -4.71
CA GLU A 16 -12.92 7.35 -6.02
C GLU A 16 -11.46 7.49 -6.46
N PHE A 17 -10.60 7.76 -5.50
CA PHE A 17 -9.17 7.92 -5.78
C PHE A 17 -8.55 6.61 -6.24
N MET A 18 -8.85 5.54 -5.51
CA MET A 18 -8.32 4.22 -5.83
C MET A 18 -8.47 3.93 -7.33
N HIS A 19 -9.60 4.34 -7.89
CA HIS A 19 -9.86 4.12 -9.31
C HIS A 19 -8.70 4.64 -10.16
N GLN A 20 -8.08 5.73 -9.71
CA GLN A 20 -6.96 6.33 -10.42
C GLN A 20 -5.79 5.35 -10.52
N LEU A 21 -5.51 4.66 -9.42
CA LEU A 21 -4.42 3.70 -9.38
C LEU A 21 -4.87 2.34 -9.87
N PRO A 22 -4.04 1.70 -10.71
CA PRO A 22 -4.33 0.38 -11.26
C PRO A 22 -4.28 -0.72 -10.22
N ALA A 23 -3.37 -0.58 -9.26
CA ALA A 23 -3.23 -1.56 -8.19
C ALA A 23 -4.54 -1.78 -7.46
N PHE A 24 -5.29 -0.71 -7.25
CA PHE A 24 -6.57 -0.78 -6.56
C PHE A 24 -7.69 -1.13 -7.54
N ALA A 25 -7.74 -0.38 -8.64
CA ALA A 25 -8.77 -0.61 -9.66
C ALA A 25 -8.99 -2.10 -9.91
N ASN A 26 -7.89 -2.85 -9.91
CA ASN A 26 -7.96 -4.29 -10.14
C ASN A 26 -9.05 -4.92 -9.29
N MET A 27 -9.02 -4.62 -7.99
CA MET A 27 -10.02 -5.16 -7.06
C MET A 27 -11.38 -4.51 -7.29
N THR A 28 -12.42 -5.13 -6.72
CA THR A 28 -13.77 -4.61 -6.86
C THR A 28 -14.11 -3.63 -5.74
N MET A 29 -15.10 -2.78 -5.99
CA MET A 29 -15.52 -1.79 -5.00
C MET A 29 -15.47 -2.38 -3.59
N SER A 30 -16.27 -3.40 -3.36
CA SER A 30 -16.33 -4.05 -2.06
C SER A 30 -14.94 -4.13 -1.43
N VAL A 31 -14.06 -4.92 -2.05
CA VAL A 31 -12.70 -5.07 -1.56
C VAL A 31 -12.14 -3.75 -1.05
N ARG A 32 -12.07 -2.76 -1.94
CA ARG A 32 -11.56 -1.44 -1.58
C ARG A 32 -12.04 -1.03 -0.19
N ARG A 33 -13.31 -0.67 -0.08
CA ARG A 33 -13.89 -0.26 1.19
C ARG A 33 -13.27 -1.03 2.34
N GLU A 34 -13.34 -2.35 2.26
CA GLU A 34 -12.78 -3.21 3.31
C GLU A 34 -11.32 -2.87 3.57
N LEU A 35 -10.57 -2.65 2.49
CA LEU A 35 -9.16 -2.32 2.60
C LEU A 35 -8.96 -1.00 3.34
N CYS A 36 -9.75 0.00 2.97
CA CYS A 36 -9.66 1.32 3.60
C CYS A 36 -9.81 1.20 5.11
N SER A 37 -10.35 0.08 5.57
CA SER A 37 -10.55 -0.15 6.99
C SER A 37 -9.42 -0.98 7.58
N VAL A 38 -8.71 -1.71 6.70
CA VAL A 38 -7.60 -2.54 7.14
C VAL A 38 -6.27 -2.01 6.61
N MET A 39 -6.29 -0.77 6.13
CA MET A 39 -5.09 -0.13 5.60
C MET A 39 -4.61 0.99 6.52
N ILE A 40 -3.30 1.18 6.59
CA ILE A 40 -2.73 2.23 7.43
C ILE A 40 -2.45 3.49 6.62
N PHE A 41 -2.43 4.63 7.29
CA PHE A 41 -2.18 5.91 6.63
C PHE A 41 -0.89 6.54 7.15
N GLU A 42 0.10 6.65 6.27
CA GLU A 42 1.39 7.22 6.63
C GLU A 42 1.92 8.12 5.51
N VAL A 43 2.74 9.10 5.88
CA VAL A 43 3.31 10.02 4.91
C VAL A 43 4.73 10.44 5.32
N VAL A 44 5.69 10.16 4.44
CA VAL A 44 7.08 10.50 4.71
C VAL A 44 7.35 11.97 4.38
N GLU A 45 7.91 12.69 5.35
CA GLU A 45 8.22 14.11 5.17
C GLU A 45 9.62 14.28 4.59
N GLN A 46 10.57 13.49 5.09
CA GLN A 46 11.95 13.55 4.62
C GLN A 46 12.15 12.68 3.40
N ALA A 47 12.55 13.29 2.30
CA ALA A 47 12.78 12.56 1.05
C ALA A 47 13.95 11.59 1.20
N GLY A 48 14.22 10.84 0.14
CA GLY A 48 15.32 9.88 0.17
C GLY A 48 15.24 8.96 1.37
N ALA A 49 14.03 8.77 1.90
CA ALA A 49 13.83 7.92 3.05
C ALA A 49 13.73 6.46 2.63
N ILE A 50 14.31 5.58 3.45
CA ILE A 50 14.28 4.14 3.16
C ILE A 50 12.94 3.53 3.54
N ILE A 51 12.26 2.98 2.53
CA ILE A 51 10.96 2.36 2.76
C ILE A 51 11.11 0.89 3.15
N LEU A 52 12.00 0.19 2.45
CA LEU A 52 12.24 -1.23 2.73
C LEU A 52 13.71 -1.57 2.49
N GLU A 53 14.23 -2.51 3.28
CA GLU A 53 15.62 -2.94 3.15
C GLU A 53 15.70 -4.35 2.55
N ASP A 54 16.80 -4.63 1.89
CA ASP A 54 17.02 -5.94 1.27
C ASP A 54 17.14 -7.02 2.32
N GLY A 55 16.46 -8.14 2.11
CA GLY A 55 16.51 -9.24 3.05
C GLY A 55 15.51 -9.08 4.19
N GLN A 56 14.39 -8.43 3.89
CA GLN A 56 13.35 -8.21 4.89
C GLN A 56 12.11 -9.03 4.58
N GLU A 57 11.65 -9.81 5.56
CA GLU A 57 10.47 -10.64 5.38
C GLU A 57 9.21 -9.78 5.23
N LEU A 58 8.94 -9.37 4.00
CA LEU A 58 7.77 -8.55 3.72
C LEU A 58 6.49 -9.20 4.23
N ASP A 59 5.76 -8.48 5.08
CA ASP A 59 4.52 -8.99 5.64
C ASP A 59 3.38 -7.98 5.47
N SER A 60 3.71 -6.83 4.91
CA SER A 60 2.72 -5.77 4.70
C SER A 60 2.85 -5.19 3.29
N TRP A 61 1.74 -5.17 2.56
CA TRP A 61 1.73 -4.65 1.20
C TRP A 61 1.76 -3.12 1.21
N TYR A 62 2.74 -2.55 0.52
CA TYR A 62 2.89 -1.10 0.45
C TYR A 62 2.37 -0.57 -0.88
N VAL A 63 1.90 0.68 -0.86
CA VAL A 63 1.36 1.32 -2.05
C VAL A 63 1.79 2.78 -2.14
N ILE A 64 1.87 3.30 -3.36
CA ILE A 64 2.26 4.68 -3.58
C ILE A 64 1.05 5.58 -3.76
N LEU A 65 0.67 6.26 -2.68
CA LEU A 65 -0.49 7.17 -2.72
C LEU A 65 -0.11 8.50 -3.34
N ASN A 66 1.11 8.95 -3.06
CA ASN A 66 1.60 10.22 -3.59
C ASN A 66 3.12 10.26 -3.62
N GLY A 67 3.67 10.86 -4.67
CA GLY A 67 5.11 10.94 -4.80
C GLY A 67 5.70 9.81 -5.63
N THR A 68 7.00 9.84 -5.85
CA THR A 68 7.68 8.81 -6.62
C THR A 68 8.75 8.12 -5.79
N VAL A 69 8.79 6.78 -5.87
CA VAL A 69 9.78 6.01 -5.13
C VAL A 69 10.71 5.26 -6.08
N GLU A 70 11.98 5.18 -5.71
CA GLU A 70 12.97 4.49 -6.52
C GLU A 70 13.51 3.25 -5.80
N ILE A 71 13.71 2.17 -6.56
CA ILE A 71 14.21 0.93 -5.99
C ILE A 71 15.61 0.60 -6.54
N SER A 72 16.46 0.06 -5.68
CA SER A 72 17.81 -0.30 -6.08
C SER A 72 18.12 -1.75 -5.72
N HIS A 73 18.64 -2.49 -6.70
CA HIS A 73 18.97 -3.90 -6.48
C HIS A 73 20.47 -4.08 -6.30
N PRO A 74 20.87 -5.09 -5.52
CA PRO A 74 22.27 -5.39 -5.25
C PRO A 74 23.00 -5.93 -6.47
N ASP A 75 22.23 -6.35 -7.47
CA ASP A 75 22.81 -6.89 -8.70
C ASP A 75 23.28 -5.76 -9.61
N GLY A 76 22.45 -4.75 -9.79
CA GLY A 76 22.81 -3.62 -10.63
C GLY A 76 21.62 -3.09 -11.41
N LYS A 77 20.44 -3.15 -10.81
CA LYS A 77 19.23 -2.66 -11.45
C LYS A 77 18.50 -1.66 -10.56
N VAL A 78 17.86 -0.68 -11.18
CA VAL A 78 17.12 0.35 -10.44
C VAL A 78 15.76 0.60 -11.07
N GLU A 79 14.72 0.08 -10.44
CA GLU A 79 13.36 0.27 -10.96
C GLU A 79 12.88 1.70 -10.74
N ASN A 80 11.72 2.02 -11.28
CA ASN A 80 11.16 3.36 -11.15
C ASN A 80 9.62 3.29 -11.08
N LEU A 81 9.09 3.59 -9.90
CA LEU A 81 7.65 3.57 -9.69
C LEU A 81 7.10 4.99 -9.57
N PHE A 82 5.82 5.16 -9.92
CA PHE A 82 5.18 6.46 -9.85
C PHE A 82 3.81 6.35 -9.16
N MET A 83 3.29 7.50 -8.72
CA MET A 83 1.99 7.53 -8.05
C MET A 83 1.02 6.57 -8.70
N GLY A 84 0.60 5.55 -7.94
CA GLY A 84 -0.33 4.57 -8.47
C GLY A 84 0.18 3.15 -8.34
N ASN A 85 1.48 2.97 -8.56
CA ASN A 85 2.09 1.65 -8.46
C ASN A 85 1.98 1.10 -7.04
N SER A 86 2.42 -0.14 -6.85
CA SER A 86 2.36 -0.78 -5.54
C SER A 86 3.51 -1.76 -5.36
N PHE A 87 3.96 -1.91 -4.12
CA PHE A 87 5.07 -2.83 -3.82
C PHE A 87 4.93 -3.41 -2.42
N GLY A 88 5.68 -4.47 -2.15
CA GLY A 88 5.61 -5.10 -0.85
C GLY A 88 5.43 -6.61 -0.94
N ILE A 89 4.19 -7.05 -0.75
CA ILE A 89 3.88 -8.48 -0.80
C ILE A 89 2.72 -8.74 -1.75
N THR A 90 2.30 -10.00 -1.84
CA THR A 90 1.20 -10.39 -2.70
C THR A 90 -0.05 -10.69 -1.89
N PRO A 91 -1.21 -10.66 -2.56
CA PRO A 91 -2.50 -10.94 -1.93
C PRO A 91 -2.67 -12.40 -1.53
N THR A 92 -1.64 -13.19 -1.82
CA THR A 92 -1.67 -14.62 -1.50
C THR A 92 -0.92 -14.90 -0.20
N LEU A 93 -1.55 -15.66 0.69
CA LEU A 93 -0.95 -16.00 1.97
C LEU A 93 0.56 -16.16 1.84
N ASP A 94 0.98 -16.68 0.70
CA ASP A 94 2.40 -16.89 0.44
C ASP A 94 3.23 -15.70 0.93
N LYS A 95 4.39 -15.98 1.51
CA LYS A 95 5.27 -14.94 2.02
C LYS A 95 6.32 -14.56 0.98
N GLN A 96 7.13 -13.56 1.31
CA GLN A 96 8.17 -13.10 0.40
C GLN A 96 9.16 -12.19 1.14
N TYR A 97 10.34 -12.03 0.55
CA TYR A 97 11.38 -11.19 1.14
C TYR A 97 11.89 -10.16 0.13
N MET A 98 12.26 -8.98 0.63
CA MET A 98 12.76 -7.92 -0.21
C MET A 98 14.10 -8.31 -0.84
N HIS A 99 14.25 -8.02 -2.13
CA HIS A 99 15.49 -8.34 -2.85
C HIS A 99 16.21 -7.07 -3.28
N GLY A 100 16.03 -6.00 -2.52
CA GLY A 100 16.67 -4.73 -2.84
C GLY A 100 16.43 -3.68 -1.79
N ILE A 101 16.61 -2.42 -2.16
CA ILE A 101 16.42 -1.31 -1.24
C ILE A 101 15.52 -0.23 -1.85
N VAL A 102 14.48 0.14 -1.11
CA VAL A 102 13.54 1.16 -1.58
C VAL A 102 13.87 2.52 -0.96
N ARG A 103 13.67 3.58 -1.74
CA ARG A 103 13.93 4.93 -1.27
C ARG A 103 13.12 5.95 -2.07
N THR A 104 12.45 6.85 -1.35
CA THR A 104 11.65 7.88 -1.99
C THR A 104 12.50 8.82 -2.83
N LYS A 105 11.90 9.38 -3.88
CA LYS A 105 12.62 10.30 -4.76
C LYS A 105 12.31 11.75 -4.38
N VAL A 106 11.13 11.98 -3.83
CA VAL A 106 10.73 13.32 -3.43
C VAL A 106 10.15 13.32 -2.02
N ASP A 107 9.87 14.52 -1.50
CA ASP A 107 9.32 14.65 -0.15
C ASP A 107 7.79 14.64 -0.19
N ASP A 108 7.18 14.64 0.98
CA ASP A 108 5.72 14.64 1.09
C ASP A 108 5.13 13.40 0.42
N CYS A 109 5.85 12.28 0.51
CA CYS A 109 5.41 11.02 -0.07
C CYS A 109 4.42 10.32 0.84
N GLN A 110 3.30 9.88 0.27
CA GLN A 110 2.27 9.19 1.03
C GLN A 110 2.25 7.70 0.69
N PHE A 111 2.06 6.87 1.70
CA PHE A 111 2.02 5.42 1.52
C PHE A 111 0.99 4.78 2.44
N VAL A 112 0.77 3.48 2.28
CA VAL A 112 -0.18 2.75 3.09
C VAL A 112 0.29 1.32 3.35
N CYS A 113 0.02 0.83 4.55
CA CYS A 113 0.42 -0.53 4.93
C CYS A 113 -0.80 -1.39 5.21
N ILE A 114 -0.82 -2.59 4.61
CA ILE A 114 -1.94 -3.51 4.81
C ILE A 114 -1.44 -4.90 5.18
N ALA A 115 -1.89 -5.39 6.33
CA ALA A 115 -1.50 -6.72 6.81
C ALA A 115 -1.87 -7.80 5.79
N GLN A 116 -0.95 -8.73 5.57
CA GLN A 116 -1.17 -9.81 4.62
C GLN A 116 -2.50 -10.52 4.90
N GLN A 117 -2.63 -11.06 6.12
CA GLN A 117 -3.85 -11.75 6.51
C GLN A 117 -5.09 -11.03 6.00
N ASP A 118 -5.20 -9.75 6.31
CA ASP A 118 -6.33 -8.95 5.88
C ASP A 118 -6.29 -8.72 4.36
N TYR A 119 -5.08 -8.66 3.82
CA TYR A 119 -4.89 -8.44 2.39
C TYR A 119 -5.35 -9.65 1.59
N TRP A 120 -5.40 -10.81 2.25
CA TRP A 120 -5.82 -12.04 1.61
C TRP A 120 -7.18 -12.50 2.12
N ARG A 121 -7.76 -11.70 3.01
CA ARG A 121 -9.06 -12.02 3.58
C ARG A 121 -10.18 -11.23 2.88
N ILE A 122 -9.78 -10.23 2.12
CA ILE A 122 -10.74 -9.39 1.39
C ILE A 122 -10.78 -9.76 -0.09
N LEU A 123 -9.61 -9.82 -0.71
CA LEU A 123 -9.52 -10.16 -2.13
C LEU A 123 -9.94 -11.60 -2.36
N ASN A 124 -9.66 -12.47 -1.39
CA ASN A 124 -10.02 -13.88 -1.50
C ASN A 124 -11.47 -14.11 -1.08
N HIS A 125 -11.87 -15.37 -1.03
CA HIS A 125 -13.24 -15.72 -0.64
C HIS A 125 -13.25 -16.43 0.71
N VAL A 126 -12.64 -15.78 1.72
CA VAL A 126 -12.59 -16.34 3.06
C VAL A 126 -13.81 -15.95 3.88
N GLU A 127 -14.33 -16.90 4.65
CA GLU A 127 -15.50 -16.64 5.48
C GLU A 127 -15.09 -16.30 6.91
N LYS A 128 -14.84 -15.02 7.16
CA LYS A 128 -14.44 -14.57 8.50
C LYS A 128 -15.00 -13.17 8.77
N SER A 129 -14.94 -12.77 10.04
CA SER A 129 -15.43 -11.46 10.45
C SER A 129 -14.68 -10.34 9.72
N GLY A 130 -15.42 -9.33 9.27
CA GLY A 130 -14.80 -8.22 8.58
C GLY A 130 -14.03 -7.30 9.50
N PRO A 131 -13.81 -6.05 9.07
CA PRO A 131 -13.08 -5.05 9.84
C PRO A 131 -13.87 -4.59 11.07
N SER A 132 -15.11 -5.04 11.18
CA SER A 132 -15.98 -4.68 12.30
C SER A 132 -15.51 -5.38 13.58
N SER A 133 -15.44 -4.61 14.66
CA SER A 133 -15.00 -5.15 15.95
C SER A 133 -16.18 -5.79 16.68
N GLY A 134 -16.10 -7.10 16.89
CA GLY A 134 -17.15 -7.82 17.59
C GLY A 134 -18.41 -7.95 16.73
N GLY A 1 -3.46 2.52 21.82
CA GLY A 1 -3.57 3.01 20.45
C GLY A 1 -4.38 4.29 20.36
N SER A 2 -3.92 5.21 19.52
CA SER A 2 -4.60 6.50 19.35
C SER A 2 -5.09 6.66 17.92
N SER A 3 -6.41 6.59 17.73
CA SER A 3 -7.00 6.72 16.41
C SER A 3 -8.18 7.69 16.44
N GLY A 4 -8.07 8.79 15.70
CA GLY A 4 -9.12 9.78 15.65
C GLY A 4 -9.73 9.92 14.27
N SER A 5 -11.04 9.78 14.18
CA SER A 5 -11.75 9.89 12.91
C SER A 5 -11.30 11.15 12.16
N SER A 6 -10.76 10.95 10.95
CA SER A 6 -10.29 12.06 10.14
C SER A 6 -11.03 12.09 8.80
N GLY A 7 -12.07 12.91 8.73
CA GLY A 7 -12.85 13.02 7.50
C GLY A 7 -14.04 12.08 7.49
N ASP A 8 -15.24 12.65 7.64
CA ASP A 8 -16.46 11.85 7.63
C ASP A 8 -16.57 11.01 6.37
N ASP A 9 -16.02 11.54 5.28
CA ASP A 9 -16.05 10.84 4.00
C ASP A 9 -14.65 10.41 3.57
N ASP A 10 -13.78 10.18 4.56
CA ASP A 10 -12.41 9.77 4.29
C ASP A 10 -12.38 8.58 3.34
N ILE A 11 -13.41 7.74 3.42
CA ILE A 11 -13.49 6.56 2.56
C ILE A 11 -13.99 6.92 1.17
N GLU A 12 -15.16 7.54 1.11
CA GLU A 12 -15.75 7.95 -0.16
C GLU A 12 -14.70 8.60 -1.06
N GLN A 13 -13.91 9.50 -0.48
CA GLN A 13 -12.87 10.19 -1.22
C GLN A 13 -11.83 9.21 -1.77
N LEU A 14 -11.42 8.27 -0.93
CA LEU A 14 -10.43 7.28 -1.32
C LEU A 14 -10.97 6.40 -2.44
N LEU A 15 -12.07 5.71 -2.17
CA LEU A 15 -12.69 4.83 -3.16
C LEU A 15 -12.55 5.40 -4.56
N GLU A 16 -12.88 6.69 -4.72
CA GLU A 16 -12.79 7.35 -6.01
C GLU A 16 -11.35 7.33 -6.52
N PHE A 17 -10.42 7.73 -5.67
CA PHE A 17 -9.01 7.77 -6.03
C PHE A 17 -8.51 6.37 -6.40
N MET A 18 -8.67 5.43 -5.47
CA MET A 18 -8.24 4.05 -5.70
C MET A 18 -8.64 3.59 -7.09
N HIS A 19 -9.86 3.90 -7.49
CA HIS A 19 -10.38 3.51 -8.80
C HIS A 19 -9.43 3.95 -9.90
N GLN A 20 -8.84 5.12 -9.74
CA GLN A 20 -7.91 5.66 -10.73
C GLN A 20 -6.64 4.81 -10.80
N LEU A 21 -6.15 4.41 -9.64
CA LEU A 21 -4.94 3.60 -9.56
C LEU A 21 -5.19 2.20 -10.13
N PRO A 22 -4.19 1.67 -10.86
CA PRO A 22 -4.28 0.33 -11.46
C PRO A 22 -4.26 -0.78 -10.42
N ALA A 23 -3.41 -0.62 -9.41
CA ALA A 23 -3.29 -1.62 -8.34
C ALA A 23 -4.65 -1.89 -7.70
N PHE A 24 -5.42 -0.83 -7.47
CA PHE A 24 -6.73 -0.96 -6.86
C PHE A 24 -7.80 -1.24 -7.91
N ALA A 25 -7.47 -0.96 -9.17
CA ALA A 25 -8.39 -1.19 -10.27
C ALA A 25 -8.71 -2.67 -10.42
N ASN A 26 -7.68 -3.51 -10.37
CA ASN A 26 -7.85 -4.95 -10.50
C ASN A 26 -8.89 -5.46 -9.50
N MET A 27 -9.11 -4.70 -8.44
CA MET A 27 -10.07 -5.09 -7.41
C MET A 27 -11.39 -4.33 -7.59
N THR A 28 -12.42 -4.76 -6.88
CA THR A 28 -13.73 -4.14 -6.96
C THR A 28 -13.95 -3.16 -5.81
N MET A 29 -15.13 -2.56 -5.77
CA MET A 29 -15.46 -1.60 -4.72
C MET A 29 -15.36 -2.26 -3.34
N SER A 30 -16.25 -3.22 -3.08
CA SER A 30 -16.27 -3.91 -1.80
C SER A 30 -14.85 -4.10 -1.27
N VAL A 31 -13.94 -4.52 -2.14
CA VAL A 31 -12.55 -4.72 -1.76
C VAL A 31 -11.91 -3.44 -1.26
N ARG A 32 -12.14 -2.35 -2.01
CA ARG A 32 -11.58 -1.06 -1.64
C ARG A 32 -11.99 -0.65 -0.22
N ARG A 33 -13.28 -0.36 -0.06
CA ARG A 33 -13.81 0.03 1.24
C ARG A 33 -13.22 -0.84 2.35
N GLU A 34 -13.22 -2.14 2.13
CA GLU A 34 -12.70 -3.09 3.11
C GLU A 34 -11.24 -2.78 3.43
N LEU A 35 -10.42 -2.62 2.39
CA LEU A 35 -9.01 -2.32 2.55
C LEU A 35 -8.81 -1.07 3.40
N CYS A 36 -9.55 -0.01 3.06
CA CYS A 36 -9.44 1.25 3.78
C CYS A 36 -9.71 1.04 5.28
N SER A 37 -10.26 -0.11 5.61
CA SER A 37 -10.57 -0.43 7.00
C SER A 37 -9.43 -1.22 7.64
N VAL A 38 -8.59 -1.82 6.81
CA VAL A 38 -7.46 -2.60 7.29
C VAL A 38 -6.14 -2.04 6.75
N MET A 39 -6.17 -0.77 6.34
CA MET A 39 -4.97 -0.13 5.80
C MET A 39 -4.52 1.02 6.71
N ILE A 40 -3.21 1.16 6.87
CA ILE A 40 -2.64 2.20 7.71
C ILE A 40 -2.37 3.47 6.91
N PHE A 41 -2.28 4.59 7.60
CA PHE A 41 -2.02 5.88 6.95
C PHE A 41 -0.65 6.42 7.34
N GLU A 42 0.27 6.41 6.39
CA GLU A 42 1.63 6.91 6.65
C GLU A 42 2.11 7.79 5.50
N VAL A 43 2.95 8.77 5.82
CA VAL A 43 3.48 9.68 4.82
C VAL A 43 4.85 10.20 5.23
N VAL A 44 5.84 10.02 4.35
CA VAL A 44 7.19 10.47 4.62
C VAL A 44 7.34 11.97 4.31
N GLU A 45 7.94 12.69 5.25
CA GLU A 45 8.14 14.13 5.09
C GLU A 45 9.55 14.43 4.58
N GLN A 46 10.52 13.64 5.04
CA GLN A 46 11.91 13.82 4.63
C GLN A 46 12.27 12.86 3.49
N ALA A 47 12.46 13.41 2.30
CA ALA A 47 12.81 12.62 1.14
C ALA A 47 14.02 11.72 1.42
N GLY A 48 14.41 10.93 0.43
CA GLY A 48 15.53 10.04 0.60
C GLY A 48 15.34 9.06 1.75
N ALA A 49 14.10 8.91 2.19
CA ALA A 49 13.79 8.01 3.29
C ALA A 49 13.70 6.57 2.81
N ILE A 50 14.28 5.65 3.58
CA ILE A 50 14.26 4.24 3.23
C ILE A 50 12.92 3.60 3.59
N ILE A 51 12.16 3.24 2.56
CA ILE A 51 10.85 2.62 2.77
C ILE A 51 11.01 1.18 3.23
N LEU A 52 11.94 0.45 2.62
CA LEU A 52 12.18 -0.95 2.96
C LEU A 52 13.67 -1.26 2.91
N GLU A 53 14.01 -2.51 3.22
CA GLU A 53 15.42 -2.95 3.21
C GLU A 53 15.55 -4.31 2.54
N ASP A 54 16.54 -4.43 1.66
CA ASP A 54 16.77 -5.69 0.95
C ASP A 54 17.07 -6.81 1.93
N GLY A 55 16.44 -7.97 1.72
CA GLY A 55 16.66 -9.10 2.59
C GLY A 55 15.79 -9.05 3.83
N GLN A 56 14.55 -8.63 3.67
CA GLN A 56 13.62 -8.53 4.79
C GLN A 56 12.31 -9.24 4.48
N GLU A 57 11.74 -9.88 5.49
CA GLU A 57 10.48 -10.61 5.32
C GLU A 57 9.30 -9.64 5.23
N LEU A 58 8.85 -9.38 4.01
CA LEU A 58 7.73 -8.47 3.79
C LEU A 58 6.44 -9.03 4.41
N ASP A 59 5.89 -8.28 5.35
CA ASP A 59 4.66 -8.70 6.01
C ASP A 59 3.57 -7.63 5.89
N SER A 60 3.67 -6.83 4.83
CA SER A 60 2.71 -5.76 4.59
C SER A 60 2.84 -5.21 3.18
N TRP A 61 1.71 -5.02 2.51
CA TRP A 61 1.71 -4.50 1.15
C TRP A 61 1.67 -2.97 1.15
N TYR A 62 2.68 -2.36 0.54
CA TYR A 62 2.77 -0.90 0.48
C TYR A 62 2.31 -0.39 -0.89
N VAL A 63 1.78 0.83 -0.91
CA VAL A 63 1.31 1.43 -2.15
C VAL A 63 1.71 2.90 -2.23
N ILE A 64 1.95 3.38 -3.44
CA ILE A 64 2.33 4.77 -3.66
C ILE A 64 1.11 5.66 -3.81
N LEU A 65 0.77 6.39 -2.74
CA LEU A 65 -0.38 7.28 -2.75
C LEU A 65 -0.02 8.62 -3.41
N ASN A 66 1.21 9.07 -3.19
CA ASN A 66 1.66 10.33 -3.76
C ASN A 66 3.19 10.42 -3.70
N GLY A 67 3.79 10.87 -4.80
CA GLY A 67 5.23 10.99 -4.85
C GLY A 67 5.87 9.93 -5.73
N THR A 68 7.20 9.83 -5.65
CA THR A 68 7.93 8.85 -6.43
C THR A 68 8.95 8.10 -5.58
N VAL A 69 8.97 6.78 -5.70
CA VAL A 69 9.90 5.96 -4.95
C VAL A 69 10.86 5.21 -5.86
N GLU A 70 12.15 5.27 -5.52
CA GLU A 70 13.17 4.60 -6.32
C GLU A 70 13.64 3.32 -5.63
N ILE A 71 13.66 2.22 -6.39
CA ILE A 71 14.10 0.94 -5.86
C ILE A 71 15.44 0.52 -6.45
N SER A 72 16.33 0.03 -5.60
CA SER A 72 17.66 -0.41 -6.04
C SER A 72 17.85 -1.89 -5.77
N HIS A 73 18.54 -2.56 -6.70
CA HIS A 73 18.80 -4.00 -6.56
C HIS A 73 20.28 -4.25 -6.30
N PRO A 74 20.57 -5.31 -5.53
CA PRO A 74 21.95 -5.69 -5.19
C PRO A 74 22.71 -6.24 -6.39
N ASP A 75 21.98 -6.61 -7.44
CA ASP A 75 22.58 -7.15 -8.64
C ASP A 75 23.17 -6.03 -9.51
N GLY A 76 22.40 -4.96 -9.67
CA GLY A 76 22.86 -3.84 -10.48
C GLY A 76 21.75 -3.21 -11.30
N LYS A 77 20.55 -3.16 -10.72
CA LYS A 77 19.40 -2.58 -11.39
C LYS A 77 18.65 -1.63 -10.47
N VAL A 78 18.02 -0.61 -11.07
CA VAL A 78 17.27 0.37 -10.30
C VAL A 78 15.89 0.61 -10.90
N GLU A 79 14.86 0.20 -10.16
CA GLU A 79 13.48 0.37 -10.62
C GLU A 79 12.93 1.73 -10.23
N ASN A 80 12.10 2.30 -11.10
CA ASN A 80 11.50 3.60 -10.84
C ASN A 80 9.98 3.53 -10.90
N LEU A 81 9.35 3.62 -9.74
CA LEU A 81 7.90 3.57 -9.66
C LEU A 81 7.30 4.97 -9.50
N PHE A 82 6.10 5.15 -10.01
CA PHE A 82 5.42 6.44 -9.94
C PHE A 82 4.05 6.30 -9.28
N MET A 83 3.43 7.43 -8.95
CA MET A 83 2.12 7.43 -8.31
C MET A 83 1.18 6.45 -9.00
N GLY A 84 0.77 5.42 -8.27
CA GLY A 84 -0.13 4.43 -8.84
C GLY A 84 0.40 3.02 -8.68
N ASN A 85 1.72 2.87 -8.74
CA ASN A 85 2.36 1.56 -8.62
C ASN A 85 2.27 1.06 -7.18
N SER A 86 2.42 -0.25 -7.01
CA SER A 86 2.36 -0.86 -5.68
C SER A 86 3.53 -1.80 -5.46
N PHE A 87 3.90 -1.98 -4.20
CA PHE A 87 5.01 -2.85 -3.84
C PHE A 87 4.89 -3.36 -2.41
N GLY A 88 5.52 -4.49 -2.12
CA GLY A 88 5.47 -5.06 -0.78
C GLY A 88 5.30 -6.56 -0.80
N ILE A 89 4.06 -7.02 -0.90
CA ILE A 89 3.77 -8.46 -0.93
C ILE A 89 2.63 -8.77 -1.89
N THR A 90 2.24 -10.04 -1.93
CA THR A 90 1.15 -10.47 -2.79
C THR A 90 -0.11 -10.77 -1.99
N PRO A 91 -1.26 -10.79 -2.67
CA PRO A 91 -2.56 -11.07 -2.04
C PRO A 91 -2.68 -12.53 -1.61
N THR A 92 -1.64 -13.30 -1.84
CA THR A 92 -1.63 -14.71 -1.47
C THR A 92 -0.94 -14.93 -0.13
N LEU A 93 -1.59 -15.68 0.76
CA LEU A 93 -1.04 -15.95 2.07
C LEU A 93 0.47 -16.19 1.99
N ASP A 94 0.93 -16.65 0.84
CA ASP A 94 2.35 -16.91 0.64
C ASP A 94 3.19 -15.72 1.07
N LYS A 95 4.41 -16.00 1.53
CA LYS A 95 5.31 -14.95 1.98
C LYS A 95 6.30 -14.57 0.88
N GLN A 96 7.08 -13.52 1.14
CA GLN A 96 8.07 -13.06 0.17
C GLN A 96 9.15 -12.23 0.84
N TYR A 97 10.34 -12.22 0.25
CA TYR A 97 11.47 -11.47 0.79
C TYR A 97 11.90 -10.36 -0.15
N MET A 98 12.10 -9.17 0.40
CA MET A 98 12.52 -8.01 -0.40
C MET A 98 13.76 -8.34 -1.23
N HIS A 99 13.85 -7.74 -2.41
CA HIS A 99 14.98 -7.97 -3.29
C HIS A 99 15.64 -6.65 -3.70
N GLY A 100 15.81 -5.76 -2.72
CA GLY A 100 16.42 -4.47 -2.99
C GLY A 100 16.08 -3.44 -1.93
N ILE A 101 16.69 -2.26 -2.04
CA ILE A 101 16.45 -1.19 -1.09
C ILE A 101 15.56 -0.11 -1.70
N VAL A 102 14.46 0.20 -1.01
CA VAL A 102 13.52 1.21 -1.48
C VAL A 102 13.80 2.55 -0.82
N ARG A 103 13.82 3.61 -1.64
CA ARG A 103 14.07 4.96 -1.14
C ARG A 103 13.27 5.99 -1.92
N THR A 104 12.58 6.87 -1.21
CA THR A 104 11.77 7.91 -1.84
C THR A 104 12.62 8.81 -2.73
N LYS A 105 11.97 9.52 -3.64
CA LYS A 105 12.67 10.42 -4.55
C LYS A 105 12.41 11.88 -4.18
N VAL A 106 11.22 12.15 -3.66
CA VAL A 106 10.84 13.50 -3.26
C VAL A 106 10.17 13.51 -1.89
N ASP A 107 9.95 14.70 -1.36
CA ASP A 107 9.32 14.85 -0.05
C ASP A 107 7.80 14.80 -0.17
N ASP A 108 7.12 14.78 0.97
CA ASP A 108 5.67 14.73 0.99
C ASP A 108 5.15 13.47 0.27
N CYS A 109 5.78 12.34 0.55
CA CYS A 109 5.40 11.08 -0.06
C CYS A 109 4.42 10.32 0.83
N GLN A 110 3.25 10.01 0.28
CA GLN A 110 2.23 9.28 1.02
C GLN A 110 2.29 7.79 0.72
N PHE A 111 1.92 6.98 1.71
CA PHE A 111 1.93 5.52 1.55
C PHE A 111 0.88 4.87 2.44
N VAL A 112 0.63 3.59 2.20
CA VAL A 112 -0.35 2.84 2.98
C VAL A 112 0.15 1.44 3.32
N CYS A 113 -0.16 0.99 4.52
CA CYS A 113 0.27 -0.34 4.96
C CYS A 113 -0.93 -1.29 5.07
N ILE A 114 -0.73 -2.54 4.65
CA ILE A 114 -1.77 -3.54 4.70
C ILE A 114 -1.21 -4.92 4.98
N ALA A 115 -1.65 -5.52 6.08
CA ALA A 115 -1.19 -6.85 6.46
C ALA A 115 -1.53 -7.88 5.39
N GLN A 116 -0.63 -8.83 5.18
CA GLN A 116 -0.83 -9.87 4.18
C GLN A 116 -2.07 -10.72 4.52
N GLN A 117 -2.22 -11.02 5.80
CA GLN A 117 -3.36 -11.82 6.25
C GLN A 117 -4.67 -11.25 5.73
N ASP A 118 -4.87 -9.95 5.94
CA ASP A 118 -6.08 -9.27 5.49
C ASP A 118 -6.07 -9.09 3.97
N TYR A 119 -4.88 -8.97 3.40
CA TYR A 119 -4.73 -8.78 1.97
C TYR A 119 -5.20 -10.02 1.21
N TRP A 120 -5.39 -11.11 1.93
CA TRP A 120 -5.83 -12.36 1.32
C TRP A 120 -7.23 -12.73 1.79
N ARG A 121 -7.84 -11.84 2.57
CA ARG A 121 -9.19 -12.07 3.09
C ARG A 121 -10.20 -11.22 2.34
N ILE A 122 -9.74 -10.12 1.77
CA ILE A 122 -10.62 -9.22 1.02
C ILE A 122 -10.65 -9.59 -0.45
N LEU A 123 -9.49 -9.48 -1.10
CA LEU A 123 -9.38 -9.80 -2.53
C LEU A 123 -9.89 -11.21 -2.81
N ASN A 124 -9.30 -12.20 -2.14
CA ASN A 124 -9.70 -13.59 -2.32
C ASN A 124 -11.17 -13.78 -1.97
N HIS A 125 -11.64 -15.02 -2.06
CA HIS A 125 -13.03 -15.35 -1.77
C HIS A 125 -13.13 -16.23 -0.53
N VAL A 126 -12.22 -16.04 0.42
CA VAL A 126 -12.20 -16.82 1.65
C VAL A 126 -13.32 -16.38 2.59
N GLU A 127 -13.91 -15.22 2.30
CA GLU A 127 -14.99 -14.69 3.12
C GLU A 127 -16.33 -14.77 2.38
N LYS A 128 -17.38 -14.31 3.05
CA LYS A 128 -18.72 -14.33 2.46
C LYS A 128 -19.28 -12.91 2.34
N SER A 129 -19.13 -12.14 3.41
CA SER A 129 -19.63 -10.76 3.43
C SER A 129 -18.56 -9.81 3.94
N GLY A 130 -17.33 -9.99 3.46
CA GLY A 130 -16.24 -9.14 3.89
C GLY A 130 -15.87 -9.33 5.35
N PRO A 131 -15.21 -8.33 5.93
CA PRO A 131 -14.79 -8.37 7.34
C PRO A 131 -15.98 -8.28 8.29
N SER A 132 -16.17 -9.32 9.11
CA SER A 132 -17.27 -9.35 10.06
C SER A 132 -16.90 -8.59 11.33
N SER A 133 -17.85 -8.49 12.25
CA SER A 133 -17.63 -7.79 13.51
C SER A 133 -16.34 -8.26 14.17
N GLY A 134 -15.62 -7.32 14.78
CA GLY A 134 -14.37 -7.65 15.44
C GLY A 134 -14.59 -8.46 16.71
N GLY A 1 -2.25 24.57 17.24
CA GLY A 1 -2.02 23.99 15.94
C GLY A 1 -2.31 22.50 15.90
N SER A 2 -3.25 22.11 15.04
CA SER A 2 -3.63 20.70 14.91
C SER A 2 -3.54 20.24 13.46
N SER A 3 -2.92 19.09 13.26
CA SER A 3 -2.78 18.54 11.91
C SER A 3 -3.24 17.08 11.86
N GLY A 4 -4.52 16.90 11.56
CA GLY A 4 -5.08 15.56 11.48
C GLY A 4 -6.09 15.41 10.37
N SER A 5 -6.27 14.19 9.88
CA SER A 5 -7.21 13.93 8.80
C SER A 5 -8.60 14.46 9.14
N SER A 6 -9.06 14.14 10.35
CA SER A 6 -10.37 14.59 10.80
C SER A 6 -11.38 14.58 9.66
N GLY A 7 -11.38 13.49 8.90
CA GLY A 7 -12.29 13.37 7.78
C GLY A 7 -13.34 12.28 7.99
N ASP A 8 -14.59 12.71 8.17
CA ASP A 8 -15.68 11.77 8.40
C ASP A 8 -15.94 10.93 7.15
N ASP A 9 -15.76 11.54 5.99
CA ASP A 9 -15.98 10.86 4.71
C ASP A 9 -14.64 10.49 4.06
N ASP A 10 -13.69 10.06 4.88
CA ASP A 10 -12.38 9.67 4.39
C ASP A 10 -12.47 8.44 3.51
N ILE A 11 -13.45 7.58 3.78
CA ILE A 11 -13.64 6.36 3.02
C ILE A 11 -14.11 6.68 1.60
N GLU A 12 -15.25 7.35 1.50
CA GLU A 12 -15.81 7.72 0.19
C GLU A 12 -14.72 8.29 -0.72
N GLN A 13 -14.03 9.31 -0.23
CA GLN A 13 -12.97 9.95 -1.01
C GLN A 13 -11.90 8.94 -1.38
N LEU A 14 -11.43 8.18 -0.40
CA LEU A 14 -10.40 7.17 -0.64
C LEU A 14 -10.79 6.24 -1.78
N LEU A 15 -11.94 5.59 -1.63
CA LEU A 15 -12.43 4.68 -2.67
C LEU A 15 -12.36 5.32 -4.04
N GLU A 16 -13.22 6.31 -4.27
CA GLU A 16 -13.25 7.02 -5.55
C GLU A 16 -11.84 7.24 -6.08
N PHE A 17 -10.90 7.48 -5.17
CA PHE A 17 -9.51 7.73 -5.55
C PHE A 17 -8.83 6.43 -5.98
N MET A 18 -9.00 5.38 -5.18
CA MET A 18 -8.40 4.09 -5.48
C MET A 18 -8.74 3.65 -6.90
N HIS A 19 -9.91 4.05 -7.37
CA HIS A 19 -10.35 3.70 -8.71
C HIS A 19 -9.44 4.34 -9.76
N GLN A 20 -8.93 5.52 -9.45
CA GLN A 20 -8.05 6.24 -10.37
C GLN A 20 -6.77 5.46 -10.62
N LEU A 21 -6.21 4.89 -9.56
CA LEU A 21 -4.98 4.11 -9.66
C LEU A 21 -5.25 2.74 -10.29
N PRO A 22 -4.31 2.28 -11.12
CA PRO A 22 -4.42 0.98 -11.80
C PRO A 22 -4.28 -0.20 -10.84
N ALA A 23 -3.33 -0.08 -9.92
CA ALA A 23 -3.09 -1.14 -8.93
C ALA A 23 -4.36 -1.43 -8.13
N PHE A 24 -5.12 -0.38 -7.83
CA PHE A 24 -6.35 -0.53 -7.08
C PHE A 24 -7.53 -0.85 -7.99
N ALA A 25 -7.57 -0.20 -9.15
CA ALA A 25 -8.63 -0.42 -10.12
C ALA A 25 -8.84 -1.91 -10.37
N ASN A 26 -7.76 -2.68 -10.30
CA ASN A 26 -7.83 -4.12 -10.53
C ASN A 26 -8.99 -4.73 -9.75
N MET A 27 -9.12 -4.37 -8.48
CA MET A 27 -10.19 -4.87 -7.65
C MET A 27 -11.40 -3.96 -7.69
N THR A 28 -12.56 -4.49 -7.29
CA THR A 28 -13.80 -3.71 -7.28
C THR A 28 -13.94 -2.93 -5.97
N MET A 29 -14.97 -2.08 -5.92
CA MET A 29 -15.23 -1.27 -4.73
C MET A 29 -15.25 -2.15 -3.47
N SER A 30 -15.95 -3.27 -3.56
CA SER A 30 -16.06 -4.19 -2.42
C SER A 30 -14.71 -4.34 -1.73
N VAL A 31 -13.75 -4.96 -2.43
CA VAL A 31 -12.42 -5.17 -1.88
C VAL A 31 -11.87 -3.89 -1.28
N ARG A 32 -11.95 -2.79 -2.02
CA ARG A 32 -11.46 -1.51 -1.56
C ARG A 32 -11.97 -1.20 -0.16
N ARG A 33 -13.28 -0.95 -0.06
CA ARG A 33 -13.89 -0.64 1.23
C ARG A 33 -13.29 -1.48 2.34
N GLU A 34 -13.27 -2.79 2.14
CA GLU A 34 -12.72 -3.72 3.12
C GLU A 34 -11.31 -3.30 3.53
N LEU A 35 -10.51 -2.88 2.55
CA LEU A 35 -9.14 -2.46 2.80
C LEU A 35 -9.11 -1.21 3.68
N CYS A 36 -9.85 -0.19 3.27
CA CYS A 36 -9.91 1.06 4.03
C CYS A 36 -10.05 0.79 5.52
N SER A 37 -10.73 -0.30 5.85
CA SER A 37 -10.94 -0.67 7.25
C SER A 37 -9.62 -1.09 7.91
N VAL A 38 -8.78 -1.76 7.14
CA VAL A 38 -7.48 -2.22 7.64
C VAL A 38 -6.33 -1.52 6.92
N MET A 39 -6.63 -0.36 6.33
CA MET A 39 -5.62 0.40 5.60
C MET A 39 -4.89 1.35 6.53
N ILE A 40 -3.59 1.13 6.71
CA ILE A 40 -2.77 1.97 7.57
C ILE A 40 -2.31 3.23 6.84
N PHE A 41 -2.16 4.32 7.59
CA PHE A 41 -1.72 5.58 7.02
C PHE A 41 -0.25 5.83 7.29
N GLU A 42 0.49 6.23 6.26
CA GLU A 42 1.92 6.50 6.39
C GLU A 42 2.36 7.56 5.38
N VAL A 43 3.05 8.58 5.88
CA VAL A 43 3.55 9.65 5.03
C VAL A 43 4.98 10.04 5.39
N VAL A 44 5.85 10.05 4.40
CA VAL A 44 7.25 10.40 4.61
C VAL A 44 7.49 11.88 4.33
N GLU A 45 8.01 12.59 5.34
CA GLU A 45 8.29 14.01 5.19
C GLU A 45 9.71 14.24 4.67
N GLN A 46 10.64 13.44 5.16
CA GLN A 46 12.03 13.56 4.74
C GLN A 46 12.30 12.73 3.48
N ALA A 47 12.70 13.40 2.41
CA ALA A 47 12.99 12.74 1.15
C ALA A 47 14.12 11.73 1.31
N GLY A 48 14.41 11.00 0.24
CA GLY A 48 15.47 10.01 0.27
C GLY A 48 15.31 9.05 1.43
N ALA A 49 14.09 8.89 1.92
CA ALA A 49 13.82 8.00 3.03
C ALA A 49 13.69 6.55 2.56
N ILE A 50 14.23 5.63 3.35
CA ILE A 50 14.18 4.21 3.00
C ILE A 50 12.83 3.60 3.36
N ILE A 51 12.15 3.05 2.37
CA ILE A 51 10.84 2.44 2.58
C ILE A 51 10.99 0.99 3.03
N LEU A 52 11.94 0.28 2.44
CA LEU A 52 12.18 -1.12 2.79
C LEU A 52 13.65 -1.48 2.62
N GLU A 53 14.02 -2.67 3.08
CA GLU A 53 15.40 -3.12 2.96
C GLU A 53 15.46 -4.56 2.44
N ASP A 54 16.51 -4.87 1.69
CA ASP A 54 16.68 -6.20 1.12
C ASP A 54 16.91 -7.23 2.22
N GLY A 55 16.10 -8.28 2.21
CA GLY A 55 16.23 -9.33 3.22
C GLY A 55 15.31 -9.10 4.40
N GLN A 56 14.19 -8.45 4.16
CA GLN A 56 13.22 -8.17 5.23
C GLN A 56 11.88 -8.83 4.93
N GLU A 57 11.47 -9.74 5.82
CA GLU A 57 10.20 -10.45 5.66
C GLU A 57 9.06 -9.46 5.45
N LEU A 58 8.71 -9.23 4.18
CA LEU A 58 7.62 -8.31 3.84
C LEU A 58 6.29 -8.83 4.36
N ASP A 59 5.67 -8.05 5.24
CA ASP A 59 4.38 -8.43 5.82
C ASP A 59 3.36 -7.30 5.67
N SER A 60 3.55 -6.49 4.64
CA SER A 60 2.65 -5.36 4.39
C SER A 60 2.76 -4.89 2.94
N TRP A 61 1.63 -4.52 2.35
CA TRP A 61 1.61 -4.05 0.97
C TRP A 61 1.74 -2.53 0.91
N TYR A 62 2.74 -2.06 0.19
CA TYR A 62 2.98 -0.63 0.06
C TYR A 62 2.57 -0.13 -1.32
N VAL A 63 1.59 0.76 -1.37
CA VAL A 63 1.10 1.31 -2.63
C VAL A 63 1.41 2.80 -2.73
N ILE A 64 2.12 3.19 -3.78
CA ILE A 64 2.48 4.59 -3.99
C ILE A 64 1.24 5.45 -4.14
N LEU A 65 1.02 6.33 -3.15
CA LEU A 65 -0.14 7.22 -3.16
C LEU A 65 0.22 8.56 -3.77
N ASN A 66 1.45 9.02 -3.51
CA ASN A 66 1.91 10.30 -4.04
C ASN A 66 3.44 10.36 -4.03
N GLY A 67 4.00 11.10 -4.98
CA GLY A 67 5.44 11.23 -5.06
C GLY A 67 6.07 10.16 -5.93
N THR A 68 7.38 10.00 -5.80
CA THR A 68 8.11 9.01 -6.58
C THR A 68 9.09 8.22 -5.71
N VAL A 69 9.14 6.91 -5.90
CA VAL A 69 10.03 6.06 -5.14
C VAL A 69 11.01 5.32 -6.05
N GLU A 70 12.29 5.38 -5.71
CA GLU A 70 13.33 4.71 -6.50
C GLU A 70 13.85 3.48 -5.77
N ILE A 71 13.82 2.34 -6.47
CA ILE A 71 14.30 1.09 -5.89
C ILE A 71 15.67 0.72 -6.44
N SER A 72 16.50 0.12 -5.60
CA SER A 72 17.84 -0.28 -6.00
C SER A 72 18.13 -1.72 -5.57
N HIS A 73 18.34 -2.59 -6.56
CA HIS A 73 18.62 -4.00 -6.29
C HIS A 73 20.12 -4.22 -6.12
N PRO A 74 20.47 -5.25 -5.32
CA PRO A 74 21.88 -5.59 -5.05
C PRO A 74 22.57 -6.19 -6.26
N ASP A 75 21.78 -6.65 -7.22
CA ASP A 75 22.32 -7.24 -8.44
C ASP A 75 22.88 -6.17 -9.36
N GLY A 76 22.16 -5.06 -9.50
CA GLY A 76 22.60 -3.97 -10.35
C GLY A 76 21.47 -3.38 -11.17
N LYS A 77 20.27 -3.39 -10.61
CA LYS A 77 19.10 -2.84 -11.29
C LYS A 77 18.42 -1.78 -10.44
N VAL A 78 17.75 -0.84 -11.10
CA VAL A 78 17.05 0.24 -10.41
C VAL A 78 15.68 0.48 -11.01
N GLU A 79 14.64 0.11 -10.27
CA GLU A 79 13.27 0.29 -10.73
C GLU A 79 12.75 1.67 -10.35
N ASN A 80 12.08 2.33 -11.29
CA ASN A 80 11.52 3.66 -11.06
C ASN A 80 10.00 3.62 -11.06
N LEU A 81 9.41 3.76 -9.88
CA LEU A 81 7.96 3.74 -9.74
C LEU A 81 7.41 5.14 -9.52
N PHE A 82 6.17 5.37 -9.94
CA PHE A 82 5.54 6.67 -9.79
C PHE A 82 4.14 6.52 -9.19
N MET A 83 3.52 7.66 -8.87
CA MET A 83 2.18 7.66 -8.30
C MET A 83 1.26 6.69 -9.04
N GLY A 84 0.77 5.68 -8.33
CA GLY A 84 -0.11 4.71 -8.95
C GLY A 84 0.42 3.30 -8.84
N ASN A 85 1.72 3.13 -9.08
CA ASN A 85 2.35 1.83 -9.01
C ASN A 85 2.25 1.25 -7.60
N SER A 86 2.53 -0.05 -7.47
CA SER A 86 2.46 -0.72 -6.19
C SER A 86 3.69 -1.60 -5.96
N PHE A 87 3.99 -1.89 -4.70
CA PHE A 87 5.13 -2.72 -4.36
C PHE A 87 5.07 -3.17 -2.91
N GLY A 88 5.57 -4.38 -2.64
CA GLY A 88 5.55 -4.90 -1.29
C GLY A 88 5.34 -6.40 -1.26
N ILE A 89 4.11 -6.81 -0.99
CA ILE A 89 3.77 -8.24 -0.92
C ILE A 89 2.53 -8.54 -1.76
N THR A 90 2.24 -9.82 -1.92
CA THR A 90 1.08 -10.25 -2.69
C THR A 90 -0.06 -10.68 -1.78
N PRO A 91 -1.28 -10.73 -2.33
CA PRO A 91 -2.48 -11.12 -1.58
C PRO A 91 -2.48 -12.60 -1.22
N THR A 92 -1.38 -13.28 -1.54
CA THR A 92 -1.25 -14.70 -1.25
C THR A 92 -0.45 -14.93 0.03
N LEU A 93 -1.01 -15.73 0.94
CA LEU A 93 -0.34 -16.03 2.20
C LEU A 93 1.14 -16.31 1.98
N ASP A 94 1.48 -16.84 0.81
CA ASP A 94 2.87 -17.14 0.48
C ASP A 94 3.80 -16.05 1.00
N LYS A 95 4.85 -16.46 1.71
CA LYS A 95 5.82 -15.52 2.26
C LYS A 95 6.71 -14.95 1.16
N GLN A 96 7.10 -13.68 1.32
CA GLN A 96 7.96 -13.02 0.35
C GLN A 96 8.98 -12.13 1.03
N TYR A 97 10.24 -12.26 0.64
CA TYR A 97 11.31 -11.46 1.23
C TYR A 97 11.82 -10.41 0.23
N MET A 98 11.96 -9.19 0.71
CA MET A 98 12.43 -8.10 -0.13
C MET A 98 13.78 -8.44 -0.76
N HIS A 99 13.98 -8.01 -2.01
CA HIS A 99 15.22 -8.27 -2.72
C HIS A 99 15.84 -6.97 -3.22
N GLY A 100 15.79 -5.94 -2.38
CA GLY A 100 16.35 -4.65 -2.76
C GLY A 100 16.09 -3.58 -1.72
N ILE A 101 16.58 -2.37 -1.98
CA ILE A 101 16.39 -1.25 -1.05
C ILE A 101 15.57 -0.15 -1.70
N VAL A 102 14.44 0.18 -1.07
CA VAL A 102 13.56 1.22 -1.59
C VAL A 102 13.88 2.57 -0.95
N ARG A 103 13.79 3.62 -1.75
CA ARG A 103 14.08 4.98 -1.26
C ARG A 103 13.28 6.02 -2.04
N THR A 104 12.63 6.91 -1.32
CA THR A 104 11.83 7.96 -1.95
C THR A 104 12.69 8.85 -2.84
N LYS A 105 12.04 9.66 -3.65
CA LYS A 105 12.74 10.57 -4.56
C LYS A 105 12.49 12.03 -4.18
N VAL A 106 11.33 12.28 -3.57
CA VAL A 106 10.98 13.63 -3.15
C VAL A 106 10.41 13.64 -1.73
N ASP A 107 10.00 14.81 -1.27
CA ASP A 107 9.45 14.95 0.07
C ASP A 107 7.92 14.91 0.03
N ASP A 108 7.30 14.82 1.20
CA ASP A 108 5.85 14.78 1.31
C ASP A 108 5.28 13.64 0.48
N CYS A 109 5.85 12.45 0.66
CA CYS A 109 5.41 11.27 -0.07
C CYS A 109 4.41 10.47 0.75
N GLN A 110 3.32 10.05 0.12
CA GLN A 110 2.29 9.28 0.79
C GLN A 110 2.41 7.79 0.46
N PHE A 111 2.10 6.94 1.43
CA PHE A 111 2.17 5.50 1.24
C PHE A 111 1.19 4.78 2.16
N VAL A 112 0.54 3.74 1.64
CA VAL A 112 -0.41 2.96 2.42
C VAL A 112 0.15 1.59 2.76
N CYS A 113 -0.29 1.04 3.89
CA CYS A 113 0.16 -0.27 4.34
C CYS A 113 -1.02 -1.18 4.65
N ILE A 114 -0.84 -2.48 4.39
CA ILE A 114 -1.90 -3.45 4.63
C ILE A 114 -1.31 -4.80 5.06
N ALA A 115 -1.65 -5.22 6.27
CA ALA A 115 -1.16 -6.50 6.80
C ALA A 115 -1.43 -7.63 5.82
N GLN A 116 -0.46 -8.52 5.68
CA GLN A 116 -0.58 -9.66 4.77
C GLN A 116 -1.91 -10.39 5.00
N GLN A 117 -2.13 -10.83 6.23
CA GLN A 117 -3.35 -11.53 6.58
C GLN A 117 -4.57 -10.87 5.94
N ASP A 118 -4.86 -9.65 6.39
CA ASP A 118 -6.01 -8.90 5.87
C ASP A 118 -5.97 -8.86 4.35
N TYR A 119 -4.79 -8.59 3.79
CA TYR A 119 -4.62 -8.52 2.34
C TYR A 119 -5.15 -9.78 1.67
N TRP A 120 -4.96 -10.91 2.34
CA TRP A 120 -5.41 -12.20 1.81
C TRP A 120 -6.78 -12.57 2.35
N ARG A 121 -7.36 -11.68 3.16
CA ARG A 121 -8.66 -11.90 3.75
C ARG A 121 -9.76 -11.18 2.96
N ILE A 122 -9.35 -10.20 2.16
CA ILE A 122 -10.29 -9.43 1.35
C ILE A 122 -10.32 -9.94 -0.09
N LEU A 123 -9.24 -9.69 -0.82
CA LEU A 123 -9.15 -10.12 -2.21
C LEU A 123 -9.61 -11.57 -2.36
N ASN A 124 -9.24 -12.41 -1.40
CA ASN A 124 -9.62 -13.82 -1.42
C ASN A 124 -11.07 -14.00 -1.01
N HIS A 125 -11.49 -15.25 -0.90
CA HIS A 125 -12.87 -15.57 -0.50
C HIS A 125 -12.90 -16.27 0.85
N VAL A 126 -12.51 -15.54 1.89
CA VAL A 126 -12.49 -16.09 3.24
C VAL A 126 -13.34 -15.25 4.19
N GLU A 127 -14.66 -15.35 4.04
CA GLU A 127 -15.58 -14.60 4.89
C GLU A 127 -15.47 -15.04 6.34
N LYS A 128 -14.65 -14.34 7.11
CA LYS A 128 -14.46 -14.66 8.52
C LYS A 128 -13.69 -13.55 9.24
N SER A 129 -14.36 -12.86 10.14
CA SER A 129 -13.75 -11.77 10.89
C SER A 129 -13.40 -10.60 9.97
N GLY A 130 -14.40 -10.14 9.23
CA GLY A 130 -14.20 -9.03 8.32
C GLY A 130 -14.33 -7.68 9.01
N PRO A 131 -14.62 -6.64 8.23
CA PRO A 131 -14.78 -5.28 8.74
C PRO A 131 -16.04 -5.11 9.59
N SER A 132 -16.75 -6.22 9.78
CA SER A 132 -17.98 -6.20 10.56
C SER A 132 -17.74 -6.75 11.97
N SER A 133 -18.39 -6.14 12.95
CA SER A 133 -18.25 -6.57 14.34
C SER A 133 -19.57 -7.08 14.90
N GLY A 134 -19.52 -8.22 15.58
CA GLY A 134 -20.72 -8.80 16.14
C GLY A 134 -21.68 -9.31 15.09
N GLY A 1 -4.45 18.09 22.79
CA GLY A 1 -4.43 16.95 21.88
C GLY A 1 -5.80 16.64 21.32
N SER A 2 -6.01 16.99 20.05
CA SER A 2 -7.29 16.74 19.39
C SER A 2 -7.20 17.04 17.90
N SER A 3 -7.93 16.27 17.10
CA SER A 3 -7.93 16.44 15.65
C SER A 3 -8.87 17.57 15.24
N GLY A 4 -8.72 18.04 14.01
CA GLY A 4 -9.56 19.11 13.52
C GLY A 4 -10.75 18.60 12.71
N SER A 5 -11.38 19.48 11.95
CA SER A 5 -12.53 19.12 11.14
C SER A 5 -12.16 18.05 10.12
N SER A 6 -13.02 17.05 9.99
CA SER A 6 -12.78 15.95 9.05
C SER A 6 -13.79 16.00 7.90
N GLY A 7 -13.54 15.20 6.88
CA GLY A 7 -14.43 15.15 5.73
C GLY A 7 -15.77 14.52 6.06
N ASP A 8 -16.77 14.78 5.22
CA ASP A 8 -18.10 14.23 5.43
C ASP A 8 -18.16 12.77 5.00
N ASP A 9 -17.77 12.51 3.76
CA ASP A 9 -17.77 11.15 3.22
C ASP A 9 -16.37 10.71 2.84
N ASP A 10 -15.53 10.49 3.84
CA ASP A 10 -14.15 10.06 3.61
C ASP A 10 -14.11 8.85 2.69
N ILE A 11 -14.66 7.73 3.16
CA ILE A 11 -14.68 6.50 2.38
C ILE A 11 -14.98 6.79 0.91
N GLU A 12 -15.98 7.63 0.67
CA GLU A 12 -16.37 7.99 -0.69
C GLU A 12 -15.24 8.73 -1.40
N GLN A 13 -14.48 9.53 -0.64
CA GLN A 13 -13.37 10.28 -1.19
C GLN A 13 -12.21 9.36 -1.57
N LEU A 14 -12.03 8.31 -0.79
CA LEU A 14 -10.96 7.35 -1.04
C LEU A 14 -11.28 6.49 -2.26
N LEU A 15 -12.38 5.75 -2.18
CA LEU A 15 -12.79 4.88 -3.29
C LEU A 15 -12.61 5.58 -4.62
N GLU A 16 -13.35 6.67 -4.83
CA GLU A 16 -13.26 7.43 -6.07
C GLU A 16 -11.82 7.59 -6.52
N PHE A 17 -10.93 7.82 -5.56
CA PHE A 17 -9.51 8.00 -5.86
C PHE A 17 -8.88 6.67 -6.26
N MET A 18 -9.28 5.59 -5.60
CA MET A 18 -8.76 4.26 -5.90
C MET A 18 -9.16 3.82 -7.30
N HIS A 19 -10.13 4.53 -7.88
CA HIS A 19 -10.60 4.20 -9.22
C HIS A 19 -9.66 4.77 -10.28
N GLN A 20 -8.80 5.69 -9.87
CA GLN A 20 -7.85 6.31 -10.79
C GLN A 20 -6.51 5.58 -10.76
N LEU A 21 -6.33 4.74 -9.75
CA LEU A 21 -5.09 3.97 -9.60
C LEU A 21 -5.28 2.53 -10.05
N PRO A 22 -4.26 1.98 -10.74
CA PRO A 22 -4.30 0.60 -11.23
C PRO A 22 -4.21 -0.43 -10.10
N ALA A 23 -3.26 -0.23 -9.20
CA ALA A 23 -3.07 -1.13 -8.07
C ALA A 23 -4.40 -1.44 -7.39
N PHE A 24 -5.28 -0.44 -7.34
CA PHE A 24 -6.58 -0.60 -6.71
C PHE A 24 -7.64 -0.99 -7.75
N ALA A 25 -7.49 -0.47 -8.96
CA ALA A 25 -8.44 -0.77 -10.03
C ALA A 25 -8.32 -2.22 -10.47
N ASN A 26 -7.23 -2.88 -10.07
CA ASN A 26 -6.99 -4.27 -10.43
C ASN A 26 -7.96 -5.19 -9.69
N MET A 27 -8.72 -4.61 -8.75
CA MET A 27 -9.69 -5.38 -7.98
C MET A 27 -11.05 -4.69 -7.96
N THR A 28 -12.11 -5.46 -7.81
CA THR A 28 -13.47 -4.92 -7.77
C THR A 28 -13.59 -3.84 -6.71
N MET A 29 -14.64 -3.02 -6.82
CA MET A 29 -14.87 -1.95 -5.86
C MET A 29 -15.12 -2.51 -4.46
N SER A 30 -15.94 -3.55 -4.39
CA SER A 30 -16.27 -4.17 -3.11
C SER A 30 -15.00 -4.54 -2.35
N VAL A 31 -13.90 -4.69 -3.08
CA VAL A 31 -12.62 -5.04 -2.47
C VAL A 31 -11.87 -3.79 -2.02
N ARG A 32 -12.15 -2.67 -2.69
CA ARG A 32 -11.50 -1.40 -2.36
C ARG A 32 -11.93 -0.91 -0.98
N ARG A 33 -13.24 -0.80 -0.79
CA ARG A 33 -13.78 -0.33 0.48
C ARG A 33 -13.26 -1.18 1.64
N GLU A 34 -13.28 -2.49 1.46
CA GLU A 34 -12.82 -3.41 2.49
C GLU A 34 -11.38 -3.08 2.91
N LEU A 35 -10.56 -2.71 1.92
CA LEU A 35 -9.17 -2.37 2.18
C LEU A 35 -9.07 -1.14 3.07
N CYS A 36 -9.86 -0.12 2.74
CA CYS A 36 -9.86 1.12 3.51
C CYS A 36 -10.05 0.84 5.00
N SER A 37 -10.66 -0.30 5.31
CA SER A 37 -10.91 -0.68 6.69
C SER A 37 -9.61 -1.14 7.37
N VAL A 38 -8.74 -1.80 6.61
CA VAL A 38 -7.48 -2.28 7.13
C VAL A 38 -6.31 -1.50 6.55
N MET A 39 -6.59 -0.29 6.07
CA MET A 39 -5.56 0.56 5.49
C MET A 39 -4.84 1.35 6.56
N ILE A 40 -3.52 1.48 6.42
CA ILE A 40 -2.72 2.22 7.39
C ILE A 40 -2.36 3.61 6.86
N PHE A 41 -2.04 4.52 7.77
CA PHE A 41 -1.68 5.89 7.41
C PHE A 41 -0.22 6.16 7.73
N GLU A 42 0.57 6.39 6.69
CA GLU A 42 1.99 6.67 6.86
C GLU A 42 2.47 7.73 5.88
N VAL A 43 3.36 8.60 6.33
CA VAL A 43 3.89 9.66 5.48
C VAL A 43 5.36 9.95 5.82
N VAL A 44 6.20 9.89 4.80
CA VAL A 44 7.63 10.14 4.98
C VAL A 44 7.95 11.63 4.78
N GLU A 45 8.56 12.23 5.79
CA GLU A 45 8.93 13.64 5.72
C GLU A 45 10.34 13.81 5.18
N GLN A 46 11.26 12.98 5.66
CA GLN A 46 12.65 13.05 5.23
C GLN A 46 12.84 12.30 3.91
N ALA A 47 12.96 13.07 2.82
CA ALA A 47 13.15 12.50 1.50
C ALA A 47 14.30 11.49 1.50
N GLY A 48 14.45 10.77 0.39
CA GLY A 48 15.51 9.78 0.29
C GLY A 48 15.53 8.82 1.45
N ALA A 49 14.35 8.51 1.99
CA ALA A 49 14.23 7.59 3.12
C ALA A 49 14.06 6.15 2.64
N ILE A 50 14.61 5.21 3.40
CA ILE A 50 14.51 3.80 3.05
C ILE A 50 13.17 3.23 3.46
N ILE A 51 12.46 2.65 2.49
CA ILE A 51 11.15 2.06 2.75
C ILE A 51 11.28 0.58 3.07
N LEU A 52 12.22 -0.08 2.41
CA LEU A 52 12.45 -1.51 2.62
C LEU A 52 13.88 -1.90 2.27
N GLU A 53 14.55 -2.56 3.20
CA GLU A 53 15.94 -2.98 2.99
C GLU A 53 15.99 -4.34 2.31
N ASP A 54 17.06 -4.58 1.56
CA ASP A 54 17.24 -5.85 0.86
C ASP A 54 17.29 -7.02 1.84
N GLY A 55 16.25 -7.83 1.84
CA GLY A 55 16.19 -8.97 2.74
C GLY A 55 15.31 -8.72 3.95
N GLN A 56 14.37 -7.80 3.81
CA GLN A 56 13.46 -7.47 4.91
C GLN A 56 12.13 -8.19 4.75
N GLU A 57 11.90 -9.17 5.63
CA GLU A 57 10.67 -9.95 5.59
C GLU A 57 9.45 -9.04 5.42
N LEU A 58 9.00 -8.89 4.17
CA LEU A 58 7.85 -8.05 3.87
C LEU A 58 6.58 -8.64 4.45
N ASP A 59 6.00 -7.94 5.42
CA ASP A 59 4.76 -8.39 6.06
C ASP A 59 3.68 -7.32 5.98
N SER A 60 3.68 -6.57 4.88
CA SER A 60 2.70 -5.51 4.67
C SER A 60 2.75 -4.99 3.24
N TRP A 61 1.58 -4.84 2.64
CA TRP A 61 1.50 -4.34 1.26
C TRP A 61 1.56 -2.83 1.23
N TYR A 62 2.54 -2.30 0.50
CA TYR A 62 2.71 -0.86 0.38
C TYR A 62 2.22 -0.36 -0.97
N VAL A 63 1.52 0.78 -0.97
CA VAL A 63 1.00 1.36 -2.20
C VAL A 63 1.27 2.86 -2.24
N ILE A 64 2.05 3.29 -3.22
CA ILE A 64 2.37 4.70 -3.39
C ILE A 64 1.12 5.55 -3.44
N LEU A 65 0.95 6.41 -2.44
CA LEU A 65 -0.21 7.29 -2.37
C LEU A 65 0.09 8.64 -3.01
N ASN A 66 1.27 9.19 -2.71
CA ASN A 66 1.68 10.48 -3.26
C ASN A 66 3.20 10.60 -3.28
N GLY A 67 3.75 10.81 -4.46
CA GLY A 67 5.19 10.94 -4.59
C GLY A 67 5.79 9.88 -5.49
N THR A 68 7.12 9.78 -5.48
CA THR A 68 7.82 8.79 -6.30
C THR A 68 8.86 8.04 -5.49
N VAL A 69 8.90 6.72 -5.64
CA VAL A 69 9.86 5.89 -4.93
C VAL A 69 10.81 5.19 -5.89
N GLU A 70 12.10 5.23 -5.57
CA GLU A 70 13.11 4.60 -6.40
C GLU A 70 13.61 3.30 -5.77
N ILE A 71 13.67 2.24 -6.58
CA ILE A 71 14.13 0.94 -6.09
C ILE A 71 15.48 0.59 -6.68
N SER A 72 16.41 0.17 -5.83
CA SER A 72 17.75 -0.21 -6.27
C SER A 72 18.04 -1.67 -5.94
N HIS A 73 18.46 -2.41 -6.95
CA HIS A 73 18.79 -3.83 -6.78
C HIS A 73 20.28 -4.03 -6.61
N PRO A 74 20.66 -5.07 -5.84
CA PRO A 74 22.06 -5.40 -5.58
C PRO A 74 22.77 -5.94 -6.81
N ASP A 75 21.99 -6.37 -7.80
CA ASP A 75 22.54 -6.91 -9.03
C ASP A 75 23.06 -5.78 -9.93
N GLY A 76 22.28 -4.71 -10.05
CA GLY A 76 22.67 -3.60 -10.87
C GLY A 76 21.51 -3.02 -11.67
N LYS A 77 20.32 -3.08 -11.09
CA LYS A 77 19.13 -2.57 -11.75
C LYS A 77 18.37 -1.59 -10.85
N VAL A 78 17.59 -0.70 -11.46
CA VAL A 78 16.82 0.28 -10.70
C VAL A 78 15.42 0.43 -11.27
N GLU A 79 14.41 0.11 -10.45
CA GLU A 79 13.02 0.21 -10.87
C GLU A 79 12.39 1.50 -10.37
N ASN A 80 11.90 2.31 -11.31
CA ASN A 80 11.28 3.59 -10.97
C ASN A 80 9.76 3.46 -10.98
N LEU A 81 9.14 3.70 -9.82
CA LEU A 81 7.69 3.62 -9.70
C LEU A 81 7.08 5.00 -9.49
N PHE A 82 5.77 5.10 -9.70
CA PHE A 82 5.06 6.37 -9.53
C PHE A 82 3.67 6.14 -8.97
N MET A 83 3.10 7.19 -8.38
CA MET A 83 1.76 7.10 -7.80
C MET A 83 0.87 6.17 -8.63
N GLY A 84 0.54 5.01 -8.05
CA GLY A 84 -0.30 4.06 -8.75
C GLY A 84 0.24 2.65 -8.67
N ASN A 85 1.55 2.52 -8.49
CA ASN A 85 2.19 1.22 -8.40
C ASN A 85 1.93 0.58 -7.04
N SER A 86 2.33 -0.68 -6.90
CA SER A 86 2.14 -1.41 -5.65
C SER A 86 3.34 -2.30 -5.35
N PHE A 87 3.85 -2.19 -4.14
CA PHE A 87 5.01 -2.98 -3.72
C PHE A 87 4.90 -3.38 -2.25
N GLY A 88 5.54 -4.48 -1.89
CA GLY A 88 5.50 -4.95 -0.52
C GLY A 88 5.36 -6.46 -0.42
N ILE A 89 4.12 -6.94 -0.51
CA ILE A 89 3.85 -8.37 -0.44
C ILE A 89 2.73 -8.77 -1.39
N THR A 90 2.46 -10.07 -1.47
CA THR A 90 1.41 -10.59 -2.33
C THR A 90 0.15 -10.91 -1.54
N PRO A 91 -0.99 -11.00 -2.24
CA PRO A 91 -2.28 -11.31 -1.62
C PRO A 91 -2.36 -12.75 -1.13
N THR A 92 -1.26 -13.49 -1.31
CA THR A 92 -1.21 -14.89 -0.89
C THR A 92 -0.64 -15.01 0.52
N LEU A 93 -1.28 -15.82 1.34
CA LEU A 93 -0.83 -16.03 2.72
C LEU A 93 0.68 -16.18 2.78
N ASP A 94 1.28 -16.60 1.66
CA ASP A 94 2.73 -16.77 1.59
C ASP A 94 3.46 -15.47 1.90
N LYS A 95 4.69 -15.57 2.35
CA LYS A 95 5.50 -14.41 2.68
C LYS A 95 6.48 -14.08 1.55
N GLN A 96 7.04 -12.87 1.61
CA GLN A 96 7.99 -12.45 0.59
C GLN A 96 9.05 -11.52 1.19
N TYR A 97 10.26 -11.57 0.65
CA TYR A 97 11.35 -10.74 1.13
C TYR A 97 11.72 -9.67 0.11
N MET A 98 12.18 -8.53 0.60
CA MET A 98 12.57 -7.42 -0.27
C MET A 98 13.78 -7.81 -1.13
N HIS A 99 13.55 -7.92 -2.44
CA HIS A 99 14.62 -8.28 -3.36
C HIS A 99 15.42 -7.06 -3.77
N GLY A 100 15.64 -6.16 -2.82
CA GLY A 100 16.40 -4.95 -3.08
C GLY A 100 16.21 -3.89 -2.02
N ILE A 101 16.55 -2.65 -2.36
CA ILE A 101 16.41 -1.54 -1.42
C ILE A 101 15.58 -0.42 -2.01
N VAL A 102 14.51 -0.05 -1.32
CA VAL A 102 13.63 1.02 -1.77
C VAL A 102 13.95 2.33 -1.08
N ARG A 103 13.90 3.43 -1.83
CA ARG A 103 14.18 4.75 -1.28
C ARG A 103 13.37 5.81 -2.00
N THR A 104 12.71 6.68 -1.22
CA THR A 104 11.90 7.75 -1.78
C THR A 104 12.74 8.70 -2.63
N LYS A 105 12.09 9.37 -3.57
CA LYS A 105 12.78 10.30 -4.45
C LYS A 105 12.49 11.74 -4.04
N VAL A 106 11.39 11.94 -3.33
CA VAL A 106 11.00 13.27 -2.87
C VAL A 106 10.47 13.22 -1.43
N ASP A 107 10.21 14.40 -0.87
CA ASP A 107 9.71 14.49 0.50
C ASP A 107 8.18 14.54 0.50
N ASP A 108 7.61 14.54 1.70
CA ASP A 108 6.16 14.58 1.85
C ASP A 108 5.50 13.48 1.04
N CYS A 109 6.10 12.29 1.06
CA CYS A 109 5.57 11.16 0.32
C CYS A 109 4.58 10.36 1.18
N GLN A 110 3.40 10.10 0.62
CA GLN A 110 2.37 9.35 1.33
C GLN A 110 2.42 7.87 0.97
N PHE A 111 2.33 7.02 1.98
CA PHE A 111 2.35 5.58 1.77
C PHE A 111 1.34 4.87 2.66
N VAL A 112 0.71 3.82 2.12
CA VAL A 112 -0.29 3.06 2.87
C VAL A 112 0.17 1.63 3.08
N CYS A 113 -0.16 1.08 4.25
CA CYS A 113 0.22 -0.29 4.58
C CYS A 113 -1.02 -1.14 4.87
N ILE A 114 -0.92 -2.43 4.57
CA ILE A 114 -2.04 -3.35 4.79
C ILE A 114 -1.54 -4.72 5.21
N ALA A 115 -1.94 -5.16 6.40
CA ALA A 115 -1.54 -6.46 6.91
C ALA A 115 -1.80 -7.56 5.88
N GLN A 116 -0.95 -8.59 5.90
CA GLN A 116 -1.09 -9.70 4.97
C GLN A 116 -2.38 -10.47 5.23
N GLN A 117 -2.52 -10.99 6.44
CA GLN A 117 -3.70 -11.74 6.83
C GLN A 117 -4.97 -11.11 6.25
N ASP A 118 -5.11 -9.81 6.45
CA ASP A 118 -6.27 -9.07 5.95
C ASP A 118 -6.23 -8.98 4.43
N TYR A 119 -5.04 -8.79 3.87
CA TYR A 119 -4.87 -8.68 2.43
C TYR A 119 -5.29 -9.97 1.74
N TRP A 120 -5.26 -11.07 2.48
CA TRP A 120 -5.64 -12.37 1.94
C TRP A 120 -7.05 -12.76 2.36
N ARG A 121 -7.72 -11.84 3.05
CA ARG A 121 -9.08 -12.08 3.53
C ARG A 121 -10.09 -11.35 2.65
N ILE A 122 -9.67 -10.26 2.04
CA ILE A 122 -10.54 -9.48 1.18
C ILE A 122 -10.51 -10.01 -0.26
N LEU A 123 -9.42 -9.76 -0.95
CA LEU A 123 -9.26 -10.21 -2.33
C LEU A 123 -9.70 -11.66 -2.47
N ASN A 124 -9.12 -12.54 -1.66
CA ASN A 124 -9.44 -13.96 -1.71
C ASN A 124 -10.94 -14.18 -1.52
N HIS A 125 -11.35 -15.44 -1.43
CA HIS A 125 -12.76 -15.78 -1.24
C HIS A 125 -13.09 -15.93 0.24
N VAL A 126 -12.68 -14.96 1.05
CA VAL A 126 -12.94 -14.99 2.48
C VAL A 126 -13.86 -13.85 2.89
N GLU A 127 -15.12 -13.96 2.51
CA GLU A 127 -16.12 -12.94 2.84
C GLU A 127 -16.79 -13.25 4.17
N LYS A 128 -16.87 -14.53 4.50
CA LYS A 128 -17.50 -14.97 5.75
C LYS A 128 -17.09 -14.05 6.90
N SER A 129 -15.86 -13.55 6.85
CA SER A 129 -15.35 -12.67 7.89
C SER A 129 -15.73 -11.22 7.61
N GLY A 130 -15.10 -10.63 6.58
CA GLY A 130 -15.39 -9.26 6.22
C GLY A 130 -15.08 -8.29 7.35
N PRO A 131 -14.29 -7.25 7.05
CA PRO A 131 -13.92 -6.23 8.03
C PRO A 131 -15.09 -5.35 8.44
N SER A 132 -15.47 -5.42 9.71
CA SER A 132 -16.58 -4.64 10.22
C SER A 132 -16.31 -4.19 11.66
N SER A 133 -16.18 -2.88 11.84
CA SER A 133 -15.92 -2.32 13.17
C SER A 133 -17.03 -1.36 13.58
N GLY A 134 -17.81 -1.77 14.58
CA GLY A 134 -18.91 -0.94 15.06
C GLY A 134 -18.78 -0.62 16.53
N GLY A 1 -1.42 13.57 17.92
CA GLY A 1 -2.52 13.26 17.03
C GLY A 1 -3.56 14.36 16.98
N SER A 2 -3.58 15.11 15.88
CA SER A 2 -4.54 16.21 15.72
C SER A 2 -5.95 15.67 15.50
N SER A 3 -6.89 16.12 16.32
CA SER A 3 -8.28 15.67 16.21
C SER A 3 -9.11 16.71 15.47
N GLY A 4 -10.15 16.24 14.78
CA GLY A 4 -11.01 17.14 14.03
C GLY A 4 -11.07 16.79 12.55
N SER A 5 -12.01 15.93 12.19
CA SER A 5 -12.17 15.51 10.80
C SER A 5 -13.49 16.02 10.23
N SER A 6 -13.41 16.67 9.08
CA SER A 6 -14.60 17.21 8.43
C SER A 6 -15.04 16.31 7.28
N GLY A 7 -16.36 16.24 7.07
CA GLY A 7 -16.90 15.41 6.02
C GLY A 7 -17.90 14.40 6.53
N ASP A 8 -18.73 13.87 5.62
CA ASP A 8 -19.73 12.88 6.00
C ASP A 8 -19.31 11.48 5.56
N ASP A 9 -18.86 11.36 4.31
CA ASP A 9 -18.43 10.09 3.78
C ASP A 9 -16.99 10.17 3.26
N ASP A 10 -16.04 10.26 4.18
CA ASP A 10 -14.63 10.35 3.82
C ASP A 10 -14.24 9.21 2.89
N ILE A 11 -14.41 7.98 3.37
CA ILE A 11 -14.07 6.80 2.58
C ILE A 11 -14.52 6.96 1.13
N GLU A 12 -15.78 7.31 0.95
CA GLU A 12 -16.34 7.51 -0.39
C GLU A 12 -15.40 8.33 -1.26
N GLN A 13 -14.83 9.39 -0.68
CA GLN A 13 -13.92 10.26 -1.39
C GLN A 13 -12.61 9.54 -1.70
N LEU A 14 -12.27 8.55 -0.88
CA LEU A 14 -11.04 7.79 -1.06
C LEU A 14 -11.21 6.74 -2.17
N LEU A 15 -12.32 6.01 -2.12
CA LEU A 15 -12.60 4.98 -3.12
C LEU A 15 -12.43 5.54 -4.53
N GLU A 16 -13.11 6.64 -4.80
CA GLU A 16 -13.04 7.26 -6.12
C GLU A 16 -11.60 7.33 -6.62
N PHE A 17 -10.70 7.80 -5.75
CA PHE A 17 -9.29 7.92 -6.10
C PHE A 17 -8.70 6.55 -6.44
N MET A 18 -8.78 5.63 -5.49
CA MET A 18 -8.25 4.28 -5.68
C MET A 18 -8.61 3.76 -7.07
N HIS A 19 -9.87 3.91 -7.46
CA HIS A 19 -10.33 3.46 -8.76
C HIS A 19 -9.36 3.88 -9.86
N GLN A 20 -8.87 5.11 -9.78
CA GLN A 20 -7.93 5.63 -10.76
C GLN A 20 -6.69 4.75 -10.84
N LEU A 21 -6.16 4.36 -9.68
CA LEU A 21 -4.98 3.52 -9.62
C LEU A 21 -5.28 2.11 -10.10
N PRO A 22 -4.34 1.53 -10.87
CA PRO A 22 -4.48 0.18 -11.41
C PRO A 22 -4.39 -0.89 -10.33
N ALA A 23 -3.53 -0.66 -9.35
CA ALA A 23 -3.35 -1.61 -8.25
C ALA A 23 -4.66 -1.82 -7.48
N PHE A 24 -5.42 -0.73 -7.33
CA PHE A 24 -6.69 -0.80 -6.62
C PHE A 24 -7.83 -1.15 -7.57
N ALA A 25 -7.79 -0.59 -8.77
CA ALA A 25 -8.81 -0.84 -9.76
C ALA A 25 -9.09 -2.34 -9.90
N ASN A 26 -8.03 -3.11 -9.99
CA ASN A 26 -8.15 -4.57 -10.12
C ASN A 26 -9.22 -5.11 -9.19
N MET A 27 -9.20 -4.64 -7.94
CA MET A 27 -10.17 -5.08 -6.94
C MET A 27 -11.53 -4.41 -7.17
N THR A 28 -12.58 -4.99 -6.60
CA THR A 28 -13.92 -4.45 -6.74
C THR A 28 -14.19 -3.37 -5.70
N MET A 29 -15.19 -2.53 -5.96
CA MET A 29 -15.55 -1.46 -5.04
C MET A 29 -15.46 -1.92 -3.60
N SER A 30 -16.13 -3.03 -3.29
CA SER A 30 -16.11 -3.57 -1.93
C SER A 30 -14.70 -3.64 -1.38
N VAL A 31 -13.89 -4.55 -1.94
CA VAL A 31 -12.52 -4.72 -1.50
C VAL A 31 -11.89 -3.37 -1.14
N ARG A 32 -11.94 -2.43 -2.07
CA ARG A 32 -11.37 -1.10 -1.85
C ARG A 32 -11.77 -0.56 -0.49
N ARG A 33 -13.06 -0.63 -0.18
CA ARG A 33 -13.57 -0.15 1.10
C ARG A 33 -12.95 -0.93 2.26
N GLU A 34 -13.08 -2.25 2.20
CA GLU A 34 -12.54 -3.11 3.25
C GLU A 34 -11.07 -2.78 3.52
N LEU A 35 -10.34 -2.45 2.46
CA LEU A 35 -8.92 -2.11 2.59
C LEU A 35 -8.73 -0.88 3.46
N CYS A 36 -9.49 0.18 3.16
CA CYS A 36 -9.40 1.42 3.93
C CYS A 36 -9.73 1.18 5.39
N SER A 37 -10.27 0.01 5.69
CA SER A 37 -10.64 -0.35 7.05
C SER A 37 -9.54 -1.19 7.72
N VAL A 38 -8.59 -1.62 6.91
CA VAL A 38 -7.48 -2.44 7.42
C VAL A 38 -6.14 -1.92 6.91
N MET A 39 -6.12 -0.66 6.50
CA MET A 39 -4.90 -0.04 5.99
C MET A 39 -4.43 1.08 6.92
N ILE A 40 -3.13 1.39 6.87
CA ILE A 40 -2.56 2.43 7.70
C ILE A 40 -2.26 3.69 6.88
N PHE A 41 -2.43 4.85 7.50
CA PHE A 41 -2.16 6.12 6.83
C PHE A 41 -0.83 6.70 7.27
N GLU A 42 0.18 6.57 6.41
CA GLU A 42 1.51 7.09 6.71
C GLU A 42 2.01 7.99 5.58
N VAL A 43 2.95 8.87 5.91
CA VAL A 43 3.52 9.79 4.92
C VAL A 43 4.94 10.20 5.31
N VAL A 44 5.88 9.96 4.41
CA VAL A 44 7.27 10.31 4.65
C VAL A 44 7.51 11.80 4.44
N GLU A 45 8.18 12.42 5.41
CA GLU A 45 8.47 13.85 5.34
C GLU A 45 9.87 14.09 4.77
N GLN A 46 10.82 13.25 5.15
CA GLN A 46 12.19 13.37 4.69
C GLN A 46 12.42 12.52 3.44
N ALA A 47 12.63 13.18 2.31
CA ALA A 47 12.86 12.49 1.05
C ALA A 47 14.00 11.49 1.18
N GLY A 48 14.33 10.83 0.07
CA GLY A 48 15.40 9.84 0.09
C GLY A 48 15.34 8.94 1.31
N ALA A 49 14.14 8.61 1.74
CA ALA A 49 13.96 7.74 2.91
C ALA A 49 13.81 6.29 2.49
N ILE A 50 14.45 5.40 3.25
CA ILE A 50 14.40 3.97 2.96
C ILE A 50 13.05 3.38 3.34
N ILE A 51 12.26 3.00 2.34
CA ILE A 51 10.96 2.41 2.57
C ILE A 51 11.06 0.97 3.02
N LEU A 52 11.96 0.22 2.38
CA LEU A 52 12.17 -1.18 2.71
C LEU A 52 13.63 -1.56 2.57
N GLU A 53 14.05 -2.61 3.29
CA GLU A 53 15.42 -3.08 3.24
C GLU A 53 15.52 -4.43 2.55
N ASP A 54 16.65 -4.70 1.91
CA ASP A 54 16.87 -5.96 1.22
C ASP A 54 16.94 -7.12 2.21
N GLY A 55 16.33 -8.24 1.86
CA GLY A 55 16.32 -9.40 2.73
C GLY A 55 15.47 -9.20 3.97
N GLN A 56 14.32 -8.57 3.79
CA GLN A 56 13.41 -8.32 4.89
C GLN A 56 12.07 -9.03 4.68
N GLU A 57 11.78 -10.01 5.52
CA GLU A 57 10.54 -10.76 5.42
C GLU A 57 9.34 -9.83 5.32
N LEU A 58 8.93 -9.53 4.10
CA LEU A 58 7.78 -8.65 3.86
C LEU A 58 6.49 -9.31 4.30
N ASP A 59 5.71 -8.62 5.13
CA ASP A 59 4.44 -9.13 5.62
C ASP A 59 3.30 -8.16 5.32
N SER A 60 3.64 -6.87 5.26
CA SER A 60 2.65 -5.83 5.00
C SER A 60 2.77 -5.32 3.57
N TRP A 61 1.67 -4.83 3.02
CA TRP A 61 1.65 -4.31 1.67
C TRP A 61 1.81 -2.79 1.66
N TYR A 62 2.49 -2.27 0.65
CA TYR A 62 2.72 -0.83 0.53
C TYR A 62 2.31 -0.32 -0.85
N VAL A 63 1.48 0.72 -0.87
CA VAL A 63 1.02 1.30 -2.12
C VAL A 63 1.37 2.78 -2.20
N ILE A 64 1.89 3.20 -3.36
CA ILE A 64 2.26 4.59 -3.57
C ILE A 64 1.04 5.48 -3.71
N LEU A 65 0.73 6.23 -2.66
CA LEU A 65 -0.41 7.13 -2.67
C LEU A 65 -0.06 8.46 -3.34
N ASN A 66 1.12 8.98 -3.04
CA ASN A 66 1.57 10.24 -3.61
C ASN A 66 3.10 10.32 -3.60
N GLY A 67 3.65 10.83 -4.69
CA GLY A 67 5.10 10.97 -4.79
C GLY A 67 5.72 9.88 -5.65
N THR A 68 7.04 9.89 -5.75
CA THR A 68 7.76 8.90 -6.54
C THR A 68 8.75 8.12 -5.69
N VAL A 69 8.83 6.82 -5.91
CA VAL A 69 9.74 5.96 -5.15
C VAL A 69 10.68 5.21 -6.10
N GLU A 70 11.95 5.17 -5.73
CA GLU A 70 12.96 4.48 -6.54
C GLU A 70 13.48 3.25 -5.82
N ILE A 71 13.72 2.18 -6.58
CA ILE A 71 14.21 0.93 -6.01
C ILE A 71 15.61 0.61 -6.53
N SER A 72 16.50 0.20 -5.63
CA SER A 72 17.86 -0.13 -6.00
C SER A 72 18.17 -1.59 -5.69
N HIS A 73 18.76 -2.29 -6.66
CA HIS A 73 19.09 -3.69 -6.49
C HIS A 73 20.59 -3.85 -6.22
N PRO A 74 20.93 -4.89 -5.43
CA PRO A 74 22.32 -5.18 -5.07
C PRO A 74 23.14 -5.69 -6.26
N ASP A 75 22.44 -6.11 -7.31
CA ASP A 75 23.10 -6.62 -8.51
C ASP A 75 23.69 -5.47 -9.33
N GLY A 76 22.89 -4.41 -9.52
CA GLY A 76 23.35 -3.27 -10.28
C GLY A 76 22.25 -2.67 -11.13
N LYS A 77 21.03 -2.71 -10.62
CA LYS A 77 19.88 -2.17 -11.34
C LYS A 77 19.08 -1.21 -10.46
N VAL A 78 18.24 -0.40 -11.08
CA VAL A 78 17.42 0.55 -10.34
C VAL A 78 16.09 0.78 -11.04
N GLU A 79 14.99 0.48 -10.34
CA GLU A 79 13.66 0.65 -10.89
C GLU A 79 13.10 2.02 -10.54
N ASN A 80 12.00 2.39 -11.18
CA ASN A 80 11.35 3.68 -10.94
C ASN A 80 9.84 3.56 -11.02
N LEU A 81 9.18 3.63 -9.87
CA LEU A 81 7.72 3.52 -9.80
C LEU A 81 7.09 4.91 -9.66
N PHE A 82 5.84 5.01 -10.09
CA PHE A 82 5.12 6.27 -10.01
C PHE A 82 3.78 6.10 -9.30
N MET A 83 3.05 7.20 -9.13
CA MET A 83 1.75 7.16 -8.47
C MET A 83 0.84 6.13 -9.13
N GLY A 84 0.43 5.13 -8.35
CA GLY A 84 -0.44 4.09 -8.88
C GLY A 84 0.14 2.70 -8.71
N ASN A 85 1.47 2.61 -8.76
CA ASN A 85 2.15 1.33 -8.61
C ASN A 85 2.01 0.80 -7.19
N SER A 86 2.41 -0.45 -6.99
CA SER A 86 2.32 -1.09 -5.67
C SER A 86 3.54 -1.97 -5.41
N PHE A 87 4.01 -1.97 -4.17
CA PHE A 87 5.17 -2.77 -3.79
C PHE A 87 5.03 -3.29 -2.36
N GLY A 88 5.57 -4.48 -2.11
CA GLY A 88 5.49 -5.07 -0.79
C GLY A 88 5.25 -6.57 -0.84
N ILE A 89 4.04 -6.98 -0.51
CA ILE A 89 3.69 -8.39 -0.52
C ILE A 89 2.51 -8.66 -1.45
N THR A 90 2.36 -9.92 -1.86
CA THR A 90 1.29 -10.31 -2.76
C THR A 90 0.02 -10.64 -1.97
N PRO A 91 -1.13 -10.58 -2.66
CA PRO A 91 -2.43 -10.86 -2.06
C PRO A 91 -2.61 -12.33 -1.70
N THR A 92 -1.56 -13.12 -1.95
CA THR A 92 -1.60 -14.54 -1.66
C THR A 92 -0.92 -14.86 -0.33
N LEU A 93 -1.59 -15.63 0.51
CA LEU A 93 -1.06 -16.00 1.81
C LEU A 93 0.46 -16.18 1.75
N ASP A 94 0.94 -16.71 0.64
CA ASP A 94 2.37 -16.93 0.44
C ASP A 94 3.17 -15.73 0.90
N LYS A 95 4.32 -15.98 1.53
CA LYS A 95 5.17 -14.92 2.01
C LYS A 95 5.99 -14.31 0.88
N GLN A 96 6.65 -13.19 1.16
CA GLN A 96 7.46 -12.51 0.16
C GLN A 96 8.68 -11.86 0.80
N TYR A 97 9.85 -12.08 0.21
CA TYR A 97 11.09 -11.51 0.72
C TYR A 97 11.62 -10.43 -0.22
N MET A 98 12.14 -9.35 0.37
CA MET A 98 12.69 -8.25 -0.41
C MET A 98 14.07 -8.60 -0.94
N HIS A 99 14.36 -8.17 -2.17
CA HIS A 99 15.65 -8.43 -2.79
C HIS A 99 16.34 -7.13 -3.20
N GLY A 100 16.09 -6.07 -2.43
CA GLY A 100 16.69 -4.79 -2.73
C GLY A 100 16.35 -3.73 -1.70
N ILE A 101 16.67 -2.48 -2.00
CA ILE A 101 16.39 -1.37 -1.10
C ILE A 101 15.54 -0.30 -1.77
N VAL A 102 14.44 0.08 -1.11
CA VAL A 102 13.55 1.09 -1.65
C VAL A 102 13.82 2.45 -1.01
N ARG A 103 13.79 3.50 -1.84
CA ARG A 103 14.03 4.86 -1.36
C ARG A 103 13.17 5.86 -2.12
N THR A 104 12.54 6.78 -1.39
CA THR A 104 11.70 7.79 -2.00
C THR A 104 12.49 8.64 -2.98
N LYS A 105 11.77 9.39 -3.83
CA LYS A 105 12.41 10.26 -4.81
C LYS A 105 12.26 11.72 -4.43
N VAL A 106 11.21 12.03 -3.69
CA VAL A 106 10.95 13.40 -3.26
C VAL A 106 10.42 13.44 -1.83
N ASP A 107 10.12 14.64 -1.35
CA ASP A 107 9.59 14.81 0.01
C ASP A 107 8.07 14.86 -0.01
N ASP A 108 7.47 14.65 1.16
CA ASP A 108 6.01 14.67 1.28
C ASP A 108 5.39 13.51 0.53
N CYS A 109 5.95 12.32 0.71
CA CYS A 109 5.45 11.13 0.05
C CYS A 109 4.45 10.39 0.93
N GLN A 110 3.28 10.08 0.37
CA GLN A 110 2.24 9.37 1.11
C GLN A 110 2.26 7.88 0.79
N PHE A 111 1.98 7.06 1.80
CA PHE A 111 1.97 5.61 1.63
C PHE A 111 0.91 4.98 2.52
N VAL A 112 0.70 3.68 2.33
CA VAL A 112 -0.29 2.94 3.12
C VAL A 112 0.22 1.54 3.45
N CYS A 113 -0.07 1.09 4.68
CA CYS A 113 0.36 -0.23 5.12
C CYS A 113 -0.85 -1.12 5.39
N ILE A 114 -0.82 -2.33 4.84
CA ILE A 114 -1.91 -3.28 5.03
C ILE A 114 -1.38 -4.67 5.38
N ALA A 115 -1.89 -5.23 6.47
CA ALA A 115 -1.48 -6.55 6.92
C ALA A 115 -1.79 -7.61 5.86
N GLN A 116 -0.98 -8.66 5.84
CA GLN A 116 -1.17 -9.75 4.88
C GLN A 116 -2.53 -10.41 5.07
N GLN A 117 -2.73 -11.01 6.23
CA GLN A 117 -3.99 -11.69 6.53
C GLN A 117 -5.18 -10.91 5.95
N ASP A 118 -5.27 -9.64 6.32
CA ASP A 118 -6.35 -8.79 5.83
C ASP A 118 -6.30 -8.66 4.32
N TYR A 119 -5.08 -8.61 3.77
CA TYR A 119 -4.90 -8.48 2.34
C TYR A 119 -5.43 -9.71 1.60
N TRP A 120 -5.25 -10.87 2.20
CA TRP A 120 -5.71 -12.12 1.60
C TRP A 120 -7.10 -12.49 2.12
N ARG A 121 -7.67 -11.62 2.94
CA ARG A 121 -8.99 -11.86 3.50
C ARG A 121 -10.06 -11.04 2.76
N ILE A 122 -9.64 -9.92 2.17
CA ILE A 122 -10.54 -9.06 1.44
C ILE A 122 -10.62 -9.47 -0.03
N LEU A 123 -9.47 -9.44 -0.70
CA LEU A 123 -9.41 -9.81 -2.11
C LEU A 123 -9.95 -11.22 -2.33
N ASN A 124 -9.26 -12.20 -1.76
CA ASN A 124 -9.67 -13.60 -1.90
C ASN A 124 -11.13 -13.77 -1.49
N HIS A 125 -11.61 -15.01 -1.55
CA HIS A 125 -12.99 -15.31 -1.19
C HIS A 125 -13.05 -16.16 0.09
N VAL A 126 -12.33 -15.72 1.11
CA VAL A 126 -12.30 -16.43 2.38
C VAL A 126 -13.68 -16.95 2.76
N GLU A 127 -13.73 -18.19 3.23
CA GLU A 127 -14.99 -18.81 3.61
C GLU A 127 -15.93 -17.78 4.23
N LYS A 128 -15.36 -16.85 5.01
CA LYS A 128 -16.14 -15.81 5.66
C LYS A 128 -15.61 -14.43 5.30
N SER A 129 -16.18 -13.83 4.26
CA SER A 129 -15.76 -12.51 3.82
C SER A 129 -16.30 -11.43 4.74
N GLY A 130 -15.79 -10.21 4.58
CA GLY A 130 -16.23 -9.10 5.41
C GLY A 130 -15.47 -9.02 6.72
N PRO A 131 -15.01 -7.81 7.07
CA PRO A 131 -14.26 -7.56 8.30
C PRO A 131 -15.12 -7.70 9.54
N SER A 132 -15.16 -8.90 10.11
CA SER A 132 -15.95 -9.16 11.31
C SER A 132 -15.40 -8.41 12.50
N SER A 133 -16.13 -7.40 12.96
CA SER A 133 -15.69 -6.60 14.10
C SER A 133 -16.12 -7.24 15.41
N GLY A 134 -15.16 -7.41 16.31
CA GLY A 134 -15.46 -8.02 17.59
C GLY A 134 -15.34 -9.54 17.56
N GLY A 1 -5.60 13.74 16.72
CA GLY A 1 -6.27 12.52 17.12
C GLY A 1 -6.23 11.46 16.06
N SER A 2 -6.36 10.20 16.48
CA SER A 2 -6.33 9.08 15.54
C SER A 2 -7.68 8.39 15.48
N SER A 3 -8.25 8.11 16.65
CA SER A 3 -9.55 7.45 16.73
C SER A 3 -10.56 8.13 15.82
N GLY A 4 -11.15 7.35 14.92
CA GLY A 4 -12.13 7.90 13.99
C GLY A 4 -11.50 8.73 12.90
N SER A 5 -12.15 8.76 11.74
CA SER A 5 -11.64 9.53 10.61
C SER A 5 -12.12 10.98 10.67
N SER A 6 -11.32 11.89 10.13
CA SER A 6 -11.66 13.31 10.13
C SER A 6 -12.39 13.69 8.84
N GLY A 7 -13.59 14.21 8.99
CA GLY A 7 -14.38 14.61 7.83
C GLY A 7 -15.68 13.86 7.72
N ASP A 8 -16.64 14.42 7.00
CA ASP A 8 -17.95 13.80 6.82
C ASP A 8 -17.86 12.61 5.86
N ASP A 9 -17.12 12.80 4.77
CA ASP A 9 -16.95 11.74 3.78
C ASP A 9 -15.49 11.58 3.40
N ASP A 10 -14.74 10.87 4.24
CA ASP A 10 -13.31 10.65 4.01
C ASP A 10 -13.10 9.46 3.06
N ILE A 11 -13.80 8.37 3.34
CA ILE A 11 -13.70 7.17 2.52
C ILE A 11 -14.06 7.46 1.07
N GLU A 12 -15.16 8.19 0.88
CA GLU A 12 -15.62 8.54 -0.46
C GLU A 12 -14.47 9.04 -1.32
N GLN A 13 -13.83 10.13 -0.89
CA GLN A 13 -12.71 10.70 -1.61
C GLN A 13 -11.56 9.71 -1.72
N LEU A 14 -11.63 8.65 -0.94
CA LEU A 14 -10.60 7.62 -0.93
C LEU A 14 -10.87 6.57 -2.01
N LEU A 15 -12.12 6.12 -2.09
CA LEU A 15 -12.51 5.12 -3.08
C LEU A 15 -12.18 5.59 -4.48
N GLU A 16 -12.86 6.64 -4.93
CA GLU A 16 -12.63 7.18 -6.26
C GLU A 16 -11.15 7.16 -6.63
N PHE A 17 -10.30 7.39 -5.63
CA PHE A 17 -8.85 7.39 -5.84
C PHE A 17 -8.34 5.96 -6.00
N MET A 18 -8.88 5.04 -5.21
CA MET A 18 -8.47 3.65 -5.25
C MET A 18 -8.65 3.08 -6.65
N HIS A 19 -9.83 3.29 -7.23
CA HIS A 19 -10.12 2.79 -8.57
C HIS A 19 -9.33 3.56 -9.62
N GLN A 20 -8.93 4.78 -9.27
CA GLN A 20 -8.17 5.63 -10.19
C GLN A 20 -6.79 5.05 -10.44
N LEU A 21 -6.40 4.08 -9.62
CA LEU A 21 -5.10 3.43 -9.77
C LEU A 21 -5.23 2.05 -10.40
N PRO A 22 -4.24 1.67 -11.22
CA PRO A 22 -4.23 0.38 -11.90
C PRO A 22 -4.00 -0.78 -10.94
N ALA A 23 -3.11 -0.58 -9.97
CA ALA A 23 -2.82 -1.61 -8.98
C ALA A 23 -4.05 -1.94 -8.15
N PHE A 24 -4.95 -0.98 -8.02
CA PHE A 24 -6.18 -1.18 -7.24
C PHE A 24 -7.34 -1.55 -8.16
N ALA A 25 -7.25 -1.14 -9.43
CA ALA A 25 -8.30 -1.43 -10.40
C ALA A 25 -8.69 -2.91 -10.36
N ASN A 26 -7.70 -3.77 -10.10
CA ASN A 26 -7.95 -5.21 -10.04
C ASN A 26 -9.11 -5.53 -9.11
N MET A 27 -9.17 -4.82 -7.98
CA MET A 27 -10.24 -5.03 -7.01
C MET A 27 -11.45 -4.16 -7.34
N THR A 28 -12.58 -4.46 -6.71
CA THR A 28 -13.81 -3.72 -6.93
C THR A 28 -14.16 -2.85 -5.73
N MET A 29 -15.18 -2.02 -5.87
CA MET A 29 -15.62 -1.14 -4.80
C MET A 29 -15.59 -1.87 -3.45
N SER A 30 -16.36 -2.95 -3.36
CA SER A 30 -16.43 -3.73 -2.13
C SER A 30 -15.06 -3.85 -1.48
N VAL A 31 -14.17 -4.60 -2.12
CA VAL A 31 -12.82 -4.81 -1.62
C VAL A 31 -12.21 -3.49 -1.14
N ARG A 32 -12.16 -2.52 -2.04
CA ARG A 32 -11.61 -1.21 -1.71
C ARG A 32 -12.17 -0.69 -0.39
N ARG A 33 -13.48 -0.78 -0.24
CA ARG A 33 -14.14 -0.32 0.97
C ARG A 33 -13.65 -1.09 2.19
N GLU A 34 -13.64 -2.41 2.08
CA GLU A 34 -13.19 -3.27 3.17
C GLU A 34 -11.76 -2.91 3.59
N LEU A 35 -10.87 -2.84 2.61
CA LEU A 35 -9.46 -2.51 2.87
C LEU A 35 -9.36 -1.23 3.69
N CYS A 36 -10.08 -0.20 3.26
CA CYS A 36 -10.07 1.09 3.95
C CYS A 36 -10.23 0.89 5.46
N SER A 37 -10.77 -0.26 5.85
CA SER A 37 -10.99 -0.57 7.25
C SER A 37 -9.68 -0.95 7.94
N VAL A 38 -8.82 -1.65 7.21
CA VAL A 38 -7.54 -2.07 7.75
C VAL A 38 -6.38 -1.40 7.01
N MET A 39 -6.66 -0.24 6.42
CA MET A 39 -5.66 0.52 5.70
C MET A 39 -4.94 1.51 6.62
N ILE A 40 -3.63 1.35 6.76
CA ILE A 40 -2.85 2.24 7.61
C ILE A 40 -2.39 3.47 6.85
N PHE A 41 -2.42 4.62 7.51
CA PHE A 41 -2.01 5.87 6.89
C PHE A 41 -0.56 6.20 7.25
N GLU A 42 0.26 6.45 6.23
CA GLU A 42 1.66 6.78 6.43
C GLU A 42 2.13 7.82 5.42
N VAL A 43 3.04 8.70 5.86
CA VAL A 43 3.57 9.73 4.99
C VAL A 43 4.99 10.12 5.41
N VAL A 44 5.91 10.04 4.46
CA VAL A 44 7.30 10.39 4.71
C VAL A 44 7.59 11.85 4.37
N GLU A 45 8.14 12.58 5.32
CA GLU A 45 8.45 13.99 5.12
C GLU A 45 9.90 14.16 4.65
N GLN A 46 10.79 13.33 5.19
CA GLN A 46 12.20 13.39 4.82
C GLN A 46 12.46 12.60 3.54
N ALA A 47 12.83 13.31 2.48
CA ALA A 47 13.10 12.69 1.19
C ALA A 47 14.25 11.68 1.31
N GLY A 48 14.42 10.87 0.28
CA GLY A 48 15.49 9.88 0.30
C GLY A 48 15.37 8.91 1.45
N ALA A 49 14.14 8.76 1.96
CA ALA A 49 13.90 7.84 3.08
C ALA A 49 13.78 6.41 2.60
N ILE A 50 14.34 5.48 3.37
CA ILE A 50 14.29 4.07 3.02
C ILE A 50 12.94 3.46 3.38
N ILE A 51 12.22 2.99 2.37
CA ILE A 51 10.91 2.38 2.57
C ILE A 51 11.04 0.91 2.97
N LEU A 52 11.98 0.21 2.34
CA LEU A 52 12.20 -1.20 2.64
C LEU A 52 13.69 -1.54 2.55
N GLU A 53 14.03 -2.76 2.94
CA GLU A 53 15.42 -3.21 2.90
C GLU A 53 15.52 -4.61 2.31
N ASP A 54 16.46 -4.79 1.39
CA ASP A 54 16.67 -6.09 0.74
C ASP A 54 16.92 -7.18 1.77
N GLY A 55 16.11 -8.23 1.73
CA GLY A 55 16.26 -9.33 2.66
C GLY A 55 15.47 -9.12 3.94
N GLN A 56 14.31 -8.48 3.81
CA GLN A 56 13.45 -8.22 4.95
C GLN A 56 12.09 -8.88 4.78
N GLU A 57 11.82 -9.90 5.59
CA GLU A 57 10.56 -10.62 5.52
C GLU A 57 9.38 -9.65 5.46
N LEU A 58 8.87 -9.43 4.26
CA LEU A 58 7.74 -8.53 4.07
C LEU A 58 6.48 -9.06 4.75
N ASP A 59 5.87 -8.24 5.58
CA ASP A 59 4.66 -8.63 6.30
C ASP A 59 3.57 -7.58 6.14
N SER A 60 3.61 -6.86 5.02
CA SER A 60 2.62 -5.81 4.75
C SER A 60 2.76 -5.29 3.32
N TRP A 61 1.63 -5.00 2.69
CA TRP A 61 1.63 -4.48 1.32
C TRP A 61 1.79 -2.97 1.31
N TYR A 62 2.60 -2.47 0.38
CA TYR A 62 2.83 -1.04 0.25
C TYR A 62 2.40 -0.53 -1.12
N VAL A 63 1.71 0.60 -1.13
CA VAL A 63 1.25 1.20 -2.38
C VAL A 63 1.48 2.71 -2.40
N ILE A 64 2.25 3.17 -3.37
CA ILE A 64 2.55 4.59 -3.49
C ILE A 64 1.27 5.42 -3.55
N LEU A 65 1.11 6.31 -2.56
CA LEU A 65 -0.08 7.17 -2.51
C LEU A 65 0.21 8.54 -3.11
N ASN A 66 1.39 9.07 -2.82
CA ASN A 66 1.78 10.38 -3.34
C ASN A 66 3.31 10.51 -3.38
N GLY A 67 3.82 11.03 -4.49
CA GLY A 67 5.25 11.20 -4.63
C GLY A 67 5.88 10.15 -5.51
N THR A 68 7.20 10.10 -5.55
CA THR A 68 7.92 9.14 -6.37
C THR A 68 8.86 8.28 -5.51
N VAL A 69 9.08 7.05 -5.95
CA VAL A 69 9.95 6.13 -5.22
C VAL A 69 10.92 5.43 -6.18
N GLU A 70 12.19 5.39 -5.79
CA GLU A 70 13.22 4.75 -6.61
C GLU A 70 13.76 3.50 -5.91
N ILE A 71 13.83 2.41 -6.67
CA ILE A 71 14.33 1.15 -6.13
C ILE A 71 15.71 0.82 -6.69
N SER A 72 16.58 0.30 -5.84
CA SER A 72 17.93 -0.06 -6.24
C SER A 72 18.22 -1.53 -5.93
N HIS A 73 19.05 -2.15 -6.77
CA HIS A 73 19.41 -3.55 -6.59
C HIS A 73 20.91 -3.69 -6.34
N PRO A 74 21.27 -4.69 -5.53
CA PRO A 74 22.68 -4.97 -5.19
C PRO A 74 23.46 -5.51 -6.37
N ASP A 75 22.75 -5.98 -7.39
CA ASP A 75 23.38 -6.52 -8.58
C ASP A 75 23.89 -5.40 -9.49
N GLY A 76 23.03 -4.42 -9.73
CA GLY A 76 23.40 -3.30 -10.59
C GLY A 76 22.24 -2.76 -11.39
N LYS A 77 21.07 -2.73 -10.78
CA LYS A 77 19.86 -2.25 -11.44
C LYS A 77 19.05 -1.35 -10.50
N VAL A 78 18.36 -0.38 -11.09
CA VAL A 78 17.54 0.56 -10.31
C VAL A 78 16.20 0.82 -10.99
N GLU A 79 15.12 0.42 -10.33
CA GLU A 79 13.78 0.61 -10.88
C GLU A 79 13.22 1.97 -10.48
N ASN A 80 12.25 2.45 -11.24
CA ASN A 80 11.63 3.74 -10.97
C ASN A 80 10.11 3.64 -11.02
N LEU A 81 9.46 3.79 -9.87
CA LEU A 81 8.01 3.72 -9.78
C LEU A 81 7.41 5.10 -9.58
N PHE A 82 6.15 5.26 -9.99
CA PHE A 82 5.46 6.53 -9.85
C PHE A 82 4.06 6.33 -9.27
N MET A 83 3.49 7.40 -8.72
CA MET A 83 2.16 7.34 -8.13
C MET A 83 1.25 6.41 -8.94
N GLY A 84 0.92 5.27 -8.35
CA GLY A 84 0.06 4.30 -9.02
C GLY A 84 0.57 2.88 -8.91
N ASN A 85 1.90 2.74 -8.88
CA ASN A 85 2.51 1.41 -8.78
C ASN A 85 2.25 0.80 -7.41
N SER A 86 2.66 -0.46 -7.24
CA SER A 86 2.47 -1.15 -5.97
C SER A 86 3.63 -2.10 -5.69
N PHE A 87 4.10 -2.09 -4.45
CA PHE A 87 5.21 -2.94 -4.05
C PHE A 87 5.02 -3.45 -2.61
N GLY A 88 5.50 -4.66 -2.36
CA GLY A 88 5.37 -5.24 -1.04
C GLY A 88 5.16 -6.75 -1.08
N ILE A 89 3.98 -7.19 -0.68
CA ILE A 89 3.65 -8.61 -0.68
C ILE A 89 2.47 -8.91 -1.58
N THR A 90 2.06 -10.17 -1.63
CA THR A 90 0.93 -10.59 -2.45
C THR A 90 -0.31 -10.83 -1.59
N PRO A 91 -1.48 -10.77 -2.23
CA PRO A 91 -2.76 -10.98 -1.55
C PRO A 91 -2.97 -12.42 -1.12
N THR A 92 -1.97 -13.26 -1.39
CA THR A 92 -2.04 -14.67 -1.03
C THR A 92 -1.25 -14.95 0.25
N LEU A 93 -1.85 -15.73 1.14
CA LEU A 93 -1.21 -16.08 2.40
C LEU A 93 0.29 -16.25 2.23
N ASP A 94 0.69 -16.72 1.04
CA ASP A 94 2.10 -16.93 0.74
C ASP A 94 2.93 -15.71 1.16
N LYS A 95 4.15 -15.98 1.65
CA LYS A 95 5.03 -14.91 2.09
C LYS A 95 6.15 -14.68 1.07
N GLN A 96 6.79 -13.52 1.15
CA GLN A 96 7.86 -13.18 0.24
C GLN A 96 8.80 -12.12 0.85
N TYR A 97 10.07 -12.20 0.50
CA TYR A 97 11.06 -11.26 1.02
C TYR A 97 11.42 -10.21 -0.03
N MET A 98 11.98 -9.10 0.43
CA MET A 98 12.38 -8.02 -0.47
C MET A 98 13.57 -8.43 -1.32
N HIS A 99 13.67 -7.86 -2.52
CA HIS A 99 14.77 -8.17 -3.42
C HIS A 99 15.53 -6.90 -3.80
N GLY A 100 15.63 -5.98 -2.85
CA GLY A 100 16.34 -4.73 -3.10
C GLY A 100 16.03 -3.67 -2.07
N ILE A 101 16.43 -2.43 -2.35
CA ILE A 101 16.19 -1.32 -1.43
C ILE A 101 15.27 -0.28 -2.07
N VAL A 102 14.37 0.27 -1.26
CA VAL A 102 13.44 1.28 -1.74
C VAL A 102 13.69 2.63 -1.06
N ARG A 103 13.78 3.68 -1.86
CA ARG A 103 14.02 5.03 -1.33
C ARG A 103 13.23 6.06 -2.13
N THR A 104 12.52 6.93 -1.42
CA THR A 104 11.72 7.98 -2.05
C THR A 104 12.60 8.92 -2.87
N LYS A 105 11.99 9.61 -3.82
CA LYS A 105 12.72 10.54 -4.68
C LYS A 105 12.55 11.98 -4.17
N VAL A 106 11.41 12.25 -3.54
CA VAL A 106 11.13 13.58 -3.01
C VAL A 106 10.51 13.50 -1.62
N ASP A 107 10.14 14.65 -1.07
CA ASP A 107 9.54 14.71 0.25
C ASP A 107 8.02 14.82 0.16
N ASP A 108 7.34 14.66 1.29
CA ASP A 108 5.89 14.75 1.33
C ASP A 108 5.25 13.55 0.63
N CYS A 109 5.98 12.44 0.61
CA CYS A 109 5.48 11.22 -0.03
C CYS A 109 4.53 10.47 0.89
N GLN A 110 3.42 9.99 0.33
CA GLN A 110 2.43 9.26 1.11
C GLN A 110 2.39 7.78 0.69
N PHE A 111 2.18 6.91 1.66
CA PHE A 111 2.12 5.47 1.39
C PHE A 111 1.06 4.80 2.26
N VAL A 112 0.70 3.57 1.90
CA VAL A 112 -0.30 2.83 2.64
C VAL A 112 0.20 1.43 2.99
N CYS A 113 -0.24 0.90 4.13
CA CYS A 113 0.17 -0.42 4.57
C CYS A 113 -1.05 -1.28 4.89
N ILE A 114 -0.92 -2.58 4.67
CA ILE A 114 -2.00 -3.52 4.94
C ILE A 114 -1.47 -4.87 5.41
N ALA A 115 -1.95 -5.33 6.55
CA ALA A 115 -1.52 -6.61 7.11
C ALA A 115 -1.90 -7.76 6.18
N GLN A 116 -0.93 -8.61 5.87
CA GLN A 116 -1.17 -9.75 4.99
C GLN A 116 -2.50 -10.41 5.31
N GLN A 117 -2.62 -10.96 6.51
CA GLN A 117 -3.85 -11.62 6.92
C GLN A 117 -5.08 -10.90 6.38
N ASP A 118 -5.21 -9.62 6.75
CA ASP A 118 -6.34 -8.81 6.29
C ASP A 118 -6.31 -8.64 4.78
N TYR A 119 -5.10 -8.65 4.21
CA TYR A 119 -4.94 -8.48 2.77
C TYR A 119 -5.39 -9.74 2.03
N TRP A 120 -5.46 -10.85 2.75
CA TRP A 120 -5.87 -12.12 2.16
C TRP A 120 -7.24 -12.54 2.68
N ARG A 121 -7.84 -11.69 3.52
CA ARG A 121 -9.15 -11.98 4.08
C ARG A 121 -10.25 -11.27 3.30
N ILE A 122 -9.85 -10.29 2.49
CA ILE A 122 -10.80 -9.54 1.68
C ILE A 122 -10.81 -10.02 0.23
N LEU A 123 -9.71 -9.76 -0.47
CA LEU A 123 -9.58 -10.16 -1.87
C LEU A 123 -10.03 -11.61 -2.06
N ASN A 124 -9.55 -12.49 -1.17
CA ASN A 124 -9.90 -13.90 -1.24
C ASN A 124 -11.34 -14.13 -0.81
N HIS A 125 -11.75 -15.40 -0.73
CA HIS A 125 -13.11 -15.75 -0.34
C HIS A 125 -13.10 -16.63 0.90
N VAL A 126 -12.44 -16.17 1.96
CA VAL A 126 -12.36 -16.92 3.20
C VAL A 126 -13.61 -16.71 4.06
N GLU A 127 -14.12 -17.80 4.62
CA GLU A 127 -15.31 -17.73 5.45
C GLU A 127 -15.13 -16.71 6.58
N LYS A 128 -16.23 -16.04 6.93
CA LYS A 128 -16.19 -15.04 7.99
C LYS A 128 -15.22 -13.92 7.65
N SER A 129 -15.24 -13.49 6.39
CA SER A 129 -14.36 -12.42 5.93
C SER A 129 -14.91 -11.05 6.33
N GLY A 130 -14.22 -9.99 5.91
CA GLY A 130 -14.65 -8.65 6.22
C GLY A 130 -14.62 -8.36 7.71
N PRO A 131 -13.86 -7.32 8.10
CA PRO A 131 -13.71 -6.92 9.51
C PRO A 131 -15.00 -6.32 10.06
N SER A 132 -15.96 -6.04 9.18
CA SER A 132 -17.23 -5.46 9.58
C SER A 132 -18.28 -5.64 8.50
N SER A 133 -19.54 -5.65 8.90
CA SER A 133 -20.64 -5.82 7.96
C SER A 133 -21.89 -5.06 8.43
N GLY A 134 -22.83 -4.87 7.52
CA GLY A 134 -24.05 -4.15 7.85
C GLY A 134 -24.88 -4.88 8.88
N GLY A 1 3.13 19.34 9.82
CA GLY A 1 2.05 18.77 9.03
C GLY A 1 1.03 18.04 9.89
N SER A 2 0.84 16.76 9.61
CA SER A 2 -0.13 15.96 10.36
C SER A 2 0.10 14.47 10.11
N SER A 3 -0.61 13.64 10.86
CA SER A 3 -0.48 12.19 10.74
C SER A 3 -1.72 11.59 10.08
N GLY A 4 -2.64 12.46 9.67
CA GLY A 4 -3.86 12.00 9.03
C GLY A 4 -4.80 13.14 8.69
N SER A 5 -6.07 12.82 8.50
CA SER A 5 -7.08 13.82 8.17
C SER A 5 -8.37 13.57 8.93
N SER A 6 -9.09 14.65 9.24
CA SER A 6 -10.35 14.55 9.97
C SER A 6 -11.51 15.08 9.13
N GLY A 7 -12.28 14.16 8.56
CA GLY A 7 -13.42 14.55 7.75
C GLY A 7 -14.69 13.81 8.12
N ASP A 8 -15.63 13.75 7.19
CA ASP A 8 -16.89 13.07 7.43
C ASP A 8 -16.96 11.75 6.66
N ASP A 9 -16.82 11.82 5.35
CA ASP A 9 -16.85 10.63 4.50
C ASP A 9 -15.52 10.44 3.78
N ASP A 10 -14.51 9.99 4.51
CA ASP A 10 -13.19 9.77 3.94
C ASP A 10 -13.22 8.63 2.92
N ILE A 11 -13.81 7.50 3.33
CA ILE A 11 -13.90 6.34 2.45
C ILE A 11 -14.48 6.72 1.09
N GLU A 12 -15.38 7.70 1.09
CA GLU A 12 -16.00 8.16 -0.15
C GLU A 12 -15.00 8.91 -1.01
N GLN A 13 -14.07 9.61 -0.36
CA GLN A 13 -13.05 10.37 -1.08
C GLN A 13 -11.93 9.46 -1.57
N LEU A 14 -11.84 8.27 -0.99
CA LEU A 14 -10.81 7.31 -1.37
C LEU A 14 -11.32 6.37 -2.46
N LEU A 15 -12.36 5.61 -2.13
CA LEU A 15 -12.96 4.67 -3.08
C LEU A 15 -12.91 5.23 -4.50
N GLU A 16 -13.49 6.41 -4.67
CA GLU A 16 -13.52 7.06 -5.98
C GLU A 16 -12.11 7.22 -6.54
N PHE A 17 -11.17 7.58 -5.68
CA PHE A 17 -9.78 7.77 -6.09
C PHE A 17 -9.15 6.44 -6.49
N MET A 18 -9.51 5.38 -5.78
CA MET A 18 -8.99 4.05 -6.08
C MET A 18 -9.39 3.60 -7.48
N HIS A 19 -10.31 4.33 -8.09
CA HIS A 19 -10.77 4.01 -9.44
C HIS A 19 -9.80 4.54 -10.48
N GLN A 20 -8.82 5.32 -10.04
CA GLN A 20 -7.83 5.89 -10.94
C GLN A 20 -6.50 5.14 -10.85
N LEU A 21 -6.35 4.35 -9.80
CA LEU A 21 -5.13 3.57 -9.58
C LEU A 21 -5.31 2.14 -10.08
N PRO A 22 -4.27 1.63 -10.76
CA PRO A 22 -4.29 0.26 -11.30
C PRO A 22 -4.23 -0.80 -10.20
N ALA A 23 -3.36 -0.58 -9.22
CA ALA A 23 -3.21 -1.50 -8.11
C ALA A 23 -4.54 -1.75 -7.40
N PHE A 24 -5.42 -0.75 -7.46
CA PHE A 24 -6.73 -0.85 -6.82
C PHE A 24 -7.78 -1.29 -7.83
N ALA A 25 -7.84 -0.60 -8.95
CA ALA A 25 -8.82 -0.92 -10.00
C ALA A 25 -8.91 -2.43 -10.21
N ASN A 26 -7.80 -3.13 -10.01
CA ASN A 26 -7.76 -4.58 -10.17
C ASN A 26 -8.87 -5.24 -9.36
N MET A 27 -8.97 -4.86 -8.09
CA MET A 27 -9.98 -5.42 -7.20
C MET A 27 -11.36 -4.90 -7.55
N THR A 28 -12.38 -5.42 -6.87
CA THR A 28 -13.75 -5.00 -7.12
C THR A 28 -14.19 -3.94 -6.12
N MET A 29 -15.25 -3.21 -6.47
CA MET A 29 -15.77 -2.16 -5.60
C MET A 29 -15.67 -2.57 -4.14
N SER A 30 -16.47 -3.56 -3.74
CA SER A 30 -16.48 -4.04 -2.36
C SER A 30 -15.06 -4.06 -1.80
N VAL A 31 -14.22 -4.93 -2.35
CA VAL A 31 -12.84 -5.05 -1.89
C VAL A 31 -12.25 -3.69 -1.54
N ARG A 32 -12.24 -2.79 -2.53
CA ARG A 32 -11.70 -1.45 -2.33
C ARG A 32 -12.09 -0.91 -0.95
N ARG A 33 -13.39 -0.84 -0.69
CA ARG A 33 -13.89 -0.34 0.58
C ARG A 33 -13.26 -1.10 1.75
N GLU A 34 -13.38 -2.42 1.72
CA GLU A 34 -12.82 -3.26 2.78
C GLU A 34 -11.39 -2.84 3.10
N LEU A 35 -10.59 -2.67 2.06
CA LEU A 35 -9.19 -2.27 2.23
C LEU A 35 -9.08 -1.04 3.12
N CYS A 36 -9.83 -0.01 2.78
CA CYS A 36 -9.82 1.24 3.56
C CYS A 36 -10.16 0.96 5.02
N SER A 37 -10.71 -0.22 5.29
CA SER A 37 -11.09 -0.59 6.64
C SER A 37 -9.85 -0.90 7.48
N VAL A 38 -8.81 -1.43 6.83
CA VAL A 38 -7.57 -1.77 7.51
C VAL A 38 -6.39 -1.03 6.90
N MET A 39 -6.68 0.04 6.16
CA MET A 39 -5.63 0.83 5.52
C MET A 39 -4.88 1.68 6.55
N ILE A 40 -3.57 1.69 6.46
CA ILE A 40 -2.74 2.46 7.38
C ILE A 40 -2.34 3.80 6.77
N PHE A 41 -2.14 4.79 7.63
CA PHE A 41 -1.76 6.13 7.17
C PHE A 41 -0.31 6.43 7.55
N GLU A 42 0.56 6.47 6.54
CA GLU A 42 1.97 6.76 6.75
C GLU A 42 2.54 7.63 5.64
N VAL A 43 3.26 8.68 6.02
CA VAL A 43 3.86 9.59 5.05
C VAL A 43 5.25 10.03 5.50
N VAL A 44 6.22 9.91 4.60
CA VAL A 44 7.59 10.30 4.91
C VAL A 44 7.80 11.79 4.66
N GLU A 45 8.32 12.48 5.68
CA GLU A 45 8.57 13.92 5.58
C GLU A 45 9.96 14.18 5.01
N GLN A 46 10.91 13.32 5.33
CA GLN A 46 12.28 13.46 4.86
C GLN A 46 12.51 12.63 3.59
N ALA A 47 12.94 13.30 2.53
CA ALA A 47 13.19 12.62 1.26
C ALA A 47 14.39 11.67 1.38
N GLY A 48 14.66 10.94 0.31
CA GLY A 48 15.77 10.00 0.31
C GLY A 48 15.72 9.06 1.50
N ALA A 49 14.51 8.72 1.94
CA ALA A 49 14.34 7.82 3.07
C ALA A 49 14.17 6.38 2.60
N ILE A 50 14.72 5.45 3.39
CA ILE A 50 14.63 4.02 3.06
C ILE A 50 13.28 3.45 3.47
N ILE A 51 12.52 2.98 2.49
CA ILE A 51 11.21 2.40 2.76
C ILE A 51 11.33 0.93 3.17
N LEU A 52 12.21 0.21 2.51
CA LEU A 52 12.43 -1.20 2.80
C LEU A 52 13.90 -1.58 2.61
N GLU A 53 14.24 -2.81 3.00
CA GLU A 53 15.60 -3.30 2.88
C GLU A 53 15.64 -4.69 2.26
N ASP A 54 16.64 -4.95 1.43
CA ASP A 54 16.78 -6.24 0.77
C ASP A 54 17.02 -7.35 1.79
N GLY A 55 16.20 -8.39 1.73
CA GLY A 55 16.34 -9.49 2.66
C GLY A 55 15.46 -9.34 3.88
N GLN A 56 14.39 -8.57 3.74
CA GLN A 56 13.46 -8.34 4.84
C GLN A 56 12.14 -9.08 4.60
N GLU A 57 11.79 -9.95 5.54
CA GLU A 57 10.55 -10.71 5.45
C GLU A 57 9.34 -9.79 5.33
N LEU A 58 8.96 -9.47 4.10
CA LEU A 58 7.81 -8.59 3.85
C LEU A 58 6.52 -9.24 4.31
N ASP A 59 5.78 -8.55 5.18
CA ASP A 59 4.52 -9.06 5.70
C ASP A 59 3.40 -8.05 5.49
N SER A 60 3.77 -6.85 5.05
CA SER A 60 2.79 -5.79 4.82
C SER A 60 2.89 -5.27 3.39
N TRP A 61 1.75 -5.00 2.77
CA TRP A 61 1.71 -4.50 1.40
C TRP A 61 1.70 -2.98 1.38
N TYR A 62 2.72 -2.40 0.77
CA TYR A 62 2.83 -0.95 0.68
C TYR A 62 2.40 -0.45 -0.70
N VAL A 63 1.78 0.73 -0.72
CA VAL A 63 1.32 1.32 -1.97
C VAL A 63 1.63 2.82 -2.03
N ILE A 64 2.05 3.30 -3.19
CA ILE A 64 2.37 4.71 -3.37
C ILE A 64 1.10 5.53 -3.60
N LEU A 65 0.91 6.54 -2.76
CA LEU A 65 -0.26 7.41 -2.87
C LEU A 65 0.13 8.78 -3.39
N ASN A 66 1.32 9.24 -3.00
CA ASN A 66 1.81 10.55 -3.43
C ASN A 66 3.34 10.58 -3.43
N GLY A 67 3.92 11.11 -4.50
CA GLY A 67 5.36 11.19 -4.60
C GLY A 67 5.93 10.12 -5.51
N THR A 68 7.26 9.99 -5.51
CA THR A 68 7.94 9.01 -6.34
C THR A 68 8.96 8.22 -5.54
N VAL A 69 8.95 6.90 -5.70
CA VAL A 69 9.88 6.04 -4.99
C VAL A 69 10.86 5.37 -5.96
N GLU A 70 12.11 5.24 -5.53
CA GLU A 70 13.14 4.63 -6.36
C GLU A 70 13.67 3.36 -5.70
N ILE A 71 13.77 2.29 -6.50
CA ILE A 71 14.26 1.02 -5.99
C ILE A 71 15.63 0.68 -6.60
N SER A 72 16.55 0.23 -5.76
CA SER A 72 17.89 -0.12 -6.21
C SER A 72 18.18 -1.59 -5.94
N HIS A 73 18.85 -2.24 -6.90
CA HIS A 73 19.18 -3.65 -6.77
C HIS A 73 20.69 -3.84 -6.62
N PRO A 74 21.09 -4.89 -5.88
CA PRO A 74 22.50 -5.20 -5.65
C PRO A 74 23.19 -5.70 -6.90
N ASP A 75 22.42 -6.13 -7.88
CA ASP A 75 22.96 -6.64 -9.14
C ASP A 75 23.44 -5.48 -10.02
N GLY A 76 22.58 -4.48 -10.20
CA GLY A 76 22.94 -3.34 -11.02
C GLY A 76 21.75 -2.75 -11.75
N LYS A 77 20.59 -2.79 -11.10
CA LYS A 77 19.37 -2.27 -11.69
C LYS A 77 18.68 -1.29 -10.74
N VAL A 78 18.03 -0.28 -11.29
CA VAL A 78 17.33 0.73 -10.49
C VAL A 78 15.94 1.00 -11.05
N GLU A 79 14.93 0.42 -10.42
CA GLU A 79 13.55 0.60 -10.85
C GLU A 79 13.02 1.97 -10.41
N ASN A 80 11.96 2.42 -11.09
CA ASN A 80 11.36 3.71 -10.77
C ASN A 80 9.84 3.64 -10.85
N LEU A 81 9.20 3.66 -9.70
CA LEU A 81 7.74 3.59 -9.63
C LEU A 81 7.14 4.98 -9.42
N PHE A 82 5.90 5.16 -9.87
CA PHE A 82 5.22 6.44 -9.73
C PHE A 82 3.84 6.25 -9.10
N MET A 83 3.23 7.36 -8.68
CA MET A 83 1.91 7.31 -8.07
C MET A 83 1.01 6.31 -8.77
N GLY A 84 0.71 5.21 -8.10
CA GLY A 84 -0.15 4.19 -8.69
C GLY A 84 0.39 2.79 -8.48
N ASN A 85 1.72 2.66 -8.47
CA ASN A 85 2.37 1.37 -8.28
C ASN A 85 2.29 0.93 -6.82
N SER A 86 2.66 -0.31 -6.56
CA SER A 86 2.63 -0.85 -5.20
C SER A 86 3.78 -1.84 -4.99
N PHE A 87 4.30 -1.86 -3.77
CA PHE A 87 5.40 -2.76 -3.43
C PHE A 87 5.24 -3.30 -2.01
N GLY A 88 5.77 -4.50 -1.79
CA GLY A 88 5.68 -5.12 -0.48
C GLY A 88 5.42 -6.61 -0.56
N ILE A 89 4.23 -7.03 -0.14
CA ILE A 89 3.86 -8.43 -0.16
C ILE A 89 2.71 -8.69 -1.13
N THR A 90 2.23 -9.92 -1.15
CA THR A 90 1.13 -10.29 -2.03
C THR A 90 -0.12 -10.61 -1.23
N PRO A 91 -1.29 -10.56 -1.90
CA PRO A 91 -2.58 -10.85 -1.27
C PRO A 91 -2.74 -12.32 -0.91
N THR A 92 -1.71 -13.11 -1.20
CA THR A 92 -1.74 -14.54 -0.91
C THR A 92 -1.04 -14.84 0.42
N LEU A 93 -1.70 -15.62 1.27
CA LEU A 93 -1.15 -15.98 2.57
C LEU A 93 0.36 -16.22 2.47
N ASP A 94 0.80 -16.68 1.30
CA ASP A 94 2.22 -16.95 1.07
C ASP A 94 3.07 -15.78 1.52
N LYS A 95 4.30 -16.06 1.93
CA LYS A 95 5.22 -15.03 2.39
C LYS A 95 6.05 -14.49 1.23
N GLN A 96 6.86 -13.48 1.51
CA GLN A 96 7.71 -12.87 0.48
C GLN A 96 8.98 -12.30 1.10
N TYR A 97 9.95 -12.00 0.25
CA TYR A 97 11.22 -11.45 0.71
C TYR A 97 11.71 -10.35 -0.23
N MET A 98 12.11 -9.22 0.35
CA MET A 98 12.60 -8.09 -0.43
C MET A 98 13.89 -8.45 -1.15
N HIS A 99 14.01 -8.00 -2.40
CA HIS A 99 15.20 -8.26 -3.20
C HIS A 99 15.88 -6.98 -3.63
N GLY A 100 15.79 -5.95 -2.78
CA GLY A 100 16.39 -4.67 -3.09
C GLY A 100 16.14 -3.64 -2.01
N ILE A 101 16.68 -2.44 -2.20
CA ILE A 101 16.51 -1.36 -1.24
C ILE A 101 15.70 -0.21 -1.84
N VAL A 102 14.53 0.06 -1.25
CA VAL A 102 13.67 1.13 -1.72
C VAL A 102 14.01 2.45 -1.04
N ARG A 103 13.94 3.54 -1.80
CA ARG A 103 14.25 4.86 -1.27
C ARG A 103 13.44 5.93 -1.99
N THR A 104 12.80 6.81 -1.23
CA THR A 104 11.99 7.87 -1.79
C THR A 104 12.83 8.80 -2.67
N LYS A 105 12.16 9.53 -3.57
CA LYS A 105 12.85 10.44 -4.46
C LYS A 105 12.65 11.89 -4.02
N VAL A 106 11.48 12.18 -3.47
CA VAL A 106 11.17 13.53 -3.00
C VAL A 106 10.62 13.50 -1.58
N ASP A 107 10.29 14.67 -1.05
CA ASP A 107 9.75 14.78 0.30
C ASP A 107 8.22 14.76 0.28
N ASP A 108 7.62 14.61 1.45
CA ASP A 108 6.17 14.57 1.57
C ASP A 108 5.59 13.41 0.78
N CYS A 109 6.17 12.23 0.98
CA CYS A 109 5.70 11.03 0.28
C CYS A 109 4.68 10.28 1.12
N GLN A 110 3.54 9.97 0.52
CA GLN A 110 2.47 9.26 1.22
C GLN A 110 2.49 7.77 0.85
N PHE A 111 2.15 6.93 1.82
CA PHE A 111 2.13 5.49 1.61
C PHE A 111 1.11 4.82 2.54
N VAL A 112 0.60 3.67 2.10
CA VAL A 112 -0.38 2.92 2.89
C VAL A 112 0.07 1.48 3.09
N CYS A 113 -0.20 0.95 4.29
CA CYS A 113 0.18 -0.42 4.61
C CYS A 113 -1.06 -1.25 4.97
N ILE A 114 -1.04 -2.51 4.57
CA ILE A 114 -2.16 -3.42 4.85
C ILE A 114 -1.66 -4.78 5.30
N ALA A 115 -2.05 -5.17 6.52
CA ALA A 115 -1.65 -6.45 7.08
C ALA A 115 -2.00 -7.59 6.13
N GLN A 116 -1.08 -8.53 5.97
CA GLN A 116 -1.29 -9.68 5.09
C GLN A 116 -2.64 -10.34 5.38
N GLN A 117 -2.77 -10.89 6.58
CA GLN A 117 -4.02 -11.55 6.99
C GLN A 117 -5.23 -10.82 6.42
N ASP A 118 -5.39 -9.57 6.82
CA ASP A 118 -6.51 -8.75 6.36
C ASP A 118 -6.45 -8.55 4.85
N TYR A 119 -5.23 -8.52 4.32
CA TYR A 119 -5.03 -8.31 2.89
C TYR A 119 -5.46 -9.56 2.10
N TRP A 120 -5.48 -10.70 2.77
CA TRP A 120 -5.87 -11.95 2.13
C TRP A 120 -7.28 -12.36 2.56
N ARG A 121 -7.87 -11.57 3.46
CA ARG A 121 -9.21 -11.85 3.95
C ARG A 121 -10.25 -11.01 3.21
N ILE A 122 -9.78 -10.19 2.28
CA ILE A 122 -10.67 -9.34 1.50
C ILE A 122 -10.71 -9.77 0.04
N LEU A 123 -9.55 -9.72 -0.61
CA LEU A 123 -9.44 -10.11 -2.01
C LEU A 123 -9.90 -11.55 -2.22
N ASN A 124 -9.62 -12.40 -1.24
CA ASN A 124 -10.01 -13.80 -1.31
C ASN A 124 -11.44 -14.00 -0.83
N HIS A 125 -11.87 -15.26 -0.77
CA HIS A 125 -13.23 -15.58 -0.34
C HIS A 125 -13.20 -16.39 0.95
N VAL A 126 -12.51 -15.86 1.96
CA VAL A 126 -12.41 -16.55 3.25
C VAL A 126 -13.72 -16.46 4.02
N GLU A 127 -14.27 -15.25 4.10
CA GLU A 127 -15.53 -15.04 4.81
C GLU A 127 -16.52 -14.26 3.95
N LYS A 128 -17.80 -14.58 4.09
CA LYS A 128 -18.84 -13.92 3.32
C LYS A 128 -18.71 -12.41 3.41
N SER A 129 -18.69 -11.89 4.63
CA SER A 129 -18.56 -10.45 4.85
C SER A 129 -17.11 -10.07 5.12
N GLY A 130 -16.85 -8.77 5.21
CA GLY A 130 -15.50 -8.29 5.45
C GLY A 130 -15.13 -8.37 6.93
N PRO A 131 -14.14 -7.56 7.33
CA PRO A 131 -13.66 -7.52 8.71
C PRO A 131 -14.69 -6.90 9.66
N SER A 132 -15.54 -6.03 9.12
CA SER A 132 -16.56 -5.36 9.92
C SER A 132 -17.81 -6.23 10.03
N SER A 133 -18.18 -6.57 11.26
CA SER A 133 -19.35 -7.40 11.49
C SER A 133 -20.62 -6.69 11.02
N GLY A 134 -21.75 -7.39 11.15
CA GLY A 134 -23.02 -6.81 10.72
C GLY A 134 -23.03 -6.45 9.26
N GLY A 1 -6.29 23.84 18.64
CA GLY A 1 -5.46 23.18 17.65
C GLY A 1 -6.25 22.77 16.42
N SER A 2 -5.56 22.36 15.37
CA SER A 2 -6.20 21.94 14.14
C SER A 2 -5.45 20.76 13.51
N SER A 3 -6.05 20.17 12.47
CA SER A 3 -5.45 19.04 11.79
C SER A 3 -5.03 19.42 10.38
N GLY A 4 -5.92 20.09 9.66
CA GLY A 4 -5.63 20.51 8.29
C GLY A 4 -6.50 19.81 7.27
N SER A 5 -5.88 19.37 6.17
CA SER A 5 -6.62 18.69 5.11
C SER A 5 -7.15 17.35 5.60
N SER A 6 -8.44 17.32 5.94
CA SER A 6 -9.07 16.10 6.42
C SER A 6 -10.60 16.22 6.37
N GLY A 7 -11.25 15.13 5.98
CA GLY A 7 -12.70 15.14 5.89
C GLY A 7 -13.32 13.94 6.59
N ASP A 8 -14.56 14.11 7.07
CA ASP A 8 -15.26 13.04 7.76
C ASP A 8 -15.45 11.84 6.84
N ASP A 9 -15.85 12.10 5.60
CA ASP A 9 -16.07 11.04 4.62
C ASP A 9 -14.74 10.56 4.04
N ASP A 10 -13.80 10.21 4.91
CA ASP A 10 -12.49 9.74 4.48
C ASP A 10 -12.63 8.57 3.51
N ILE A 11 -13.49 7.62 3.87
CA ILE A 11 -13.72 6.45 3.03
C ILE A 11 -14.05 6.85 1.60
N GLU A 12 -15.23 7.43 1.42
CA GLU A 12 -15.68 7.86 0.09
C GLU A 12 -14.52 8.50 -0.68
N GLN A 13 -13.94 9.55 -0.12
CA GLN A 13 -12.84 10.25 -0.76
C GLN A 13 -11.72 9.27 -1.13
N LEU A 14 -11.55 8.24 -0.30
CA LEU A 14 -10.52 7.24 -0.54
C LEU A 14 -10.86 6.38 -1.77
N LEU A 15 -12.08 5.85 -1.78
CA LEU A 15 -12.53 5.00 -2.88
C LEU A 15 -12.43 5.75 -4.20
N GLU A 16 -13.13 6.88 -4.30
CA GLU A 16 -13.12 7.69 -5.51
C GLU A 16 -11.70 7.88 -6.02
N PHE A 17 -10.74 7.94 -5.10
CA PHE A 17 -9.34 8.12 -5.46
C PHE A 17 -8.70 6.78 -5.84
N MET A 18 -9.08 5.73 -5.15
CA MET A 18 -8.54 4.39 -5.43
C MET A 18 -8.62 4.08 -6.91
N HIS A 19 -9.48 4.80 -7.62
CA HIS A 19 -9.64 4.59 -9.07
C HIS A 19 -8.40 5.08 -9.82
N GLN A 20 -7.79 6.15 -9.32
CA GLN A 20 -6.61 6.71 -9.96
C GLN A 20 -5.47 5.70 -9.98
N LEU A 21 -5.34 4.93 -8.91
CA LEU A 21 -4.30 3.92 -8.80
C LEU A 21 -4.73 2.62 -9.48
N PRO A 22 -3.82 2.04 -10.29
CA PRO A 22 -4.09 0.80 -11.01
C PRO A 22 -4.16 -0.41 -10.07
N ALA A 23 -3.31 -0.41 -9.05
CA ALA A 23 -3.28 -1.50 -8.08
C ALA A 23 -4.62 -1.61 -7.35
N PHE A 24 -5.26 -0.48 -7.11
CA PHE A 24 -6.53 -0.45 -6.41
C PHE A 24 -7.69 -0.59 -7.41
N ALA A 25 -7.65 0.22 -8.46
CA ALA A 25 -8.70 0.19 -9.48
C ALA A 25 -9.01 -1.24 -9.91
N ASN A 26 -7.97 -1.99 -10.26
CA ASN A 26 -8.13 -3.37 -10.69
C ASN A 26 -9.16 -4.10 -9.83
N MET A 27 -9.11 -3.84 -8.52
CA MET A 27 -10.04 -4.47 -7.59
C MET A 27 -11.46 -3.91 -7.78
N THR A 28 -12.41 -4.47 -7.03
CA THR A 28 -13.79 -4.03 -7.13
C THR A 28 -14.18 -3.14 -5.95
N MET A 29 -15.23 -2.34 -6.14
CA MET A 29 -15.70 -1.43 -5.09
C MET A 29 -15.53 -2.07 -3.72
N SER A 30 -16.13 -3.24 -3.53
CA SER A 30 -16.05 -3.95 -2.26
C SER A 30 -14.61 -4.05 -1.78
N VAL A 31 -13.80 -4.79 -2.52
CA VAL A 31 -12.40 -4.97 -2.17
C VAL A 31 -11.74 -3.63 -1.82
N ARG A 32 -11.84 -2.67 -2.74
CA ARG A 32 -11.26 -1.35 -2.53
C ARG A 32 -11.59 -0.83 -1.15
N ARG A 33 -12.88 -0.73 -0.84
CA ARG A 33 -13.33 -0.24 0.46
C ARG A 33 -12.75 -1.10 1.59
N GLU A 34 -13.05 -2.39 1.56
CA GLU A 34 -12.57 -3.31 2.57
C GLU A 34 -11.12 -2.99 2.95
N LEU A 35 -10.29 -2.75 1.94
CA LEU A 35 -8.88 -2.43 2.16
C LEU A 35 -8.74 -1.14 2.95
N CYS A 36 -9.49 -0.12 2.57
CA CYS A 36 -9.44 1.17 3.24
C CYS A 36 -9.83 1.03 4.72
N SER A 37 -10.41 -0.12 5.06
CA SER A 37 -10.83 -0.38 6.43
C SER A 37 -9.77 -1.20 7.18
N VAL A 38 -8.77 -1.67 6.44
CA VAL A 38 -7.70 -2.46 7.03
C VAL A 38 -6.33 -1.92 6.62
N MET A 39 -6.33 -0.75 5.97
CA MET A 39 -5.09 -0.13 5.52
C MET A 39 -4.70 1.02 6.45
N ILE A 40 -3.41 1.07 6.80
CA ILE A 40 -2.91 2.13 7.68
C ILE A 40 -2.63 3.41 6.90
N PHE A 41 -2.55 4.53 7.61
CA PHE A 41 -2.28 5.82 6.97
C PHE A 41 -0.90 6.33 7.37
N GLU A 42 0.02 6.32 6.42
CA GLU A 42 1.38 6.79 6.66
C GLU A 42 1.85 7.73 5.55
N VAL A 43 2.72 8.67 5.90
CA VAL A 43 3.25 9.62 4.93
C VAL A 43 4.62 10.12 5.34
N VAL A 44 5.61 9.91 4.48
CA VAL A 44 6.98 10.33 4.76
C VAL A 44 7.18 11.80 4.36
N GLU A 45 7.74 12.58 5.29
CA GLU A 45 7.99 13.99 5.04
C GLU A 45 9.41 14.21 4.53
N GLN A 46 10.36 13.47 5.09
CA GLN A 46 11.75 13.59 4.70
C GLN A 46 12.05 12.71 3.48
N ALA A 47 12.22 13.34 2.32
CA ALA A 47 12.51 12.62 1.09
C ALA A 47 13.71 11.69 1.27
N GLY A 48 14.12 11.06 0.17
CA GLY A 48 15.25 10.14 0.24
C GLY A 48 15.20 9.23 1.44
N ALA A 49 13.99 8.86 1.85
CA ALA A 49 13.81 7.98 2.99
C ALA A 49 13.70 6.52 2.56
N ILE A 50 14.30 5.63 3.35
CA ILE A 50 14.29 4.21 3.04
C ILE A 50 12.96 3.58 3.45
N ILE A 51 12.16 3.18 2.46
CA ILE A 51 10.87 2.56 2.72
C ILE A 51 11.04 1.13 3.22
N LEU A 52 11.96 0.40 2.59
CA LEU A 52 12.22 -0.99 2.97
C LEU A 52 13.69 -1.34 2.79
N GLU A 53 14.13 -2.41 3.45
CA GLU A 53 15.52 -2.84 3.37
C GLU A 53 15.61 -4.21 2.71
N ASP A 54 16.64 -4.39 1.89
CA ASP A 54 16.85 -5.66 1.19
C ASP A 54 16.96 -6.82 2.18
N GLY A 55 16.18 -7.87 1.93
CA GLY A 55 16.20 -9.03 2.82
C GLY A 55 15.24 -8.88 3.98
N GLN A 56 14.31 -7.94 3.86
CA GLN A 56 13.33 -7.69 4.91
C GLN A 56 12.05 -8.49 4.66
N GLU A 57 11.73 -9.40 5.57
CA GLU A 57 10.53 -10.22 5.45
C GLU A 57 9.29 -9.36 5.22
N LEU A 58 8.95 -9.15 3.95
CA LEU A 58 7.79 -8.33 3.60
C LEU A 58 6.51 -8.98 4.10
N ASP A 59 5.80 -8.29 4.98
CA ASP A 59 4.55 -8.81 5.53
C ASP A 59 3.39 -7.84 5.25
N SER A 60 3.73 -6.56 5.15
CA SER A 60 2.71 -5.53 4.89
C SER A 60 2.86 -4.98 3.48
N TRP A 61 1.74 -4.89 2.77
CA TRP A 61 1.73 -4.38 1.40
C TRP A 61 1.84 -2.86 1.39
N TYR A 62 2.64 -2.34 0.46
CA TYR A 62 2.84 -0.89 0.35
C TYR A 62 2.34 -0.38 -1.00
N VAL A 63 1.51 0.64 -0.98
CA VAL A 63 0.98 1.23 -2.20
C VAL A 63 1.32 2.72 -2.30
N ILE A 64 1.92 3.11 -3.42
CA ILE A 64 2.29 4.49 -3.63
C ILE A 64 1.06 5.39 -3.76
N LEU A 65 0.83 6.23 -2.77
CA LEU A 65 -0.31 7.14 -2.77
C LEU A 65 0.05 8.48 -3.40
N ASN A 66 1.28 8.93 -3.15
CA ASN A 66 1.76 10.19 -3.69
C ASN A 66 3.29 10.23 -3.73
N GLY A 67 3.83 10.79 -4.81
CA GLY A 67 5.28 10.88 -4.94
C GLY A 67 5.85 9.74 -5.75
N THR A 68 7.18 9.70 -5.86
CA THR A 68 7.84 8.65 -6.63
C THR A 68 8.89 7.94 -5.77
N VAL A 69 8.91 6.62 -5.85
CA VAL A 69 9.85 5.81 -5.08
C VAL A 69 10.80 5.05 -6.00
N GLU A 70 12.09 5.12 -5.71
CA GLU A 70 13.10 4.44 -6.51
C GLU A 70 13.60 3.18 -5.80
N ILE A 71 13.59 2.07 -6.51
CA ILE A 71 14.05 0.80 -5.94
C ILE A 71 15.44 0.43 -6.47
N SER A 72 16.28 -0.07 -5.59
CA SER A 72 17.63 -0.47 -5.96
C SER A 72 17.83 -1.97 -5.78
N HIS A 73 18.34 -2.62 -6.83
CA HIS A 73 18.57 -4.06 -6.79
C HIS A 73 20.06 -4.36 -6.57
N PRO A 74 20.33 -5.46 -5.85
CA PRO A 74 21.70 -5.88 -5.55
C PRO A 74 22.44 -6.38 -6.78
N ASP A 75 21.69 -6.80 -7.79
CA ASP A 75 22.27 -7.30 -9.03
C ASP A 75 22.87 -6.16 -9.85
N GLY A 76 22.17 -5.02 -9.87
CA GLY A 76 22.64 -3.87 -10.62
C GLY A 76 21.55 -3.22 -11.43
N LYS A 77 20.32 -3.26 -10.90
CA LYS A 77 19.17 -2.67 -11.58
C LYS A 77 18.43 -1.71 -10.66
N VAL A 78 17.62 -0.83 -11.25
CA VAL A 78 16.85 0.12 -10.48
C VAL A 78 15.48 0.36 -11.11
N GLU A 79 14.43 -0.01 -10.39
CA GLU A 79 13.06 0.15 -10.87
C GLU A 79 12.55 1.55 -10.57
N ASN A 80 11.70 2.08 -11.44
CA ASN A 80 11.12 3.40 -11.25
C ASN A 80 9.60 3.33 -11.18
N LEU A 81 9.06 3.52 -9.98
CA LEU A 81 7.61 3.49 -9.77
C LEU A 81 7.05 4.90 -9.71
N PHE A 82 5.74 5.01 -9.94
CA PHE A 82 5.07 6.30 -9.91
C PHE A 82 3.75 6.20 -9.15
N MET A 83 3.14 7.35 -8.89
CA MET A 83 1.87 7.41 -8.17
C MET A 83 0.89 6.37 -8.70
N GLY A 84 0.46 5.46 -7.83
CA GLY A 84 -0.47 4.44 -8.24
C GLY A 84 0.14 3.05 -8.20
N ASN A 85 1.45 2.97 -8.39
CA ASN A 85 2.17 1.70 -8.37
C ASN A 85 2.13 1.09 -6.97
N SER A 86 2.39 -0.21 -6.90
CA SER A 86 2.39 -0.93 -5.63
C SER A 86 3.67 -1.75 -5.47
N PHE A 87 3.97 -2.11 -4.22
CA PHE A 87 5.17 -2.90 -3.93
C PHE A 87 5.15 -3.40 -2.48
N GLY A 88 5.80 -4.53 -2.25
CA GLY A 88 5.84 -5.10 -0.92
C GLY A 88 5.61 -6.60 -0.91
N ILE A 89 4.41 -7.00 -0.51
CA ILE A 89 4.06 -8.42 -0.46
C ILE A 89 2.99 -8.75 -1.48
N THR A 90 2.56 -10.02 -1.50
CA THR A 90 1.53 -10.47 -2.43
C THR A 90 0.23 -10.76 -1.71
N PRO A 91 -0.88 -10.79 -2.46
CA PRO A 91 -2.21 -11.06 -1.91
C PRO A 91 -2.36 -12.51 -1.46
N THR A 92 -1.28 -13.29 -1.59
CA THR A 92 -1.30 -14.69 -1.19
C THR A 92 -0.73 -14.87 0.21
N LEU A 93 -1.23 -15.88 0.93
CA LEU A 93 -0.77 -16.16 2.28
C LEU A 93 0.73 -16.43 2.30
N ASP A 94 1.28 -16.76 1.13
CA ASP A 94 2.70 -17.05 1.01
C ASP A 94 3.54 -15.84 1.42
N LYS A 95 4.73 -16.09 1.95
CA LYS A 95 5.63 -15.03 2.38
C LYS A 95 6.65 -14.70 1.29
N GLN A 96 7.36 -13.60 1.48
CA GLN A 96 8.37 -13.17 0.51
C GLN A 96 9.45 -12.35 1.19
N TYR A 97 10.60 -12.23 0.52
CA TYR A 97 11.72 -11.46 1.07
C TYR A 97 12.17 -10.39 0.08
N MET A 98 12.40 -9.19 0.60
CA MET A 98 12.84 -8.07 -0.25
C MET A 98 14.19 -8.38 -0.90
N HIS A 99 14.30 -8.06 -2.18
CA HIS A 99 15.54 -8.30 -2.92
C HIS A 99 16.16 -6.99 -3.37
N GLY A 100 16.03 -5.95 -2.55
CA GLY A 100 16.59 -4.65 -2.89
C GLY A 100 16.34 -3.62 -1.81
N ILE A 101 16.57 -2.36 -2.14
CA ILE A 101 16.36 -1.26 -1.19
C ILE A 101 15.45 -0.19 -1.78
N VAL A 102 14.35 0.08 -1.08
CA VAL A 102 13.40 1.09 -1.53
C VAL A 102 13.70 2.44 -0.90
N ARG A 103 13.67 3.49 -1.73
CA ARG A 103 13.95 4.85 -1.26
C ARG A 103 13.16 5.87 -2.07
N THR A 104 12.50 6.79 -1.37
CA THR A 104 11.71 7.83 -2.03
C THR A 104 12.59 8.72 -2.89
N LYS A 105 11.97 9.43 -3.84
CA LYS A 105 12.70 10.33 -4.72
C LYS A 105 12.37 11.78 -4.40
N VAL A 106 11.23 12.01 -3.75
CA VAL A 106 10.82 13.35 -3.39
C VAL A 106 10.26 13.38 -1.97
N ASP A 107 9.89 14.58 -1.51
CA ASP A 107 9.35 14.75 -0.17
C ASP A 107 7.82 14.68 -0.19
N ASP A 108 7.21 14.73 0.99
CA ASP A 108 5.76 14.67 1.11
C ASP A 108 5.21 13.44 0.40
N CYS A 109 5.89 12.31 0.56
CA CYS A 109 5.46 11.06 -0.06
C CYS A 109 4.49 10.31 0.84
N GLN A 110 3.35 9.94 0.27
CA GLN A 110 2.31 9.21 1.02
C GLN A 110 2.39 7.72 0.73
N PHE A 111 2.08 6.91 1.73
CA PHE A 111 2.11 5.46 1.59
C PHE A 111 1.05 4.81 2.47
N VAL A 112 0.82 3.52 2.24
CA VAL A 112 -0.17 2.78 3.01
C VAL A 112 0.32 1.37 3.34
N CYS A 113 0.04 0.92 4.55
CA CYS A 113 0.46 -0.41 4.99
C CYS A 113 -0.75 -1.31 5.24
N ILE A 114 -0.79 -2.44 4.56
CA ILE A 114 -1.89 -3.39 4.70
C ILE A 114 -1.39 -4.75 5.15
N ALA A 115 -2.03 -5.31 6.19
CA ALA A 115 -1.64 -6.61 6.71
C ALA A 115 -1.89 -7.71 5.68
N GLN A 116 -0.94 -8.62 5.56
CA GLN A 116 -1.05 -9.73 4.62
C GLN A 116 -2.40 -10.43 4.75
N GLN A 117 -2.64 -10.99 5.94
CA GLN A 117 -3.89 -11.69 6.20
C GLN A 117 -5.08 -10.91 5.67
N ASP A 118 -5.15 -9.63 6.03
CA ASP A 118 -6.24 -8.77 5.58
C ASP A 118 -6.19 -8.55 4.08
N TYR A 119 -4.99 -8.71 3.51
CA TYR A 119 -4.80 -8.52 2.07
C TYR A 119 -5.14 -9.79 1.31
N TRP A 120 -5.26 -10.89 2.04
CA TRP A 120 -5.59 -12.17 1.43
C TRP A 120 -6.99 -12.62 1.80
N ARG A 121 -7.68 -11.79 2.60
CA ARG A 121 -9.03 -12.10 3.04
C ARG A 121 -10.06 -11.25 2.28
N ILE A 122 -9.57 -10.23 1.58
CA ILE A 122 -10.44 -9.34 0.83
C ILE A 122 -10.43 -9.69 -0.65
N LEU A 123 -9.23 -9.75 -1.23
CA LEU A 123 -9.08 -10.07 -2.65
C LEU A 123 -9.52 -11.51 -2.92
N ASN A 124 -8.87 -12.46 -2.25
CA ASN A 124 -9.20 -13.87 -2.43
C ASN A 124 -10.68 -14.12 -2.17
N HIS A 125 -11.07 -15.40 -2.21
CA HIS A 125 -12.47 -15.77 -1.98
C HIS A 125 -12.69 -16.13 -0.52
N VAL A 126 -12.35 -15.21 0.39
CA VAL A 126 -12.52 -15.44 1.81
C VAL A 126 -13.71 -14.66 2.35
N GLU A 127 -14.37 -15.23 3.37
CA GLU A 127 -15.53 -14.58 3.97
C GLU A 127 -15.37 -13.07 4.00
N LYS A 128 -16.06 -12.39 3.09
CA LYS A 128 -15.99 -10.94 3.01
C LYS A 128 -16.91 -10.29 4.05
N SER A 129 -16.34 -9.92 5.18
CA SER A 129 -17.10 -9.30 6.26
C SER A 129 -16.50 -7.94 6.63
N GLY A 130 -17.22 -6.88 6.27
CA GLY A 130 -16.74 -5.54 6.57
C GLY A 130 -16.11 -5.45 7.95
N PRO A 131 -14.76 -5.46 7.98
CA PRO A 131 -14.00 -5.38 9.23
C PRO A 131 -14.11 -4.01 9.89
N SER A 132 -13.66 -3.91 11.14
CA SER A 132 -13.70 -2.65 11.88
C SER A 132 -12.40 -1.88 11.71
N SER A 133 -12.50 -0.56 11.71
CA SER A 133 -11.33 0.30 11.56
C SER A 133 -11.39 1.48 12.53
N GLY A 134 -10.27 1.76 13.18
CA GLY A 134 -10.21 2.85 14.13
C GLY A 134 -10.39 2.40 15.56
N GLY A 1 -13.01 8.67 16.84
CA GLY A 1 -11.78 9.42 17.02
C GLY A 1 -11.47 10.33 15.84
N SER A 2 -11.06 9.74 14.73
CA SER A 2 -10.72 10.50 13.53
C SER A 2 -11.99 11.04 12.87
N SER A 3 -12.91 10.14 12.56
CA SER A 3 -14.16 10.52 11.91
C SER A 3 -15.09 11.24 12.89
N GLY A 4 -15.80 12.24 12.40
CA GLY A 4 -16.71 13.00 13.24
C GLY A 4 -17.40 14.12 12.50
N SER A 5 -17.03 15.36 12.82
CA SER A 5 -17.63 16.53 12.18
C SER A 5 -17.02 16.76 10.80
N SER A 6 -15.69 16.80 10.75
CA SER A 6 -14.99 17.01 9.49
C SER A 6 -14.75 15.69 8.77
N GLY A 7 -15.71 15.30 7.94
CA GLY A 7 -15.59 14.05 7.21
C GLY A 7 -16.79 13.15 7.39
N ASP A 8 -17.83 13.38 6.59
CA ASP A 8 -19.05 12.58 6.66
C ASP A 8 -18.91 11.31 5.83
N ASP A 9 -18.56 11.47 4.56
CA ASP A 9 -18.40 10.34 3.66
C ASP A 9 -16.93 10.18 3.25
N ASP A 10 -16.04 10.30 4.21
CA ASP A 10 -14.61 10.17 3.95
C ASP A 10 -14.32 8.94 3.11
N ILE A 11 -14.78 7.78 3.58
CA ILE A 11 -14.58 6.52 2.88
C ILE A 11 -14.85 6.68 1.39
N GLU A 12 -16.00 7.26 1.06
CA GLU A 12 -16.39 7.47 -0.33
C GLU A 12 -15.37 8.34 -1.05
N GLN A 13 -15.03 9.47 -0.44
CA GLN A 13 -14.06 10.39 -1.02
C GLN A 13 -12.72 9.71 -1.25
N LEU A 14 -12.46 8.64 -0.48
CA LEU A 14 -11.22 7.91 -0.60
C LEU A 14 -11.32 6.83 -1.67
N LEU A 15 -12.47 6.17 -1.73
CA LEU A 15 -12.70 5.12 -2.72
C LEU A 15 -12.59 5.67 -4.14
N GLU A 16 -13.32 6.74 -4.42
CA GLU A 16 -13.29 7.37 -5.74
C GLU A 16 -11.86 7.54 -6.23
N PHE A 17 -10.94 7.81 -5.31
CA PHE A 17 -9.54 7.99 -5.64
C PHE A 17 -8.90 6.67 -6.07
N MET A 18 -9.01 5.66 -5.22
CA MET A 18 -8.45 4.35 -5.51
C MET A 18 -8.89 3.86 -6.88
N HIS A 19 -10.12 4.20 -7.27
CA HIS A 19 -10.66 3.79 -8.56
C HIS A 19 -9.79 4.32 -9.69
N GLN A 20 -9.16 5.46 -9.48
CA GLN A 20 -8.30 6.06 -10.49
C GLN A 20 -6.99 5.29 -10.62
N LEU A 21 -6.37 5.01 -9.48
CA LEU A 21 -5.10 4.27 -9.47
C LEU A 21 -5.29 2.87 -10.04
N PRO A 22 -4.30 2.41 -10.83
CA PRO A 22 -4.32 1.09 -11.45
C PRO A 22 -4.15 -0.03 -10.43
N ALA A 23 -3.30 0.19 -9.44
CA ALA A 23 -3.06 -0.80 -8.41
C ALA A 23 -4.34 -1.12 -7.64
N PHE A 24 -5.27 -0.16 -7.62
CA PHE A 24 -6.53 -0.35 -6.92
C PHE A 24 -7.66 -0.63 -7.91
N ALA A 25 -7.50 -0.14 -9.13
CA ALA A 25 -8.50 -0.34 -10.17
C ALA A 25 -8.82 -1.81 -10.35
N ASN A 26 -7.78 -2.62 -10.52
CA ASN A 26 -7.94 -4.05 -10.71
C ASN A 26 -9.03 -4.60 -9.78
N MET A 27 -8.93 -4.27 -8.50
CA MET A 27 -9.91 -4.72 -7.52
C MET A 27 -11.23 -3.98 -7.68
N THR A 28 -12.27 -4.48 -7.02
CA THR A 28 -13.59 -3.86 -7.10
C THR A 28 -13.84 -2.95 -5.90
N MET A 29 -14.98 -2.26 -5.91
CA MET A 29 -15.32 -1.34 -4.83
C MET A 29 -15.19 -2.03 -3.47
N SER A 30 -16.03 -3.05 -3.24
CA SER A 30 -16.02 -3.78 -1.98
C SER A 30 -14.59 -3.97 -1.48
N VAL A 31 -13.80 -4.73 -2.25
CA VAL A 31 -12.40 -4.98 -1.89
C VAL A 31 -11.72 -3.72 -1.39
N ARG A 32 -11.79 -2.66 -2.20
CA ARG A 32 -11.18 -1.39 -1.85
C ARG A 32 -11.64 -0.92 -0.48
N ARG A 33 -12.95 -0.82 -0.30
CA ARG A 33 -13.53 -0.38 0.97
C ARG A 33 -12.96 -1.18 2.13
N GLU A 34 -13.00 -2.52 1.99
CA GLU A 34 -12.49 -3.40 3.03
C GLU A 34 -11.03 -3.08 3.35
N LEU A 35 -10.25 -2.81 2.31
CA LEU A 35 -8.84 -2.50 2.49
C LEU A 35 -8.66 -1.21 3.26
N CYS A 36 -9.42 -0.18 2.88
CA CYS A 36 -9.34 1.11 3.55
C CYS A 36 -9.57 0.97 5.05
N SER A 37 -10.20 -0.14 5.44
CA SER A 37 -10.49 -0.40 6.85
C SER A 37 -9.34 -1.16 7.50
N VAL A 38 -8.50 -1.77 6.68
CA VAL A 38 -7.36 -2.53 7.17
C VAL A 38 -6.05 -1.97 6.64
N MET A 39 -6.09 -0.74 6.15
CA MET A 39 -4.90 -0.09 5.61
C MET A 39 -4.46 1.06 6.51
N ILE A 40 -3.14 1.26 6.59
CA ILE A 40 -2.59 2.32 7.42
C ILE A 40 -2.20 3.54 6.57
N PHE A 41 -2.33 4.72 7.14
CA PHE A 41 -2.01 5.95 6.44
C PHE A 41 -0.67 6.51 6.91
N GLU A 42 0.30 6.55 6.01
CA GLU A 42 1.63 7.06 6.34
C GLU A 42 2.05 8.16 5.37
N VAL A 43 2.84 9.10 5.87
CA VAL A 43 3.30 10.22 5.04
C VAL A 43 4.77 10.53 5.34
N VAL A 44 5.63 10.30 4.34
CA VAL A 44 7.05 10.57 4.49
C VAL A 44 7.37 12.03 4.20
N GLU A 45 7.99 12.69 5.17
CA GLU A 45 8.36 14.10 5.02
C GLU A 45 9.79 14.24 4.50
N GLN A 46 10.69 13.45 5.09
CA GLN A 46 12.10 13.50 4.69
C GLN A 46 12.34 12.64 3.46
N ALA A 47 12.71 13.28 2.35
CA ALA A 47 12.97 12.56 1.11
C ALA A 47 14.10 11.56 1.28
N GLY A 48 14.29 10.72 0.26
CA GLY A 48 15.34 9.71 0.32
C GLY A 48 15.14 8.74 1.48
N ALA A 49 13.98 8.82 2.13
CA ALA A 49 13.67 7.95 3.25
C ALA A 49 13.59 6.49 2.80
N ILE A 50 14.10 5.59 3.63
CA ILE A 50 14.09 4.17 3.32
C ILE A 50 12.73 3.54 3.63
N ILE A 51 12.10 2.97 2.61
CA ILE A 51 10.80 2.34 2.77
C ILE A 51 10.94 0.87 3.13
N LEU A 52 11.89 0.20 2.49
CA LEU A 52 12.13 -1.22 2.74
C LEU A 52 13.62 -1.54 2.66
N GLU A 53 14.04 -2.55 3.42
CA GLU A 53 15.44 -2.96 3.44
C GLU A 53 15.61 -4.33 2.80
N ASP A 54 16.72 -4.52 2.09
CA ASP A 54 17.01 -5.79 1.43
C ASP A 54 17.09 -6.92 2.45
N GLY A 55 16.31 -7.98 2.23
CA GLY A 55 16.32 -9.11 3.13
C GLY A 55 15.39 -8.91 4.31
N GLN A 56 14.37 -8.09 4.13
CA GLN A 56 13.41 -7.80 5.19
C GLN A 56 12.09 -8.52 4.93
N GLU A 57 11.81 -9.56 5.70
CA GLU A 57 10.58 -10.32 5.54
C GLU A 57 9.40 -9.40 5.26
N LEU A 58 8.94 -9.40 4.02
CA LEU A 58 7.81 -8.56 3.63
C LEU A 58 6.49 -9.13 4.16
N ASP A 59 5.93 -8.46 5.15
CA ASP A 59 4.67 -8.90 5.74
C ASP A 59 3.63 -7.77 5.70
N SER A 60 3.64 -7.01 4.61
CA SER A 60 2.71 -5.91 4.45
C SER A 60 2.81 -5.31 3.05
N TRP A 61 1.67 -5.17 2.39
CA TRP A 61 1.63 -4.60 1.04
C TRP A 61 1.73 -3.08 1.08
N TYR A 62 2.43 -2.51 0.10
CA TYR A 62 2.60 -1.07 0.03
C TYR A 62 2.08 -0.53 -1.30
N VAL A 63 1.60 0.71 -1.28
CA VAL A 63 1.07 1.35 -2.48
C VAL A 63 1.43 2.83 -2.52
N ILE A 64 2.05 3.26 -3.62
CA ILE A 64 2.44 4.65 -3.78
C ILE A 64 1.22 5.53 -4.02
N LEU A 65 0.84 6.29 -3.00
CA LEU A 65 -0.30 7.20 -3.09
C LEU A 65 0.10 8.51 -3.74
N ASN A 66 1.25 9.04 -3.35
CA ASN A 66 1.75 10.30 -3.90
C ASN A 66 3.26 10.34 -3.87
N GLY A 67 3.86 11.04 -4.83
CA GLY A 67 5.30 11.15 -4.89
C GLY A 67 5.93 10.08 -5.75
N THR A 68 7.26 10.01 -5.73
CA THR A 68 7.99 9.02 -6.51
C THR A 68 9.00 8.27 -5.65
N VAL A 69 9.08 6.97 -5.84
CA VAL A 69 10.01 6.13 -5.09
C VAL A 69 10.97 5.39 -6.01
N GLU A 70 12.16 5.10 -5.50
CA GLU A 70 13.17 4.39 -6.28
C GLU A 70 13.63 3.13 -5.57
N ILE A 71 13.76 2.04 -6.31
CA ILE A 71 14.19 0.77 -5.76
C ILE A 71 15.59 0.40 -6.23
N SER A 72 16.41 -0.10 -5.31
CA SER A 72 17.78 -0.49 -5.64
C SER A 72 17.97 -1.99 -5.49
N HIS A 73 18.37 -2.65 -6.58
CA HIS A 73 18.58 -4.09 -6.57
C HIS A 73 20.05 -4.42 -6.35
N PRO A 74 20.32 -5.54 -5.68
CA PRO A 74 21.69 -5.99 -5.39
C PRO A 74 22.42 -6.46 -6.64
N ASP A 75 21.66 -6.78 -7.68
CA ASP A 75 22.23 -7.24 -8.94
C ASP A 75 22.83 -6.08 -9.72
N GLY A 76 22.22 -4.90 -9.59
CA GLY A 76 22.70 -3.73 -10.28
C GLY A 76 21.61 -3.06 -11.10
N LYS A 77 20.38 -3.17 -10.64
CA LYS A 77 19.25 -2.56 -11.34
C LYS A 77 18.49 -1.62 -10.43
N VAL A 78 17.90 -0.57 -11.02
CA VAL A 78 17.14 0.41 -10.25
C VAL A 78 15.76 0.64 -10.87
N GLU A 79 14.73 0.17 -10.18
CA GLU A 79 13.37 0.32 -10.66
C GLU A 79 12.81 1.71 -10.31
N ASN A 80 11.97 2.24 -11.18
CA ASN A 80 11.38 3.56 -10.96
C ASN A 80 9.85 3.48 -10.99
N LEU A 81 9.24 3.67 -9.83
CA LEU A 81 7.79 3.63 -9.70
C LEU A 81 7.22 5.03 -9.49
N PHE A 82 5.97 5.21 -9.91
CA PHE A 82 5.30 6.50 -9.76
C PHE A 82 3.88 6.32 -9.21
N MET A 83 3.25 7.44 -8.87
CA MET A 83 1.89 7.41 -8.33
C MET A 83 1.02 6.42 -9.10
N GLY A 84 0.52 5.41 -8.42
CA GLY A 84 -0.32 4.42 -9.05
C GLY A 84 0.26 3.02 -8.97
N ASN A 85 1.58 2.93 -8.97
CA ASN A 85 2.26 1.64 -8.88
C ASN A 85 2.13 1.04 -7.49
N SER A 86 2.37 -0.26 -7.39
CA SER A 86 2.28 -0.97 -6.12
C SER A 86 3.49 -1.87 -5.91
N PHE A 87 3.90 -2.01 -4.65
CA PHE A 87 5.05 -2.84 -4.31
C PHE A 87 4.91 -3.39 -2.89
N GLY A 88 5.59 -4.51 -2.63
CA GLY A 88 5.54 -5.12 -1.32
C GLY A 88 5.26 -6.61 -1.37
N ILE A 89 4.33 -7.08 -0.56
CA ILE A 89 3.98 -8.49 -0.52
C ILE A 89 2.89 -8.81 -1.54
N THR A 90 2.41 -10.05 -1.53
CA THR A 90 1.37 -10.49 -2.45
C THR A 90 0.10 -10.86 -1.70
N PRO A 91 -1.03 -10.87 -2.43
CA PRO A 91 -2.34 -11.21 -1.86
C PRO A 91 -2.44 -12.68 -1.46
N THR A 92 -1.35 -13.42 -1.66
CA THR A 92 -1.32 -14.83 -1.33
C THR A 92 -0.57 -15.08 -0.03
N LEU A 93 -1.13 -15.92 0.83
CA LEU A 93 -0.51 -16.25 2.11
C LEU A 93 1.00 -16.44 1.95
N ASP A 94 1.42 -16.82 0.75
CA ASP A 94 2.83 -17.03 0.47
C ASP A 94 3.67 -15.86 0.98
N LYS A 95 4.76 -16.19 1.68
CA LYS A 95 5.64 -15.18 2.23
C LYS A 95 6.78 -14.86 1.27
N GLN A 96 7.22 -13.61 1.26
CA GLN A 96 8.30 -13.18 0.39
C GLN A 96 9.29 -12.29 1.13
N TYR A 97 10.47 -12.12 0.56
CA TYR A 97 11.51 -11.30 1.17
C TYR A 97 12.02 -10.24 0.19
N MET A 98 12.25 -9.03 0.69
CA MET A 98 12.75 -7.94 -0.13
C MET A 98 14.08 -8.30 -0.78
N HIS A 99 14.17 -8.10 -2.09
CA HIS A 99 15.38 -8.40 -2.84
C HIS A 99 16.12 -7.13 -3.23
N GLY A 100 15.94 -6.08 -2.43
CA GLY A 100 16.59 -4.81 -2.71
C GLY A 100 16.36 -3.78 -1.63
N ILE A 101 16.48 -2.51 -1.98
CA ILE A 101 16.30 -1.43 -1.02
C ILE A 101 15.44 -0.31 -1.61
N VAL A 102 14.31 -0.04 -0.97
CA VAL A 102 13.41 1.01 -1.44
C VAL A 102 13.74 2.35 -0.78
N ARG A 103 13.73 3.41 -1.58
CA ARG A 103 14.02 4.74 -1.08
C ARG A 103 13.28 5.81 -1.88
N THR A 104 12.62 6.72 -1.18
CA THR A 104 11.87 7.79 -1.83
C THR A 104 12.80 8.73 -2.59
N LYS A 105 12.24 9.47 -3.54
CA LYS A 105 13.01 10.42 -4.33
C LYS A 105 12.64 11.86 -4.00
N VAL A 106 11.42 12.03 -3.48
CA VAL A 106 10.94 13.37 -3.11
C VAL A 106 10.35 13.37 -1.71
N ASP A 107 9.80 14.50 -1.29
CA ASP A 107 9.20 14.63 0.02
C ASP A 107 7.68 14.64 -0.08
N ASP A 108 7.02 14.62 1.07
CA ASP A 108 5.56 14.62 1.13
C ASP A 108 5.00 13.38 0.44
N CYS A 109 5.80 12.32 0.41
CA CYS A 109 5.37 11.06 -0.22
C CYS A 109 4.34 10.35 0.63
N GLN A 110 3.24 9.94 0.00
CA GLN A 110 2.17 9.24 0.71
C GLN A 110 2.22 7.75 0.43
N PHE A 111 2.04 6.95 1.48
CA PHE A 111 2.05 5.49 1.33
C PHE A 111 1.00 4.85 2.23
N VAL A 112 0.73 3.57 1.99
CA VAL A 112 -0.25 2.84 2.77
C VAL A 112 0.21 1.41 3.02
N CYS A 113 -0.05 0.91 4.23
CA CYS A 113 0.33 -0.45 4.60
C CYS A 113 -0.90 -1.31 4.83
N ILE A 114 -0.84 -2.57 4.38
CA ILE A 114 -1.94 -3.50 4.54
C ILE A 114 -1.45 -4.88 4.93
N ALA A 115 -1.98 -5.41 6.03
CA ALA A 115 -1.58 -6.73 6.51
C ALA A 115 -1.77 -7.78 5.42
N GLN A 116 -1.05 -8.89 5.55
CA GLN A 116 -1.13 -9.97 4.57
C GLN A 116 -2.42 -10.76 4.74
N GLN A 117 -2.68 -11.24 5.94
CA GLN A 117 -3.88 -12.00 6.23
C GLN A 117 -5.11 -11.29 5.69
N ASP A 118 -5.17 -9.98 5.89
CA ASP A 118 -6.29 -9.18 5.42
C ASP A 118 -6.22 -8.96 3.91
N TYR A 119 -5.01 -9.01 3.37
CA TYR A 119 -4.80 -8.82 1.94
C TYR A 119 -5.12 -10.09 1.16
N TRP A 120 -5.33 -11.18 1.90
CA TRP A 120 -5.64 -12.47 1.27
C TRP A 120 -7.05 -12.92 1.63
N ARG A 121 -7.68 -12.21 2.57
CA ARG A 121 -9.03 -12.54 3.00
C ARG A 121 -10.04 -11.63 2.30
N ILE A 122 -9.58 -10.48 1.84
CA ILE A 122 -10.45 -9.53 1.15
C ILE A 122 -10.54 -9.83 -0.33
N LEU A 123 -9.38 -9.90 -0.98
CA LEU A 123 -9.32 -10.18 -2.41
C LEU A 123 -9.83 -11.59 -2.71
N ASN A 124 -9.04 -12.59 -2.32
CA ASN A 124 -9.41 -13.98 -2.55
C ASN A 124 -10.81 -14.26 -2.02
N HIS A 125 -11.22 -15.53 -2.08
CA HIS A 125 -12.54 -15.94 -1.61
C HIS A 125 -12.42 -16.77 -0.34
N VAL A 126 -11.73 -16.24 0.66
CA VAL A 126 -11.54 -16.94 1.93
C VAL A 126 -12.85 -17.03 2.70
N GLU A 127 -13.07 -18.17 3.35
CA GLU A 127 -14.30 -18.38 4.12
C GLU A 127 -14.41 -17.34 5.24
N LYS A 128 -15.65 -16.97 5.56
CA LYS A 128 -15.90 -15.99 6.61
C LYS A 128 -15.28 -14.64 6.26
N SER A 129 -15.43 -14.24 4.99
CA SER A 129 -14.88 -12.98 4.53
C SER A 129 -15.39 -11.82 5.38
N GLY A 130 -14.78 -10.65 5.19
CA GLY A 130 -15.18 -9.48 5.96
C GLY A 130 -14.37 -9.31 7.24
N PRO A 131 -13.68 -8.18 7.36
CA PRO A 131 -12.84 -7.87 8.52
C PRO A 131 -13.68 -7.62 9.77
N SER A 132 -13.04 -7.76 10.94
CA SER A 132 -13.72 -7.55 12.20
C SER A 132 -14.74 -6.42 12.09
N SER A 133 -16.00 -6.73 12.38
CA SER A 133 -17.08 -5.75 12.31
C SER A 133 -17.25 -5.04 13.64
N GLY A 134 -16.90 -3.76 13.68
CA GLY A 134 -17.03 -2.98 14.89
C GLY A 134 -16.17 -1.74 14.88
#